data_8I1T
#
_entry.id   8I1T
#
_cell.length_a   1.00
_cell.length_b   1.00
_cell.length_c   1.00
_cell.angle_alpha   90.00
_cell.angle_beta   90.00
_cell.angle_gamma   90.00
#
_symmetry.space_group_name_H-M   'P 1'
#
_entity_poly.entity_id   1
_entity_poly.type   'polypeptide(L)'
_entity_poly.pdbx_seq_one_letter_code
;MALNEGQIVTLAVDEIIETISAITPMAQKAKKYTPPAASMQRSSNTIWMPVEQESPTQEGWDLTDKATGLLELNVAVNMG
EPDNDFFQLRADDLRDETAYRRRIQSAARKLANNVELKVANMAAEMGSLVITSPDAIGTNTADAWNFVADAEEIMFSREL
NRDMGTSYFFNPQDYKKAGYDLTKRDIFGRIPEEAYRDGTIQRQVAGFDDVLRSPKLPVLTKSTATGITVSGAQSFKPVA
WQLDNDGNKVNVDNRFATVTLSATTGMKRGDKISFAGVKFLGQMAKNVLAQDATFSVVRVVDGTHVEITPKPVALDDVSL
SPEQRAYANVNTSLADAMAVNILNVKDARTNVFWADDAIRIVSQPIPANHELFAGMKTTSFSIPDVGLNGIFATQGDIST
LSGLCRIALWYGVNATRPEAIGVGLPGQTA
;
_entity_poly.pdbx_strand_id   G,A,C,E,F,B,D
#
# COMPACT_ATOMS: atom_id res chain seq x y z
N ALA A 2 41.80 113.72 15.02
CA ALA A 2 40.41 114.17 15.08
C ALA A 2 39.58 113.25 15.96
N LEU A 3 38.90 112.31 15.35
CA LEU A 3 38.07 111.35 16.05
C LEU A 3 38.77 110.00 16.00
N ASN A 4 39.43 109.63 17.10
CA ASN A 4 40.06 108.34 17.25
C ASN A 4 39.09 107.42 17.99
N GLU A 5 38.50 106.48 17.26
CA GLU A 5 37.57 105.54 17.86
C GLU A 5 37.90 104.14 17.34
N GLY A 6 37.16 103.16 17.84
CA GLY A 6 37.35 101.78 17.42
C GLY A 6 37.08 101.58 15.95
N GLN A 7 37.88 100.72 15.31
CA GLN A 7 37.76 100.46 13.89
C GLN A 7 37.07 99.12 13.66
N ILE A 8 36.46 98.98 12.49
CA ILE A 8 35.81 97.75 12.07
C ILE A 8 36.29 97.41 10.67
N VAL A 9 36.12 96.14 10.31
CA VAL A 9 36.33 95.68 8.95
C VAL A 9 35.01 95.09 8.48
N THR A 10 34.49 95.61 7.38
CA THR A 10 33.17 95.23 6.89
C THR A 10 33.27 94.51 5.55
N LEU A 11 32.40 93.54 5.37
CA LEU A 11 32.26 92.79 4.13
C LEU A 11 30.92 93.12 3.51
N ALA A 12 30.90 93.28 2.19
CA ALA A 12 29.67 93.55 1.47
C ALA A 12 28.86 92.26 1.40
N VAL A 13 27.70 92.26 2.05
CA VAL A 13 26.86 91.06 2.09
C VAL A 13 26.25 90.78 0.72
N ASP A 14 25.98 91.82 -0.06
CA ASP A 14 25.18 91.72 -1.26
C ASP A 14 25.98 91.88 -2.54
N GLU A 15 27.23 92.32 -2.47
CA GLU A 15 28.03 92.58 -3.67
C GLU A 15 29.13 91.54 -3.77
N ILE A 16 28.95 90.59 -4.68
CA ILE A 16 29.95 89.57 -4.97
C ILE A 16 30.59 89.92 -6.30
N ILE A 17 31.91 89.98 -6.32
CA ILE A 17 32.63 90.25 -7.57
C ILE A 17 32.51 89.00 -8.43
N GLU A 18 31.83 89.13 -9.57
CA GLU A 18 31.64 88.01 -10.47
C GLU A 18 32.85 87.86 -11.38
N THR A 19 33.39 86.65 -11.44
CA THR A 19 34.51 86.32 -12.32
C THR A 19 34.19 84.97 -12.94
N ILE A 20 34.90 84.63 -14.02
CA ILE A 20 34.71 83.38 -14.75
C ILE A 20 33.35 83.36 -15.43
N SER A 21 33.35 83.39 -16.76
CA SER A 21 32.10 83.32 -17.50
C SER A 21 31.53 81.91 -17.45
N ALA A 22 30.22 81.81 -17.61
CA ALA A 22 29.52 80.54 -17.55
C ALA A 22 28.83 80.22 -18.88
N ILE A 23 29.45 80.61 -19.99
CA ILE A 23 28.88 80.32 -21.30
C ILE A 23 29.10 78.85 -21.62
N THR A 24 28.09 78.23 -22.22
CA THR A 24 28.15 76.83 -22.66
C THR A 24 27.54 76.72 -24.05
N PRO A 25 28.18 77.30 -25.06
CA PRO A 25 27.59 77.29 -26.41
C PRO A 25 27.45 75.91 -27.01
N MET A 26 28.41 75.02 -26.77
CA MET A 26 28.36 73.69 -27.37
C MET A 26 27.35 72.78 -26.67
N ALA A 27 27.27 72.86 -25.34
CA ALA A 27 26.33 72.02 -24.59
C ALA A 27 24.89 72.40 -24.85
N GLN A 28 24.61 73.67 -25.14
CA GLN A 28 23.24 74.08 -25.42
C GLN A 28 22.78 73.65 -26.80
N LYS A 29 23.72 73.38 -27.71
CA LYS A 29 23.36 72.79 -28.99
C LYS A 29 23.20 71.29 -28.89
N ALA A 30 23.52 70.69 -27.75
CA ALA A 30 23.39 69.26 -27.56
C ALA A 30 22.00 68.91 -27.04
N LYS A 31 21.50 67.76 -27.47
CA LYS A 31 20.21 67.27 -27.02
C LYS A 31 20.36 66.52 -25.71
N LYS A 32 19.35 66.64 -24.85
CA LYS A 32 19.34 65.98 -23.56
C LYS A 32 18.31 64.86 -23.54
N TYR A 33 18.71 63.71 -23.02
CA TYR A 33 17.85 62.55 -22.96
C TYR A 33 17.92 61.95 -21.56
N THR A 34 16.77 61.72 -20.94
CA THR A 34 16.70 61.00 -19.67
C THR A 34 15.90 59.73 -19.88
N PRO A 35 16.56 58.59 -20.08
CA PRO A 35 15.83 57.33 -20.26
C PRO A 35 15.24 56.86 -18.95
N PRO A 36 14.28 55.93 -18.99
CA PRO A 36 13.75 55.34 -17.75
C PRO A 36 14.85 54.67 -16.94
N ALA A 37 14.98 55.12 -15.69
CA ALA A 37 16.14 54.76 -14.87
C ALA A 37 16.11 53.30 -14.46
N ALA A 38 14.92 52.78 -14.16
CA ALA A 38 14.83 51.39 -13.71
C ALA A 38 15.36 50.45 -14.79
N SER A 39 14.99 50.68 -16.04
CA SER A 39 15.48 49.85 -17.12
C SER A 39 16.95 50.15 -17.43
N MET A 40 17.35 51.42 -17.26
CA MET A 40 18.75 51.77 -17.47
C MET A 40 19.65 50.98 -16.51
N GLN A 41 19.16 50.74 -15.30
CA GLN A 41 19.95 50.00 -14.32
C GLN A 41 20.24 48.58 -14.79
N ARG A 42 19.25 47.91 -15.37
CA ARG A 42 19.43 46.56 -15.85
C ARG A 42 20.09 46.49 -17.22
N SER A 43 20.13 47.59 -17.95
CA SER A 43 20.68 47.59 -19.30
C SER A 43 22.10 48.13 -19.34
N SER A 44 22.80 48.12 -18.21
CA SER A 44 24.19 48.56 -18.14
C SER A 44 24.35 50.02 -18.57
N ASN A 45 23.34 50.83 -18.27
CA ASN A 45 23.34 52.25 -18.62
C ASN A 45 23.49 52.46 -20.12
N THR A 46 22.94 51.54 -20.91
CA THR A 46 22.95 51.65 -22.36
C THR A 46 21.52 51.51 -22.86
N ILE A 47 21.15 52.36 -23.81
CA ILE A 47 19.91 52.20 -24.55
C ILE A 47 20.21 52.39 -26.02
N TRP A 48 19.52 51.64 -26.86
CA TRP A 48 19.71 51.68 -28.29
C TRP A 48 18.66 52.59 -28.94
N MET A 49 19.11 53.44 -29.82
CA MET A 49 18.24 54.40 -30.50
C MET A 49 18.08 54.02 -31.96
N PRO A 50 16.85 53.88 -32.44
CA PRO A 50 16.64 53.64 -33.87
C PRO A 50 17.16 54.78 -34.72
N VAL A 51 17.75 54.44 -35.84
CA VAL A 51 18.13 55.42 -36.85
C VAL A 51 17.03 55.44 -37.91
N GLU A 52 16.76 56.61 -38.47
CA GLU A 52 15.75 56.69 -39.52
C GLU A 52 16.16 55.82 -40.69
N GLN A 53 15.21 55.04 -41.18
CA GLN A 53 15.50 54.03 -42.18
C GLN A 53 15.30 54.55 -43.59
N GLU A 54 16.19 54.14 -44.48
CA GLU A 54 16.19 54.58 -45.88
C GLU A 54 15.49 53.53 -46.72
N SER A 55 14.69 53.98 -47.67
CA SER A 55 13.85 53.07 -48.43
C SER A 55 14.36 52.92 -49.85
N PRO A 56 14.56 51.70 -50.32
CA PRO A 56 14.75 51.50 -51.75
C PRO A 56 13.44 51.75 -52.49
N THR A 57 13.56 52.36 -53.67
CA THR A 57 12.39 52.72 -54.46
C THR A 57 12.50 52.10 -55.84
N GLN A 58 11.35 51.77 -56.43
CA GLN A 58 11.30 51.14 -57.74
C GLN A 58 10.47 52.00 -58.69
N GLU A 59 10.58 51.71 -59.98
CA GLU A 59 9.89 52.47 -61.00
C GLU A 59 9.20 51.50 -61.95
N GLY A 60 7.92 51.74 -62.21
CA GLY A 60 7.15 50.97 -63.16
C GLY A 60 5.83 50.53 -62.57
N TRP A 61 5.04 49.85 -63.39
CA TRP A 61 3.75 49.32 -62.98
C TRP A 61 3.85 47.90 -62.45
N ASP A 62 4.75 47.09 -63.01
CA ASP A 62 4.89 45.69 -62.64
C ASP A 62 6.09 45.54 -61.72
N LEU A 63 5.83 45.12 -60.49
CA LEU A 63 6.88 44.87 -59.50
C LEU A 63 6.80 43.43 -59.01
N THR A 64 6.44 42.52 -59.90
CA THR A 64 6.24 41.14 -59.52
C THR A 64 7.56 40.52 -59.06
N ASP A 65 7.53 39.94 -57.86
CA ASP A 65 8.71 39.33 -57.25
C ASP A 65 9.86 40.31 -57.10
N LYS A 66 9.55 41.57 -56.78
CA LYS A 66 10.58 42.59 -56.63
C LYS A 66 10.38 43.41 -55.35
N ALA A 67 9.63 42.89 -54.38
CA ALA A 67 9.51 43.57 -53.10
C ALA A 67 10.78 43.40 -52.29
N THR A 68 11.03 44.35 -51.41
CA THR A 68 12.18 44.30 -50.51
C THR A 68 11.71 44.08 -49.08
N GLY A 69 12.63 43.61 -48.25
CA GLY A 69 12.41 43.52 -46.83
C GLY A 69 12.60 44.87 -46.17
N LEU A 70 12.69 44.84 -44.84
CA LEU A 70 12.93 46.04 -44.07
C LEU A 70 14.29 45.94 -43.39
N LEU A 71 14.92 47.10 -43.18
CA LEU A 71 16.20 47.17 -42.50
C LEU A 71 16.21 48.44 -41.67
N GLU A 72 16.19 48.29 -40.35
CA GLU A 72 16.31 49.41 -39.42
C GLU A 72 17.60 49.26 -38.65
N LEU A 73 18.44 50.28 -38.70
CA LEU A 73 19.72 50.32 -37.98
C LEU A 73 19.57 51.10 -36.69
N ASN A 74 20.58 51.00 -35.84
CA ASN A 74 20.50 51.56 -34.50
C ASN A 74 21.87 52.05 -34.05
N VAL A 75 21.84 52.94 -33.06
CA VAL A 75 23.03 53.38 -32.35
C VAL A 75 22.77 53.24 -30.86
N ALA A 76 23.86 53.10 -30.10
CA ALA A 76 23.79 52.92 -28.65
C ALA A 76 24.35 54.14 -27.96
N VAL A 77 23.70 54.56 -26.88
CA VAL A 77 24.17 55.66 -26.05
C VAL A 77 24.35 55.14 -24.63
N ASN A 78 25.35 55.66 -23.93
CA ASN A 78 25.71 55.17 -22.61
C ASN A 78 25.99 56.36 -21.71
N MET A 79 26.66 56.09 -20.59
CA MET A 79 27.00 57.12 -19.62
C MET A 79 28.44 56.96 -19.19
N GLY A 80 28.93 57.96 -18.45
CA GLY A 80 30.25 57.93 -17.85
C GLY A 80 30.17 57.97 -16.34
N GLU A 81 31.35 58.05 -15.73
CA GLU A 81 31.42 58.16 -14.28
C GLU A 81 30.84 59.50 -13.84
N PRO A 82 30.08 59.53 -12.73
CA PRO A 82 29.44 60.79 -12.32
C PRO A 82 30.45 61.86 -11.92
N ASP A 83 30.15 63.09 -12.30
CA ASP A 83 30.97 64.24 -11.93
C ASP A 83 30.36 64.88 -10.70
N ASN A 84 31.21 65.27 -9.76
CA ASN A 84 30.69 65.71 -8.47
C ASN A 84 31.67 66.64 -7.78
N ASP A 85 31.12 67.47 -6.89
CA ASP A 85 31.89 68.36 -6.03
C ASP A 85 31.67 67.95 -4.58
N PHE A 86 32.70 68.09 -3.76
CA PHE A 86 32.74 67.47 -2.45
C PHE A 86 33.55 68.36 -1.51
N PHE A 87 32.89 68.91 -0.49
CA PHE A 87 33.59 69.74 0.48
C PHE A 87 33.09 69.41 1.87
N GLN A 88 33.89 69.79 2.87
CA GLN A 88 33.63 69.50 4.26
C GLN A 88 33.68 70.78 5.07
N LEU A 89 32.87 70.83 6.13
CA LEU A 89 32.78 72.01 6.96
C LEU A 89 32.57 71.58 8.41
N ARG A 90 33.19 72.30 9.33
CA ARG A 90 32.96 72.07 10.74
C ARG A 90 31.70 72.81 11.18
N ALA A 91 31.19 72.43 12.36
CA ALA A 91 29.92 72.97 12.81
C ALA A 91 29.98 74.48 13.02
N ASP A 92 31.07 74.97 13.63
CA ASP A 92 31.17 76.40 13.92
C ASP A 92 31.23 77.24 12.65
N ASP A 93 31.65 76.65 11.53
CA ASP A 93 31.70 77.38 10.27
C ASP A 93 30.33 77.57 9.64
N LEU A 94 29.29 76.93 10.17
CA LEU A 94 27.95 77.10 9.65
C LEU A 94 27.16 78.15 10.41
N ARG A 95 27.83 78.95 11.23
CA ARG A 95 27.14 80.05 11.90
C ARG A 95 26.69 81.11 10.91
N ASP A 96 27.54 81.42 9.93
CA ASP A 96 27.25 82.49 8.97
C ASP A 96 26.54 81.95 7.73
N GLU A 97 27.00 80.82 7.20
CA GLU A 97 26.31 80.12 6.11
C GLU A 97 26.16 80.99 4.87
N THR A 98 27.15 81.83 4.61
CA THR A 98 27.12 82.65 3.42
C THR A 98 28.18 82.25 2.41
N ALA A 99 29.28 81.65 2.86
CA ALA A 99 30.24 81.07 1.93
C ALA A 99 29.82 79.68 1.49
N TYR A 100 29.04 79.00 2.33
CA TYR A 100 28.51 77.68 1.98
C TYR A 100 27.60 77.76 0.76
N ARG A 101 26.68 78.73 0.74
CA ARG A 101 25.78 78.89 -0.39
C ARG A 101 26.53 79.25 -1.65
N ARG A 102 27.52 80.13 -1.55
CA ARG A 102 28.29 80.52 -2.72
C ARG A 102 29.14 79.37 -3.22
N ARG A 103 29.58 78.48 -2.33
CA ARG A 103 30.27 77.29 -2.77
C ARG A 103 29.32 76.36 -3.52
N ILE A 104 28.07 76.25 -3.06
CA ILE A 104 27.09 75.45 -3.80
C ILE A 104 26.89 76.01 -5.20
N GLN A 105 26.78 77.33 -5.32
CA GLN A 105 26.63 77.96 -6.63
C GLN A 105 27.86 77.72 -7.51
N SER A 106 29.05 77.87 -6.93
CA SER A 106 30.27 77.64 -7.70
C SER A 106 30.37 76.20 -8.17
N ALA A 107 29.90 75.26 -7.35
CA ALA A 107 29.85 73.87 -7.77
C ALA A 107 28.93 73.68 -8.96
N ALA A 108 27.75 74.31 -8.93
CA ALA A 108 26.84 74.20 -10.07
C ALA A 108 27.53 74.69 -11.34
N ARG A 109 28.15 75.86 -11.27
CA ARG A 109 28.80 76.41 -12.46
C ARG A 109 29.95 75.54 -12.94
N LYS A 110 30.75 75.00 -12.02
CA LYS A 110 31.88 74.17 -12.42
C LYS A 110 31.41 72.86 -13.05
N LEU A 111 30.32 72.28 -12.53
CA LEU A 111 29.78 71.07 -13.12
C LEU A 111 29.28 71.34 -14.54
N ALA A 112 28.58 72.46 -14.74
CA ALA A 112 28.18 72.82 -16.09
C ALA A 112 29.38 72.99 -17.01
N ASN A 113 30.44 73.62 -16.49
CA ASN A 113 31.67 73.80 -17.26
C ASN A 113 32.26 72.46 -17.67
N ASN A 114 32.29 71.48 -16.77
CA ASN A 114 32.82 70.16 -17.10
C ASN A 114 31.97 69.48 -18.16
N VAL A 115 30.65 69.64 -18.08
CA VAL A 115 29.78 69.08 -19.12
C VAL A 115 30.16 69.66 -20.48
N GLU A 116 30.33 70.97 -20.53
CA GLU A 116 30.69 71.63 -21.78
C GLU A 116 32.02 71.12 -22.31
N LEU A 117 33.00 70.94 -21.41
CA LEU A 117 34.29 70.41 -21.82
C LEU A 117 34.17 69.00 -22.40
N LYS A 118 33.38 68.14 -21.75
CA LYS A 118 33.22 66.78 -22.25
C LYS A 118 32.56 66.79 -23.62
N VAL A 119 31.56 67.65 -23.81
CA VAL A 119 30.89 67.72 -25.11
C VAL A 119 31.87 68.13 -26.19
N ALA A 120 32.67 69.17 -25.92
CA ALA A 120 33.64 69.63 -26.91
C ALA A 120 34.66 68.54 -27.25
N ASN A 121 35.18 67.86 -26.24
CA ASN A 121 36.19 66.85 -26.50
C ASN A 121 35.62 65.65 -27.22
N MET A 122 34.40 65.24 -26.89
CA MET A 122 33.76 64.16 -27.63
C MET A 122 33.57 64.53 -29.08
N ALA A 123 33.10 65.76 -29.34
CA ALA A 123 32.90 66.19 -30.72
C ALA A 123 34.22 66.16 -31.49
N ALA A 124 35.28 66.67 -30.89
CA ALA A 124 36.57 66.65 -31.56
C ALA A 124 37.06 65.22 -31.82
N GLU A 125 36.84 64.32 -30.86
CA GLU A 125 37.39 62.98 -30.97
C GLU A 125 36.64 62.12 -31.97
N MET A 126 35.33 62.29 -32.09
CA MET A 126 34.50 61.39 -32.88
C MET A 126 33.86 62.11 -34.07
N GLY A 127 34.58 63.04 -34.67
CA GLY A 127 34.08 63.77 -35.81
C GLY A 127 34.52 63.20 -37.15
N SER A 128 33.56 62.86 -38.01
CA SER A 128 33.90 62.19 -39.26
C SER A 128 34.43 63.18 -40.30
N LEU A 129 33.59 64.13 -40.70
CA LEU A 129 33.99 65.08 -41.74
C LEU A 129 35.18 65.88 -41.26
N VAL A 130 36.25 65.91 -42.06
CA VAL A 130 37.42 66.70 -41.71
C VAL A 130 37.74 67.62 -42.86
N ILE A 131 37.98 68.88 -42.54
CA ILE A 131 38.42 69.88 -43.50
C ILE A 131 39.78 70.40 -43.07
N THR A 132 40.71 70.45 -44.00
CA THR A 132 42.11 70.71 -43.75
C THR A 132 42.59 71.83 -44.63
N SER A 133 43.37 72.74 -44.06
CA SER A 133 44.06 73.75 -44.84
C SER A 133 45.56 73.63 -44.62
N PRO A 134 46.35 73.63 -45.70
CA PRO A 134 47.80 73.42 -45.54
C PRO A 134 48.49 74.50 -44.73
N ASP A 135 48.02 75.73 -44.82
CA ASP A 135 48.60 76.85 -44.09
C ASP A 135 47.61 77.38 -43.08
N ALA A 136 48.07 78.26 -42.21
CA ALA A 136 47.23 78.83 -41.18
C ALA A 136 46.14 79.69 -41.79
N ILE A 137 45.04 79.86 -41.05
CA ILE A 137 43.96 80.73 -41.49
C ILE A 137 44.45 82.16 -41.50
N GLY A 138 44.09 82.90 -42.55
CA GLY A 138 44.54 84.26 -42.73
C GLY A 138 45.67 84.40 -43.74
N THR A 139 46.35 83.32 -44.07
CA THR A 139 47.29 83.34 -45.17
C THR A 139 46.51 83.24 -46.49
N ASN A 140 47.23 83.41 -47.61
CA ASN A 140 46.61 83.45 -48.92
C ASN A 140 45.53 84.53 -48.98
N THR A 141 44.42 84.25 -49.67
CA THR A 141 43.38 85.26 -49.86
C THR A 141 42.08 84.91 -49.15
N ALA A 142 41.51 83.75 -49.44
CA ALA A 142 40.20 83.37 -48.94
C ALA A 142 40.30 82.08 -48.15
N ASP A 143 41.33 82.00 -47.30
CA ASP A 143 41.49 80.81 -46.47
C ASP A 143 40.33 80.62 -45.51
N ALA A 144 39.89 81.70 -44.84
CA ALA A 144 38.80 81.57 -43.88
C ALA A 144 37.50 81.22 -44.57
N TRP A 145 37.20 81.89 -45.69
CA TRP A 145 35.97 81.59 -46.41
C TRP A 145 35.97 80.15 -46.88
N ASN A 146 37.06 79.70 -47.46
CA ASN A 146 37.13 78.31 -47.90
C ASN A 146 37.00 77.37 -46.71
N PHE A 147 37.67 77.69 -45.61
CA PHE A 147 37.70 76.82 -44.44
C PHE A 147 36.29 76.59 -43.88
N VAL A 148 35.48 77.64 -43.84
CA VAL A 148 34.12 77.48 -43.33
C VAL A 148 33.18 76.95 -44.40
N ALA A 149 33.36 77.42 -45.64
CA ALA A 149 32.40 77.16 -46.69
C ALA A 149 32.50 75.73 -47.19
N ASP A 150 33.68 75.13 -47.22
CA ASP A 150 33.76 73.75 -47.67
C ASP A 150 33.31 72.79 -46.58
N ALA A 151 33.46 73.17 -45.32
CA ALA A 151 32.82 72.40 -44.25
C ALA A 151 31.32 72.40 -44.43
N GLU A 152 30.74 73.58 -44.67
CA GLU A 152 29.32 73.64 -44.95
C GLU A 152 28.96 72.83 -46.20
N GLU A 153 29.80 72.93 -47.23
CA GLU A 153 29.52 72.28 -48.50
C GLU A 153 29.52 70.76 -48.36
N ILE A 154 30.47 70.21 -47.62
CA ILE A 154 30.49 68.77 -47.43
C ILE A 154 29.29 68.34 -46.60
N MET A 155 28.99 69.07 -45.52
CA MET A 155 27.82 68.68 -44.74
C MET A 155 26.53 68.83 -45.52
N PHE A 156 26.51 69.67 -46.55
CA PHE A 156 25.33 69.90 -47.37
C PHE A 156 25.19 68.84 -48.46
N SER A 157 26.22 68.68 -49.29
CA SER A 157 26.17 67.71 -50.38
C SER A 157 26.12 66.29 -49.87
N ARG A 158 26.58 66.03 -48.65
CA ARG A 158 26.33 64.73 -48.04
C ARG A 158 24.86 64.49 -47.76
N GLU A 159 24.04 65.54 -47.82
CA GLU A 159 22.60 65.45 -47.60
C GLU A 159 22.27 64.87 -46.22
N LEU A 160 23.05 65.26 -45.23
CA LEU A 160 22.80 64.88 -43.86
C LEU A 160 21.72 65.78 -43.27
N ASN A 161 20.98 65.23 -42.31
CA ASN A 161 19.88 65.97 -41.72
C ASN A 161 20.40 67.18 -40.96
N ARG A 162 19.79 68.34 -41.20
CA ARG A 162 20.21 69.59 -40.60
C ARG A 162 19.01 70.45 -40.21
N ASP A 163 17.85 69.84 -40.00
CA ASP A 163 16.65 70.62 -39.71
C ASP A 163 16.73 71.31 -38.36
N MET A 164 17.45 70.72 -37.40
CA MET A 164 17.66 71.38 -36.14
C MET A 164 18.62 72.56 -36.23
N GLY A 165 19.25 72.75 -37.38
CA GLY A 165 20.22 73.80 -37.59
C GLY A 165 21.63 73.24 -37.69
N THR A 166 22.54 74.11 -38.05
CA THR A 166 23.95 73.78 -38.16
C THR A 166 24.77 74.81 -37.42
N SER A 167 25.88 74.37 -36.83
CA SER A 167 26.72 75.24 -36.01
C SER A 167 28.17 75.05 -36.39
N TYR A 168 28.91 76.15 -36.48
CA TYR A 168 30.35 76.14 -36.58
C TYR A 168 30.93 76.73 -35.32
N PHE A 169 31.84 76.01 -34.68
CA PHE A 169 32.51 76.48 -33.48
C PHE A 169 33.97 76.76 -33.81
N PHE A 170 34.35 78.02 -33.73
CA PHE A 170 35.74 78.42 -33.83
C PHE A 170 36.39 78.37 -32.46
N ASN A 171 37.63 77.97 -32.42
CA ASN A 171 38.39 78.36 -31.24
C ASN A 171 38.76 79.84 -31.37
N PRO A 172 38.94 80.52 -30.24
CA PRO A 172 39.15 81.98 -30.30
C PRO A 172 40.37 82.39 -31.11
N GLN A 173 41.47 81.65 -31.02
CA GLN A 173 42.68 82.08 -31.70
C GLN A 173 42.55 81.97 -33.21
N ASP A 174 41.88 80.93 -33.71
CA ASP A 174 41.68 80.83 -35.15
C ASP A 174 40.55 81.75 -35.61
N TYR A 175 39.57 82.04 -34.77
CA TYR A 175 38.59 83.04 -35.18
C TYR A 175 39.22 84.42 -35.26
N LYS A 176 40.24 84.70 -34.46
CA LYS A 176 40.91 85.99 -34.58
C LYS A 176 41.44 86.20 -35.99
N LYS A 177 41.87 85.14 -36.65
CA LYS A 177 42.39 85.24 -38.01
C LYS A 177 41.30 85.07 -39.07
N ALA A 178 40.25 84.30 -38.77
CA ALA A 178 39.19 84.10 -39.74
C ALA A 178 38.21 85.28 -39.80
N GLY A 179 37.94 85.92 -38.67
CA GLY A 179 36.93 86.95 -38.62
C GLY A 179 37.25 88.14 -39.49
N TYR A 180 38.54 88.43 -39.69
CA TYR A 180 38.92 89.53 -40.56
C TYR A 180 38.31 89.39 -41.94
N ASP A 181 38.32 88.18 -42.49
CA ASP A 181 37.69 87.95 -43.78
C ASP A 181 36.20 87.67 -43.67
N LEU A 182 35.78 86.97 -42.60
CA LEU A 182 34.38 86.58 -42.50
C LEU A 182 33.46 87.76 -42.29
N THR A 183 33.90 88.77 -41.54
CA THR A 183 33.04 89.91 -41.25
C THR A 183 32.76 90.73 -42.50
N LYS A 184 33.74 90.86 -43.39
CA LYS A 184 33.50 91.56 -44.65
C LYS A 184 32.43 90.85 -45.48
N ARG A 185 32.47 89.53 -45.53
CA ARG A 185 31.50 88.75 -46.30
C ARG A 185 30.38 88.29 -45.37
N ASP A 186 29.60 89.25 -44.89
CA ASP A 186 28.57 88.99 -43.89
C ASP A 186 27.20 89.33 -44.44
N ILE A 187 26.29 88.36 -44.37
CA ILE A 187 24.91 88.53 -44.78
C ILE A 187 24.03 88.97 -43.63
N PHE A 188 24.10 88.26 -42.51
CA PHE A 188 23.14 88.40 -41.45
C PHE A 188 23.37 89.75 -40.77
N GLY A 189 22.46 90.15 -39.91
CA GLY A 189 22.64 91.45 -39.30
C GLY A 189 23.20 91.40 -37.88
N ARG A 190 22.62 92.20 -37.00
CA ARG A 190 22.98 92.15 -35.59
C ARG A 190 22.52 90.84 -34.98
N ILE A 191 23.27 90.36 -34.00
CA ILE A 191 22.88 89.18 -33.23
C ILE A 191 22.04 89.65 -32.05
N PRO A 192 21.04 88.90 -31.61
CA PRO A 192 20.41 89.20 -30.33
C PRO A 192 21.44 89.19 -29.22
N GLU A 193 21.29 90.12 -28.27
CA GLU A 193 22.36 90.35 -27.29
C GLU A 193 22.58 89.13 -26.41
N GLU A 194 21.51 88.41 -26.08
CA GLU A 194 21.66 87.17 -25.34
C GLU A 194 22.49 86.15 -26.11
N ALA A 195 22.26 86.03 -27.41
CA ALA A 195 23.04 85.10 -28.21
C ALA A 195 24.49 85.58 -28.34
N TYR A 196 24.69 86.88 -28.54
CA TYR A 196 26.05 87.40 -28.69
C TYR A 196 26.86 87.18 -27.43
N ARG A 197 26.26 87.38 -26.27
CA ARG A 197 26.94 87.10 -25.01
C ARG A 197 27.05 85.61 -24.74
N ASP A 198 26.21 84.79 -25.38
CA ASP A 198 26.26 83.34 -25.21
C ASP A 198 27.38 82.70 -26.02
N GLY A 199 27.94 83.40 -26.99
CA GLY A 199 29.04 82.84 -27.74
C GLY A 199 28.92 82.97 -29.25
N THR A 200 27.72 83.00 -29.79
CA THR A 200 27.60 83.06 -31.25
C THR A 200 28.04 84.41 -31.75
N ILE A 201 28.95 84.40 -32.72
CA ILE A 201 29.59 85.62 -33.17
C ILE A 201 29.06 86.08 -34.52
N GLN A 202 28.58 85.17 -35.37
CA GLN A 202 28.05 85.48 -36.68
C GLN A 202 26.94 84.48 -36.98
N ARG A 203 26.10 84.83 -37.95
CA ARG A 203 25.02 83.95 -38.34
C ARG A 203 24.90 83.92 -39.85
N GLN A 204 24.36 82.80 -40.36
CA GLN A 204 24.17 82.59 -41.79
C GLN A 204 25.44 82.91 -42.59
N VAL A 205 26.53 82.29 -42.17
CA VAL A 205 27.82 82.44 -42.83
C VAL A 205 28.00 81.26 -43.76
N ALA A 206 28.00 81.51 -45.07
CA ALA A 206 28.08 80.46 -46.07
C ALA A 206 26.93 79.44 -45.92
N GLY A 207 25.75 79.93 -45.56
CA GLY A 207 24.59 79.07 -45.38
C GLY A 207 24.77 78.09 -44.25
N PHE A 208 25.24 78.57 -43.11
CA PHE A 208 25.68 77.69 -42.05
C PHE A 208 25.16 78.13 -40.68
N ASP A 209 24.03 78.84 -40.65
CA ASP A 209 23.23 79.09 -39.43
C ASP A 209 24.10 79.83 -38.42
N ASP A 210 24.50 79.21 -37.31
CA ASP A 210 25.25 79.90 -36.27
C ASP A 210 26.73 79.60 -36.38
N VAL A 211 27.54 80.64 -36.32
CA VAL A 211 28.99 80.52 -36.21
C VAL A 211 29.37 81.00 -34.82
N LEU A 212 29.85 80.08 -34.00
CA LEU A 212 30.11 80.38 -32.61
C LEU A 212 31.60 80.36 -32.34
N ARG A 213 31.96 80.51 -31.08
CA ARG A 213 33.34 80.64 -30.68
C ARG A 213 33.45 80.04 -29.28
N SER A 214 34.10 78.90 -29.17
CA SER A 214 34.18 78.17 -27.92
C SER A 214 35.63 78.09 -27.46
N PRO A 215 35.93 78.48 -26.22
CA PRO A 215 37.31 78.37 -25.72
C PRO A 215 37.66 77.00 -25.16
N LYS A 216 36.78 76.02 -25.29
CA LYS A 216 37.01 74.68 -24.75
C LYS A 216 37.32 73.65 -25.82
N LEU A 217 37.57 74.07 -27.05
CA LEU A 217 37.95 73.13 -28.08
C LEU A 217 39.35 72.60 -27.81
N PRO A 218 39.55 71.29 -27.85
CA PRO A 218 40.87 70.73 -27.52
C PRO A 218 41.85 70.86 -28.69
N VAL A 219 43.10 70.55 -28.39
CA VAL A 219 44.17 70.49 -29.38
C VAL A 219 44.31 69.05 -29.85
N LEU A 220 44.29 68.85 -31.16
CA LEU A 220 44.39 67.53 -31.75
C LEU A 220 45.85 67.26 -32.08
N THR A 221 46.43 66.27 -31.41
CA THR A 221 47.82 65.92 -31.64
C THR A 221 48.02 65.31 -33.02
N LYS A 222 49.20 65.52 -33.59
CA LYS A 222 49.52 64.94 -34.88
C LYS A 222 49.54 63.43 -34.77
N SER A 223 49.22 62.76 -35.87
CA SER A 223 49.39 61.32 -35.96
C SER A 223 50.81 61.04 -36.45
N THR A 224 51.48 60.10 -35.79
CA THR A 224 52.83 59.70 -36.16
C THR A 224 52.87 58.55 -37.14
N ALA A 225 51.72 57.95 -37.43
CA ALA A 225 51.68 56.77 -38.29
C ALA A 225 51.96 57.16 -39.74
N THR A 226 52.67 56.27 -40.45
CA THR A 226 53.01 56.52 -41.83
C THR A 226 53.11 55.20 -42.57
N GLY A 227 52.93 55.25 -43.88
CA GLY A 227 53.03 54.06 -44.70
C GLY A 227 52.05 52.97 -44.35
N ILE A 228 50.79 53.33 -44.15
CA ILE A 228 49.75 52.38 -43.76
C ILE A 228 48.86 52.11 -44.94
N THR A 229 48.58 50.83 -45.18
CA THR A 229 47.73 50.38 -46.26
C THR A 229 46.72 49.38 -45.70
N VAL A 230 45.56 49.30 -46.34
CA VAL A 230 44.60 48.29 -45.94
C VAL A 230 45.14 46.92 -46.30
N SER A 231 44.90 45.94 -45.45
CA SER A 231 45.43 44.59 -45.64
C SER A 231 44.27 43.65 -45.91
N GLY A 232 44.01 43.40 -47.20
CA GLY A 232 42.90 42.59 -47.63
C GLY A 232 41.68 43.43 -47.98
N ALA A 233 40.84 42.86 -48.84
CA ALA A 233 39.65 43.54 -49.33
C ALA A 233 38.52 43.36 -48.33
N GLN A 234 38.00 44.47 -47.81
CA GLN A 234 36.98 44.44 -46.77
C GLN A 234 35.77 45.23 -47.21
N SER A 235 34.61 44.57 -47.23
CA SER A 235 33.34 45.21 -47.50
C SER A 235 32.49 45.17 -46.25
N PHE A 236 31.83 46.28 -45.95
CA PHE A 236 31.00 46.40 -44.77
C PHE A 236 29.55 46.49 -45.17
N LYS A 237 28.68 45.87 -44.37
CA LYS A 237 27.28 45.75 -44.67
C LYS A 237 26.46 46.38 -43.55
N PRO A 238 25.49 47.22 -43.86
CA PRO A 238 24.66 47.79 -42.80
C PRO A 238 23.71 46.76 -42.21
N VAL A 239 24.04 46.27 -41.03
CA VAL A 239 23.24 45.24 -40.37
C VAL A 239 22.64 45.84 -39.11
N ALA A 240 21.52 45.29 -38.68
CA ALA A 240 20.97 45.68 -37.39
C ALA A 240 21.50 44.81 -36.27
N TRP A 241 21.79 43.54 -36.56
CA TRP A 241 22.29 42.63 -35.55
C TRP A 241 23.19 41.60 -36.22
N GLN A 242 23.79 40.75 -35.39
CA GLN A 242 24.57 39.62 -35.87
C GLN A 242 24.54 38.54 -34.80
N LEU A 243 24.85 37.32 -35.21
CA LEU A 243 24.86 36.21 -34.29
C LEU A 243 26.16 36.20 -33.49
N ASP A 244 26.19 35.37 -32.46
CA ASP A 244 27.38 35.15 -31.66
C ASP A 244 27.65 33.65 -31.55
N ASN A 245 28.59 33.28 -30.68
CA ASN A 245 28.96 31.87 -30.55
C ASN A 245 27.80 31.03 -30.05
N ASP A 246 27.02 31.55 -29.10
CA ASP A 246 25.81 30.87 -28.69
C ASP A 246 24.80 30.80 -29.83
N GLY A 247 24.93 31.69 -30.80
CA GLY A 247 23.96 31.81 -31.86
C GLY A 247 22.85 32.80 -31.58
N ASN A 248 23.08 33.78 -30.70
CA ASN A 248 22.07 34.76 -30.35
C ASN A 248 22.31 36.05 -31.13
N LYS A 249 21.22 36.77 -31.39
CA LYS A 249 21.30 38.00 -32.16
C LYS A 249 21.64 39.16 -31.23
N VAL A 250 22.79 39.77 -31.43
CA VAL A 250 23.22 40.92 -30.65
C VAL A 250 23.23 42.14 -31.55
N ASN A 251 22.84 43.28 -30.99
CA ASN A 251 22.74 44.50 -31.78
C ASN A 251 24.09 44.95 -32.28
N VAL A 252 24.11 45.50 -33.50
CA VAL A 252 25.30 46.07 -34.11
C VAL A 252 25.09 47.57 -34.22
N ASP A 253 26.11 48.34 -33.82
CA ASP A 253 26.06 49.78 -33.95
C ASP A 253 26.20 50.18 -35.42
N ASN A 254 25.33 51.09 -35.88
CA ASN A 254 25.38 51.54 -37.27
C ASN A 254 26.70 52.22 -37.60
N ARG A 255 27.21 53.01 -36.68
CA ARG A 255 28.56 53.55 -36.77
C ARG A 255 29.55 52.49 -36.35
N PHE A 256 30.83 52.84 -36.16
CA PHE A 256 31.82 51.92 -35.59
C PHE A 256 32.06 50.71 -36.50
N ALA A 257 32.71 50.97 -37.62
CA ALA A 257 33.28 49.90 -38.45
C ALA A 257 34.69 49.57 -38.00
N THR A 258 35.08 48.30 -38.13
CA THR A 258 36.41 47.84 -37.74
C THR A 258 37.16 47.33 -38.96
N VAL A 259 38.35 47.86 -39.20
CA VAL A 259 39.12 47.52 -40.40
C VAL A 259 40.46 46.93 -39.99
N THR A 260 41.05 46.19 -40.93
CA THR A 260 42.35 45.56 -40.74
C THR A 260 43.38 46.32 -41.56
N LEU A 261 44.40 46.83 -40.89
CA LEU A 261 45.45 47.60 -41.53
C LEU A 261 46.78 46.89 -41.36
N SER A 262 47.74 47.23 -42.22
CA SER A 262 49.05 46.61 -42.15
C SER A 262 49.72 46.86 -40.82
N ALA A 263 49.62 48.08 -40.31
CA ALA A 263 50.14 48.42 -39.00
C ALA A 263 49.24 49.48 -38.38
N THR A 264 49.21 49.49 -37.05
CA THR A 264 48.32 50.36 -36.28
C THR A 264 49.10 50.98 -35.13
N THR A 265 50.31 51.46 -35.42
CA THR A 265 51.22 51.91 -34.38
C THR A 265 51.02 53.38 -34.03
N GLY A 266 51.24 54.26 -35.01
CA GLY A 266 51.17 55.68 -34.74
C GLY A 266 49.77 56.17 -34.42
N MET A 267 48.75 55.51 -34.96
CA MET A 267 47.39 56.01 -34.82
C MET A 267 46.85 55.78 -33.42
N LYS A 268 46.08 56.76 -32.95
CA LYS A 268 45.45 56.73 -31.64
C LYS A 268 44.03 57.24 -31.80
N ARG A 269 43.23 57.07 -30.75
CA ARG A 269 41.83 57.49 -30.81
C ARG A 269 41.71 58.96 -31.17
N GLY A 270 40.87 59.25 -32.15
CA GLY A 270 40.57 60.62 -32.49
C GLY A 270 41.38 61.22 -33.61
N ASP A 271 42.14 60.43 -34.35
CA ASP A 271 42.82 60.96 -35.53
C ASP A 271 41.98 60.73 -36.77
N LYS A 272 42.36 61.41 -37.84
CA LYS A 272 41.55 61.49 -39.05
C LYS A 272 42.26 60.78 -40.18
N ILE A 273 41.52 59.90 -40.86
CA ILE A 273 42.08 59.10 -41.95
C ILE A 273 41.15 59.17 -43.15
N SER A 274 41.70 58.82 -44.30
CA SER A 274 40.91 58.63 -45.51
C SER A 274 41.63 57.59 -46.35
N PHE A 275 40.88 56.91 -47.20
CA PHE A 275 41.46 55.86 -48.03
C PHE A 275 41.60 56.32 -49.47
N ALA A 276 42.60 55.79 -50.15
CA ALA A 276 42.95 56.25 -51.49
C ALA A 276 41.92 55.73 -52.48
N GLY A 277 41.22 56.64 -53.14
CA GLY A 277 40.20 56.29 -54.12
C GLY A 277 38.80 56.16 -53.57
N VAL A 278 38.62 56.29 -52.26
CA VAL A 278 37.31 56.19 -51.64
C VAL A 278 36.70 57.57 -51.50
N LYS A 279 35.47 57.74 -51.96
CA LYS A 279 34.82 59.04 -52.02
C LYS A 279 33.51 59.01 -51.23
N PHE A 280 33.12 60.15 -50.67
CA PHE A 280 31.77 60.20 -50.12
C PHE A 280 30.72 60.06 -51.20
N LEU A 281 29.51 59.76 -50.76
CA LEU A 281 28.39 59.53 -51.64
C LEU A 281 27.23 60.36 -51.13
N GLY A 282 26.40 60.85 -52.05
CA GLY A 282 25.17 61.50 -51.63
C GLY A 282 24.29 60.52 -50.87
N GLN A 283 23.77 60.96 -49.74
CA GLN A 283 23.02 60.04 -48.89
C GLN A 283 21.66 59.69 -49.48
N MET A 284 20.98 60.65 -50.11
CA MET A 284 19.67 60.40 -50.71
C MET A 284 19.82 59.93 -52.16
N ALA A 285 20.41 60.77 -53.00
CA ALA A 285 20.74 60.39 -54.37
C ALA A 285 22.22 60.00 -54.38
N LYS A 286 22.49 58.71 -54.52
CA LYS A 286 23.82 58.17 -54.27
C LYS A 286 24.77 58.59 -55.38
N ASN A 287 25.18 59.86 -55.35
CA ASN A 287 26.08 60.40 -56.34
C ASN A 287 27.46 60.64 -55.74
N VAL A 288 28.49 60.48 -56.57
CA VAL A 288 29.86 60.43 -56.08
C VAL A 288 30.36 61.85 -55.91
N LEU A 289 30.36 62.33 -54.67
CA LEU A 289 30.84 63.68 -54.38
C LEU A 289 32.34 63.78 -54.66
N ALA A 290 32.76 64.98 -55.05
CA ALA A 290 34.16 65.22 -55.40
C ALA A 290 35.10 65.09 -54.21
N GLN A 291 34.57 65.05 -53.00
CA GLN A 291 35.38 65.05 -51.79
C GLN A 291 35.67 63.63 -51.32
N ASP A 292 36.93 63.39 -50.98
CA ASP A 292 37.37 62.09 -50.52
C ASP A 292 36.78 61.77 -49.15
N ALA A 293 36.23 60.56 -49.01
CA ALA A 293 35.59 60.18 -47.77
C ALA A 293 36.59 60.12 -46.63
N THR A 294 36.20 60.68 -45.49
CA THR A 294 37.05 60.81 -44.33
C THR A 294 36.43 60.09 -43.14
N PHE A 295 37.28 59.52 -42.31
CA PHE A 295 36.86 58.77 -41.14
C PHE A 295 37.73 59.16 -39.95
N SER A 296 37.17 59.05 -38.75
CA SER A 296 37.93 59.22 -37.52
C SER A 296 37.92 57.90 -36.77
N VAL A 297 39.06 57.52 -36.23
CA VAL A 297 39.18 56.22 -35.58
C VAL A 297 38.55 56.31 -34.19
N VAL A 298 37.63 55.39 -33.91
CA VAL A 298 36.98 55.34 -32.61
C VAL A 298 37.95 54.86 -31.55
N ARG A 299 38.71 53.81 -31.87
CA ARG A 299 39.70 53.28 -30.95
C ARG A 299 40.59 52.33 -31.73
N VAL A 300 41.73 52.02 -31.12
CA VAL A 300 42.67 51.04 -31.65
C VAL A 300 42.54 49.78 -30.80
N VAL A 301 42.26 48.65 -31.44
CA VAL A 301 42.04 47.41 -30.71
C VAL A 301 43.30 46.58 -30.69
N ASP A 302 44.06 46.58 -31.79
CA ASP A 302 45.23 45.72 -31.93
C ASP A 302 46.29 46.45 -32.71
N GLY A 303 47.39 45.76 -32.97
CA GLY A 303 48.43 46.30 -33.82
C GLY A 303 48.15 46.19 -35.29
N THR A 304 47.02 45.61 -35.67
CA THR A 304 46.62 45.51 -37.07
C THR A 304 45.17 45.87 -37.31
N HIS A 305 44.42 46.24 -36.28
CA HIS A 305 42.99 46.50 -36.39
C HIS A 305 42.65 47.80 -35.69
N VAL A 306 41.73 48.56 -36.29
CA VAL A 306 41.27 49.83 -35.74
C VAL A 306 39.77 49.95 -36.02
N GLU A 307 39.11 50.75 -35.18
CA GLU A 307 37.68 51.00 -35.30
C GLU A 307 37.47 52.45 -35.70
N ILE A 308 36.72 52.67 -36.78
CA ILE A 308 36.53 54.00 -37.35
C ILE A 308 35.05 54.37 -37.25
N THR A 309 34.76 55.68 -37.25
CA THR A 309 33.42 56.12 -36.85
C THR A 309 32.34 55.77 -37.87
N PRO A 310 32.41 56.17 -39.14
CA PRO A 310 31.33 55.79 -40.05
C PRO A 310 31.65 54.52 -40.81
N LYS A 311 30.62 53.70 -40.97
CA LYS A 311 30.77 52.48 -41.75
C LYS A 311 30.93 52.86 -43.21
N PRO A 312 31.97 52.46 -43.88
CA PRO A 312 32.04 52.63 -45.34
C PRO A 312 31.22 51.55 -46.01
N VAL A 313 30.05 51.92 -46.50
CA VAL A 313 29.15 51.00 -47.18
C VAL A 313 29.19 51.35 -48.65
N ALA A 314 29.84 50.49 -49.44
CA ALA A 314 30.09 50.79 -50.84
C ALA A 314 28.81 50.70 -51.66
N LEU A 315 28.67 51.63 -52.60
CA LEU A 315 27.53 51.55 -53.51
C LEU A 315 27.70 50.42 -54.51
N ASP A 316 28.90 50.24 -55.05
CA ASP A 316 29.08 49.23 -56.07
C ASP A 316 29.28 47.84 -55.50
N ASP A 317 29.18 47.68 -54.19
CA ASP A 317 29.23 46.35 -53.59
C ASP A 317 28.13 45.50 -54.18
N VAL A 318 28.51 44.36 -54.76
CA VAL A 318 27.56 43.51 -55.48
C VAL A 318 26.72 42.65 -54.55
N SER A 319 27.18 42.38 -53.34
CA SER A 319 26.50 41.48 -52.42
C SER A 319 25.52 42.19 -51.52
N LEU A 320 25.32 43.48 -51.67
CA LEU A 320 24.38 44.12 -50.81
C LEU A 320 22.99 44.04 -51.35
N SER A 321 22.01 43.84 -50.49
CA SER A 321 20.63 43.80 -50.88
C SER A 321 20.08 45.17 -51.17
N PRO A 322 18.89 45.25 -51.76
CA PRO A 322 18.43 46.63 -52.00
C PRO A 322 18.16 47.35 -50.70
N GLU A 323 17.67 46.66 -49.69
CA GLU A 323 17.48 47.26 -48.39
C GLU A 323 18.80 47.77 -47.87
N GLN A 324 19.87 46.99 -48.00
CA GLN A 324 21.19 47.37 -47.51
C GLN A 324 21.78 48.49 -48.36
N ARG A 325 21.69 48.37 -49.68
CA ARG A 325 22.27 49.36 -50.56
C ARG A 325 21.66 50.73 -50.35
N ALA A 326 20.44 50.81 -49.82
CA ALA A 326 19.85 52.11 -49.53
C ALA A 326 20.71 52.94 -48.58
N TYR A 327 21.59 52.30 -47.81
CA TYR A 327 22.42 52.99 -46.83
C TYR A 327 23.85 53.21 -47.30
N ALA A 328 24.14 53.01 -48.59
CA ALA A 328 25.50 53.18 -49.07
C ALA A 328 25.94 54.63 -48.97
N ASN A 329 27.11 54.85 -48.37
CA ASN A 329 27.65 56.19 -48.20
C ASN A 329 29.01 56.37 -48.87
N VAL A 330 29.53 55.34 -49.53
CA VAL A 330 30.86 55.37 -50.12
C VAL A 330 30.78 54.80 -51.52
N ASN A 331 31.57 55.38 -52.43
CA ASN A 331 31.51 54.92 -53.81
C ASN A 331 31.98 53.48 -53.95
N THR A 332 33.06 53.09 -53.25
CA THR A 332 33.62 51.76 -53.40
C THR A 332 34.24 51.29 -52.10
N SER A 333 34.30 49.97 -51.93
CA SER A 333 34.85 49.38 -50.73
C SER A 333 36.36 49.51 -50.71
N LEU A 334 36.97 48.94 -49.68
CA LEU A 334 38.41 49.02 -49.49
C LEU A 334 39.08 47.87 -50.21
N ALA A 335 40.03 48.19 -51.10
CA ALA A 335 40.69 47.23 -51.95
C ALA A 335 41.69 46.41 -51.15
N ASP A 336 42.46 45.57 -51.85
CA ASP A 336 43.43 44.72 -51.16
C ASP A 336 44.48 45.53 -50.44
N ALA A 337 45.02 46.56 -51.10
CA ALA A 337 46.00 47.44 -50.48
C ALA A 337 45.90 48.82 -51.11
N MET A 338 45.13 49.69 -50.46
CA MET A 338 45.12 51.11 -50.79
C MET A 338 45.70 51.86 -49.60
N ALA A 339 46.54 52.85 -49.89
CA ALA A 339 47.18 53.60 -48.84
C ALA A 339 46.17 54.36 -48.01
N VAL A 340 46.38 54.35 -46.70
CA VAL A 340 45.58 55.12 -45.76
C VAL A 340 46.23 56.48 -45.60
N ASN A 341 45.49 57.54 -45.88
CA ASN A 341 46.02 58.89 -45.81
C ASN A 341 45.79 59.45 -44.40
N ILE A 342 46.88 59.77 -43.73
CA ILE A 342 46.81 60.40 -42.41
C ILE A 342 46.45 61.87 -42.60
N LEU A 343 45.57 62.37 -41.75
CA LEU A 343 45.09 63.75 -41.84
C LEU A 343 45.42 64.56 -40.59
N ASN A 344 46.09 63.96 -39.61
CA ASN A 344 46.62 64.65 -38.45
C ASN A 344 48.13 64.71 -38.64
N VAL A 345 48.61 65.71 -39.36
CA VAL A 345 50.03 65.77 -39.68
C VAL A 345 50.69 66.83 -38.81
N LYS A 346 49.88 67.73 -38.26
CA LYS A 346 50.36 68.78 -37.37
C LYS A 346 49.42 68.89 -36.18
N ASP A 347 49.96 69.39 -35.07
CA ASP A 347 49.20 69.54 -33.83
C ASP A 347 48.46 70.87 -33.89
N ALA A 348 47.20 70.83 -34.28
CA ALA A 348 46.40 72.02 -34.48
C ALA A 348 45.19 71.98 -33.56
N ARG A 349 44.90 73.13 -32.95
CA ARG A 349 43.68 73.24 -32.16
C ARG A 349 42.47 73.12 -33.09
N THR A 350 41.48 72.35 -32.65
CA THR A 350 40.40 71.95 -33.53
C THR A 350 39.33 73.04 -33.63
N ASN A 351 38.73 73.13 -34.80
CA ASN A 351 37.46 73.80 -35.00
C ASN A 351 36.41 72.74 -35.24
N VAL A 352 35.29 72.85 -34.55
CA VAL A 352 34.26 71.82 -34.56
C VAL A 352 33.01 72.39 -35.20
N PHE A 353 32.38 71.61 -36.07
CA PHE A 353 31.06 71.93 -36.58
C PHE A 353 30.20 70.68 -36.57
N TRP A 354 28.91 70.86 -36.35
CA TRP A 354 27.96 69.77 -36.47
C TRP A 354 26.62 70.31 -36.92
N ALA A 355 25.78 69.38 -37.39
CA ALA A 355 24.35 69.58 -37.39
C ALA A 355 23.84 69.42 -35.96
N ASP A 356 23.03 70.36 -35.50
CA ASP A 356 22.60 70.35 -34.11
C ASP A 356 21.88 69.06 -33.78
N ASP A 357 21.99 68.65 -32.51
CA ASP A 357 21.47 67.40 -31.98
C ASP A 357 22.20 66.18 -32.51
N ALA A 358 23.35 66.35 -33.16
CA ALA A 358 24.20 65.20 -33.44
C ALA A 358 24.80 64.63 -32.17
N ILE A 359 25.09 65.49 -31.20
CA ILE A 359 25.51 65.08 -29.88
C ILE A 359 24.28 64.92 -28.99
N ARG A 360 24.20 63.82 -28.27
CA ARG A 360 23.16 63.61 -27.27
C ARG A 360 23.78 63.52 -25.89
N ILE A 361 23.16 64.17 -24.91
CA ILE A 361 23.60 64.09 -23.53
C ILE A 361 22.61 63.20 -22.79
N VAL A 362 23.08 62.05 -22.34
CA VAL A 362 22.26 61.10 -21.61
C VAL A 362 22.48 61.35 -20.13
N SER A 363 21.41 61.68 -19.41
CA SER A 363 21.48 61.97 -17.99
C SER A 363 20.65 60.95 -17.22
N GLN A 364 21.06 60.67 -16.00
CA GLN A 364 20.36 59.72 -15.15
C GLN A 364 20.29 60.27 -13.73
N PRO A 365 19.27 59.87 -12.96
CA PRO A 365 19.21 60.30 -11.56
C PRO A 365 20.00 59.35 -10.66
N ILE A 366 20.36 59.87 -9.50
CA ILE A 366 21.00 59.04 -8.47
C ILE A 366 20.01 58.91 -7.32
N PRO A 367 19.36 57.77 -7.16
CA PRO A 367 18.37 57.64 -6.08
C PRO A 367 19.00 57.44 -4.72
N ALA A 368 19.68 58.46 -4.20
CA ALA A 368 20.19 58.42 -2.85
C ALA A 368 19.17 58.87 -1.83
N ASN A 369 17.95 59.21 -2.27
CA ASN A 369 16.84 59.49 -1.38
C ASN A 369 16.10 58.24 -0.96
N HIS A 370 16.54 57.07 -1.41
CA HIS A 370 15.91 55.81 -1.06
C HIS A 370 16.10 55.54 0.44
N GLU A 371 15.28 54.61 0.96
CA GLU A 371 15.36 54.27 2.37
C GLU A 371 16.67 53.61 2.76
N LEU A 372 17.40 53.04 1.79
CA LEU A 372 18.70 52.46 2.08
C LEU A 372 19.68 53.49 2.60
N PHE A 373 19.41 54.78 2.37
CA PHE A 373 20.33 55.86 2.69
C PHE A 373 19.61 56.71 3.73
N ALA A 374 19.82 56.40 5.00
CA ALA A 374 19.01 57.02 6.05
C ALA A 374 19.75 58.08 6.84
N GLY A 375 21.07 57.95 7.01
CA GLY A 375 21.80 58.96 7.73
C GLY A 375 22.19 60.16 6.93
N MET A 376 21.80 60.22 5.67
CA MET A 376 22.25 61.25 4.75
C MET A 376 21.05 61.97 4.17
N LYS A 377 21.17 63.29 4.05
CA LYS A 377 20.07 64.16 3.65
C LYS A 377 20.24 64.51 2.17
N THR A 378 19.27 64.09 1.36
CA THR A 378 19.44 64.09 -0.09
C THR A 378 18.31 64.84 -0.75
N THR A 379 18.64 65.66 -1.75
CA THR A 379 17.67 66.44 -2.47
C THR A 379 18.11 66.64 -3.92
N SER A 380 17.14 66.93 -4.77
CA SER A 380 17.40 67.20 -6.16
C SER A 380 18.18 68.52 -6.31
N PHE A 381 18.98 68.60 -7.36
CA PHE A 381 19.83 69.74 -7.61
C PHE A 381 19.82 70.05 -9.09
N SER A 382 19.21 71.16 -9.48
CA SER A 382 19.07 71.53 -10.88
C SER A 382 20.21 72.46 -11.27
N ILE A 383 20.88 72.11 -12.37
CA ILE A 383 21.88 72.99 -12.97
C ILE A 383 21.25 73.56 -14.23
N PRO A 384 20.55 74.68 -14.14
CA PRO A 384 19.73 75.14 -15.27
C PRO A 384 20.54 75.71 -16.41
N ASP A 385 21.83 75.96 -16.22
CA ASP A 385 22.64 76.54 -17.30
C ASP A 385 22.75 75.56 -18.46
N VAL A 386 22.86 74.26 -18.15
CA VAL A 386 22.90 73.24 -19.19
C VAL A 386 21.55 72.55 -19.34
N GLY A 387 20.94 72.18 -18.23
CA GLY A 387 19.67 71.48 -18.28
C GLY A 387 19.75 70.08 -17.73
N LEU A 388 20.61 69.87 -16.74
CA LEU A 388 20.83 68.57 -16.13
C LEU A 388 20.53 68.66 -14.65
N ASN A 389 19.68 67.75 -14.16
CA ASN A 389 19.35 67.67 -12.75
C ASN A 389 20.32 66.73 -12.07
N GLY A 390 20.99 67.22 -11.04
CA GLY A 390 21.89 66.40 -10.27
C GLY A 390 21.35 66.13 -8.89
N ILE A 391 22.24 65.77 -7.97
CA ILE A 391 21.87 65.38 -6.63
C ILE A 391 22.71 66.17 -5.64
N PHE A 392 22.07 66.56 -4.53
CA PHE A 392 22.70 67.34 -3.48
C PHE A 392 22.51 66.60 -2.16
N ALA A 393 23.60 66.17 -1.55
CA ALA A 393 23.53 65.31 -0.37
C ALA A 393 24.45 65.83 0.72
N THR A 394 23.99 65.71 1.97
CA THR A 394 24.74 66.15 3.13
C THR A 394 24.67 65.10 4.24
N GLN A 395 25.78 64.94 4.95
CA GLN A 395 25.87 63.99 6.04
C GLN A 395 26.96 64.42 7.00
N GLY A 396 26.60 64.64 8.26
CA GLY A 396 27.59 65.04 9.26
C GLY A 396 27.87 63.95 10.27
N ASP A 397 29.05 63.96 10.87
CA ASP A 397 29.42 62.97 11.88
C ASP A 397 29.64 63.64 13.23
N ILE A 398 29.31 62.91 14.28
CA ILE A 398 29.30 63.48 15.62
C ILE A 398 30.70 63.60 16.23
N SER A 399 31.65 62.77 15.81
CA SER A 399 32.95 62.75 16.46
C SER A 399 33.74 64.02 16.14
N THR A 400 33.52 64.60 14.98
CA THR A 400 34.20 65.83 14.59
C THR A 400 33.29 67.05 14.59
N LEU A 401 31.98 66.87 14.72
CA LEU A 401 31.02 67.93 14.52
C LEU A 401 31.25 68.64 13.19
N SER A 402 31.41 67.83 12.14
CA SER A 402 31.61 68.33 10.80
C SER A 402 30.70 67.58 9.85
N GLY A 403 30.35 68.23 8.74
CA GLY A 403 29.52 67.61 7.74
C GLY A 403 30.15 67.59 6.37
N LEU A 404 29.73 66.67 5.54
CA LEU A 404 30.17 66.58 4.15
C LEU A 404 29.04 67.01 3.24
N CYS A 405 29.39 67.71 2.17
CA CYS A 405 28.42 68.11 1.16
C CYS A 405 28.88 67.55 -0.18
N ARG A 406 27.99 66.83 -0.85
CA ARG A 406 28.28 66.23 -2.13
C ARG A 406 27.24 66.69 -3.14
N ILE A 407 27.70 67.15 -4.29
CA ILE A 407 26.84 67.55 -5.39
C ILE A 407 27.26 66.73 -6.60
N ALA A 408 26.53 65.64 -6.87
CA ALA A 408 26.89 64.71 -7.92
C ALA A 408 25.98 64.86 -9.12
N LEU A 409 26.56 64.80 -10.31
CA LEU A 409 25.84 64.90 -11.57
C LEU A 409 26.23 63.73 -12.45
N TRP A 410 25.25 62.94 -12.87
CA TRP A 410 25.49 61.76 -13.68
C TRP A 410 24.99 62.02 -15.09
N TYR A 411 25.88 61.90 -16.07
CA TYR A 411 25.50 62.17 -17.46
C TYR A 411 26.45 61.42 -18.38
N GLY A 412 26.06 61.32 -19.64
CA GLY A 412 26.91 60.79 -20.68
C GLY A 412 26.88 61.65 -21.92
N VAL A 413 28.02 61.86 -22.56
CA VAL A 413 28.09 62.60 -23.80
C VAL A 413 28.22 61.59 -24.93
N ASN A 414 27.34 61.68 -25.92
CA ASN A 414 27.23 60.71 -26.99
C ASN A 414 27.16 61.42 -28.33
N ALA A 415 27.96 60.96 -29.29
CA ALA A 415 27.91 61.46 -30.66
C ALA A 415 27.11 60.47 -31.48
N THR A 416 25.80 60.68 -31.53
CA THR A 416 24.92 59.75 -32.22
C THR A 416 25.03 59.81 -33.73
N ARG A 417 25.48 60.94 -34.28
CA ARG A 417 25.68 61.10 -35.72
C ARG A 417 27.10 61.58 -35.98
N PRO A 418 28.09 60.71 -35.82
CA PRO A 418 29.48 61.15 -36.06
C PRO A 418 29.70 61.67 -37.46
N GLU A 419 28.94 61.21 -38.44
CA GLU A 419 29.06 61.74 -39.79
C GLU A 419 28.64 63.19 -39.86
N ALA A 420 27.82 63.65 -38.92
CA ALA A 420 27.41 65.06 -38.91
C ALA A 420 28.37 65.93 -38.12
N ILE A 421 29.10 65.38 -37.16
CA ILE A 421 30.15 66.15 -36.51
C ILE A 421 31.34 66.26 -37.45
N GLY A 422 31.93 67.45 -37.52
CA GLY A 422 33.09 67.66 -38.35
C GLY A 422 34.16 68.45 -37.61
N VAL A 423 35.39 68.24 -38.03
CA VAL A 423 36.55 68.88 -37.41
C VAL A 423 37.34 69.62 -38.48
N GLY A 424 37.62 70.90 -38.23
CA GLY A 424 38.44 71.69 -39.13
C GLY A 424 39.86 71.83 -38.61
N LEU A 425 40.85 71.47 -39.42
CA LEU A 425 42.26 71.49 -39.01
C LEU A 425 43.07 72.41 -39.89
N PRO A 426 43.51 73.56 -39.38
CA PRO A 426 44.32 74.47 -40.18
C PRO A 426 45.81 74.19 -40.05
N GLY A 427 46.56 74.66 -41.04
CA GLY A 427 48.01 74.58 -40.99
C GLY A 427 48.54 73.16 -40.90
N GLN A 428 47.98 72.25 -41.69
CA GLN A 428 48.37 70.84 -41.66
C GLN A 428 49.38 70.61 -42.78
N THR A 429 50.66 70.68 -42.43
CA THR A 429 51.74 70.40 -43.37
C THR A 429 52.89 69.79 -42.60
N ALA A 430 53.32 68.60 -43.02
CA ALA A 430 54.41 67.90 -42.35
C ALA A 430 55.30 67.19 -43.35
N ALA B 2 -35.64 -10.68 -64.72
CA ALA B 2 -36.15 -10.33 -63.41
C ALA B 2 -36.79 -8.95 -63.45
N LEU B 3 -36.16 -8.01 -62.74
CA LEU B 3 -36.57 -6.60 -62.75
C LEU B 3 -35.32 -5.78 -63.01
N ASN B 4 -35.04 -5.52 -64.28
CA ASN B 4 -33.90 -4.69 -64.65
C ASN B 4 -34.35 -3.24 -64.69
N GLU B 5 -33.92 -2.48 -63.68
CA GLU B 5 -34.31 -1.08 -63.54
C GLU B 5 -33.06 -0.29 -63.15
N GLY B 6 -33.22 1.03 -63.05
CA GLY B 6 -32.09 1.89 -62.74
C GLY B 6 -31.63 1.73 -61.30
N GLN B 7 -30.32 1.71 -61.12
CA GLN B 7 -29.72 1.52 -59.82
C GLN B 7 -29.34 2.85 -59.18
N ILE B 8 -29.18 2.83 -57.86
CA ILE B 8 -28.76 3.99 -57.09
C ILE B 8 -27.65 3.56 -56.14
N VAL B 9 -26.90 4.53 -55.66
CA VAL B 9 -25.94 4.34 -54.59
C VAL B 9 -26.30 5.28 -53.47
N THR B 10 -26.45 4.74 -52.26
CA THR B 10 -26.92 5.48 -51.11
C THR B 10 -25.76 5.78 -50.18
N LEU B 11 -25.62 7.05 -49.80
CA LEU B 11 -24.66 7.48 -48.80
C LEU B 11 -25.42 8.11 -47.65
N ALA B 12 -25.39 7.47 -46.49
CA ALA B 12 -26.04 8.01 -45.29
C ALA B 12 -25.11 9.04 -44.67
N VAL B 13 -25.14 10.26 -45.25
CA VAL B 13 -24.12 11.26 -44.95
C VAL B 13 -24.10 11.60 -43.47
N ASP B 14 -25.27 11.81 -42.87
CA ASP B 14 -25.32 12.23 -41.47
C ASP B 14 -24.92 11.13 -40.51
N GLU B 15 -24.75 9.89 -40.98
CA GLU B 15 -24.37 8.77 -40.13
C GLU B 15 -22.86 8.56 -40.21
N ILE B 16 -22.13 9.40 -39.46
CA ILE B 16 -20.69 9.23 -39.37
C ILE B 16 -20.39 8.08 -38.40
N ILE B 17 -19.18 7.54 -38.50
CA ILE B 17 -18.82 6.37 -37.71
C ILE B 17 -18.18 6.73 -36.37
N GLU B 18 -17.51 7.89 -36.29
CA GLU B 18 -16.96 8.36 -35.01
C GLU B 18 -15.95 7.35 -34.45
N THR B 19 -14.82 7.26 -35.14
CA THR B 19 -13.83 6.23 -34.83
C THR B 19 -12.85 6.62 -33.73
N ILE B 20 -12.57 7.90 -33.50
CA ILE B 20 -11.47 8.29 -32.64
C ILE B 20 -11.97 9.07 -31.44
N SER B 21 -11.34 8.81 -30.28
CA SER B 21 -11.51 9.60 -29.07
C SER B 21 -10.15 9.76 -28.43
N ALA B 22 -9.75 11.00 -28.18
CA ALA B 22 -8.45 11.29 -27.59
C ALA B 22 -8.62 12.22 -26.39
N ILE B 23 -7.67 12.15 -25.46
CA ILE B 23 -7.69 12.96 -24.26
C ILE B 23 -6.34 13.64 -24.08
N THR B 24 -6.34 14.77 -23.38
CA THR B 24 -5.20 15.67 -23.27
C THR B 24 -5.01 16.05 -21.81
N PRO B 25 -4.43 15.17 -21.00
CA PRO B 25 -4.25 15.50 -19.58
C PRO B 25 -3.12 16.48 -19.31
N MET B 26 -1.97 16.27 -19.95
CA MET B 26 -0.77 17.01 -19.58
C MET B 26 -0.86 18.47 -20.00
N ALA B 27 -1.35 18.74 -21.21
CA ALA B 27 -1.47 20.14 -21.63
C ALA B 27 -2.57 20.85 -20.88
N GLN B 28 -3.60 20.12 -20.44
CA GLN B 28 -4.58 20.72 -19.55
C GLN B 28 -3.95 21.12 -18.22
N LYS B 29 -3.10 20.27 -17.66
CA LYS B 29 -2.48 20.57 -16.38
C LYS B 29 -1.39 21.63 -16.48
N ALA B 30 -0.94 21.97 -17.68
CA ALA B 30 0.21 22.84 -17.83
C ALA B 30 -0.19 24.31 -17.80
N LYS B 31 0.72 25.13 -17.31
CA LYS B 31 0.50 26.57 -17.27
C LYS B 31 0.54 27.14 -18.68
N LYS B 32 -0.08 28.30 -18.85
CA LYS B 32 -0.15 28.95 -20.15
C LYS B 32 0.15 30.42 -20.00
N TYR B 33 1.19 30.88 -20.67
CA TYR B 33 1.73 32.22 -20.54
C TYR B 33 1.67 32.92 -21.88
N THR B 34 1.24 34.18 -21.87
CA THR B 34 1.25 35.02 -23.06
C THR B 34 1.93 36.36 -22.74
N PRO B 35 3.17 36.54 -23.16
CA PRO B 35 3.84 37.83 -22.95
C PRO B 35 3.28 38.89 -23.87
N PRO B 36 3.65 40.16 -23.69
CA PRO B 36 3.32 41.17 -24.69
C PRO B 36 3.90 40.82 -26.05
N ALA B 37 3.10 41.01 -27.10
CA ALA B 37 3.48 40.58 -28.43
C ALA B 37 4.54 41.49 -29.05
N ALA B 38 4.37 42.81 -28.90
CA ALA B 38 5.31 43.73 -29.51
C ALA B 38 6.72 43.54 -28.97
N SER B 39 6.85 43.39 -27.65
CA SER B 39 8.17 43.16 -27.10
C SER B 39 8.71 41.79 -27.49
N MET B 40 7.82 40.81 -27.68
CA MET B 40 8.26 39.49 -28.09
C MET B 40 8.85 39.50 -29.49
N GLN B 41 8.30 40.32 -30.39
CA GLN B 41 8.79 40.33 -31.76
C GLN B 41 10.24 40.80 -31.85
N ARG B 42 10.58 41.87 -31.12
CA ARG B 42 11.94 42.39 -31.20
C ARG B 42 12.93 41.56 -30.39
N SER B 43 12.45 40.62 -29.59
CA SER B 43 13.29 39.58 -29.05
C SER B 43 13.23 38.35 -29.95
N SER B 44 14.05 37.35 -29.67
CA SER B 44 13.95 36.14 -30.46
C SER B 44 12.81 35.28 -29.95
N ASN B 45 11.65 35.89 -29.75
CA ASN B 45 10.52 35.26 -29.09
C ASN B 45 10.93 34.70 -27.72
N THR B 46 11.70 35.48 -26.97
CA THR B 46 12.26 35.04 -25.71
C THR B 46 11.92 36.05 -24.61
N ILE B 47 11.53 35.53 -23.44
CA ILE B 47 11.37 36.33 -22.24
C ILE B 47 12.25 35.72 -21.16
N TRP B 48 12.91 36.57 -20.38
CA TRP B 48 13.66 36.13 -19.22
C TRP B 48 12.81 36.31 -17.96
N MET B 49 12.83 35.30 -17.10
CA MET B 49 12.03 35.30 -15.89
C MET B 49 12.94 35.25 -14.66
N PRO B 50 12.78 36.16 -13.71
CA PRO B 50 13.58 36.09 -12.49
C PRO B 50 13.26 34.85 -11.68
N VAL B 51 14.28 34.30 -11.06
CA VAL B 51 14.11 33.20 -10.14
C VAL B 51 14.03 33.78 -8.73
N GLU B 52 13.40 33.02 -7.83
CA GLU B 52 13.31 33.42 -6.44
C GLU B 52 14.71 33.58 -5.84
N GLN B 53 14.90 34.65 -5.08
CA GLN B 53 16.21 34.97 -4.54
C GLN B 53 16.54 34.08 -3.35
N GLU B 54 17.82 33.87 -3.13
CA GLU B 54 18.33 33.16 -1.96
C GLU B 54 19.37 34.04 -1.28
N SER B 55 19.18 34.26 0.01
CA SER B 55 20.04 35.15 0.75
C SER B 55 21.03 34.38 1.61
N PRO B 56 22.23 34.88 1.79
CA PRO B 56 23.13 34.31 2.80
C PRO B 56 22.89 34.96 4.15
N THR B 57 23.57 34.51 5.20
CA THR B 57 23.43 35.13 6.52
C THR B 57 24.78 35.22 7.20
N GLN B 58 24.78 35.78 8.41
CA GLN B 58 26.01 36.10 9.11
C GLN B 58 25.73 36.19 10.60
N GLU B 59 26.73 35.79 11.39
CA GLU B 59 26.65 35.78 12.84
C GLU B 59 27.45 36.94 13.42
N GLY B 60 27.06 37.37 14.61
CA GLY B 60 27.88 38.27 15.41
C GLY B 60 27.32 39.68 15.45
N TRP B 61 28.02 40.51 16.22
CA TRP B 61 27.65 41.91 16.41
C TRP B 61 28.37 42.80 15.41
N ASP B 62 29.69 42.76 15.41
CA ASP B 62 30.51 43.61 14.56
C ASP B 62 30.59 42.99 13.18
N LEU B 63 29.97 43.65 12.19
CA LEU B 63 29.93 43.15 10.83
C LEU B 63 30.69 44.06 9.88
N THR B 64 31.64 44.84 10.41
CA THR B 64 32.28 45.88 9.62
C THR B 64 33.02 45.29 8.43
N ASP B 65 32.79 45.90 7.26
CA ASP B 65 33.40 45.51 6.00
C ASP B 65 33.11 44.05 5.63
N LYS B 66 31.96 43.53 6.02
CA LYS B 66 31.57 42.16 5.71
C LYS B 66 30.18 42.09 5.10
N ALA B 67 29.71 43.20 4.52
CA ALA B 67 28.44 43.19 3.83
C ALA B 67 28.58 42.53 2.47
N THR B 68 27.58 41.74 2.09
CA THR B 68 27.59 41.01 0.84
C THR B 68 26.88 41.82 -0.23
N GLY B 69 26.98 41.33 -1.47
CA GLY B 69 26.23 41.86 -2.59
C GLY B 69 24.98 41.04 -2.87
N LEU B 70 24.25 41.48 -3.89
CA LEU B 70 23.02 40.83 -4.31
C LEU B 70 23.27 39.97 -5.54
N LEU B 71 22.49 38.90 -5.66
CA LEU B 71 22.55 38.03 -6.84
C LEU B 71 21.15 37.51 -7.13
N GLU B 72 20.65 37.79 -8.33
CA GLU B 72 19.34 37.33 -8.77
C GLU B 72 19.49 36.63 -10.11
N LEU B 73 19.05 35.38 -10.18
CA LEU B 73 19.21 34.54 -11.35
C LEU B 73 17.92 34.53 -12.17
N ASN B 74 18.03 34.05 -13.42
CA ASN B 74 16.94 34.15 -14.37
C ASN B 74 16.86 32.91 -15.24
N VAL B 75 15.72 32.78 -15.92
CA VAL B 75 15.44 31.66 -16.82
C VAL B 75 14.73 32.22 -18.06
N ALA B 76 15.08 31.69 -19.22
CA ALA B 76 14.49 32.14 -20.48
C ALA B 76 13.39 31.20 -20.95
N VAL B 77 12.36 31.77 -21.56
CA VAL B 77 11.31 31.00 -22.24
C VAL B 77 11.23 31.46 -23.68
N ASN B 78 11.22 30.50 -24.61
CA ASN B 78 11.18 30.82 -26.03
C ASN B 78 10.03 30.12 -26.74
N MET B 79 9.99 30.20 -28.07
CA MET B 79 8.90 29.63 -28.85
C MET B 79 9.43 29.01 -30.13
N GLY B 80 8.65 28.10 -30.70
CA GLY B 80 9.01 27.36 -31.88
C GLY B 80 8.31 27.85 -33.12
N GLU B 81 7.95 26.90 -33.98
CA GLU B 81 7.31 27.21 -35.24
C GLU B 81 5.82 26.98 -35.18
N PRO B 82 5.04 27.72 -35.96
CA PRO B 82 3.59 27.54 -35.94
C PRO B 82 3.17 26.17 -36.46
N ASP B 83 2.04 25.71 -35.95
CA ASP B 83 1.41 24.47 -36.38
C ASP B 83 0.22 24.84 -37.25
N ASN B 84 0.12 24.21 -38.41
CA ASN B 84 -0.87 24.60 -39.41
C ASN B 84 -1.65 23.39 -39.90
N ASP B 85 -2.90 23.63 -40.29
CA ASP B 85 -3.61 22.81 -41.25
C ASP B 85 -3.98 23.68 -42.43
N PHE B 86 -3.64 23.23 -43.63
CA PHE B 86 -3.69 24.09 -44.82
C PHE B 86 -4.16 23.26 -46.00
N PHE B 87 -5.35 23.56 -46.50
CA PHE B 87 -5.91 22.80 -47.60
C PHE B 87 -6.52 23.74 -48.63
N GLN B 88 -6.66 23.24 -49.85
CA GLN B 88 -7.18 23.97 -50.98
C GLN B 88 -8.44 23.29 -51.49
N LEU B 89 -9.36 24.08 -52.03
CA LEU B 89 -10.64 23.54 -52.45
C LEU B 89 -11.20 24.42 -53.56
N ARG B 90 -11.73 23.78 -54.60
CA ARG B 90 -12.32 24.53 -55.70
C ARG B 90 -13.76 24.92 -55.37
N ALA B 91 -14.29 25.86 -56.15
CA ALA B 91 -15.60 26.42 -55.83
C ALA B 91 -16.69 25.37 -55.91
N ASP B 92 -16.71 24.55 -56.96
CA ASP B 92 -17.78 23.58 -57.11
C ASP B 92 -17.77 22.52 -56.03
N ASP B 93 -16.63 22.31 -55.36
CA ASP B 93 -16.58 21.39 -54.24
C ASP B 93 -17.28 21.90 -53.01
N LEU B 94 -17.70 23.16 -52.99
CA LEU B 94 -18.38 23.74 -51.83
C LEU B 94 -19.89 23.68 -51.95
N ARG B 95 -20.42 23.03 -52.99
CA ARG B 95 -21.86 22.85 -53.08
C ARG B 95 -22.37 22.04 -51.91
N ASP B 96 -21.62 21.01 -51.51
CA ASP B 96 -21.86 20.25 -50.29
C ASP B 96 -20.78 20.64 -49.29
N GLU B 97 -21.19 21.13 -48.12
CA GLU B 97 -20.25 21.75 -47.19
C GLU B 97 -19.87 20.85 -46.03
N THR B 98 -20.30 19.59 -46.01
CA THR B 98 -20.02 18.73 -44.87
C THR B 98 -18.53 18.41 -44.74
N ALA B 99 -17.88 18.10 -45.88
CA ALA B 99 -16.48 17.74 -45.84
C ALA B 99 -15.62 18.89 -45.31
N TYR B 100 -15.92 20.10 -45.75
CA TYR B 100 -15.18 21.28 -45.33
C TYR B 100 -15.29 21.49 -43.82
N ARG B 101 -16.52 21.44 -43.29
CA ARG B 101 -16.71 21.63 -41.85
C ARG B 101 -16.08 20.52 -41.03
N ARG B 102 -16.20 19.27 -41.50
CA ARG B 102 -15.60 18.16 -40.76
C ARG B 102 -14.09 18.25 -40.77
N ARG B 103 -13.51 18.72 -41.88
CA ARG B 103 -12.07 18.96 -41.91
C ARG B 103 -11.66 20.01 -40.91
N ILE B 104 -12.48 21.06 -40.75
CA ILE B 104 -12.14 22.09 -39.76
C ILE B 104 -12.14 21.51 -38.36
N GLN B 105 -13.18 20.73 -38.03
CA GLN B 105 -13.27 20.15 -36.68
C GLN B 105 -12.12 19.20 -36.40
N SER B 106 -11.82 18.33 -37.37
CA SER B 106 -10.73 17.40 -37.17
C SER B 106 -9.39 18.12 -37.06
N ALA B 107 -9.23 19.25 -37.76
CA ALA B 107 -8.02 20.04 -37.62
C ALA B 107 -7.88 20.57 -36.21
N ALA B 108 -8.98 21.05 -35.62
CA ALA B 108 -8.91 21.53 -34.25
C ALA B 108 -8.45 20.42 -33.31
N ARG B 109 -9.04 19.22 -33.47
CA ARG B 109 -8.65 18.11 -32.62
C ARG B 109 -7.18 17.74 -32.81
N LYS B 110 -6.72 17.71 -34.07
CA LYS B 110 -5.34 17.33 -34.34
C LYS B 110 -4.37 18.34 -33.74
N LEU B 111 -4.69 19.63 -33.81
CA LEU B 111 -3.82 20.64 -33.23
C LEU B 111 -3.73 20.49 -31.71
N ALA B 112 -4.86 20.21 -31.07
CA ALA B 112 -4.83 19.96 -29.62
C ALA B 112 -3.94 18.76 -29.29
N ASN B 113 -4.08 17.68 -30.05
CA ASN B 113 -3.27 16.50 -29.77
C ASN B 113 -1.79 16.77 -30.01
N ASN B 114 -1.46 17.59 -31.02
CA ASN B 114 -0.07 17.92 -31.27
C ASN B 114 0.54 18.70 -30.12
N VAL B 115 -0.18 19.69 -29.60
CA VAL B 115 0.38 20.45 -28.48
C VAL B 115 0.55 19.54 -27.26
N GLU B 116 -0.38 18.61 -27.06
CA GLU B 116 -0.22 17.67 -25.95
C GLU B 116 1.02 16.81 -26.13
N LEU B 117 1.23 16.29 -27.34
CA LEU B 117 2.39 15.45 -27.60
C LEU B 117 3.69 16.21 -27.35
N LYS B 118 3.72 17.49 -27.76
CA LYS B 118 4.90 18.31 -27.51
C LYS B 118 5.14 18.54 -26.03
N VAL B 119 4.07 18.80 -25.27
CA VAL B 119 4.23 18.99 -23.83
C VAL B 119 4.81 17.74 -23.19
N ALA B 120 4.28 16.58 -23.55
CA ALA B 120 4.78 15.33 -22.99
C ALA B 120 6.25 15.12 -23.34
N ASN B 121 6.63 15.39 -24.59
CA ASN B 121 8.02 15.19 -24.99
C ASN B 121 8.95 16.12 -24.22
N MET B 122 8.61 17.40 -24.11
CA MET B 122 9.46 18.33 -23.38
C MET B 122 9.60 17.95 -21.92
N ALA B 123 8.48 17.59 -21.28
CA ALA B 123 8.55 17.21 -19.87
C ALA B 123 9.42 15.98 -19.67
N ALA B 124 9.29 14.98 -20.54
CA ALA B 124 10.11 13.79 -20.40
C ALA B 124 11.59 14.09 -20.64
N GLU B 125 11.89 14.94 -21.62
CA GLU B 125 13.28 15.25 -21.93
C GLU B 125 13.94 16.06 -20.82
N MET B 126 13.20 17.00 -20.22
CA MET B 126 13.77 17.96 -19.28
C MET B 126 13.72 17.52 -17.84
N GLY B 127 13.14 16.35 -17.54
CA GLY B 127 13.01 15.92 -16.16
C GLY B 127 14.37 15.70 -15.52
N SER B 128 14.69 16.49 -14.51
CA SER B 128 15.93 16.35 -13.76
C SER B 128 15.83 15.29 -12.68
N LEU B 129 14.73 15.25 -11.96
CA LEU B 129 14.54 14.26 -10.90
C LEU B 129 14.25 12.93 -11.57
N VAL B 130 15.09 11.94 -11.32
CA VAL B 130 15.00 10.65 -11.99
C VAL B 130 14.79 9.59 -10.93
N ILE B 131 13.69 8.87 -11.04
CA ILE B 131 13.38 7.76 -10.15
C ILE B 131 13.41 6.49 -10.98
N THR B 132 14.44 5.69 -10.80
CA THR B 132 14.58 4.43 -11.52
C THR B 132 14.40 3.28 -10.54
N SER B 133 13.90 2.17 -11.05
CA SER B 133 13.84 0.96 -10.27
C SER B 133 14.47 -0.17 -11.05
N PRO B 134 15.09 -1.14 -10.38
CA PRO B 134 15.64 -2.29 -11.10
C PRO B 134 14.58 -3.16 -11.74
N ASP B 135 13.36 -3.17 -11.22
CA ASP B 135 12.32 -4.07 -11.66
C ASP B 135 11.13 -3.27 -12.16
N ALA B 136 10.20 -3.95 -12.82
CA ALA B 136 9.00 -3.33 -13.34
C ALA B 136 8.03 -3.01 -12.21
N ILE B 137 6.95 -2.31 -12.56
CA ILE B 137 5.98 -1.87 -11.56
C ILE B 137 5.07 -3.01 -11.08
N GLY B 138 4.92 -4.07 -11.85
CA GLY B 138 4.02 -5.13 -11.45
C GLY B 138 4.61 -6.25 -10.61
N THR B 139 5.87 -6.13 -10.16
CA THR B 139 6.55 -7.30 -9.62
C THR B 139 6.39 -7.45 -8.12
N ASN B 140 6.54 -6.39 -7.34
CA ASN B 140 6.60 -6.46 -5.90
C ASN B 140 5.27 -5.99 -5.30
N THR B 141 5.17 -6.06 -3.98
CA THR B 141 3.89 -6.00 -3.32
C THR B 141 3.27 -4.60 -3.28
N ALA B 142 4.07 -3.55 -3.14
CA ALA B 142 3.52 -2.19 -3.16
C ALA B 142 4.46 -1.23 -3.87
N ASP B 143 5.11 -1.70 -4.94
CA ASP B 143 6.18 -0.92 -5.54
C ASP B 143 5.69 0.19 -6.45
N ALA B 144 4.42 0.17 -6.89
CA ALA B 144 3.89 1.32 -7.61
C ALA B 144 3.70 2.50 -6.66
N TRP B 145 3.14 2.24 -5.48
CA TRP B 145 3.07 3.26 -4.45
C TRP B 145 4.45 3.70 -4.05
N ASN B 146 5.38 2.76 -3.92
CA ASN B 146 6.76 3.12 -3.58
C ASN B 146 7.37 4.01 -4.64
N PHE B 147 7.00 3.81 -5.89
CA PHE B 147 7.56 4.57 -7.00
C PHE B 147 7.06 6.02 -6.95
N VAL B 148 5.74 6.18 -6.78
CA VAL B 148 5.17 7.51 -6.60
C VAL B 148 5.69 8.17 -5.34
N ALA B 149 5.89 7.38 -4.28
CA ALA B 149 6.32 7.93 -3.00
C ALA B 149 7.78 8.35 -3.03
N ASP B 150 8.61 7.64 -3.80
CA ASP B 150 9.97 8.08 -4.03
C ASP B 150 9.97 9.42 -4.72
N ALA B 151 9.12 9.59 -5.74
CA ALA B 151 9.00 10.89 -6.38
C ALA B 151 8.61 11.97 -5.36
N GLU B 152 7.60 11.68 -4.54
CA GLU B 152 7.12 12.66 -3.58
C GLU B 152 8.20 13.01 -2.57
N GLU B 153 8.96 12.01 -2.13
CA GLU B 153 9.97 12.23 -1.10
C GLU B 153 11.15 13.02 -1.65
N ILE B 154 11.57 12.74 -2.88
CA ILE B 154 12.65 13.56 -3.44
C ILE B 154 12.18 14.99 -3.61
N MET B 155 10.90 15.20 -3.94
CA MET B 155 10.40 16.57 -4.02
C MET B 155 10.37 17.23 -2.64
N PHE B 156 10.01 16.48 -1.60
CA PHE B 156 9.93 17.06 -0.26
C PHE B 156 11.31 17.37 0.32
N SER B 157 12.23 16.43 0.22
CA SER B 157 13.56 16.59 0.83
C SER B 157 14.31 17.75 0.23
N ARG B 158 14.20 17.94 -1.08
CA ARG B 158 14.84 19.06 -1.76
C ARG B 158 14.19 20.40 -1.45
N GLU B 159 13.06 20.39 -0.75
CA GLU B 159 12.39 21.62 -0.32
C GLU B 159 11.90 22.44 -1.51
N LEU B 160 11.58 21.76 -2.60
CA LEU B 160 11.04 22.43 -3.77
C LEU B 160 9.67 23.02 -3.47
N ASN B 161 9.38 24.14 -4.11
CA ASN B 161 8.07 24.76 -3.96
C ASN B 161 7.05 24.02 -4.83
N ARG B 162 5.94 23.64 -4.23
CA ARG B 162 4.86 22.98 -4.95
C ARG B 162 3.52 23.49 -4.46
N ASP B 163 3.41 24.81 -4.29
CA ASP B 163 2.14 25.38 -3.84
C ASP B 163 1.04 25.22 -4.87
N MET B 164 1.39 25.32 -6.15
CA MET B 164 0.38 25.18 -7.21
C MET B 164 -0.10 23.76 -7.38
N GLY B 165 0.48 22.80 -6.67
CA GLY B 165 0.08 21.42 -6.76
C GLY B 165 1.13 20.57 -7.47
N THR B 166 0.96 19.27 -7.33
CA THR B 166 1.82 18.29 -7.95
C THR B 166 0.97 17.29 -8.71
N SER B 167 1.56 16.70 -9.74
CA SER B 167 0.86 15.77 -10.60
C SER B 167 1.78 14.66 -11.02
N TYR B 168 1.28 13.43 -10.98
CA TYR B 168 1.97 12.26 -11.48
C TYR B 168 1.24 11.72 -12.70
N PHE B 169 1.99 11.39 -13.74
CA PHE B 169 1.45 10.84 -14.97
C PHE B 169 2.08 9.49 -15.23
N PHE B 170 1.25 8.48 -15.39
CA PHE B 170 1.68 7.12 -15.67
C PHE B 170 1.56 6.82 -17.15
N ASN B 171 2.29 5.79 -17.57
CA ASN B 171 1.97 5.12 -18.82
C ASN B 171 0.61 4.46 -18.69
N PRO B 172 -0.08 4.23 -19.81
CA PRO B 172 -1.18 3.27 -19.74
C PRO B 172 -0.73 1.91 -19.24
N GLN B 173 0.46 1.48 -19.66
CA GLN B 173 1.02 0.21 -19.19
C GLN B 173 1.35 0.26 -17.70
N ASP B 174 2.06 1.30 -17.28
CA ASP B 174 2.42 1.41 -15.87
C ASP B 174 1.20 1.65 -15.01
N TYR B 175 0.20 2.38 -15.52
CA TYR B 175 -1.06 2.52 -14.81
C TYR B 175 -1.75 1.17 -14.65
N LYS B 176 -1.71 0.35 -15.70
CA LYS B 176 -2.27 -1.00 -15.61
C LYS B 176 -1.54 -1.82 -14.57
N LYS B 177 -0.22 -1.69 -14.49
CA LYS B 177 0.54 -2.47 -13.52
C LYS B 177 0.32 -1.97 -12.09
N ALA B 178 0.13 -0.67 -11.90
CA ALA B 178 -0.25 -0.17 -10.58
C ALA B 178 -1.63 -0.69 -10.19
N GLY B 179 -2.57 -0.71 -11.13
CA GLY B 179 -3.85 -1.33 -10.86
C GLY B 179 -3.72 -2.80 -10.51
N TYR B 180 -2.82 -3.51 -11.21
CA TYR B 180 -2.61 -4.92 -10.92
C TYR B 180 -2.08 -5.10 -9.51
N ASP B 181 -1.19 -4.20 -9.08
CA ASP B 181 -0.72 -4.23 -7.70
C ASP B 181 -1.88 -4.08 -6.73
N LEU B 182 -2.79 -3.15 -7.03
CA LEU B 182 -3.94 -2.96 -6.15
C LEU B 182 -4.90 -4.15 -6.22
N THR B 183 -4.87 -4.92 -7.30
CA THR B 183 -5.87 -5.97 -7.48
C THR B 183 -5.37 -7.34 -7.04
N LYS B 184 -4.08 -7.58 -7.11
CA LYS B 184 -3.55 -8.88 -6.70
C LYS B 184 -3.59 -9.09 -5.21
N ARG B 185 -4.14 -8.16 -4.43
CA ARG B 185 -4.15 -8.27 -2.98
C ARG B 185 -5.38 -9.00 -2.49
N ASP B 186 -5.20 -9.85 -1.49
CA ASP B 186 -6.25 -10.77 -1.07
C ASP B 186 -7.46 -10.04 -0.51
N ILE B 187 -7.25 -9.00 0.29
CA ILE B 187 -8.32 -8.30 0.98
C ILE B 187 -8.81 -7.17 0.09
N PHE B 188 -10.13 -7.09 -0.07
CA PHE B 188 -10.74 -6.08 -0.93
C PHE B 188 -11.41 -5.03 -0.06
N GLY B 189 -10.83 -3.84 -0.01
CA GLY B 189 -11.46 -2.69 0.60
C GLY B 189 -11.94 -1.75 -0.47
N ARG B 190 -12.11 -0.47 -0.14
CA ARG B 190 -12.60 0.48 -1.13
C ARG B 190 -11.62 0.62 -2.30
N ILE B 191 -10.33 0.70 -2.00
CA ILE B 191 -9.30 0.96 -3.00
C ILE B 191 -9.05 -0.27 -3.87
N PRO B 192 -8.79 -1.45 -3.31
CA PRO B 192 -8.62 -2.62 -4.20
C PRO B 192 -9.85 -2.94 -5.03
N GLU B 193 -11.04 -2.75 -4.49
CA GLU B 193 -12.23 -3.10 -5.26
C GLU B 193 -12.60 -2.03 -6.26
N GLU B 194 -12.18 -0.78 -6.05
CA GLU B 194 -12.25 0.20 -7.13
C GLU B 194 -11.23 -0.06 -8.21
N ALA B 195 -10.06 -0.58 -7.85
CA ALA B 195 -9.10 -0.97 -8.87
C ALA B 195 -9.55 -2.21 -9.62
N TYR B 196 -10.39 -3.03 -9.01
CA TYR B 196 -10.95 -4.17 -9.72
C TYR B 196 -12.09 -3.75 -10.63
N ARG B 197 -13.06 -3.00 -10.10
CA ARG B 197 -14.23 -2.65 -10.89
C ARG B 197 -13.91 -1.59 -11.93
N ASP B 198 -13.09 -0.61 -11.57
CA ASP B 198 -12.59 0.39 -12.50
C ASP B 198 -11.12 0.12 -12.73
N GLY B 199 -10.51 0.91 -13.58
CA GLY B 199 -9.07 0.75 -13.64
C GLY B 199 -8.32 1.59 -12.65
N THR B 200 -9.02 2.43 -11.89
CA THR B 200 -8.39 3.55 -11.20
C THR B 200 -7.58 3.09 -10.00
N ILE B 201 -6.51 3.81 -9.74
CA ILE B 201 -5.63 3.55 -8.63
C ILE B 201 -5.69 4.69 -7.61
N GLN B 202 -6.83 5.39 -7.57
CA GLN B 202 -7.09 6.57 -6.76
C GLN B 202 -6.47 7.80 -7.39
N ARG B 203 -7.16 8.93 -7.32
CA ARG B 203 -6.62 10.17 -7.87
C ARG B 203 -5.48 10.73 -7.03
N GLN B 204 -5.39 10.34 -5.77
CA GLN B 204 -4.34 10.78 -4.87
C GLN B 204 -3.56 9.56 -4.41
N VAL B 205 -2.29 9.50 -4.78
CA VAL B 205 -1.39 8.42 -4.37
C VAL B 205 -0.17 9.05 -3.75
N ALA B 206 0.25 8.50 -2.61
CA ALA B 206 1.38 9.04 -1.85
C ALA B 206 1.05 10.51 -1.56
N GLY B 207 2.00 11.41 -1.61
CA GLY B 207 1.59 12.77 -1.37
C GLY B 207 1.16 13.55 -2.58
N PHE B 208 1.04 12.90 -3.73
CA PHE B 208 0.71 13.62 -4.96
C PHE B 208 -0.74 14.03 -4.98
N ASP B 209 -1.01 15.21 -5.54
CA ASP B 209 -2.38 15.72 -5.57
C ASP B 209 -3.20 15.04 -6.65
N ASP B 210 -2.60 14.75 -7.79
CA ASP B 210 -3.32 14.16 -8.92
C ASP B 210 -2.46 13.09 -9.57
N VAL B 211 -3.04 11.90 -9.75
CA VAL B 211 -2.36 10.78 -10.40
C VAL B 211 -3.28 10.27 -11.50
N LEU B 212 -2.74 10.12 -12.70
CA LEU B 212 -3.56 9.74 -13.84
C LEU B 212 -2.65 9.25 -14.96
N ARG B 213 -3.23 8.53 -15.91
CA ARG B 213 -2.47 7.96 -17.01
C ARG B 213 -2.53 8.89 -18.21
N SER B 214 -1.42 8.96 -18.94
CA SER B 214 -1.28 9.80 -20.11
C SER B 214 -0.92 8.95 -21.30
N PRO B 215 -1.76 8.87 -22.33
CA PRO B 215 -1.42 8.03 -23.50
C PRO B 215 -0.18 8.47 -24.23
N LYS B 216 0.12 9.77 -24.25
CA LYS B 216 1.11 10.34 -25.15
C LYS B 216 2.48 10.50 -24.50
N LEU B 217 2.77 9.73 -23.48
CA LEU B 217 4.11 9.76 -22.89
C LEU B 217 5.09 9.01 -23.79
N PRO B 218 6.32 9.50 -23.92
CA PRO B 218 7.25 8.89 -24.86
C PRO B 218 7.99 7.70 -24.27
N VAL B 219 8.86 7.13 -25.10
CA VAL B 219 9.80 6.10 -24.69
C VAL B 219 11.17 6.75 -24.53
N LEU B 220 11.86 6.44 -23.45
CA LEU B 220 13.22 6.90 -23.23
C LEU B 220 14.15 5.76 -23.63
N THR B 221 14.87 5.93 -24.74
CA THR B 221 15.74 4.89 -25.24
C THR B 221 17.04 4.85 -24.46
N LYS B 222 17.54 3.64 -24.21
CA LYS B 222 18.77 3.48 -23.45
C LYS B 222 19.94 4.12 -24.19
N SER B 223 20.89 4.62 -23.43
CA SER B 223 22.10 5.20 -23.99
C SER B 223 23.21 4.17 -23.97
N THR B 224 24.01 4.18 -25.03
CA THR B 224 25.14 3.26 -25.16
C THR B 224 26.41 3.84 -24.56
N ALA B 225 26.34 5.00 -23.91
CA ALA B 225 27.50 5.56 -23.25
C ALA B 225 27.99 4.61 -22.16
N THR B 226 29.30 4.38 -22.14
CA THR B 226 29.90 3.50 -21.16
C THR B 226 31.30 4.02 -20.84
N GLY B 227 31.61 4.08 -19.54
CA GLY B 227 32.92 4.52 -19.11
C GLY B 227 33.17 6.00 -19.24
N ILE B 228 32.12 6.82 -19.24
CA ILE B 228 32.29 8.26 -19.36
C ILE B 228 32.85 8.81 -18.06
N THR B 229 33.87 9.66 -18.17
CA THR B 229 34.47 10.30 -17.01
C THR B 229 34.57 11.80 -17.24
N VAL B 230 34.65 12.55 -16.13
CA VAL B 230 34.74 14.00 -16.18
C VAL B 230 36.19 14.40 -16.46
N SER B 231 36.39 15.22 -17.50
CA SER B 231 37.74 15.45 -17.99
C SER B 231 38.56 16.30 -17.03
N GLY B 232 37.98 17.39 -16.51
CA GLY B 232 38.70 18.24 -15.60
C GLY B 232 37.90 18.47 -14.34
N ALA B 233 38.59 18.96 -13.32
CA ALA B 233 37.90 19.38 -12.10
C ALA B 233 37.15 20.68 -12.37
N GLN B 234 35.84 20.57 -12.59
CA GLN B 234 35.04 21.69 -13.06
C GLN B 234 34.06 22.11 -11.99
N SER B 235 33.91 23.42 -11.81
CA SER B 235 32.93 23.99 -10.91
C SER B 235 32.06 24.99 -11.67
N PHE B 236 30.83 25.17 -11.19
CA PHE B 236 29.88 26.06 -11.82
C PHE B 236 29.41 27.11 -10.82
N LYS B 237 29.30 28.35 -11.30
CA LYS B 237 28.94 29.46 -10.46
C LYS B 237 27.54 29.97 -10.79
N PRO B 238 26.74 30.27 -9.79
CA PRO B 238 25.48 30.99 -10.05
C PRO B 238 25.75 32.39 -10.56
N VAL B 239 25.41 32.67 -11.80
CA VAL B 239 25.65 33.96 -12.43
C VAL B 239 24.38 34.42 -13.11
N ALA B 240 24.09 35.71 -13.01
CA ALA B 240 22.99 36.27 -13.77
C ALA B 240 23.40 36.64 -15.18
N TRP B 241 24.68 36.94 -15.38
CA TRP B 241 25.18 37.32 -16.70
C TRP B 241 26.68 37.09 -16.70
N GLN B 242 27.25 37.02 -17.91
CA GLN B 242 28.69 36.92 -18.06
C GLN B 242 29.13 37.77 -19.22
N LEU B 243 30.37 38.22 -19.17
CA LEU B 243 30.95 38.98 -20.27
C LEU B 243 31.36 38.05 -21.39
N ASP B 244 31.16 38.49 -22.62
CA ASP B 244 31.57 37.72 -23.78
C ASP B 244 32.20 38.62 -24.83
N ASN B 245 33.30 38.14 -25.42
CA ASN B 245 33.90 38.73 -26.61
C ASN B 245 33.93 40.26 -26.56
N ASP B 246 32.80 40.87 -26.87
CA ASP B 246 32.66 42.32 -26.97
C ASP B 246 32.70 43.03 -25.63
N GLY B 247 32.53 42.30 -24.53
CA GLY B 247 32.36 42.93 -23.24
C GLY B 247 30.92 43.22 -22.87
N ASN B 248 29.96 42.83 -23.71
CA ASN B 248 28.56 42.96 -23.35
C ASN B 248 28.20 41.96 -22.25
N LYS B 249 27.36 42.39 -21.32
CA LYS B 249 26.80 41.49 -20.33
C LYS B 249 25.59 40.80 -20.95
N VAL B 250 25.68 39.50 -21.14
CA VAL B 250 24.61 38.71 -21.75
C VAL B 250 24.04 37.79 -20.68
N ASN B 251 22.71 37.70 -20.65
CA ASN B 251 22.04 36.93 -19.61
C ASN B 251 22.47 35.48 -19.67
N VAL B 252 22.54 34.85 -18.50
CA VAL B 252 22.89 33.45 -18.37
C VAL B 252 21.65 32.69 -17.91
N ASP B 253 21.35 31.59 -18.59
CA ASP B 253 20.28 30.72 -18.14
C ASP B 253 20.71 29.99 -16.89
N ASN B 254 19.89 30.06 -15.84
CA ASN B 254 20.26 29.45 -14.58
C ASN B 254 20.11 27.93 -14.62
N ARG B 255 19.43 27.39 -15.63
CA ARG B 255 19.17 25.96 -15.64
C ARG B 255 20.38 25.18 -16.12
N PHE B 256 20.82 25.42 -17.36
CA PHE B 256 21.74 24.52 -18.01
C PHE B 256 23.18 24.77 -17.61
N ALA B 257 23.96 23.70 -17.64
CA ALA B 257 25.41 23.76 -17.45
C ALA B 257 26.08 22.90 -18.51
N THR B 258 27.14 23.42 -19.11
CA THR B 258 27.92 22.66 -20.08
C THR B 258 29.12 22.03 -19.37
N VAL B 259 29.27 20.72 -19.53
CA VAL B 259 30.32 19.98 -18.85
C VAL B 259 31.17 19.27 -19.90
N THR B 260 32.49 19.39 -19.76
CA THR B 260 33.41 18.61 -20.55
C THR B 260 33.52 17.20 -19.99
N LEU B 261 33.41 16.20 -20.85
CA LEU B 261 33.55 14.80 -20.46
C LEU B 261 34.61 14.13 -21.32
N SER B 262 34.93 12.88 -20.97
CA SER B 262 35.89 12.13 -21.77
C SER B 262 35.37 11.92 -23.18
N ALA B 263 34.09 11.60 -23.30
CA ALA B 263 33.44 11.43 -24.60
C ALA B 263 31.94 11.62 -24.41
N THR B 264 31.27 12.07 -25.46
CA THR B 264 29.82 12.12 -25.50
C THR B 264 29.23 11.02 -26.37
N THR B 265 30.02 10.03 -26.74
CA THR B 265 29.54 8.95 -27.59
C THR B 265 28.45 8.17 -26.87
N GLY B 266 27.31 7.99 -27.55
CA GLY B 266 26.18 7.31 -26.98
C GLY B 266 25.25 8.17 -26.17
N MET B 267 25.58 9.44 -25.97
CA MET B 267 24.77 10.36 -25.18
C MET B 267 23.87 11.15 -26.10
N LYS B 268 22.62 11.33 -25.68
CA LYS B 268 21.63 12.02 -26.48
C LYS B 268 20.79 12.91 -25.58
N ARG B 269 20.02 13.79 -26.21
CA ARG B 269 19.10 14.65 -25.46
C ARG B 269 18.10 13.81 -24.68
N GLY B 270 17.80 14.25 -23.46
CA GLY B 270 16.84 13.55 -22.64
C GLY B 270 17.38 12.37 -21.89
N ASP B 271 18.68 12.16 -21.88
CA ASP B 271 19.27 11.08 -21.10
C ASP B 271 19.52 11.53 -19.67
N LYS B 272 19.42 10.59 -18.74
CA LYS B 272 19.52 10.88 -17.32
C LYS B 272 20.84 10.35 -16.79
N ILE B 273 21.63 11.22 -16.17
CA ILE B 273 22.97 10.89 -15.71
C ILE B 273 23.14 11.36 -14.27
N SER B 274 24.15 10.80 -13.61
CA SER B 274 24.54 11.24 -12.28
C SER B 274 26.03 11.03 -12.13
N PHE B 275 26.66 11.89 -11.33
CA PHE B 275 28.09 11.84 -11.13
C PHE B 275 28.42 11.15 -9.81
N ALA B 276 29.41 10.26 -9.86
CA ALA B 276 29.73 9.41 -8.72
C ALA B 276 30.26 10.24 -7.57
N GLY B 277 29.49 10.33 -6.49
CA GLY B 277 29.87 11.05 -5.30
C GLY B 277 29.08 12.33 -5.10
N VAL B 278 28.49 12.85 -6.17
CA VAL B 278 27.73 14.10 -6.08
C VAL B 278 26.34 13.79 -5.55
N LYS B 279 25.89 14.58 -4.58
CA LYS B 279 24.60 14.38 -3.95
C LYS B 279 23.80 15.67 -4.00
N PHE B 280 22.49 15.53 -3.88
CA PHE B 280 21.65 16.72 -3.78
C PHE B 280 21.86 17.42 -2.45
N LEU B 281 21.42 18.67 -2.40
CA LEU B 281 21.31 19.44 -1.18
C LEU B 281 19.86 19.84 -0.98
N GLY B 282 19.43 19.88 0.28
CA GLY B 282 18.17 20.53 0.61
C GLY B 282 18.31 22.00 0.31
N GLN B 283 17.50 22.52 -0.60
CA GLN B 283 17.81 23.82 -1.18
C GLN B 283 17.78 24.94 -0.15
N MET B 284 16.99 24.80 0.92
CA MET B 284 16.98 25.80 1.96
C MET B 284 18.07 25.53 3.00
N ALA B 285 18.05 24.35 3.61
CA ALA B 285 18.94 24.04 4.73
C ALA B 285 20.34 23.65 4.28
N LYS B 286 20.56 23.43 2.98
CA LYS B 286 21.87 23.07 2.45
C LYS B 286 22.40 21.78 3.07
N ASN B 287 21.50 20.92 3.52
CA ASN B 287 21.87 19.62 4.07
C ASN B 287 21.98 18.61 2.95
N VAL B 288 22.90 17.67 3.09
CA VAL B 288 23.15 16.70 2.04
C VAL B 288 22.09 15.61 2.11
N LEU B 289 21.35 15.44 1.01
CA LEU B 289 20.40 14.35 0.88
C LEU B 289 21.11 13.03 0.69
N ALA B 290 20.34 11.95 0.82
CA ALA B 290 20.87 10.60 0.61
C ALA B 290 20.91 10.23 -0.86
N GLN B 291 20.26 10.99 -1.73
CA GLN B 291 20.13 10.67 -3.13
C GLN B 291 21.21 11.36 -3.95
N ASP B 292 21.78 10.62 -4.89
CA ASP B 292 22.66 11.22 -5.88
C ASP B 292 21.90 12.27 -6.67
N ALA B 293 22.57 13.38 -6.95
CA ALA B 293 21.99 14.38 -7.83
C ALA B 293 21.82 13.80 -9.22
N THR B 294 20.66 14.05 -9.82
CA THR B 294 20.33 13.51 -11.12
C THR B 294 20.21 14.65 -12.12
N PHE B 295 20.75 14.45 -13.31
CA PHE B 295 20.76 15.46 -14.35
C PHE B 295 20.26 14.84 -15.65
N SER B 296 19.53 15.63 -16.43
CA SER B 296 19.10 15.20 -17.74
C SER B 296 19.92 15.93 -18.79
N VAL B 297 20.36 15.19 -19.81
CA VAL B 297 21.11 15.78 -20.90
C VAL B 297 20.15 16.57 -21.78
N VAL B 298 20.41 17.87 -21.90
CA VAL B 298 19.62 18.70 -22.80
C VAL B 298 20.19 18.70 -24.21
N ARG B 299 21.50 18.84 -24.35
CA ARG B 299 22.05 19.02 -25.68
C ARG B 299 23.49 18.53 -25.68
N VAL B 300 23.83 17.77 -26.71
CA VAL B 300 25.21 17.41 -27.01
C VAL B 300 25.69 18.39 -28.07
N VAL B 301 26.78 19.08 -27.79
CA VAL B 301 27.33 20.06 -28.73
C VAL B 301 28.56 19.52 -29.44
N ASP B 302 29.50 18.91 -28.71
CA ASP B 302 30.70 18.38 -29.32
C ASP B 302 30.87 16.92 -28.98
N GLY B 303 32.01 16.33 -29.30
CA GLY B 303 32.33 15.01 -28.83
C GLY B 303 32.82 14.96 -27.41
N THR B 304 33.06 16.11 -26.79
CA THR B 304 33.52 16.17 -25.42
C THR B 304 32.69 17.08 -24.53
N HIS B 305 31.73 17.82 -25.07
CA HIS B 305 30.97 18.80 -24.30
C HIS B 305 29.48 18.47 -24.37
N VAL B 306 28.83 18.49 -23.22
CA VAL B 306 27.42 18.16 -23.10
C VAL B 306 26.76 19.23 -22.23
N GLU B 307 25.46 19.36 -22.34
CA GLU B 307 24.68 20.31 -21.56
C GLU B 307 23.71 19.56 -20.65
N ILE B 308 23.65 19.96 -19.39
CA ILE B 308 22.79 19.30 -18.41
C ILE B 308 21.92 20.34 -17.73
N THR B 309 20.64 20.02 -17.55
CA THR B 309 19.61 21.00 -17.20
C THR B 309 19.62 21.50 -15.75
N PRO B 310 20.11 20.75 -14.75
CA PRO B 310 20.37 21.42 -13.48
C PRO B 310 21.82 21.86 -13.38
N LYS B 311 22.05 23.13 -13.08
CA LYS B 311 23.42 23.61 -12.95
C LYS B 311 23.94 23.23 -11.58
N PRO B 312 24.96 22.37 -11.48
CA PRO B 312 25.40 21.88 -10.17
C PRO B 312 26.31 22.89 -9.48
N VAL B 313 25.78 23.54 -8.44
CA VAL B 313 26.53 24.49 -7.64
C VAL B 313 26.91 23.81 -6.33
N ALA B 314 28.21 23.63 -6.11
CA ALA B 314 28.68 22.85 -4.98
C ALA B 314 28.73 23.68 -3.71
N LEU B 315 28.57 22.99 -2.58
CA LEU B 315 28.63 23.61 -1.28
C LEU B 315 30.04 23.68 -0.70
N ASP B 316 31.02 23.05 -1.35
CA ASP B 316 32.33 22.92 -0.75
C ASP B 316 33.41 23.77 -1.41
N ASP B 317 33.20 24.23 -2.64
CA ASP B 317 34.29 24.92 -3.33
C ASP B 317 34.54 26.29 -2.71
N VAL B 318 35.83 26.61 -2.54
CA VAL B 318 36.21 27.83 -1.85
C VAL B 318 36.03 29.05 -2.76
N SER B 319 35.83 28.83 -4.06
CA SER B 319 35.72 29.94 -5.00
C SER B 319 34.37 30.64 -4.96
N LEU B 320 33.40 30.10 -4.23
CA LEU B 320 32.05 30.66 -4.22
C LEU B 320 31.93 31.75 -3.16
N SER B 321 31.48 32.92 -3.57
CA SER B 321 31.14 33.98 -2.63
C SER B 321 29.86 33.62 -1.89
N PRO B 322 29.61 34.24 -0.73
CA PRO B 322 28.44 33.83 0.07
C PRO B 322 27.11 33.90 -0.65
N GLU B 323 26.86 34.98 -1.40
CA GLU B 323 25.62 35.06 -2.16
C GLU B 323 25.60 34.03 -3.29
N GLN B 324 26.77 33.71 -3.85
CA GLN B 324 26.85 32.61 -4.80
C GLN B 324 26.58 31.28 -4.11
N ARG B 325 27.13 31.09 -2.92
CA ARG B 325 26.96 29.82 -2.22
C ARG B 325 25.56 29.63 -1.69
N ALA B 326 24.77 30.70 -1.59
CA ALA B 326 23.39 30.55 -1.15
C ALA B 326 22.55 29.75 -2.15
N TYR B 327 22.99 29.66 -3.39
CA TYR B 327 22.24 28.96 -4.43
C TYR B 327 22.76 27.55 -4.67
N ALA B 328 23.50 26.98 -3.72
CA ALA B 328 24.07 25.67 -3.93
C ALA B 328 22.97 24.61 -3.93
N ASN B 329 23.19 23.57 -4.73
CA ASN B 329 22.25 22.47 -4.80
C ASN B 329 22.91 21.11 -4.70
N VAL B 330 24.25 21.05 -4.64
CA VAL B 330 24.96 19.79 -4.48
C VAL B 330 26.04 19.99 -3.43
N ASN B 331 26.63 18.87 -2.99
CA ASN B 331 27.62 18.93 -1.92
C ASN B 331 29.03 19.15 -2.45
N THR B 332 29.34 18.63 -3.62
CA THR B 332 30.71 18.68 -4.14
C THR B 332 30.67 18.94 -5.63
N SER B 333 31.79 19.41 -6.16
CA SER B 333 31.92 19.77 -7.57
C SER B 333 32.58 18.63 -8.33
N LEU B 334 32.36 18.63 -9.64
CA LEU B 334 32.84 17.54 -10.48
C LEU B 334 34.36 17.54 -10.51
N ALA B 335 34.95 16.42 -10.13
CA ALA B 335 36.38 16.25 -10.01
C ALA B 335 36.95 15.62 -11.27
N ASP B 336 38.28 15.63 -11.35
CA ASP B 336 38.98 14.97 -12.44
C ASP B 336 38.68 13.47 -12.42
N ALA B 337 38.43 12.92 -13.60
CA ALA B 337 38.18 11.49 -13.79
C ALA B 337 37.02 10.99 -12.97
N MET B 338 36.04 11.84 -12.67
CA MET B 338 34.86 11.40 -11.95
C MET B 338 34.00 10.51 -12.83
N ALA B 339 33.48 9.43 -12.25
CA ALA B 339 32.65 8.50 -13.00
C ALA B 339 31.28 9.09 -13.25
N VAL B 340 30.77 8.89 -14.46
CA VAL B 340 29.44 9.33 -14.86
C VAL B 340 28.55 8.11 -14.93
N ASN B 341 27.47 8.12 -14.16
CA ASN B 341 26.57 6.99 -14.07
C ASN B 341 25.38 7.21 -15.00
N ILE B 342 25.16 6.28 -15.91
CA ILE B 342 24.02 6.31 -16.81
C ILE B 342 22.84 5.69 -16.09
N LEU B 343 21.74 6.43 -16.00
CA LEU B 343 20.58 5.94 -15.28
C LEU B 343 19.57 5.24 -16.18
N ASN B 344 19.42 5.68 -17.42
CA ASN B 344 18.49 5.03 -18.35
C ASN B 344 19.25 3.97 -19.14
N VAL B 345 19.42 2.81 -18.50
CA VAL B 345 20.19 1.73 -19.09
C VAL B 345 19.35 0.79 -19.95
N LYS B 346 18.03 0.94 -19.93
CA LYS B 346 17.14 0.10 -20.73
C LYS B 346 16.05 0.98 -21.34
N ASP B 347 15.57 0.57 -22.51
CA ASP B 347 14.47 1.29 -23.13
C ASP B 347 13.22 1.13 -22.29
N ALA B 348 12.54 2.24 -22.00
CA ALA B 348 11.41 2.20 -21.11
C ALA B 348 10.47 3.36 -21.41
N ARG B 349 9.18 3.10 -21.34
CA ARG B 349 8.21 4.17 -21.34
C ARG B 349 8.32 4.94 -20.03
N THR B 350 8.20 6.26 -20.13
CA THR B 350 8.46 7.14 -19.00
C THR B 350 7.17 7.44 -18.25
N ASN B 351 7.30 7.58 -16.94
CA ASN B 351 6.27 8.24 -16.15
C ASN B 351 6.81 9.59 -15.72
N VAL B 352 5.96 10.61 -15.80
CA VAL B 352 6.38 11.99 -15.58
C VAL B 352 5.63 12.53 -14.39
N PHE B 353 6.36 13.19 -13.49
CA PHE B 353 5.75 13.95 -12.42
C PHE B 353 6.37 15.33 -12.37
N TRP B 354 5.56 16.32 -12.02
CA TRP B 354 6.04 17.66 -11.78
C TRP B 354 5.27 18.36 -10.68
N ALA B 355 5.83 19.47 -10.24
CA ALA B 355 5.08 20.54 -9.60
C ALA B 355 4.37 21.32 -10.70
N ASP B 356 3.12 21.68 -10.45
CA ASP B 356 2.22 22.04 -11.54
C ASP B 356 2.69 23.24 -12.34
N ASP B 357 3.53 24.10 -11.79
CA ASP B 357 3.99 25.29 -12.49
C ASP B 357 5.30 25.07 -13.23
N ALA B 358 5.88 23.88 -13.18
CA ALA B 358 7.21 23.67 -13.74
C ALA B 358 7.20 23.65 -15.27
N ILE B 359 6.07 23.35 -15.88
CA ILE B 359 5.91 23.37 -17.33
C ILE B 359 5.06 24.56 -17.72
N ARG B 360 5.47 25.26 -18.77
CA ARG B 360 4.80 26.45 -19.26
C ARG B 360 4.55 26.34 -20.75
N ILE B 361 3.36 26.72 -21.18
CA ILE B 361 3.03 26.81 -22.60
C ILE B 361 2.98 28.29 -22.94
N VAL B 362 3.91 28.74 -23.77
CA VAL B 362 3.98 30.13 -24.18
C VAL B 362 3.39 30.23 -25.58
N SER B 363 2.38 31.08 -25.74
CA SER B 363 1.66 31.22 -27.00
C SER B 363 1.65 32.66 -27.44
N GLN B 364 1.73 32.87 -28.75
CA GLN B 364 1.70 34.20 -29.33
C GLN B 364 0.64 34.28 -30.42
N PRO B 365 0.00 35.43 -30.58
CA PRO B 365 -0.93 35.60 -31.69
C PRO B 365 -0.19 35.78 -33.00
N ILE B 366 -0.88 35.43 -34.08
CA ILE B 366 -0.37 35.69 -35.43
C ILE B 366 -1.21 36.83 -36.01
N PRO B 367 -0.64 38.02 -36.16
CA PRO B 367 -1.44 39.21 -36.52
C PRO B 367 -1.78 39.27 -38.01
N ALA B 368 -2.52 38.27 -38.48
CA ALA B 368 -2.98 38.27 -39.87
C ALA B 368 -4.16 39.21 -40.08
N ASN B 369 -4.72 39.77 -39.02
CA ASN B 369 -5.77 40.77 -39.11
C ASN B 369 -5.22 42.18 -39.21
N HIS B 370 -3.90 42.34 -39.30
CA HIS B 370 -3.31 43.63 -39.58
C HIS B 370 -3.73 44.12 -40.96
N GLU B 371 -3.54 45.42 -41.20
CA GLU B 371 -3.99 46.01 -42.46
C GLU B 371 -3.18 45.51 -43.65
N LEU B 372 -1.98 44.98 -43.41
CA LEU B 372 -1.14 44.50 -44.51
C LEU B 372 -1.73 43.27 -45.19
N PHE B 373 -2.53 42.50 -44.48
CA PHE B 373 -3.16 41.29 -45.03
C PHE B 373 -4.59 41.58 -45.46
N ALA B 374 -4.72 42.43 -46.47
CA ALA B 374 -6.02 42.96 -46.84
C ALA B 374 -6.92 41.89 -47.47
N GLY B 375 -6.39 41.14 -48.44
CA GLY B 375 -7.24 40.22 -49.17
C GLY B 375 -7.73 39.06 -48.34
N MET B 376 -6.84 38.41 -47.61
CA MET B 376 -7.17 37.25 -46.83
C MET B 376 -8.00 37.62 -45.60
N LYS B 377 -8.97 36.78 -45.28
CA LYS B 377 -9.91 37.02 -44.20
C LYS B 377 -9.56 36.11 -43.02
N THR B 378 -9.41 36.70 -41.84
CA THR B 378 -8.92 35.98 -40.67
C THR B 378 -9.91 36.11 -39.52
N THR B 379 -10.09 35.01 -38.79
CA THR B 379 -10.84 35.01 -37.54
C THR B 379 -10.07 34.19 -36.52
N SER B 380 -10.48 34.32 -35.26
CA SER B 380 -9.85 33.58 -34.18
C SER B 380 -10.36 32.15 -34.15
N PHE B 381 -9.45 31.21 -33.93
CA PHE B 381 -9.76 29.79 -33.90
C PHE B 381 -9.44 29.24 -32.52
N SER B 382 -10.43 28.63 -31.87
CA SER B 382 -10.28 28.11 -30.53
C SER B 382 -10.02 26.61 -30.58
N ILE B 383 -8.91 26.18 -30.00
CA ILE B 383 -8.53 24.77 -29.98
C ILE B 383 -9.14 24.14 -28.73
N PRO B 384 -9.84 23.01 -28.84
CA PRO B 384 -10.62 22.49 -27.72
C PRO B 384 -9.77 21.98 -26.56
N ASP B 385 -10.34 22.07 -25.36
CA ASP B 385 -9.86 21.39 -24.16
C ASP B 385 -8.54 21.96 -23.65
N VAL B 386 -7.97 22.90 -24.38
CA VAL B 386 -6.74 23.56 -23.97
C VAL B 386 -6.95 25.07 -24.06
N GLY B 387 -6.08 25.81 -23.38
CA GLY B 387 -6.20 27.25 -23.38
C GLY B 387 -5.45 27.90 -24.51
N LEU B 388 -5.69 27.45 -25.74
CA LEU B 388 -4.96 27.94 -26.89
C LEU B 388 -5.95 28.44 -27.95
N ASN B 389 -5.61 29.56 -28.57
CA ASN B 389 -6.36 30.09 -29.69
C ASN B 389 -5.43 30.32 -30.87
N GLY B 390 -5.95 30.14 -32.07
CA GLY B 390 -5.18 30.39 -33.26
C GLY B 390 -5.83 31.38 -34.17
N ILE B 391 -5.64 31.23 -35.47
CA ILE B 391 -6.34 32.03 -36.47
C ILE B 391 -6.94 31.10 -37.49
N PHE B 392 -8.02 31.54 -38.12
CA PHE B 392 -8.63 30.83 -39.23
C PHE B 392 -8.66 31.77 -40.43
N ALA B 393 -7.87 31.46 -41.45
CA ALA B 393 -7.69 32.34 -42.59
C ALA B 393 -8.23 31.68 -43.86
N THR B 394 -8.81 32.50 -44.74
CA THR B 394 -9.27 32.04 -46.04
C THR B 394 -8.90 33.06 -47.10
N GLN B 395 -8.67 32.58 -48.31
CA GLN B 395 -8.38 33.47 -49.43
C GLN B 395 -8.83 32.80 -50.71
N GLY B 396 -9.32 33.62 -51.63
CA GLY B 396 -9.83 33.12 -52.90
C GLY B 396 -8.91 33.47 -54.06
N ASP B 397 -9.03 32.71 -55.14
CA ASP B 397 -8.33 32.97 -56.38
C ASP B 397 -9.34 33.01 -57.52
N ILE B 398 -9.35 34.10 -58.28
CA ILE B 398 -10.39 34.27 -59.28
C ILE B 398 -10.05 33.55 -60.57
N SER B 399 -8.76 33.32 -60.85
CA SER B 399 -8.40 32.62 -62.07
C SER B 399 -8.82 31.16 -62.01
N THR B 400 -8.60 30.50 -60.87
CA THR B 400 -8.92 29.09 -60.73
C THR B 400 -10.27 28.85 -60.08
N LEU B 401 -10.89 29.88 -59.51
CA LEU B 401 -12.10 29.74 -58.69
C LEU B 401 -11.88 28.72 -57.57
N SER B 402 -10.72 28.81 -56.94
CA SER B 402 -10.33 27.93 -55.86
C SER B 402 -9.93 28.77 -54.65
N GLY B 403 -10.21 28.26 -53.46
CA GLY B 403 -9.87 28.94 -52.24
C GLY B 403 -8.75 28.23 -51.48
N LEU B 404 -8.28 28.90 -50.44
CA LEU B 404 -7.28 28.35 -49.55
C LEU B 404 -7.75 28.58 -48.12
N CYS B 405 -7.60 27.57 -47.27
CA CYS B 405 -7.99 27.66 -45.86
C CYS B 405 -6.82 27.25 -44.98
N ARG B 406 -6.48 28.09 -44.03
CA ARG B 406 -5.32 27.86 -43.16
C ARG B 406 -5.72 28.06 -41.71
N ILE B 407 -5.36 27.10 -40.87
CA ILE B 407 -5.50 27.23 -39.42
C ILE B 407 -4.09 27.23 -38.85
N ALA B 408 -3.68 28.37 -38.31
CA ALA B 408 -2.34 28.51 -37.75
C ALA B 408 -2.44 28.60 -36.23
N LEU B 409 -1.61 27.81 -35.55
CA LEU B 409 -1.49 27.86 -34.11
C LEU B 409 -0.03 28.06 -33.76
N TRP B 410 0.25 29.03 -32.91
CA TRP B 410 1.63 29.37 -32.53
C TRP B 410 1.76 29.24 -31.02
N TYR B 411 2.73 28.46 -30.58
CA TYR B 411 2.95 28.23 -29.16
C TYR B 411 4.37 27.72 -28.95
N GLY B 412 4.78 27.69 -27.69
CA GLY B 412 6.03 27.07 -27.31
C GLY B 412 5.92 26.39 -25.97
N VAL B 413 6.48 25.19 -25.84
CA VAL B 413 6.48 24.46 -24.59
C VAL B 413 7.81 24.73 -23.89
N ASN B 414 7.74 25.20 -22.65
CA ASN B 414 8.94 25.56 -21.90
C ASN B 414 8.86 24.96 -20.51
N ALA B 415 9.96 24.37 -20.08
CA ALA B 415 10.10 23.83 -18.73
C ALA B 415 10.87 24.85 -17.91
N THR B 416 10.15 25.71 -17.19
CA THR B 416 10.80 26.75 -16.42
C THR B 416 11.47 26.23 -15.16
N ARG B 417 11.01 25.11 -14.62
CA ARG B 417 11.60 24.49 -13.44
C ARG B 417 11.94 23.04 -13.74
N PRO B 418 12.97 22.79 -14.54
CA PRO B 418 13.34 21.40 -14.83
C PRO B 418 13.77 20.63 -13.61
N GLU B 419 14.21 21.31 -12.55
CA GLU B 419 14.54 20.65 -11.30
C GLU B 419 13.30 20.20 -10.55
N ALA B 420 12.13 20.71 -10.91
CA ALA B 420 10.86 20.26 -10.34
C ALA B 420 10.07 19.36 -11.28
N ILE B 421 10.68 18.86 -12.33
CA ILE B 421 10.08 17.87 -13.20
C ILE B 421 10.82 16.56 -13.00
N GLY B 422 10.08 15.46 -12.93
CA GLY B 422 10.67 14.17 -12.69
C GLY B 422 10.30 13.17 -13.76
N VAL B 423 11.09 12.11 -13.84
CA VAL B 423 10.80 10.97 -14.69
C VAL B 423 10.94 9.71 -13.85
N GLY B 424 10.01 8.79 -14.01
CA GLY B 424 10.13 7.49 -13.42
C GLY B 424 10.49 6.45 -14.47
N LEU B 425 11.52 5.64 -14.24
CA LEU B 425 11.99 4.66 -15.20
C LEU B 425 12.02 3.28 -14.56
N PRO B 426 10.95 2.50 -14.72
CA PRO B 426 10.92 1.18 -14.10
C PRO B 426 11.72 0.16 -14.90
N GLY B 427 12.21 -0.84 -14.18
CA GLY B 427 12.88 -1.96 -14.81
C GLY B 427 14.18 -1.62 -15.50
N GLN B 428 15.01 -0.79 -14.88
CA GLN B 428 16.33 -0.48 -15.42
C GLN B 428 17.31 -1.51 -14.85
N THR B 429 17.37 -2.66 -15.51
CA THR B 429 18.26 -3.75 -15.13
C THR B 429 19.04 -4.18 -16.38
N ALA B 430 20.22 -3.63 -16.56
CA ALA B 430 21.05 -3.96 -17.72
C ALA B 430 22.51 -3.69 -17.43
N ALA C 2 33.63 50.41 27.13
CA ALA C 2 32.52 49.52 27.42
C ALA C 2 31.67 50.06 28.57
N LEU C 3 30.59 49.37 28.89
CA LEU C 3 29.74 49.71 30.02
C LEU C 3 30.05 48.75 31.16
N ASN C 4 30.81 49.22 32.14
CA ASN C 4 31.12 48.45 33.33
C ASN C 4 30.19 48.91 34.45
N GLU C 5 29.22 48.09 34.79
CA GLU C 5 28.26 48.39 35.84
C GLU C 5 28.08 47.15 36.69
N GLY C 6 27.26 47.27 37.74
CA GLY C 6 27.09 46.19 38.69
C GLY C 6 26.44 44.98 38.05
N GLN C 7 27.03 43.81 38.28
CA GLN C 7 26.49 42.56 37.75
C GLN C 7 25.61 41.88 38.78
N ILE C 8 24.58 41.20 38.29
CA ILE C 8 23.68 40.44 39.13
C ILE C 8 23.65 39.00 38.64
N VAL C 9 23.15 38.12 39.50
CA VAL C 9 22.84 36.74 39.14
C VAL C 9 21.35 36.55 39.39
N THR C 10 20.63 36.14 38.35
CA THR C 10 19.19 35.99 38.44
C THR C 10 18.83 34.51 38.52
N LEU C 11 18.14 34.13 39.58
CA LEU C 11 17.57 32.79 39.71
C LEU C 11 16.06 32.94 39.70
N ALA C 12 15.39 32.23 38.81
CA ALA C 12 13.94 32.28 38.70
C ALA C 12 13.39 31.15 39.56
N VAL C 13 13.17 31.45 40.85
CA VAL C 13 12.82 30.43 41.82
C VAL C 13 11.52 29.73 41.44
N ASP C 14 10.57 30.48 40.88
CA ASP C 14 9.26 29.93 40.58
C ASP C 14 9.26 28.86 39.50
N GLU C 15 10.18 28.94 38.54
CA GLU C 15 10.06 28.12 37.33
C GLU C 15 10.03 26.63 37.64
N ILE C 16 11.14 26.10 38.13
CA ILE C 16 11.31 24.67 38.42
C ILE C 16 11.15 23.86 37.16
N ILE C 17 12.23 23.18 36.76
CA ILE C 17 12.16 22.22 35.67
C ILE C 17 11.61 20.92 36.25
N GLU C 18 10.32 20.67 36.03
CA GLU C 18 9.74 19.40 36.45
C GLU C 18 10.32 18.29 35.59
N THR C 19 10.81 17.23 36.24
CA THR C 19 11.55 16.20 35.53
C THR C 19 11.14 14.78 35.86
N ILE C 20 10.34 14.54 36.88
CA ILE C 20 9.99 13.18 37.30
C ILE C 20 8.50 12.98 37.11
N SER C 21 8.13 11.81 36.59
CA SER C 21 6.73 11.43 36.48
C SER C 21 6.67 9.92 36.69
N ALA C 22 6.41 9.50 37.92
CA ALA C 22 6.38 8.10 38.28
C ALA C 22 4.97 7.66 38.61
N ILE C 23 4.71 6.37 38.42
CA ILE C 23 3.41 5.77 38.72
C ILE C 23 3.64 4.53 39.57
N THR C 24 2.61 4.19 40.34
CA THR C 24 2.67 3.07 41.28
C THR C 24 1.44 2.19 41.14
N PRO C 25 1.33 1.43 40.05
CA PRO C 25 0.14 0.58 39.86
C PRO C 25 0.14 -0.67 40.73
N MET C 26 1.31 -1.30 40.85
CA MET C 26 1.40 -2.58 41.54
C MET C 26 1.04 -2.44 43.02
N ALA C 27 1.46 -1.35 43.65
CA ALA C 27 1.10 -1.13 45.04
C ALA C 27 -0.34 -0.67 45.20
N GLN C 28 -0.85 0.09 44.23
CA GLN C 28 -2.26 0.45 44.26
C GLN C 28 -3.14 -0.77 44.19
N LYS C 29 -2.71 -1.80 43.46
CA LYS C 29 -3.55 -2.98 43.31
C LYS C 29 -3.55 -3.87 44.55
N ALA C 30 -2.46 -3.87 45.32
CA ALA C 30 -2.41 -4.68 46.53
C ALA C 30 -3.29 -4.08 47.62
N LYS C 31 -3.71 -4.92 48.55
CA LYS C 31 -4.61 -4.51 49.61
C LYS C 31 -3.84 -4.20 50.88
N LYS C 32 -4.32 -3.21 51.63
CA LYS C 32 -3.66 -2.73 52.84
C LYS C 32 -4.43 -3.18 54.07
N TYR C 33 -3.70 -3.71 55.05
CA TYR C 33 -4.30 -4.20 56.29
C TYR C 33 -3.63 -3.54 57.48
N THR C 34 -4.43 -3.13 58.45
CA THR C 34 -3.94 -2.58 59.70
C THR C 34 -4.46 -3.44 60.85
N PRO C 35 -3.67 -4.38 61.35
CA PRO C 35 -4.11 -5.20 62.47
C PRO C 35 -4.21 -4.37 63.73
N PRO C 36 -4.87 -4.87 64.77
CA PRO C 36 -4.88 -4.17 66.06
C PRO C 36 -3.47 -3.96 66.58
N ALA C 37 -3.18 -2.74 67.03
CA ALA C 37 -1.82 -2.39 67.43
C ALA C 37 -1.44 -3.03 68.75
N ALA C 38 -2.38 -3.10 69.69
CA ALA C 38 -2.07 -3.67 71.01
C ALA C 38 -1.76 -5.15 70.92
N SER C 39 -2.42 -5.86 70.00
CA SER C 39 -2.06 -7.25 69.77
C SER C 39 -0.72 -7.37 69.06
N MET C 40 -0.51 -6.56 68.02
CA MET C 40 0.71 -6.64 67.25
C MET C 40 1.93 -6.28 68.05
N GLN C 41 1.77 -5.50 69.12
CA GLN C 41 2.89 -5.19 70.00
C GLN C 41 3.32 -6.43 70.80
N ARG C 42 2.36 -7.24 71.24
CA ARG C 42 2.69 -8.39 72.06
C ARG C 42 3.13 -9.60 71.23
N SER C 43 2.76 -9.65 69.97
CA SER C 43 3.37 -10.57 69.03
C SER C 43 4.53 -9.87 68.33
N SER C 44 5.35 -10.64 67.63
CA SER C 44 6.48 -10.00 66.96
C SER C 44 6.00 -9.36 65.67
N ASN C 45 4.95 -8.55 65.77
CA ASN C 45 4.27 -7.99 64.61
C ASN C 45 3.83 -9.08 63.65
N THR C 46 3.44 -10.23 64.20
CA THR C 46 3.14 -11.41 63.40
C THR C 46 1.72 -11.87 63.66
N ILE C 47 1.01 -12.20 62.59
CA ILE C 47 -0.32 -12.80 62.66
C ILE C 47 -0.34 -14.05 61.80
N TRP C 48 -0.92 -15.12 62.34
CA TRP C 48 -1.02 -16.38 61.62
C TRP C 48 -2.39 -16.51 60.99
N MET C 49 -2.43 -17.10 59.79
CA MET C 49 -3.63 -17.16 58.99
C MET C 49 -3.81 -18.59 58.49
N PRO C 50 -4.95 -19.22 58.74
CA PRO C 50 -5.13 -20.60 58.28
C PRO C 50 -5.22 -20.73 56.77
N VAL C 51 -4.75 -21.85 56.27
CA VAL C 51 -4.92 -22.22 54.88
C VAL C 51 -6.13 -23.14 54.79
N GLU C 52 -6.88 -23.05 53.70
CA GLU C 52 -8.09 -23.85 53.56
C GLU C 52 -7.73 -25.33 53.55
N GLN C 53 -8.62 -26.13 54.13
CA GLN C 53 -8.36 -27.54 54.34
C GLN C 53 -8.40 -28.32 53.03
N GLU C 54 -7.64 -29.42 53.01
CA GLU C 54 -7.73 -30.42 51.98
C GLU C 54 -7.92 -31.78 52.64
N SER C 55 -8.88 -32.55 52.17
CA SER C 55 -9.17 -33.80 52.85
C SER C 55 -8.85 -34.99 51.95
N PRO C 56 -8.51 -36.13 52.53
CA PRO C 56 -8.32 -37.34 51.73
C PRO C 56 -9.62 -38.14 51.62
N THR C 57 -9.55 -39.21 50.84
CA THR C 57 -10.67 -40.13 50.70
C THR C 57 -10.13 -41.56 50.68
N GLN C 58 -11.06 -42.50 50.69
CA GLN C 58 -10.73 -43.90 50.53
C GLN C 58 -11.98 -44.64 50.07
N GLU C 59 -11.76 -45.82 49.51
CA GLU C 59 -12.84 -46.61 48.93
C GLU C 59 -13.00 -47.93 49.68
N GLY C 60 -14.19 -48.49 49.58
CA GLY C 60 -14.48 -49.78 50.17
C GLY C 60 -15.56 -49.69 51.23
N TRP C 61 -16.22 -50.83 51.45
CA TRP C 61 -17.21 -50.91 52.51
C TRP C 61 -16.56 -50.96 53.88
N ASP C 62 -15.50 -51.74 54.02
CA ASP C 62 -14.84 -51.94 55.30
C ASP C 62 -13.71 -50.93 55.45
N LEU C 63 -13.76 -50.14 56.51
CA LEU C 63 -12.75 -49.12 56.78
C LEU C 63 -12.19 -49.26 58.19
N THR C 64 -12.23 -50.46 58.75
CA THR C 64 -11.74 -50.67 60.10
C THR C 64 -10.25 -50.33 60.19
N ASP C 65 -9.87 -49.67 61.27
CA ASP C 65 -8.49 -49.28 61.54
C ASP C 65 -7.91 -48.39 60.43
N LYS C 66 -8.74 -47.56 59.81
CA LYS C 66 -8.29 -46.72 58.70
C LYS C 66 -8.81 -45.29 58.80
N ALA C 67 -9.21 -44.85 59.98
CA ALA C 67 -9.63 -43.48 60.17
C ALA C 67 -8.41 -42.56 60.23
N THR C 68 -8.51 -41.42 59.56
CA THR C 68 -7.40 -40.47 59.53
C THR C 68 -7.61 -39.40 60.60
N GLY C 69 -6.68 -38.46 60.64
CA GLY C 69 -6.76 -37.32 61.52
C GLY C 69 -7.20 -36.07 60.80
N LEU C 70 -6.97 -34.93 61.43
CA LEU C 70 -7.30 -33.63 60.87
C LEU C 70 -6.04 -32.77 60.82
N LEU C 71 -5.85 -32.07 59.71
CA LEU C 71 -4.66 -31.26 59.50
C LEU C 71 -5.08 -29.88 59.00
N GLU C 72 -4.56 -28.84 59.64
CA GLU C 72 -4.86 -27.46 59.29
C GLU C 72 -3.55 -26.71 59.13
N LEU C 73 -3.34 -26.11 57.97
CA LEU C 73 -2.10 -25.40 57.72
C LEU C 73 -2.32 -23.90 57.90
N ASN C 74 -1.20 -23.18 58.02
CA ASN C 74 -1.31 -21.76 58.36
C ASN C 74 -0.07 -21.01 57.88
N VAL C 75 -0.23 -19.69 57.75
CA VAL C 75 0.75 -18.81 57.15
C VAL C 75 0.87 -17.57 58.02
N ALA C 76 2.06 -16.97 58.04
CA ALA C 76 2.35 -15.80 58.87
C ALA C 76 2.59 -14.56 58.03
N VAL C 77 2.05 -13.44 58.49
CA VAL C 77 2.39 -12.13 57.97
C VAL C 77 3.18 -11.40 59.05
N ASN C 78 3.97 -10.41 58.64
CA ASN C 78 4.82 -9.69 59.58
C ASN C 78 5.00 -8.25 59.08
N MET C 79 5.98 -7.57 59.66
CA MET C 79 6.25 -6.17 59.35
C MET C 79 7.73 -5.97 59.09
N GLY C 80 8.04 -4.86 58.41
CA GLY C 80 9.40 -4.44 58.17
C GLY C 80 9.82 -3.28 59.05
N GLU C 81 10.95 -2.69 58.68
CA GLU C 81 11.43 -1.51 59.38
C GLU C 81 10.70 -0.27 58.89
N PRO C 82 10.60 0.76 59.72
CA PRO C 82 10.00 2.02 59.27
C PRO C 82 10.82 2.67 58.17
N ASP C 83 10.12 3.41 57.31
CA ASP C 83 10.74 4.17 56.24
C ASP C 83 10.73 5.63 56.61
N ASN C 84 11.86 6.30 56.42
CA ASN C 84 12.06 7.62 56.99
C ASN C 84 12.56 8.61 55.96
N ASP C 85 12.25 9.88 56.20
CA ASP C 85 13.05 10.99 55.70
C ASP C 85 13.44 11.83 56.90
N PHE C 86 14.66 12.32 56.91
CA PHE C 86 15.23 12.96 58.09
C PHE C 86 16.23 14.01 57.66
N PHE C 87 15.96 15.26 58.00
CA PHE C 87 16.88 16.35 57.67
C PHE C 87 16.79 17.42 58.74
N GLN C 88 17.82 18.24 58.82
CA GLN C 88 17.84 19.38 59.72
C GLN C 88 18.21 20.63 58.94
N LEU C 89 17.80 21.76 59.48
CA LEU C 89 18.11 23.07 58.91
C LEU C 89 18.40 24.03 60.05
N ARG C 90 19.20 25.04 59.77
CA ARG C 90 19.39 26.12 60.74
C ARG C 90 18.32 27.19 60.52
N ALA C 91 18.10 27.97 61.57
CA ALA C 91 17.02 28.96 61.53
C ALA C 91 17.19 29.95 60.39
N ASP C 92 18.42 30.35 60.08
CA ASP C 92 18.64 31.30 58.99
C ASP C 92 18.38 30.69 57.62
N ASP C 93 18.32 29.36 57.52
CA ASP C 93 17.96 28.71 56.28
C ASP C 93 16.46 28.69 56.04
N LEU C 94 15.66 29.15 57.00
CA LEU C 94 14.22 29.17 56.85
C LEU C 94 13.69 30.55 56.48
N ARG C 95 14.57 31.50 56.15
CA ARG C 95 14.11 32.78 55.65
C ARG C 95 13.40 32.62 54.31
N ASP C 96 13.90 31.74 53.46
CA ASP C 96 13.24 31.34 52.22
C ASP C 96 12.81 29.90 52.40
N GLU C 97 11.50 29.70 52.55
CA GLU C 97 10.97 28.39 52.91
C GLU C 97 10.71 27.49 51.72
N THR C 98 11.04 27.92 50.50
CA THR C 98 10.65 27.16 49.31
C THR C 98 11.29 25.78 49.30
N ALA C 99 12.58 25.72 49.62
CA ALA C 99 13.29 24.44 49.61
C ALA C 99 12.71 23.49 50.64
N TYR C 100 12.29 24.00 51.79
CA TYR C 100 11.71 23.18 52.84
C TYR C 100 10.44 22.50 52.35
N ARG C 101 9.50 23.27 51.79
CA ARG C 101 8.25 22.69 51.30
C ARG C 101 8.51 21.73 50.15
N ARG C 102 9.42 22.09 49.25
CA ARG C 102 9.72 21.21 48.13
C ARG C 102 10.29 19.89 48.61
N ARG C 103 11.14 19.94 49.64
CA ARG C 103 11.69 18.72 50.20
C ARG C 103 10.59 17.85 50.80
N ILE C 104 9.63 18.46 51.48
CA ILE C 104 8.54 17.67 52.05
C ILE C 104 7.75 16.97 50.95
N GLN C 105 7.44 17.70 49.87
CA GLN C 105 6.67 17.11 48.78
C GLN C 105 7.43 15.96 48.12
N SER C 106 8.70 16.19 47.79
CA SER C 106 9.50 15.14 47.17
C SER C 106 9.65 13.95 48.11
N ALA C 107 9.69 14.19 49.42
CA ALA C 107 9.80 13.09 50.38
C ALA C 107 8.56 12.22 50.33
N ALA C 108 7.39 12.84 50.30
CA ALA C 108 6.15 12.07 50.21
C ALA C 108 6.15 11.21 48.96
N ARG C 109 6.53 11.80 47.83
CA ARG C 109 6.56 11.03 46.58
C ARG C 109 7.57 9.90 46.65
N LYS C 110 8.75 10.15 47.21
CA LYS C 110 9.78 9.11 47.31
C LYS C 110 9.32 7.96 48.18
N LEU C 111 8.65 8.26 49.30
CA LEU C 111 8.17 7.18 50.16
C LEU C 111 7.12 6.33 49.47
N ALA C 112 6.21 6.97 48.72
CA ALA C 112 5.22 6.19 47.98
C ALA C 112 5.89 5.28 46.96
N ASN C 113 6.86 5.82 46.22
CA ASN C 113 7.51 5.01 45.20
C ASN C 113 8.35 3.91 45.80
N ASN C 114 8.85 4.10 47.03
CA ASN C 114 9.57 3.02 47.70
C ASN C 114 8.61 1.91 48.12
N VAL C 115 7.39 2.26 48.52
CA VAL C 115 6.38 1.24 48.78
C VAL C 115 6.13 0.42 47.52
N GLU C 116 5.96 1.10 46.39
CA GLU C 116 5.72 0.38 45.13
C GLU C 116 6.90 -0.50 44.75
N LEU C 117 8.11 -0.01 44.95
CA LEU C 117 9.31 -0.79 44.66
C LEU C 117 9.37 -2.05 45.52
N LYS C 118 9.02 -1.92 46.81
CA LYS C 118 9.05 -3.08 47.69
C LYS C 118 8.02 -4.12 47.25
N VAL C 119 6.84 -3.67 46.84
CA VAL C 119 5.82 -4.61 46.39
C VAL C 119 6.31 -5.37 45.16
N ALA C 120 6.87 -4.65 44.18
CA ALA C 120 7.34 -5.31 42.97
C ALA C 120 8.48 -6.26 43.27
N ASN C 121 9.41 -5.87 44.13
CA ASN C 121 10.51 -6.75 44.47
C ASN C 121 10.03 -8.01 45.16
N MET C 122 9.09 -7.87 46.11
CA MET C 122 8.56 -9.04 46.79
C MET C 122 7.85 -9.98 45.80
N ALA C 123 7.07 -9.40 44.88
CA ALA C 123 6.36 -10.24 43.91
C ALA C 123 7.34 -10.99 43.03
N ALA C 124 8.40 -10.32 42.57
CA ALA C 124 9.38 -11.00 41.73
C ALA C 124 10.13 -12.07 42.51
N GLU C 125 10.52 -11.78 43.75
CA GLU C 125 11.39 -12.67 44.49
C GLU C 125 10.65 -13.85 45.11
N MET C 126 9.34 -13.74 45.33
CA MET C 126 8.58 -14.82 45.95
C MET C 126 7.70 -15.55 44.96
N GLY C 127 7.77 -15.22 43.68
CA GLY C 127 6.90 -15.80 42.68
C GLY C 127 7.23 -17.24 42.32
N SER C 128 6.36 -18.17 42.70
CA SER C 128 6.62 -19.58 42.47
C SER C 128 6.44 -20.00 41.02
N LEU C 129 5.38 -19.52 40.38
CA LEU C 129 5.04 -19.98 39.04
C LEU C 129 5.95 -19.30 38.04
N VAL C 130 6.76 -20.08 37.34
CA VAL C 130 7.76 -19.51 36.45
C VAL C 130 7.42 -19.95 35.03
N ILE C 131 7.13 -18.98 34.17
CA ILE C 131 6.88 -19.22 32.77
C ILE C 131 8.12 -18.77 32.01
N THR C 132 8.69 -19.66 31.23
CA THR C 132 9.96 -19.43 30.57
C THR C 132 9.78 -19.51 29.06
N SER C 133 10.54 -18.70 28.33
CA SER C 133 10.61 -18.80 26.89
C SER C 133 12.07 -18.59 26.49
N PRO C 134 12.59 -19.42 25.58
CA PRO C 134 13.94 -19.15 25.06
C PRO C 134 13.99 -17.96 24.12
N ASP C 135 12.85 -17.50 23.61
CA ASP C 135 12.81 -16.41 22.65
C ASP C 135 12.35 -15.12 23.30
N ALA C 136 12.45 -14.03 22.54
CA ALA C 136 12.35 -12.70 23.11
C ALA C 136 10.91 -12.34 23.47
N ILE C 137 9.96 -12.62 22.57
CA ILE C 137 8.53 -12.29 22.49
C ILE C 137 8.22 -11.65 21.14
N GLY C 138 9.04 -10.70 20.73
CA GLY C 138 8.75 -10.12 19.44
C GLY C 138 9.14 -10.96 18.25
N THR C 139 9.45 -12.24 18.48
CA THR C 139 10.06 -13.08 17.46
C THR C 139 9.02 -13.81 16.61
N ASN C 140 8.12 -14.55 17.24
CA ASN C 140 7.12 -15.32 16.51
C ASN C 140 5.77 -14.59 16.55
N THR C 141 4.81 -15.14 15.82
CA THR C 141 3.64 -14.38 15.43
C THR C 141 2.69 -14.07 16.59
N ALA C 142 2.66 -14.90 17.62
CA ALA C 142 1.82 -14.58 18.78
C ALA C 142 2.52 -14.96 20.08
N ASP C 143 3.80 -14.62 20.20
CA ASP C 143 4.56 -15.01 21.39
C ASP C 143 4.03 -14.32 22.64
N ALA C 144 3.61 -13.06 22.53
CA ALA C 144 3.10 -12.38 23.72
C ALA C 144 1.81 -13.01 24.21
N TRP C 145 0.89 -13.29 23.29
CA TRP C 145 -0.33 -13.97 23.66
C TRP C 145 -0.03 -15.37 24.19
N ASN C 146 0.89 -16.08 23.55
CA ASN C 146 1.25 -17.41 24.03
C ASN C 146 1.81 -17.35 25.44
N PHE C 147 2.59 -16.33 25.74
CA PHE C 147 3.29 -16.25 27.00
C PHE C 147 2.31 -15.95 28.13
N VAL C 148 1.43 -14.97 27.89
CA VAL C 148 0.36 -14.70 28.86
C VAL C 148 -0.60 -15.88 28.98
N ALA C 149 -0.86 -16.58 27.89
CA ALA C 149 -1.77 -17.73 27.94
C ALA C 149 -1.15 -18.90 28.67
N ASP C 150 0.17 -19.06 28.58
CA ASP C 150 0.86 -20.01 29.43
C ASP C 150 0.69 -19.67 30.89
N ALA C 151 0.81 -18.38 31.21
CA ALA C 151 0.56 -17.95 32.59
C ALA C 151 -0.86 -18.32 33.03
N GLU C 152 -1.84 -18.10 32.17
CA GLU C 152 -3.22 -18.43 32.55
C GLU C 152 -3.43 -19.93 32.67
N GLU C 153 -2.82 -20.70 31.76
CA GLU C 153 -3.03 -22.14 31.70
C GLU C 153 -2.40 -22.83 32.89
N ILE C 154 -1.26 -22.35 33.37
CA ILE C 154 -0.67 -22.98 34.55
C ILE C 154 -1.56 -22.78 35.77
N MET C 155 -2.22 -21.62 35.87
CA MET C 155 -3.11 -21.38 36.99
C MET C 155 -4.38 -22.20 36.89
N PHE C 156 -4.91 -22.35 35.68
CA PHE C 156 -6.08 -23.21 35.51
C PHE C 156 -5.74 -24.66 35.83
N SER C 157 -4.60 -25.14 35.34
CA SER C 157 -4.24 -26.53 35.54
C SER C 157 -3.88 -26.81 37.00
N ARG C 158 -3.29 -25.83 37.69
CA ARG C 158 -2.99 -26.01 39.10
C ARG C 158 -4.23 -25.90 39.98
N GLU C 159 -5.37 -25.52 39.40
CA GLU C 159 -6.63 -25.42 40.14
C GLU C 159 -6.54 -24.39 41.26
N LEU C 160 -5.74 -23.35 41.04
CA LEU C 160 -5.58 -22.27 42.00
C LEU C 160 -6.83 -21.42 42.06
N ASN C 161 -7.02 -20.74 43.20
CA ASN C 161 -8.15 -19.86 43.39
C ASN C 161 -7.83 -18.51 42.75
N ARG C 162 -8.72 -18.05 41.87
CA ARG C 162 -8.55 -16.77 41.21
C ARG C 162 -9.82 -15.94 41.30
N ASP C 163 -10.64 -16.19 42.33
CA ASP C 163 -11.92 -15.53 42.43
C ASP C 163 -11.78 -14.02 42.62
N MET C 164 -10.73 -13.61 43.33
CA MET C 164 -10.50 -12.18 43.53
C MET C 164 -10.08 -11.47 42.24
N GLY C 165 -9.72 -12.21 41.20
CA GLY C 165 -9.25 -11.65 39.97
C GLY C 165 -7.76 -11.88 39.79
N THR C 166 -7.32 -11.88 38.54
CA THR C 166 -5.93 -12.09 38.19
C THR C 166 -5.40 -10.87 37.47
N SER C 167 -4.13 -10.56 37.69
CA SER C 167 -3.49 -9.40 37.10
C SER C 167 -2.16 -9.82 36.48
N TYR C 168 -1.87 -9.30 35.29
CA TYR C 168 -0.59 -9.52 34.62
C TYR C 168 0.16 -8.20 34.53
N PHE C 169 1.41 -8.20 34.98
CA PHE C 169 2.25 -7.00 34.96
C PHE C 169 3.39 -7.22 33.98
N PHE C 170 3.54 -6.30 33.04
CA PHE C 170 4.54 -6.39 32.00
C PHE C 170 5.71 -5.47 32.27
N ASN C 171 6.87 -5.85 31.76
CA ASN C 171 7.96 -4.93 31.61
C ASN C 171 7.57 -3.88 30.57
N PRO C 172 8.09 -2.66 30.69
CA PRO C 172 7.97 -1.75 29.55
C PRO C 172 8.59 -2.31 28.28
N GLN C 173 9.72 -3.02 28.40
CA GLN C 173 10.32 -3.64 27.22
C GLN C 173 9.45 -4.77 26.68
N ASP C 174 8.95 -5.63 27.56
CA ASP C 174 8.14 -6.74 27.08
C ASP C 174 6.74 -6.29 26.70
N TYR C 175 6.22 -5.24 27.35
CA TYR C 175 4.99 -4.64 26.85
C TYR C 175 5.18 -4.07 25.46
N LYS C 176 6.33 -3.45 25.22
CA LYS C 176 6.61 -2.96 23.88
C LYS C 176 6.71 -4.09 22.87
N LYS C 177 7.31 -5.21 23.28
CA LYS C 177 7.41 -6.36 22.39
C LYS C 177 6.05 -6.99 22.11
N ALA C 178 5.16 -7.00 23.10
CA ALA C 178 3.78 -7.43 22.85
C ALA C 178 3.07 -6.51 21.87
N GLY C 179 3.24 -5.20 22.03
CA GLY C 179 2.65 -4.28 21.09
C GLY C 179 3.22 -4.45 19.69
N TYR C 180 4.52 -4.75 19.61
CA TYR C 180 5.15 -5.03 18.33
C TYR C 180 4.56 -6.27 17.70
N ASP C 181 4.33 -7.30 18.50
CA ASP C 181 3.65 -8.49 18.01
C ASP C 181 2.30 -8.13 17.41
N LEU C 182 1.56 -7.26 18.08
CA LEU C 182 0.26 -6.85 17.55
C LEU C 182 0.40 -6.09 16.23
N THR C 183 1.37 -5.19 16.15
CA THR C 183 1.50 -4.31 14.99
C THR C 183 2.02 -5.02 13.75
N LYS C 184 2.71 -6.14 13.90
CA LYS C 184 3.23 -6.86 12.73
C LYS C 184 2.13 -7.35 11.81
N ARG C 185 0.94 -7.61 12.34
CA ARG C 185 -0.07 -8.34 11.59
C ARG C 185 -0.54 -7.57 10.37
N ASP C 186 -0.94 -8.32 9.35
CA ASP C 186 -1.15 -7.76 8.01
C ASP C 186 -2.30 -6.77 7.98
N ILE C 187 -3.40 -7.07 8.68
CA ILE C 187 -4.62 -6.27 8.61
C ILE C 187 -4.82 -5.57 9.94
N PHE C 188 -5.23 -4.31 9.88
CA PHE C 188 -5.49 -3.52 11.07
C PHE C 188 -6.99 -3.57 11.40
N GLY C 189 -7.31 -4.16 12.54
CA GLY C 189 -8.68 -4.22 13.01
C GLY C 189 -8.96 -3.14 14.03
N ARG C 190 -9.13 -3.52 15.29
CA ARG C 190 -9.25 -2.55 16.37
C ARG C 190 -8.10 -2.63 17.35
N ILE C 191 -7.72 -3.84 17.78
CA ILE C 191 -6.62 -3.94 18.72
C ILE C 191 -5.29 -3.71 17.99
N PRO C 192 -5.10 -4.11 16.73
CA PRO C 192 -3.85 -3.70 16.06
C PRO C 192 -3.76 -2.21 15.86
N GLU C 193 -4.89 -1.54 15.60
CA GLU C 193 -4.86 -0.09 15.45
C GLU C 193 -4.60 0.60 16.77
N GLU C 194 -5.11 0.06 17.87
CA GLU C 194 -4.79 0.62 19.18
C GLU C 194 -3.33 0.40 19.53
N ALA C 195 -2.78 -0.76 19.21
CA ALA C 195 -1.36 -0.99 19.43
C ALA C 195 -0.51 -0.09 18.56
N TYR C 196 -0.98 0.21 17.35
CA TYR C 196 -0.22 1.09 16.46
C TYR C 196 -0.25 2.53 16.96
N ARG C 197 -1.44 3.03 17.29
CA ARG C 197 -1.62 4.44 17.61
C ARG C 197 -1.31 4.76 19.06
N ASP C 198 -1.32 3.78 19.95
CA ASP C 198 -1.17 4.02 21.37
C ASP C 198 -0.16 3.10 22.03
N GLY C 199 0.28 2.05 21.35
CA GLY C 199 1.20 1.10 21.93
C GLY C 199 0.53 0.19 22.95
N THR C 200 -0.80 0.20 22.97
CA THR C 200 -1.58 -0.48 23.98
C THR C 200 -2.03 -1.84 23.46
N ILE C 201 -1.64 -2.89 24.15
CA ILE C 201 -2.31 -4.17 24.03
C ILE C 201 -3.50 -4.15 24.98
N GLN C 202 -4.53 -4.92 24.67
CA GLN C 202 -5.81 -4.72 25.33
C GLN C 202 -5.71 -4.92 26.83
N ARG C 203 -6.63 -4.29 27.57
CA ARG C 203 -6.60 -4.40 29.02
C ARG C 203 -6.87 -5.82 29.49
N GLN C 204 -7.48 -6.64 28.64
CA GLN C 204 -7.67 -8.06 28.91
C GLN C 204 -6.98 -8.86 27.81
N VAL C 205 -6.08 -9.76 28.19
CA VAL C 205 -5.37 -10.59 27.24
C VAL C 205 -5.37 -12.01 27.75
N ALA C 206 -5.79 -12.94 26.88
CA ALA C 206 -5.60 -14.38 27.11
C ALA C 206 -6.25 -14.88 28.39
N GLY C 207 -7.26 -14.16 28.87
CA GLY C 207 -7.97 -14.58 30.06
C GLY C 207 -7.58 -13.86 31.33
N PHE C 208 -6.64 -12.92 31.29
CA PHE C 208 -6.30 -12.16 32.47
C PHE C 208 -7.23 -10.96 32.60
N ASP C 209 -7.68 -10.69 33.83
CA ASP C 209 -8.63 -9.62 34.05
C ASP C 209 -8.00 -8.25 33.85
N ASP C 210 -6.70 -8.13 34.10
CA ASP C 210 -6.00 -6.87 33.94
C ASP C 210 -4.60 -7.17 33.45
N VAL C 211 -4.20 -6.51 32.37
CA VAL C 211 -2.85 -6.63 31.82
C VAL C 211 -2.30 -5.22 31.66
N LEU C 212 -1.09 -4.99 32.13
CA LEU C 212 -0.53 -3.65 32.14
C LEU C 212 0.98 -3.75 32.29
N ARG C 213 1.64 -2.61 32.13
CA ARG C 213 3.08 -2.53 32.31
C ARG C 213 3.41 -1.80 33.61
N SER C 214 4.38 -2.32 34.34
CA SER C 214 4.87 -1.71 35.55
C SER C 214 6.33 -1.32 35.36
N PRO C 215 6.67 -0.04 35.41
CA PRO C 215 8.06 0.35 35.17
C PRO C 215 9.04 -0.18 36.20
N LYS C 216 8.58 -0.55 37.40
CA LYS C 216 9.46 -0.87 38.51
C LYS C 216 9.68 -2.36 38.69
N LEU C 217 9.28 -3.19 37.75
CA LEU C 217 9.56 -4.61 37.84
C LEU C 217 11.06 -4.83 37.72
N PRO C 218 11.67 -5.61 38.60
CA PRO C 218 13.14 -5.67 38.66
C PRO C 218 13.77 -6.50 37.56
N VAL C 219 15.08 -6.64 37.62
CA VAL C 219 15.85 -7.48 36.71
C VAL C 219 16.37 -8.66 37.50
N LEU C 220 15.97 -9.86 37.12
CA LEU C 220 16.66 -11.06 37.60
C LEU C 220 17.99 -11.14 36.87
N THR C 221 19.08 -10.98 37.62
CA THR C 221 20.37 -11.31 37.07
C THR C 221 20.47 -12.83 36.94
N LYS C 222 21.24 -13.28 35.97
CA LYS C 222 21.36 -14.72 35.75
C LYS C 222 22.01 -15.37 36.96
N SER C 223 21.68 -16.64 37.17
CA SER C 223 22.29 -17.38 38.26
C SER C 223 23.57 -18.04 37.79
N THR C 224 24.64 -17.89 38.59
CA THR C 224 25.95 -18.41 38.25
C THR C 224 26.19 -19.78 38.86
N ALA C 225 25.12 -20.48 39.24
CA ALA C 225 25.20 -21.81 39.82
C ALA C 225 25.19 -22.86 38.71
N THR C 226 25.82 -24.00 38.99
CA THR C 226 25.82 -25.12 38.06
C THR C 226 26.18 -26.39 38.82
N GLY C 227 25.85 -27.53 38.23
CA GLY C 227 26.15 -28.80 38.85
C GLY C 227 25.44 -29.04 40.16
N ILE C 228 24.43 -28.25 40.47
CA ILE C 228 23.76 -28.35 41.76
C ILE C 228 22.83 -29.56 41.75
N THR C 229 22.97 -30.41 42.76
CA THR C 229 22.13 -31.57 42.92
C THR C 229 21.55 -31.59 44.33
N VAL C 230 20.42 -32.27 44.47
CA VAL C 230 19.84 -32.47 45.79
C VAL C 230 20.77 -33.37 46.60
N SER C 231 20.99 -33.00 47.86
CA SER C 231 21.87 -33.77 48.76
C SER C 231 20.99 -34.65 49.64
N GLY C 232 21.13 -35.96 49.49
CA GLY C 232 20.31 -36.90 50.22
C GLY C 232 18.90 -36.97 49.66
N ALA C 233 18.10 -37.85 50.25
CA ALA C 233 16.70 -37.95 49.93
C ALA C 233 15.92 -37.21 50.99
N GLN C 234 15.20 -36.16 50.60
CA GLN C 234 14.55 -35.27 51.53
C GLN C 234 13.04 -35.27 51.29
N SER C 235 12.28 -35.39 52.38
CA SER C 235 10.83 -35.36 52.34
C SER C 235 10.34 -34.20 53.18
N PHE C 236 9.41 -33.42 52.62
CA PHE C 236 8.84 -32.27 53.30
C PHE C 236 7.38 -32.55 53.61
N LYS C 237 6.98 -32.22 54.83
CA LYS C 237 5.66 -32.61 55.29
C LYS C 237 4.85 -31.38 55.68
N PRO C 238 3.53 -31.39 55.41
CA PRO C 238 2.67 -30.30 55.87
C PRO C 238 2.37 -30.48 57.35
N VAL C 239 2.73 -29.48 58.15
CA VAL C 239 2.51 -29.52 59.59
C VAL C 239 1.96 -28.18 60.04
N ALA C 240 0.99 -28.21 60.94
CA ALA C 240 0.52 -26.98 61.56
C ALA C 240 1.55 -26.42 62.52
N TRP C 241 2.20 -27.29 63.28
CA TRP C 241 3.17 -26.87 64.27
C TRP C 241 4.21 -27.96 64.43
N GLN C 242 5.36 -27.57 64.98
CA GLN C 242 6.40 -28.52 65.30
C GLN C 242 6.93 -28.22 66.69
N LEU C 243 7.36 -29.26 67.39
CA LEU C 243 7.94 -29.08 68.70
C LEU C 243 9.38 -28.58 68.57
N ASP C 244 9.75 -27.63 69.41
CA ASP C 244 11.10 -27.13 69.42
C ASP C 244 11.92 -27.89 70.46
N ASN C 245 13.14 -27.41 70.73
CA ASN C 245 14.01 -28.08 71.67
C ASN C 245 13.42 -28.11 73.07
N ASP C 246 12.83 -27.01 73.52
CA ASP C 246 12.17 -26.97 74.82
C ASP C 246 11.02 -27.97 74.86
N GLY C 247 10.20 -28.05 73.82
CA GLY C 247 9.12 -29.00 73.78
C GLY C 247 7.74 -28.41 73.79
N ASN C 248 7.58 -27.14 73.41
CA ASN C 248 6.29 -26.52 73.26
C ASN C 248 6.05 -26.23 71.79
N LYS C 249 4.79 -26.33 71.38
CA LYS C 249 4.44 -26.25 69.96
C LYS C 249 4.62 -24.83 69.43
N VAL C 250 5.30 -24.71 68.31
CA VAL C 250 5.44 -23.44 67.61
C VAL C 250 4.90 -23.62 66.20
N ASN C 251 4.24 -22.58 65.69
CA ASN C 251 3.60 -22.68 64.39
C ASN C 251 4.64 -22.83 63.29
N VAL C 252 4.21 -23.41 62.17
CA VAL C 252 5.07 -23.63 61.01
C VAL C 252 4.43 -22.93 59.81
N ASP C 253 5.22 -22.12 59.11
CA ASP C 253 4.74 -21.46 57.91
C ASP C 253 4.75 -22.44 56.74
N ASN C 254 3.57 -22.64 56.15
CA ASN C 254 3.42 -23.67 55.12
C ASN C 254 4.18 -23.34 53.84
N ARG C 255 4.53 -22.08 53.62
CA ARG C 255 5.14 -21.70 52.35
C ARG C 255 6.54 -22.29 52.20
N PHE C 256 7.38 -22.14 53.22
CA PHE C 256 8.79 -22.35 53.00
C PHE C 256 9.21 -23.77 53.33
N ALA C 257 10.31 -24.20 52.70
CA ALA C 257 10.94 -25.48 52.95
C ALA C 257 12.44 -25.34 52.75
N THR C 258 13.22 -25.96 53.63
CA THR C 258 14.67 -25.87 53.55
C THR C 258 15.23 -27.13 52.90
N VAL C 259 16.01 -26.96 51.85
CA VAL C 259 16.52 -28.05 51.03
C VAL C 259 18.03 -28.14 51.17
N THR C 260 18.52 -29.33 51.48
CA THR C 260 19.96 -29.57 51.45
C THR C 260 20.38 -29.84 50.02
N LEU C 261 21.26 -28.98 49.50
CA LEU C 261 21.77 -29.11 48.15
C LEU C 261 23.24 -29.46 48.20
N SER C 262 23.78 -29.83 47.04
CA SER C 262 25.21 -30.11 46.95
C SER C 262 26.02 -28.87 47.27
N ALA C 263 25.61 -27.72 46.75
CA ALA C 263 26.27 -26.46 47.01
C ALA C 263 25.31 -25.34 46.66
N THR C 264 25.55 -24.17 47.23
CA THR C 264 24.70 -23.00 47.00
C THR C 264 25.51 -21.81 46.50
N THR C 265 26.56 -22.06 45.72
CA THR C 265 27.34 -20.98 45.15
C THR C 265 26.73 -20.53 43.84
N GLY C 266 26.41 -19.24 43.76
CA GLY C 266 25.68 -18.68 42.65
C GLY C 266 24.20 -18.53 42.89
N MET C 267 23.66 -19.30 43.83
CA MET C 267 22.26 -19.21 44.19
C MET C 267 22.02 -17.91 44.98
N LYS C 268 20.80 -17.39 44.86
CA LYS C 268 20.45 -16.17 45.57
C LYS C 268 18.95 -16.07 45.69
N ARG C 269 18.50 -15.19 46.58
CA ARG C 269 17.07 -14.96 46.75
C ARG C 269 16.46 -14.47 45.46
N GLY C 270 15.32 -15.03 45.09
CA GLY C 270 14.66 -14.69 43.85
C GLY C 270 15.04 -15.56 42.67
N ASP C 271 16.04 -16.42 42.83
CA ASP C 271 16.37 -17.37 41.78
C ASP C 271 15.24 -18.37 41.58
N LYS C 272 14.90 -18.63 40.33
CA LYS C 272 13.85 -19.58 39.99
C LYS C 272 14.49 -20.89 39.58
N ILE C 273 14.10 -21.98 40.24
CA ILE C 273 14.71 -23.28 40.04
C ILE C 273 13.62 -24.34 39.92
N SER C 274 14.01 -25.47 39.32
CA SER C 274 13.15 -26.63 39.27
C SER C 274 14.00 -27.87 39.47
N PHE C 275 13.36 -28.95 39.89
CA PHE C 275 14.06 -30.19 40.20
C PHE C 275 13.77 -31.22 39.11
N ALA C 276 14.82 -31.91 38.66
CA ALA C 276 14.69 -32.84 37.56
C ALA C 276 13.74 -33.97 37.89
N GLY C 277 12.62 -34.02 37.20
CA GLY C 277 11.68 -35.11 37.40
C GLY C 277 10.38 -34.69 38.05
N VAL C 278 10.43 -33.75 38.99
CA VAL C 278 9.25 -33.40 39.75
C VAL C 278 8.34 -32.55 38.87
N LYS C 279 7.05 -32.84 38.92
CA LYS C 279 6.06 -32.13 38.14
C LYS C 279 5.07 -31.47 39.09
N PHE C 280 4.39 -30.45 38.60
CA PHE C 280 3.27 -29.92 39.36
C PHE C 280 2.17 -30.98 39.46
N LEU C 281 1.10 -30.62 40.14
CA LEU C 281 0.05 -31.58 40.39
C LEU C 281 -1.25 -30.80 40.52
N GLY C 282 -2.32 -31.33 39.93
CA GLY C 282 -3.61 -30.68 40.07
C GLY C 282 -3.99 -30.62 41.52
N GLN C 283 -4.19 -29.41 42.06
CA GLN C 283 -4.16 -29.25 43.51
C GLN C 283 -5.26 -30.06 44.20
N MET C 284 -6.40 -30.26 43.54
CA MET C 284 -7.45 -31.07 44.14
C MET C 284 -7.55 -32.46 43.52
N ALA C 285 -7.38 -32.57 42.20
CA ALA C 285 -7.43 -33.89 41.58
C ALA C 285 -6.17 -34.70 41.81
N LYS C 286 -5.06 -34.05 42.18
CA LYS C 286 -3.76 -34.70 42.33
C LYS C 286 -3.31 -35.38 41.05
N ASN C 287 -3.80 -34.89 39.92
CA ASN C 287 -3.40 -35.42 38.61
C ASN C 287 -2.12 -34.74 38.16
N VAL C 288 -1.24 -35.53 37.55
CA VAL C 288 0.09 -35.02 37.23
C VAL C 288 -0.02 -34.04 36.06
N LEU C 289 0.44 -32.81 36.28
CA LEU C 289 0.51 -31.83 35.23
C LEU C 289 1.68 -32.12 34.29
N ALA C 290 1.66 -31.49 33.13
CA ALA C 290 2.75 -31.64 32.17
C ALA C 290 3.92 -30.73 32.48
N GLN C 291 3.73 -29.73 33.34
CA GLN C 291 4.75 -28.72 33.59
C GLN C 291 5.53 -29.06 34.85
N ASP C 292 6.85 -28.93 34.78
CA ASP C 292 7.70 -29.16 35.93
C ASP C 292 7.37 -28.21 37.06
N ALA C 293 7.39 -28.71 38.28
CA ALA C 293 7.21 -27.84 39.43
C ALA C 293 8.37 -26.86 39.55
N THR C 294 8.04 -25.58 39.66
CA THR C 294 9.03 -24.53 39.77
C THR C 294 8.99 -23.95 41.17
N PHE C 295 10.16 -23.53 41.65
CA PHE C 295 10.30 -22.95 42.97
C PHE C 295 11.15 -21.70 42.86
N SER C 296 10.97 -20.78 43.79
CA SER C 296 11.84 -19.62 43.91
C SER C 296 12.62 -19.71 45.20
N VAL C 297 13.84 -19.21 45.18
CA VAL C 297 14.70 -19.24 46.36
C VAL C 297 14.32 -18.08 47.27
N VAL C 298 13.90 -18.41 48.50
CA VAL C 298 13.62 -17.36 49.47
C VAL C 298 14.91 -16.79 50.03
N ARG C 299 15.84 -17.65 50.42
CA ARG C 299 17.14 -17.19 50.89
C ARG C 299 18.08 -18.39 50.96
N VAL C 300 19.37 -18.09 51.04
CA VAL C 300 20.43 -19.09 51.15
C VAL C 300 20.96 -19.02 52.58
N VAL C 301 20.79 -20.12 53.32
CA VAL C 301 21.04 -20.05 54.76
C VAL C 301 22.43 -20.57 55.08
N ASP C 302 22.90 -21.56 54.32
CA ASP C 302 24.23 -22.13 54.50
C ASP C 302 24.92 -22.17 53.15
N GLY C 303 26.05 -22.84 53.09
CA GLY C 303 26.63 -23.18 51.80
C GLY C 303 25.99 -24.37 51.14
N THR C 304 25.16 -25.11 51.87
CA THR C 304 24.49 -26.28 51.33
C THR C 304 23.00 -26.29 51.58
N HIS C 305 22.42 -25.28 52.20
CA HIS C 305 21.01 -25.27 52.55
C HIS C 305 20.36 -24.03 51.96
N VAL C 306 19.21 -24.24 51.31
CA VAL C 306 18.46 -23.17 50.65
C VAL C 306 17.01 -23.29 51.10
N GLU C 307 16.27 -22.21 50.95
CA GLU C 307 14.87 -22.20 51.32
C GLU C 307 14.04 -21.74 50.12
N ILE C 308 13.04 -22.54 49.76
CA ILE C 308 12.28 -22.36 48.53
C ILE C 308 10.81 -22.18 48.88
N THR C 309 10.17 -21.18 48.27
CA THR C 309 8.86 -20.74 48.74
C THR C 309 7.70 -21.69 48.47
N PRO C 310 7.77 -22.62 47.51
CA PRO C 310 6.77 -23.71 47.54
C PRO C 310 7.33 -24.88 48.31
N LYS C 311 6.62 -25.38 49.31
CA LYS C 311 7.09 -26.58 50.00
C LYS C 311 6.69 -27.80 49.18
N PRO C 312 7.65 -28.58 48.69
CA PRO C 312 7.31 -29.71 47.82
C PRO C 312 6.77 -30.89 48.63
N VAL C 313 5.46 -31.09 48.56
CA VAL C 313 4.81 -32.23 49.17
C VAL C 313 4.54 -33.25 48.07
N ALA C 314 5.20 -34.40 48.16
CA ALA C 314 5.19 -35.38 47.09
C ALA C 314 4.03 -36.34 47.23
N LEU C 315 3.29 -36.55 46.14
CA LEU C 315 2.19 -37.51 46.18
C LEU C 315 2.70 -38.92 46.44
N ASP C 316 3.79 -39.31 45.79
CA ASP C 316 4.32 -40.66 45.96
C ASP C 316 5.06 -40.84 47.27
N ASP C 317 5.30 -39.77 48.02
CA ASP C 317 5.98 -39.88 49.30
C ASP C 317 5.16 -40.76 50.26
N VAL C 318 5.85 -41.70 50.91
CA VAL C 318 5.17 -42.69 51.72
C VAL C 318 5.15 -42.33 53.20
N SER C 319 6.08 -41.50 53.66
CA SER C 319 6.07 -41.07 55.06
C SER C 319 4.83 -40.26 55.39
N LEU C 320 4.18 -39.69 54.39
CA LEU C 320 3.01 -38.87 54.63
C LEU C 320 1.81 -39.72 55.04
N SER C 321 1.09 -39.24 56.05
CA SER C 321 -0.22 -39.78 56.34
C SER C 321 -1.20 -39.35 55.27
N PRO C 322 -2.36 -40.01 55.17
CA PRO C 322 -3.35 -39.58 54.17
C PRO C 322 -3.75 -38.12 54.31
N GLU C 323 -3.94 -37.61 55.53
CA GLU C 323 -4.29 -36.20 55.66
C GLU C 323 -3.13 -35.30 55.27
N GLN C 324 -1.90 -35.76 55.48
CA GLN C 324 -0.75 -35.02 54.98
C GLN C 324 -0.67 -35.09 53.46
N ARG C 325 -0.90 -36.28 52.90
CA ARG C 325 -0.82 -36.44 51.46
C ARG C 325 -1.91 -35.69 50.72
N ALA C 326 -3.01 -35.35 51.39
CA ALA C 326 -4.06 -34.58 50.73
C ALA C 326 -3.57 -33.20 50.32
N TYR C 327 -2.47 -32.72 50.88
CA TYR C 327 -1.91 -31.43 50.55
C TYR C 327 -0.79 -31.50 49.52
N ALA C 328 -0.57 -32.66 48.92
CA ALA C 328 0.52 -32.82 47.97
C ALA C 328 0.31 -31.95 46.75
N ASN C 329 1.41 -31.40 46.23
CA ASN C 329 1.37 -30.55 45.05
C ASN C 329 2.42 -30.95 44.03
N VAL C 330 3.15 -32.04 44.26
CA VAL C 330 4.25 -32.47 43.43
C VAL C 330 4.18 -33.97 43.30
N ASN C 331 4.48 -34.49 42.11
CA ASN C 331 4.29 -35.92 41.88
C ASN C 331 5.30 -36.76 42.66
N THR C 332 6.57 -36.37 42.66
CA THR C 332 7.61 -37.19 43.27
C THR C 332 8.51 -36.34 44.16
N SER C 333 9.15 -37.00 45.12
CA SER C 333 9.95 -36.33 46.11
C SER C 333 11.39 -36.17 45.62
N LEU C 334 12.18 -35.44 46.41
CA LEU C 334 13.55 -35.11 46.03
C LEU C 334 14.47 -36.30 46.25
N ALA C 335 15.22 -36.67 45.22
CA ALA C 335 16.02 -37.89 45.23
C ALA C 335 17.45 -37.60 45.65
N ASP C 336 18.25 -38.66 45.75
CA ASP C 336 19.56 -38.56 46.39
C ASP C 336 20.53 -37.69 45.59
N ALA C 337 20.47 -37.74 44.27
CA ALA C 337 21.34 -36.94 43.43
C ALA C 337 20.55 -36.26 42.33
N MET C 338 19.33 -35.84 42.66
CA MET C 338 18.46 -35.23 41.67
C MET C 338 19.02 -33.88 41.25
N ALA C 339 19.12 -33.68 39.94
CA ALA C 339 19.69 -32.44 39.41
C ALA C 339 18.76 -31.27 39.66
N VAL C 340 19.34 -30.10 39.84
CA VAL C 340 18.61 -28.86 40.07
C VAL C 340 18.75 -27.99 38.83
N ASN C 341 17.62 -27.62 38.24
CA ASN C 341 17.62 -26.81 37.02
C ASN C 341 17.61 -25.34 37.40
N ILE C 342 18.45 -24.57 36.72
CA ILE C 342 18.52 -23.13 36.91
C ILE C 342 17.70 -22.48 35.82
N LEU C 343 16.57 -21.90 36.19
CA LEU C 343 15.62 -21.41 35.20
C LEU C 343 15.99 -20.04 34.66
N ASN C 344 16.54 -19.17 35.50
CA ASN C 344 16.97 -17.84 35.09
C ASN C 344 18.43 -17.90 34.63
N VAL C 345 18.62 -18.12 33.33
CA VAL C 345 19.95 -18.29 32.76
C VAL C 345 20.46 -17.05 32.05
N LYS C 346 19.63 -16.01 31.93
CA LYS C 346 20.04 -14.75 31.30
C LYS C 346 19.47 -13.59 32.10
N ASP C 347 20.23 -12.49 32.14
CA ASP C 347 19.77 -11.29 32.83
C ASP C 347 18.60 -10.71 32.06
N ALA C 348 17.41 -10.77 32.64
CA ALA C 348 16.22 -10.26 32.00
C ALA C 348 15.36 -9.54 33.03
N ARG C 349 14.62 -8.53 32.58
CA ARG C 349 13.59 -7.96 33.42
C ARG C 349 12.43 -8.91 33.52
N THR C 350 11.76 -8.89 34.66
CA THR C 350 10.75 -9.89 34.99
C THR C 350 9.35 -9.35 34.75
N ASN C 351 8.50 -10.19 34.20
CA ASN C 351 7.06 -9.95 34.20
C ASN C 351 6.46 -10.72 35.36
N VAL C 352 5.47 -10.13 36.01
CA VAL C 352 4.88 -10.69 37.22
C VAL C 352 3.39 -10.80 37.02
N PHE C 353 2.82 -11.94 37.39
CA PHE C 353 1.39 -12.11 37.38
C PHE C 353 0.97 -12.78 38.68
N TRP C 354 -0.14 -12.32 39.25
CA TRP C 354 -0.73 -12.96 40.40
C TRP C 354 -2.24 -13.04 40.30
N ALA C 355 -2.80 -13.81 41.22
CA ALA C 355 -4.18 -13.62 41.65
C ALA C 355 -4.23 -12.49 42.65
N ASP C 356 -5.26 -11.65 42.55
CA ASP C 356 -5.22 -10.31 43.13
C ASP C 356 -5.21 -10.29 44.65
N ASP C 357 -5.16 -11.42 45.34
CA ASP C 357 -5.06 -11.43 46.80
C ASP C 357 -3.81 -12.12 47.30
N ALA C 358 -2.77 -12.22 46.48
CA ALA C 358 -1.56 -12.93 46.89
C ALA C 358 -0.56 -12.04 47.60
N ILE C 359 -0.55 -10.75 47.30
CA ILE C 359 0.31 -9.77 47.94
C ILE C 359 -0.57 -8.85 48.80
N ARG C 360 -0.08 -8.50 49.99
CA ARG C 360 -0.76 -7.55 50.85
C ARG C 360 0.26 -6.66 51.53
N ILE C 361 -0.18 -5.46 51.89
CA ILE C 361 0.65 -4.52 52.64
C ILE C 361 0.06 -4.42 54.04
N VAL C 362 0.86 -4.77 55.03
CA VAL C 362 0.47 -4.66 56.44
C VAL C 362 1.17 -3.45 57.02
N SER C 363 0.40 -2.53 57.60
CA SER C 363 0.95 -1.32 58.19
C SER C 363 0.52 -1.22 59.64
N GLN C 364 1.34 -0.54 60.43
CA GLN C 364 1.07 -0.23 61.82
C GLN C 364 1.27 1.25 62.05
N PRO C 365 0.54 1.84 62.98
CA PRO C 365 0.75 3.26 63.30
C PRO C 365 2.04 3.46 64.07
N ILE C 366 2.51 4.70 64.07
CA ILE C 366 3.60 5.09 64.95
C ILE C 366 3.01 6.04 65.98
N PRO C 367 2.72 5.57 67.18
CA PRO C 367 2.01 6.38 68.17
C PRO C 367 2.90 7.44 68.80
N ALA C 368 3.40 8.36 67.96
CA ALA C 368 4.23 9.44 68.42
C ALA C 368 3.42 10.60 68.97
N ASN C 369 2.10 10.54 68.93
CA ASN C 369 1.25 11.56 69.51
C ASN C 369 0.92 11.29 70.97
N HIS C 370 1.51 10.25 71.56
CA HIS C 370 1.41 9.97 72.97
C HIS C 370 2.05 11.10 73.78
N GLU C 371 1.59 11.27 75.03
CA GLU C 371 2.12 12.34 75.86
C GLU C 371 3.59 12.13 76.20
N LEU C 372 4.12 10.94 75.98
CA LEU C 372 5.54 10.70 76.20
C LEU C 372 6.40 11.59 75.30
N PHE C 373 5.98 11.77 74.06
CA PHE C 373 6.72 12.59 73.10
C PHE C 373 6.21 14.03 73.14
N ALA C 374 6.37 14.63 74.31
CA ALA C 374 5.85 15.97 74.55
C ALA C 374 6.64 17.04 73.82
N GLY C 375 7.93 16.84 73.62
CA GLY C 375 8.75 17.86 73.00
C GLY C 375 8.42 18.17 71.56
N MET C 376 8.51 17.16 70.69
CA MET C 376 8.33 17.34 69.27
C MET C 376 6.84 17.41 68.89
N LYS C 377 6.56 18.19 67.85
CA LYS C 377 5.22 18.31 67.32
C LYS C 377 5.02 17.29 66.20
N THR C 378 3.98 16.47 66.34
CA THR C 378 3.74 15.35 65.45
C THR C 378 2.42 15.55 64.71
N THR C 379 2.40 15.17 63.43
CA THR C 379 1.21 15.32 62.60
C THR C 379 1.11 14.13 61.66
N SER C 380 -0.11 13.69 61.39
CA SER C 380 -0.30 12.61 60.44
C SER C 380 0.09 13.07 59.04
N PHE C 381 0.82 12.21 58.35
CA PHE C 381 1.34 12.52 57.04
C PHE C 381 0.73 11.56 56.01
N SER C 382 0.26 12.12 54.90
CA SER C 382 -0.41 11.35 53.86
C SER C 382 0.59 11.02 52.76
N ILE C 383 0.68 9.74 52.43
CA ILE C 383 1.55 9.27 51.35
C ILE C 383 0.73 9.29 50.06
N PRO C 384 1.23 9.94 48.99
CA PRO C 384 0.38 10.33 47.86
C PRO C 384 -0.63 9.31 47.34
N ASP C 385 -0.20 8.13 46.92
CA ASP C 385 -1.09 7.24 46.19
C ASP C 385 -1.21 5.84 46.75
N VAL C 386 -0.22 5.36 47.51
CA VAL C 386 -0.18 3.97 47.91
C VAL C 386 -1.21 3.68 48.99
N GLY C 387 -1.88 4.72 49.48
CA GLY C 387 -2.91 4.53 50.46
C GLY C 387 -2.42 4.24 51.87
N LEU C 388 -1.19 4.62 52.18
CA LEU C 388 -0.61 4.45 53.51
C LEU C 388 -0.50 5.80 54.19
N ASN C 389 -0.35 5.78 55.51
CA ASN C 389 -0.28 7.00 56.29
C ASN C 389 0.92 6.96 57.23
N GLY C 390 1.65 8.07 57.29
CA GLY C 390 2.79 8.17 58.18
C GLY C 390 2.67 9.32 59.15
N ILE C 391 3.75 9.60 59.88
CA ILE C 391 3.78 10.72 60.81
C ILE C 391 4.68 11.80 60.24
N PHE C 392 4.59 12.98 60.84
CA PHE C 392 5.42 14.12 60.47
C PHE C 392 5.81 14.82 61.76
N ALA C 393 7.08 14.71 62.16
CA ALA C 393 7.54 15.25 63.42
C ALA C 393 8.61 16.30 63.20
N THR C 394 8.59 17.33 64.04
CA THR C 394 9.60 18.37 64.03
C THR C 394 10.03 18.65 65.46
N GLN C 395 11.32 18.96 65.62
CA GLN C 395 11.85 19.30 66.93
C GLN C 395 12.95 20.33 66.76
N GLY C 396 12.91 21.36 67.60
CA GLY C 396 13.90 22.41 67.53
C GLY C 396 14.94 22.33 68.61
N ASP C 397 16.10 22.93 68.38
CA ASP C 397 17.15 23.02 69.37
C ASP C 397 17.47 24.49 69.60
N ILE C 398 17.75 24.86 70.85
CA ILE C 398 17.96 26.26 71.16
C ILE C 398 19.44 26.64 71.08
N SER C 399 20.35 25.73 71.41
CA SER C 399 21.77 26.09 71.43
C SER C 399 22.29 26.33 70.03
N THR C 400 21.98 25.45 69.08
CA THR C 400 22.40 25.63 67.70
C THR C 400 21.36 26.31 66.84
N LEU C 401 20.16 26.52 67.35
CA LEU C 401 19.05 27.12 66.60
C LEU C 401 18.75 26.33 65.33
N SER C 402 18.78 25.02 65.45
CA SER C 402 18.48 24.13 64.34
C SER C 402 17.27 23.27 64.67
N GLY C 403 16.57 22.83 63.64
CA GLY C 403 15.40 22.01 63.82
C GLY C 403 15.48 20.77 62.94
N LEU C 404 14.94 19.68 63.48
CA LEU C 404 14.95 18.38 62.82
C LEU C 404 13.54 18.07 62.33
N CYS C 405 13.42 17.66 61.08
CA CYS C 405 12.15 17.24 60.51
C CYS C 405 12.23 15.77 60.14
N ARG C 406 11.24 14.99 60.58
CA ARG C 406 11.23 13.56 60.32
C ARG C 406 9.87 13.13 59.80
N ILE C 407 9.88 12.34 58.73
CA ILE C 407 8.69 11.65 58.23
C ILE C 407 8.95 10.16 58.37
N ALA C 408 8.07 9.47 59.08
CA ALA C 408 8.25 8.06 59.35
C ALA C 408 7.00 7.29 58.91
N LEU C 409 7.23 6.12 58.30
CA LEU C 409 6.17 5.32 57.73
C LEU C 409 6.48 3.85 58.01
N TRP C 410 5.54 3.15 58.64
CA TRP C 410 5.74 1.77 59.04
C TRP C 410 4.78 0.86 58.28
N TYR C 411 5.34 -0.08 57.53
CA TYR C 411 4.54 -1.00 56.72
C TYR C 411 5.36 -2.24 56.44
N GLY C 412 4.68 -3.26 55.92
CA GLY C 412 5.34 -4.48 55.51
C GLY C 412 4.61 -5.15 54.36
N VAL C 413 5.37 -5.63 53.37
CA VAL C 413 4.82 -6.33 52.22
C VAL C 413 4.94 -7.83 52.46
N ASN C 414 3.85 -8.55 52.24
CA ASN C 414 3.80 -9.98 52.52
C ASN C 414 3.14 -10.72 51.36
N ALA C 415 3.79 -11.79 50.91
CA ALA C 415 3.26 -12.67 49.88
C ALA C 415 2.59 -13.84 50.58
N THR C 416 1.29 -13.70 50.82
CA THR C 416 0.56 -14.74 51.54
C THR C 416 0.33 -15.99 50.70
N ARG C 417 0.30 -15.88 49.38
CA ARG C 417 0.13 -17.02 48.48
C ARG C 417 1.21 -16.98 47.41
N PRO C 418 2.44 -17.35 47.76
CA PRO C 418 3.52 -17.32 46.76
C PRO C 418 3.31 -18.26 45.61
N GLU C 419 2.53 -19.33 45.79
CA GLU C 419 2.21 -20.23 44.70
C GLU C 419 1.20 -19.64 43.74
N ALA C 420 0.51 -18.58 44.14
CA ALA C 420 -0.39 -17.85 43.27
C ALA C 420 0.27 -16.66 42.60
N ILE C 421 1.56 -16.44 42.85
CA ILE C 421 2.32 -15.40 42.18
C ILE C 421 3.19 -16.05 41.13
N GLY C 422 3.23 -15.46 39.95
CA GLY C 422 4.06 -15.99 38.91
C GLY C 422 5.01 -14.96 38.36
N VAL C 423 6.07 -15.42 37.73
CA VAL C 423 7.05 -14.54 37.12
C VAL C 423 7.37 -15.08 35.73
N GLY C 424 7.37 -14.18 34.75
CA GLY C 424 7.64 -14.60 33.39
C GLY C 424 8.99 -14.15 32.90
N LEU C 425 9.81 -15.10 32.45
CA LEU C 425 11.16 -14.81 31.97
C LEU C 425 11.26 -15.19 30.51
N PRO C 426 11.15 -14.24 29.58
CA PRO C 426 11.40 -14.53 28.18
C PRO C 426 12.88 -14.34 27.82
N GLY C 427 13.24 -14.89 26.68
CA GLY C 427 14.62 -14.81 26.24
C GLY C 427 15.59 -15.57 27.12
N GLN C 428 15.24 -16.79 27.51
CA GLN C 428 16.02 -17.57 28.45
C GLN C 428 16.84 -18.65 27.77
N THR C 429 17.45 -18.35 26.64
CA THR C 429 18.26 -19.33 25.95
C THR C 429 19.68 -19.41 26.51
N ALA C 430 20.17 -18.33 27.09
CA ALA C 430 21.56 -18.28 27.52
C ALA C 430 21.79 -19.18 28.72
N ALA D 2 -23.24 -62.31 55.37
CA ALA D 2 -23.59 -62.72 54.00
C ALA D 2 -25.09 -62.97 53.89
N LEU D 3 -25.68 -62.51 52.81
CA LEU D 3 -27.09 -62.74 52.52
C LEU D 3 -27.19 -63.54 51.23
N ASN D 4 -27.48 -64.82 51.36
CA ASN D 4 -27.63 -65.71 50.21
C ASN D 4 -29.11 -65.90 49.95
N GLU D 5 -29.62 -65.23 48.92
CA GLU D 5 -31.02 -65.29 48.56
C GLU D 5 -31.14 -65.48 47.06
N GLY D 6 -32.37 -65.55 46.57
CA GLY D 6 -32.60 -65.72 45.16
C GLY D 6 -32.11 -64.52 44.36
N GLN D 7 -31.64 -64.79 43.16
CA GLN D 7 -31.14 -63.76 42.27
C GLN D 7 -32.12 -63.55 41.12
N ILE D 8 -32.18 -62.31 40.65
CA ILE D 8 -33.05 -61.95 39.54
C ILE D 8 -32.22 -61.26 38.47
N VAL D 9 -32.75 -61.24 37.25
CA VAL D 9 -32.17 -60.50 36.15
C VAL D 9 -33.21 -59.51 35.68
N THR D 10 -32.86 -58.24 35.67
CA THR D 10 -33.79 -57.17 35.34
C THR D 10 -33.46 -56.62 33.96
N LEU D 11 -34.48 -56.48 33.13
CA LEU D 11 -34.35 -55.91 31.79
C LEU D 11 -35.39 -54.80 31.65
N ALA D 12 -34.91 -53.56 31.64
CA ALA D 12 -35.78 -52.39 31.48
C ALA D 12 -36.19 -52.29 30.01
N VAL D 13 -37.23 -53.05 29.66
CA VAL D 13 -37.66 -53.16 28.26
C VAL D 13 -38.13 -51.83 27.71
N ASP D 14 -38.61 -50.93 28.57
CA ASP D 14 -39.13 -49.65 28.10
C ASP D 14 -38.01 -48.72 27.63
N GLU D 15 -36.85 -48.76 28.29
CA GLU D 15 -35.76 -47.86 27.99
C GLU D 15 -34.89 -48.47 26.91
N ILE D 16 -34.89 -47.86 25.72
CA ILE D 16 -34.14 -48.35 24.57
C ILE D 16 -33.00 -47.39 24.31
N ILE D 17 -31.80 -47.93 24.12
CA ILE D 17 -30.68 -47.13 23.66
C ILE D 17 -30.86 -46.87 22.17
N GLU D 18 -31.02 -45.60 21.80
CA GLU D 18 -31.13 -45.22 20.40
C GLU D 18 -29.74 -44.96 19.86
N THR D 19 -29.38 -45.67 18.78
CA THR D 19 -28.03 -45.64 18.28
C THR D 19 -27.91 -45.14 16.85
N ILE D 20 -28.99 -45.01 16.10
CA ILE D 20 -28.94 -44.66 14.69
C ILE D 20 -29.81 -43.42 14.46
N SER D 21 -29.26 -42.45 13.73
CA SER D 21 -30.03 -41.32 13.23
C SER D 21 -29.52 -41.02 11.83
N ALA D 22 -30.24 -41.48 10.82
CA ALA D 22 -29.81 -41.38 9.44
C ALA D 22 -30.74 -40.46 8.66
N ILE D 23 -30.17 -39.71 7.71
CA ILE D 23 -30.90 -38.76 6.92
C ILE D 23 -31.15 -39.34 5.52
N THR D 24 -32.18 -38.84 4.87
CA THR D 24 -32.57 -39.27 3.52
C THR D 24 -32.76 -38.04 2.64
N PRO D 25 -31.70 -37.25 2.44
CA PRO D 25 -31.89 -35.94 1.80
C PRO D 25 -32.10 -36.03 0.30
N MET D 26 -31.50 -37.02 -0.36
CA MET D 26 -31.57 -37.11 -1.81
C MET D 26 -32.91 -37.65 -2.29
N ALA D 27 -33.52 -38.58 -1.55
CA ALA D 27 -34.81 -39.11 -1.96
C ALA D 27 -35.94 -38.13 -1.70
N GLN D 28 -35.72 -37.12 -0.85
CA GLN D 28 -36.75 -36.14 -0.61
C GLN D 28 -36.88 -35.14 -1.74
N LYS D 29 -35.80 -34.90 -2.47
CA LYS D 29 -35.86 -33.99 -3.61
C LYS D 29 -36.56 -34.63 -4.79
N ALA D 30 -36.28 -35.92 -5.04
CA ALA D 30 -36.87 -36.61 -6.19
C ALA D 30 -38.38 -36.65 -6.08
N LYS D 31 -39.05 -36.34 -7.18
CA LYS D 31 -40.51 -36.38 -7.20
C LYS D 31 -40.99 -37.82 -7.37
N LYS D 32 -42.20 -38.08 -6.89
CA LYS D 32 -42.82 -39.40 -6.93
C LYS D 32 -43.99 -39.38 -7.90
N TYR D 33 -44.10 -40.43 -8.70
CA TYR D 33 -45.17 -40.56 -9.67
C TYR D 33 -45.81 -41.92 -9.56
N THR D 34 -47.14 -41.95 -9.63
CA THR D 34 -47.90 -43.20 -9.55
C THR D 34 -48.84 -43.23 -10.74
N PRO D 35 -48.37 -43.69 -11.90
CA PRO D 35 -49.21 -43.76 -13.08
C PRO D 35 -50.35 -44.76 -12.87
N PRO D 36 -51.43 -44.63 -13.64
CA PRO D 36 -52.57 -45.54 -13.44
C PRO D 36 -52.16 -46.99 -13.62
N ALA D 37 -52.70 -47.85 -12.75
CA ALA D 37 -52.22 -49.21 -12.62
C ALA D 37 -52.63 -50.10 -13.78
N ALA D 38 -53.87 -49.99 -14.26
CA ALA D 38 -54.33 -50.88 -15.32
C ALA D 38 -53.56 -50.65 -16.61
N SER D 39 -53.39 -49.39 -16.99
CA SER D 39 -52.61 -49.08 -18.18
C SER D 39 -51.16 -49.52 -18.02
N MET D 40 -50.58 -49.28 -16.84
CA MET D 40 -49.21 -49.70 -16.60
C MET D 40 -49.07 -51.21 -16.68
N GLN D 41 -50.13 -51.94 -16.33
CA GLN D 41 -50.08 -53.39 -16.50
C GLN D 41 -50.17 -53.77 -17.97
N ARG D 42 -51.03 -53.08 -18.73
CA ARG D 42 -51.16 -53.40 -20.15
C ARG D 42 -49.87 -53.13 -20.91
N SER D 43 -49.23 -51.99 -20.65
CA SER D 43 -47.88 -51.77 -21.15
C SER D 43 -46.89 -52.49 -20.24
N SER D 44 -45.62 -52.50 -20.62
CA SER D 44 -44.62 -53.17 -19.78
C SER D 44 -44.11 -52.25 -18.68
N ASN D 45 -45.04 -51.76 -17.86
CA ASN D 45 -44.72 -50.80 -16.80
C ASN D 45 -44.02 -49.58 -17.36
N THR D 46 -44.41 -49.18 -18.57
CA THR D 46 -43.65 -48.20 -19.33
C THR D 46 -44.56 -47.07 -19.79
N ILE D 47 -44.03 -45.85 -19.71
CA ILE D 47 -44.69 -44.67 -20.25
C ILE D 47 -43.68 -43.92 -21.11
N TRP D 48 -44.11 -43.47 -22.27
CA TRP D 48 -43.26 -42.70 -23.16
C TRP D 48 -43.61 -41.23 -23.07
N MET D 49 -42.59 -40.38 -22.97
CA MET D 49 -42.81 -38.95 -22.97
C MET D 49 -41.94 -38.29 -24.03
N PRO D 50 -42.53 -37.43 -24.86
CA PRO D 50 -41.74 -36.74 -25.87
C PRO D 50 -40.80 -35.72 -25.26
N VAL D 51 -39.73 -35.43 -25.99
CA VAL D 51 -38.79 -34.40 -25.59
C VAL D 51 -39.08 -33.15 -26.40
N GLU D 52 -38.50 -32.03 -25.98
CA GLU D 52 -38.62 -30.78 -26.70
C GLU D 52 -38.04 -30.90 -28.11
N GLN D 53 -38.80 -30.42 -29.09
CA GLN D 53 -38.32 -30.49 -30.47
C GLN D 53 -37.21 -29.48 -30.75
N GLU D 54 -36.36 -29.86 -31.68
CA GLU D 54 -35.31 -29.00 -32.21
C GLU D 54 -35.49 -28.96 -33.72
N SER D 55 -35.32 -27.77 -34.29
CA SER D 55 -35.66 -27.64 -35.70
C SER D 55 -34.46 -27.21 -36.51
N PRO D 56 -34.40 -27.56 -37.78
CA PRO D 56 -33.33 -27.09 -38.66
C PRO D 56 -33.72 -25.79 -39.36
N THR D 57 -32.74 -25.21 -40.03
CA THR D 57 -32.96 -24.03 -40.86
C THR D 57 -32.15 -24.18 -42.14
N GLN D 58 -32.39 -23.26 -43.08
CA GLN D 58 -31.65 -23.21 -44.31
C GLN D 58 -31.79 -21.83 -44.92
N GLU D 59 -30.72 -21.34 -45.54
CA GLU D 59 -30.73 -20.02 -46.13
C GLU D 59 -31.07 -20.09 -47.61
N GLY D 60 -31.40 -18.93 -48.17
CA GLY D 60 -31.66 -18.83 -49.59
C GLY D 60 -33.05 -18.35 -49.95
N TRP D 61 -33.22 -17.93 -51.20
CA TRP D 61 -34.51 -17.50 -51.71
C TRP D 61 -35.29 -18.68 -52.28
N ASP D 62 -34.71 -19.38 -53.24
CA ASP D 62 -35.38 -20.51 -53.86
C ASP D 62 -35.14 -21.76 -53.03
N LEU D 63 -36.21 -22.35 -52.53
CA LEU D 63 -36.17 -23.51 -51.65
C LEU D 63 -36.90 -24.69 -52.27
N THR D 64 -36.88 -24.81 -53.58
CA THR D 64 -37.62 -25.87 -54.26
C THR D 64 -37.04 -27.22 -53.90
N ASP D 65 -37.91 -28.15 -53.52
CA ASP D 65 -37.54 -29.53 -53.20
C ASP D 65 -36.63 -29.61 -51.97
N LYS D 66 -36.62 -28.56 -51.15
CA LYS D 66 -35.73 -28.52 -49.99
C LYS D 66 -36.48 -28.55 -48.67
N ALA D 67 -37.80 -28.77 -48.69
CA ALA D 67 -38.56 -28.83 -47.45
C ALA D 67 -38.19 -30.08 -46.68
N THR D 68 -38.08 -29.92 -45.37
CA THR D 68 -37.75 -31.03 -44.49
C THR D 68 -39.04 -31.65 -43.94
N GLY D 69 -38.86 -32.66 -43.09
CA GLY D 69 -39.94 -33.25 -42.35
C GLY D 69 -39.87 -32.88 -40.88
N LEU D 70 -40.73 -33.52 -40.10
CA LEU D 70 -40.80 -33.28 -38.67
C LEU D 70 -40.26 -34.48 -37.92
N LEU D 71 -39.68 -34.23 -36.75
CA LEU D 71 -39.09 -35.30 -35.96
C LEU D 71 -39.17 -34.93 -34.49
N GLU D 72 -39.92 -35.73 -33.72
CA GLU D 72 -40.08 -35.53 -32.29
C GLU D 72 -39.63 -36.79 -31.56
N LEU D 73 -38.63 -36.65 -30.69
CA LEU D 73 -38.07 -37.78 -29.98
C LEU D 73 -38.79 -38.00 -28.65
N ASN D 74 -38.60 -39.19 -28.09
CA ASN D 74 -39.35 -39.61 -26.92
C ASN D 74 -38.46 -40.44 -25.99
N VAL D 75 -38.86 -40.48 -24.72
CA VAL D 75 -38.12 -41.15 -23.67
C VAL D 75 -39.09 -41.96 -22.83
N ALA D 76 -38.64 -43.11 -22.33
CA ALA D 76 -39.47 -44.02 -21.56
C ALA D 76 -39.02 -44.08 -20.10
N VAL D 77 -39.99 -44.29 -19.21
CA VAL D 77 -39.71 -44.64 -17.82
C VAL D 77 -40.22 -46.05 -17.57
N ASN D 78 -39.52 -46.78 -16.70
CA ASN D 78 -39.86 -48.16 -16.41
C ASN D 78 -40.05 -48.37 -14.92
N MET D 79 -40.21 -49.61 -14.49
CA MET D 79 -40.41 -49.96 -13.10
C MET D 79 -39.40 -51.01 -12.68
N GLY D 80 -39.05 -51.01 -11.39
CA GLY D 80 -38.10 -51.95 -10.84
C GLY D 80 -38.76 -53.13 -10.17
N GLU D 81 -38.00 -53.80 -9.31
CA GLU D 81 -38.48 -54.93 -8.54
C GLU D 81 -38.88 -54.51 -7.14
N PRO D 82 -39.83 -55.21 -6.52
CA PRO D 82 -40.28 -54.81 -5.19
C PRO D 82 -39.21 -55.00 -4.13
N ASP D 83 -39.29 -54.19 -3.08
CA ASP D 83 -38.38 -54.23 -1.95
C ASP D 83 -39.15 -54.70 -0.73
N ASN D 84 -38.56 -55.63 0.02
CA ASN D 84 -39.31 -56.38 1.02
C ASN D 84 -38.58 -56.45 2.35
N ASP D 85 -39.35 -56.58 3.42
CA ASP D 85 -38.89 -57.13 4.68
C ASP D 85 -39.79 -58.30 5.03
N PHE D 86 -39.20 -59.47 5.20
CA PHE D 86 -39.93 -60.73 5.31
C PHE D 86 -39.36 -61.49 6.51
N PHE D 87 -40.16 -61.66 7.55
CA PHE D 87 -39.71 -62.37 8.73
C PHE D 87 -40.82 -63.30 9.23
N GLN D 88 -40.42 -64.25 10.07
CA GLN D 88 -41.28 -65.31 10.55
C GLN D 88 -41.24 -65.35 12.07
N LEU D 89 -42.34 -65.82 12.67
CA LEU D 89 -42.41 -65.90 14.13
C LEU D 89 -43.33 -67.03 14.53
N ARG D 90 -42.93 -67.78 15.55
CA ARG D 90 -43.73 -68.86 16.10
C ARG D 90 -44.72 -68.32 17.13
N ALA D 91 -45.72 -69.14 17.46
CA ALA D 91 -46.83 -68.67 18.27
C ALA D 91 -46.37 -68.25 19.67
N ASP D 92 -45.46 -69.00 20.27
CA ASP D 92 -45.05 -68.70 21.64
C ASP D 92 -44.28 -67.38 21.75
N ASP D 93 -43.76 -66.87 20.64
CA ASP D 93 -43.04 -65.61 20.67
C ASP D 93 -43.96 -64.40 20.55
N LEU D 94 -45.25 -64.60 20.36
CA LEU D 94 -46.21 -63.51 20.32
C LEU D 94 -46.80 -63.21 21.68
N ARG D 95 -46.35 -63.89 22.74
CA ARG D 95 -46.81 -63.55 24.08
C ARG D 95 -46.35 -62.17 24.49
N ASP D 96 -45.19 -61.73 24.01
CA ASP D 96 -44.65 -60.39 24.27
C ASP D 96 -44.33 -59.77 22.92
N GLU D 97 -45.26 -58.97 22.39
CA GLU D 97 -45.19 -58.46 21.03
C GLU D 97 -44.24 -57.28 20.87
N THR D 98 -43.39 -57.01 21.85
CA THR D 98 -42.54 -55.83 21.78
C THR D 98 -41.59 -55.90 20.60
N ALA D 99 -40.90 -57.04 20.46
CA ALA D 99 -39.93 -57.19 19.37
C ALA D 99 -40.59 -57.12 18.01
N TYR D 100 -41.81 -57.65 17.89
CA TYR D 100 -42.53 -57.62 16.63
C TYR D 100 -42.77 -56.19 16.16
N ARG D 101 -43.30 -55.34 17.06
CA ARG D 101 -43.55 -53.95 16.72
C ARG D 101 -42.25 -53.20 16.43
N ARG D 102 -41.23 -53.43 17.25
CA ARG D 102 -39.95 -52.75 17.02
C ARG D 102 -39.35 -53.16 15.69
N ARG D 103 -39.49 -54.43 15.32
CA ARG D 103 -39.02 -54.89 14.02
C ARG D 103 -39.78 -54.23 12.89
N ILE D 104 -41.09 -54.06 13.04
CA ILE D 104 -41.87 -53.40 11.98
C ILE D 104 -41.39 -51.96 11.79
N GLN D 105 -41.18 -51.23 12.88
CA GLN D 105 -40.67 -49.87 12.77
C GLN D 105 -39.30 -49.85 12.11
N SER D 106 -38.43 -50.77 12.52
CA SER D 106 -37.10 -50.86 11.92
C SER D 106 -37.19 -51.15 10.43
N ALA D 107 -38.14 -51.99 10.03
CA ALA D 107 -38.30 -52.32 8.62
C ALA D 107 -38.69 -51.09 7.83
N ALA D 108 -39.59 -50.27 8.38
CA ALA D 108 -39.94 -49.02 7.71
C ALA D 108 -38.71 -48.14 7.50
N ARG D 109 -37.90 -47.98 8.55
CA ARG D 109 -36.70 -47.16 8.42
C ARG D 109 -35.74 -47.71 7.37
N LYS D 110 -35.54 -49.03 7.37
CA LYS D 110 -34.61 -49.63 6.44
C LYS D 110 -35.09 -49.54 5.00
N LEU D 111 -36.40 -49.66 4.78
CA LEU D 111 -36.94 -49.51 3.44
C LEU D 111 -36.73 -48.10 2.93
N ALA D 112 -36.94 -47.10 3.79
CA ALA D 112 -36.65 -45.72 3.37
C ALA D 112 -35.17 -45.56 3.01
N ASN D 113 -34.29 -46.14 3.82
CA ASN D 113 -32.86 -46.06 3.53
C ASN D 113 -32.52 -46.73 2.20
N ASN D 114 -33.16 -47.85 1.90
CA ASN D 114 -32.93 -48.53 0.63
C ASN D 114 -33.36 -47.66 -0.55
N VAL D 115 -34.49 -46.97 -0.41
CA VAL D 115 -34.91 -46.04 -1.46
C VAL D 115 -33.86 -44.98 -1.68
N GLU D 116 -33.35 -44.41 -0.58
CA GLU D 116 -32.30 -43.40 -0.67
C GLU D 116 -31.07 -43.91 -1.40
N LEU D 117 -30.64 -45.13 -1.06
CA LEU D 117 -29.48 -45.71 -1.70
C LEU D 117 -29.71 -45.91 -3.19
N LYS D 118 -30.90 -46.39 -3.56
CA LYS D 118 -31.19 -46.62 -4.97
C LYS D 118 -31.16 -45.31 -5.76
N VAL D 119 -31.74 -44.25 -5.20
CA VAL D 119 -31.72 -42.97 -5.90
C VAL D 119 -30.30 -42.49 -6.09
N ALA D 120 -29.49 -42.58 -5.02
CA ALA D 120 -28.11 -42.11 -5.11
C ALA D 120 -27.32 -42.92 -6.14
N ASN D 121 -27.50 -44.24 -6.15
CA ASN D 121 -26.75 -45.07 -7.07
C ASN D 121 -27.17 -44.82 -8.51
N MET D 122 -28.47 -44.68 -8.76
CA MET D 122 -28.91 -44.39 -10.11
C MET D 122 -28.35 -43.07 -10.60
N ALA D 123 -28.36 -42.05 -9.74
CA ALA D 123 -27.78 -40.76 -10.12
C ALA D 123 -26.30 -40.92 -10.46
N ALA D 124 -25.54 -41.62 -9.62
CA ALA D 124 -24.11 -41.74 -9.85
C ALA D 124 -23.82 -42.55 -11.11
N GLU D 125 -24.62 -43.59 -11.37
CA GLU D 125 -24.36 -44.46 -12.50
C GLU D 125 -24.73 -43.82 -13.83
N MET D 126 -25.89 -43.17 -13.90
CA MET D 126 -26.37 -42.60 -15.16
C MET D 126 -26.03 -41.12 -15.27
N GLY D 127 -24.89 -40.72 -14.71
CA GLY D 127 -24.47 -39.34 -14.79
C GLY D 127 -23.51 -39.11 -15.95
N SER D 128 -23.97 -38.40 -16.98
CA SER D 128 -23.13 -38.13 -18.13
C SER D 128 -22.10 -37.04 -17.86
N LEU D 129 -22.47 -36.02 -17.09
CA LEU D 129 -21.64 -34.83 -16.91
C LEU D 129 -20.57 -35.11 -15.87
N VAL D 130 -19.44 -35.62 -16.33
CA VAL D 130 -18.35 -36.01 -15.44
C VAL D 130 -17.41 -34.82 -15.25
N ILE D 131 -17.29 -34.37 -14.01
CA ILE D 131 -16.33 -33.34 -13.63
C ILE D 131 -15.19 -34.04 -12.91
N THR D 132 -13.99 -33.94 -13.48
CA THR D 132 -12.86 -34.71 -13.01
C THR D 132 -11.79 -33.78 -12.47
N SER D 133 -11.07 -34.25 -11.45
CA SER D 133 -9.95 -33.51 -10.89
C SER D 133 -8.75 -34.43 -10.71
N PRO D 134 -7.54 -33.95 -10.98
CA PRO D 134 -6.35 -34.78 -10.78
C PRO D 134 -5.96 -34.98 -9.33
N ASP D 135 -6.58 -34.26 -8.39
CA ASP D 135 -6.14 -34.28 -7.01
C ASP D 135 -7.33 -34.09 -6.07
N ALA D 136 -7.10 -34.40 -4.80
CA ALA D 136 -8.13 -34.34 -3.79
C ALA D 136 -8.58 -32.91 -3.54
N ILE D 137 -9.79 -32.77 -3.01
CA ILE D 137 -10.39 -31.45 -2.85
C ILE D 137 -9.67 -30.61 -1.80
N GLY D 138 -9.07 -31.21 -0.79
CA GLY D 138 -8.37 -30.37 0.15
C GLY D 138 -7.08 -29.76 -0.34
N THR D 139 -6.69 -30.02 -1.59
CA THR D 139 -5.35 -29.69 -2.04
C THR D 139 -5.18 -28.19 -2.25
N ASN D 140 -5.92 -27.60 -3.18
CA ASN D 140 -5.75 -26.20 -3.53
C ASN D 140 -6.78 -25.35 -2.80
N THR D 141 -6.64 -24.03 -2.92
CA THR D 141 -7.32 -23.11 -2.02
C THR D 141 -8.83 -23.23 -2.12
N ALA D 142 -9.37 -23.28 -3.33
CA ALA D 142 -10.80 -23.31 -3.52
C ALA D 142 -11.21 -24.45 -4.45
N ASP D 143 -10.69 -25.64 -4.17
CA ASP D 143 -11.02 -26.79 -5.00
C ASP D 143 -12.51 -27.12 -4.94
N ALA D 144 -13.13 -26.96 -3.77
CA ALA D 144 -14.55 -27.22 -3.66
C ALA D 144 -15.35 -26.24 -4.50
N TRP D 145 -15.03 -24.94 -4.40
CA TRP D 145 -15.71 -23.98 -5.24
C TRP D 145 -15.45 -24.25 -6.71
N ASN D 146 -14.18 -24.46 -7.07
CA ASN D 146 -13.86 -24.72 -8.47
C ASN D 146 -14.60 -25.94 -8.98
N PHE D 147 -14.88 -26.88 -8.09
CA PHE D 147 -15.40 -28.17 -8.50
C PHE D 147 -16.91 -28.07 -8.74
N VAL D 148 -17.60 -27.42 -7.80
CA VAL D 148 -19.00 -27.05 -8.01
C VAL D 148 -19.14 -26.13 -9.22
N ALA D 149 -18.19 -25.22 -9.42
CA ALA D 149 -18.30 -24.25 -10.50
C ALA D 149 -18.04 -24.89 -11.85
N ASP D 150 -17.20 -25.92 -11.91
CA ASP D 150 -17.06 -26.71 -13.12
C ASP D 150 -18.37 -27.40 -13.45
N ALA D 151 -19.04 -27.95 -12.44
CA ALA D 151 -20.36 -28.51 -12.69
C ALA D 151 -21.29 -27.47 -13.29
N GLU D 152 -21.34 -26.28 -12.68
CA GLU D 152 -22.24 -25.23 -13.16
C GLU D 152 -21.86 -24.78 -14.57
N GLU D 153 -20.56 -24.68 -14.85
CA GLU D 153 -20.11 -24.23 -16.16
C GLU D 153 -20.50 -25.23 -17.24
N ILE D 154 -20.32 -26.52 -16.98
CA ILE D 154 -20.66 -27.49 -18.01
C ILE D 154 -22.17 -27.53 -18.20
N MET D 155 -22.94 -27.31 -17.14
CA MET D 155 -24.39 -27.27 -17.33
C MET D 155 -24.82 -26.04 -18.11
N PHE D 156 -24.12 -24.92 -17.91
CA PHE D 156 -24.45 -23.69 -18.62
C PHE D 156 -24.08 -23.78 -20.09
N SER D 157 -22.86 -24.25 -20.40
CA SER D 157 -22.39 -24.28 -21.78
C SER D 157 -23.17 -25.30 -22.59
N ARG D 158 -23.54 -26.42 -21.98
CA ARG D 158 -24.36 -27.41 -22.67
C ARG D 158 -25.78 -26.93 -22.88
N GLU D 159 -26.17 -25.80 -22.28
CA GLU D 159 -27.47 -25.19 -22.47
C GLU D 159 -28.58 -26.10 -21.98
N LEU D 160 -28.37 -26.70 -20.82
CA LEU D 160 -29.38 -27.54 -20.19
C LEU D 160 -30.46 -26.69 -19.57
N ASN D 161 -31.64 -27.29 -19.44
CA ASN D 161 -32.73 -26.66 -18.72
C ASN D 161 -32.52 -26.84 -17.22
N ARG D 162 -32.48 -25.73 -16.50
CA ARG D 162 -32.33 -25.77 -15.04
C ARG D 162 -33.46 -25.03 -14.36
N ASP D 163 -34.62 -24.95 -15.02
CA ASP D 163 -35.72 -24.14 -14.51
C ASP D 163 -36.32 -24.72 -13.25
N MET D 164 -36.05 -25.99 -12.96
CA MET D 164 -36.52 -26.61 -11.72
C MET D 164 -35.51 -26.52 -10.59
N GLY D 165 -34.38 -25.85 -10.81
CA GLY D 165 -33.34 -25.76 -9.81
C GLY D 165 -32.31 -26.87 -9.94
N THR D 166 -31.16 -26.64 -9.31
CA THR D 166 -30.04 -27.57 -9.34
C THR D 166 -29.61 -27.89 -7.92
N SER D 167 -29.14 -29.11 -7.70
CA SER D 167 -28.64 -29.54 -6.40
C SER D 167 -27.26 -30.15 -6.55
N TYR D 168 -26.36 -29.79 -5.64
CA TYR D 168 -25.03 -30.40 -5.54
C TYR D 168 -24.92 -31.19 -4.25
N PHE D 169 -24.51 -32.45 -4.35
CA PHE D 169 -24.39 -33.33 -3.20
C PHE D 169 -22.93 -33.66 -2.98
N PHE D 170 -22.36 -33.15 -1.89
CA PHE D 170 -21.03 -33.54 -1.45
C PHE D 170 -21.12 -34.79 -0.59
N ASN D 171 -20.11 -35.62 -0.67
CA ASN D 171 -19.97 -36.68 0.32
C ASN D 171 -19.38 -36.08 1.58
N PRO D 172 -19.51 -36.76 2.72
CA PRO D 172 -19.05 -36.16 3.99
C PRO D 172 -17.59 -35.74 3.98
N GLN D 173 -16.71 -36.50 3.35
CA GLN D 173 -15.28 -36.17 3.39
C GLN D 173 -14.97 -34.93 2.58
N ASP D 174 -15.52 -34.83 1.37
CA ASP D 174 -15.25 -33.65 0.57
C ASP D 174 -15.96 -32.44 1.12
N TYR D 175 -17.12 -32.63 1.76
CA TYR D 175 -17.74 -31.53 2.48
C TYR D 175 -16.83 -31.04 3.60
N LYS D 176 -16.22 -31.96 4.33
CA LYS D 176 -15.31 -31.59 5.41
C LYS D 176 -14.11 -30.84 4.87
N LYS D 177 -13.56 -31.27 3.73
CA LYS D 177 -12.40 -30.59 3.17
C LYS D 177 -12.76 -29.24 2.55
N ALA D 178 -13.99 -29.09 2.05
CA ALA D 178 -14.48 -27.77 1.67
C ALA D 178 -14.52 -26.84 2.87
N GLY D 179 -15.06 -27.32 3.99
CA GLY D 179 -15.04 -26.53 5.20
C GLY D 179 -13.63 -26.20 5.64
N TYR D 180 -12.70 -27.14 5.46
CA TYR D 180 -11.32 -26.89 5.84
C TYR D 180 -10.67 -25.82 4.99
N ASP D 181 -10.94 -25.82 3.68
CA ASP D 181 -10.45 -24.74 2.85
C ASP D 181 -11.03 -23.40 3.29
N LEU D 182 -12.30 -23.38 3.69
CA LEU D 182 -12.87 -22.13 4.18
C LEU D 182 -12.22 -21.67 5.48
N THR D 183 -11.94 -22.60 6.39
CA THR D 183 -11.44 -22.23 7.70
C THR D 183 -9.95 -21.87 7.70
N LYS D 184 -9.22 -22.28 6.67
CA LYS D 184 -7.81 -21.91 6.58
C LYS D 184 -7.60 -20.46 6.14
N ARG D 185 -8.65 -19.76 5.76
CA ARG D 185 -8.51 -18.35 5.45
C ARG D 185 -8.14 -17.56 6.72
N ASP D 186 -7.21 -16.62 6.56
CA ASP D 186 -6.76 -15.85 7.71
C ASP D 186 -7.81 -14.87 8.19
N ILE D 187 -8.62 -14.34 7.27
CA ILE D 187 -9.68 -13.42 7.63
C ILE D 187 -10.84 -14.25 8.17
N PHE D 188 -11.81 -13.58 8.79
CA PHE D 188 -13.03 -14.25 9.26
C PHE D 188 -14.22 -13.36 8.90
N GLY D 189 -14.75 -13.55 7.69
CA GLY D 189 -16.01 -12.99 7.30
C GLY D 189 -17.16 -13.91 7.70
N ARG D 190 -18.33 -13.61 7.16
CA ARG D 190 -19.51 -14.39 7.50
C ARG D 190 -19.33 -15.85 7.10
N ILE D 191 -18.88 -16.09 5.87
CA ILE D 191 -18.73 -17.46 5.37
C ILE D 191 -17.68 -18.25 6.14
N PRO D 192 -16.46 -17.76 6.33
CA PRO D 192 -15.51 -18.49 7.18
C PRO D 192 -15.97 -18.65 8.61
N GLU D 193 -16.68 -17.66 9.17
CA GLU D 193 -17.15 -17.80 10.54
C GLU D 193 -18.21 -18.88 10.65
N GLU D 194 -19.08 -18.99 9.66
CA GLU D 194 -20.03 -20.10 9.65
C GLU D 194 -19.33 -21.43 9.49
N ALA D 195 -18.29 -21.48 8.66
CA ALA D 195 -17.54 -22.73 8.51
C ALA D 195 -16.86 -23.11 9.82
N TYR D 196 -16.34 -22.12 10.55
CA TYR D 196 -15.70 -22.39 11.83
C TYR D 196 -16.71 -22.85 12.87
N ARG D 197 -17.81 -22.11 13.03
CA ARG D 197 -18.69 -22.35 14.15
C ARG D 197 -19.67 -23.47 13.88
N ASP D 198 -19.97 -23.74 12.60
CA ASP D 198 -20.99 -24.70 12.24
C ASP D 198 -20.51 -25.81 11.33
N GLY D 199 -19.33 -25.67 10.72
CA GLY D 199 -18.80 -26.68 9.83
C GLY D 199 -19.37 -26.66 8.44
N THR D 200 -20.27 -25.74 8.14
CA THR D 200 -20.97 -25.74 6.87
C THR D 200 -20.42 -24.67 5.94
N ILE D 201 -20.08 -25.08 4.72
CA ILE D 201 -20.07 -24.12 3.63
C ILE D 201 -21.50 -23.67 3.36
N GLN D 202 -21.63 -22.62 2.56
CA GLN D 202 -22.96 -22.07 2.37
C GLN D 202 -23.84 -23.04 1.58
N ARG D 203 -25.15 -22.81 1.66
CA ARG D 203 -26.09 -23.65 0.91
C ARG D 203 -26.14 -23.30 -0.57
N GLN D 204 -25.60 -22.16 -0.96
CA GLN D 204 -25.47 -21.76 -2.35
C GLN D 204 -23.99 -21.57 -2.64
N VAL D 205 -23.44 -22.41 -3.49
CA VAL D 205 -22.06 -22.30 -3.94
C VAL D 205 -22.09 -22.25 -5.46
N ALA D 206 -21.35 -21.32 -6.04
CA ALA D 206 -21.33 -21.09 -7.49
C ALA D 206 -22.78 -20.83 -7.91
N GLY D 207 -23.22 -21.32 -9.05
CA GLY D 207 -24.59 -21.07 -9.41
C GLY D 207 -25.60 -22.06 -8.88
N PHE D 208 -25.20 -22.94 -7.97
CA PHE D 208 -26.10 -24.00 -7.53
C PHE D 208 -27.07 -23.49 -6.47
N ASP D 209 -28.32 -23.92 -6.59
CA ASP D 209 -29.36 -23.47 -5.69
C ASP D 209 -29.30 -24.16 -4.34
N ASP D 210 -28.82 -25.40 -4.29
CA ASP D 210 -28.78 -26.18 -3.06
C ASP D 210 -27.54 -27.06 -3.09
N VAL D 211 -26.57 -26.75 -2.23
CA VAL D 211 -25.38 -27.57 -2.07
C VAL D 211 -25.42 -28.16 -0.67
N LEU D 212 -25.34 -29.48 -0.58
CA LEU D 212 -25.50 -30.15 0.70
C LEU D 212 -24.62 -31.40 0.74
N ARG D 213 -24.65 -32.06 1.88
CA ARG D 213 -23.80 -33.20 2.18
C ARG D 213 -24.64 -34.45 2.30
N SER D 214 -24.25 -35.52 1.62
CA SER D 214 -24.99 -36.77 1.63
C SER D 214 -24.10 -37.92 2.08
N PRO D 215 -24.46 -38.66 3.13
CA PRO D 215 -23.66 -39.80 3.54
C PRO D 215 -23.89 -41.03 2.68
N LYS D 216 -24.85 -41.01 1.77
CA LYS D 216 -25.23 -42.17 0.98
C LYS D 216 -24.56 -42.22 -0.38
N LEU D 217 -23.68 -41.27 -0.69
CA LEU D 217 -23.06 -41.24 -2.00
C LEU D 217 -22.14 -42.44 -2.18
N PRO D 218 -22.18 -43.10 -3.32
CA PRO D 218 -21.41 -44.33 -3.50
C PRO D 218 -19.94 -44.02 -3.77
N VAL D 219 -19.16 -45.10 -3.94
CA VAL D 219 -17.77 -45.02 -4.35
C VAL D 219 -17.68 -45.64 -5.74
N LEU D 220 -17.22 -44.86 -6.71
CA LEU D 220 -17.06 -45.33 -8.08
C LEU D 220 -15.73 -46.05 -8.18
N THR D 221 -15.79 -47.36 -8.40
CA THR D 221 -14.58 -48.15 -8.56
C THR D 221 -13.84 -47.73 -9.83
N LYS D 222 -12.51 -47.75 -9.75
CA LYS D 222 -11.71 -47.49 -10.93
C LYS D 222 -11.98 -48.56 -11.98
N SER D 223 -11.86 -48.17 -13.24
CA SER D 223 -12.07 -49.09 -14.35
C SER D 223 -10.71 -49.61 -14.82
N THR D 224 -10.63 -50.92 -15.00
CA THR D 224 -9.40 -51.58 -15.41
C THR D 224 -9.25 -51.70 -16.91
N ALA D 225 -10.11 -51.04 -17.69
CA ALA D 225 -9.96 -51.04 -19.14
C ALA D 225 -8.68 -50.31 -19.53
N THR D 226 -7.96 -50.86 -20.51
CA THR D 226 -6.63 -50.38 -20.83
C THR D 226 -6.51 -49.81 -22.24
N GLY D 227 -6.86 -50.60 -23.25
CA GLY D 227 -6.59 -50.20 -24.62
C GLY D 227 -7.80 -50.24 -25.54
N ILE D 228 -8.94 -49.81 -25.02
CA ILE D 228 -10.20 -49.95 -25.74
C ILE D 228 -10.26 -48.92 -26.86
N THR D 229 -10.66 -49.37 -28.05
CA THR D 229 -10.92 -48.51 -29.20
C THR D 229 -12.26 -48.92 -29.79
N VAL D 230 -12.91 -47.97 -30.45
CA VAL D 230 -14.16 -48.28 -31.13
C VAL D 230 -13.87 -49.17 -32.32
N SER D 231 -14.81 -50.04 -32.65
CA SER D 231 -14.67 -50.97 -33.77
C SER D 231 -15.59 -50.51 -34.89
N GLY D 232 -15.01 -50.16 -36.02
CA GLY D 232 -15.76 -49.68 -37.15
C GLY D 232 -16.32 -48.28 -36.93
N ALA D 233 -16.49 -47.58 -38.04
CA ALA D 233 -17.13 -46.27 -37.97
C ALA D 233 -18.60 -46.46 -37.63
N GLN D 234 -19.05 -45.77 -36.59
CA GLN D 234 -20.42 -45.91 -36.10
C GLN D 234 -21.08 -44.55 -36.01
N SER D 235 -22.26 -44.44 -36.58
CA SER D 235 -23.04 -43.21 -36.54
C SER D 235 -24.41 -43.53 -35.99
N PHE D 236 -24.87 -42.75 -35.03
CA PHE D 236 -26.15 -42.95 -34.37
C PHE D 236 -27.12 -41.87 -34.81
N LYS D 237 -28.35 -42.26 -35.09
CA LYS D 237 -29.32 -41.34 -35.63
C LYS D 237 -30.46 -41.14 -34.64
N PRO D 238 -31.00 -39.94 -34.52
CA PRO D 238 -32.17 -39.71 -33.67
C PRO D 238 -33.43 -40.14 -34.41
N VAL D 239 -34.16 -41.09 -33.83
CA VAL D 239 -35.39 -41.59 -34.42
C VAL D 239 -36.44 -41.70 -33.33
N ALA D 240 -37.67 -41.35 -33.68
CA ALA D 240 -38.78 -41.55 -32.75
C ALA D 240 -39.17 -43.01 -32.67
N TRP D 241 -39.04 -43.75 -33.77
CA TRP D 241 -39.36 -45.17 -33.79
C TRP D 241 -38.56 -45.83 -34.90
N GLN D 242 -38.52 -47.16 -34.84
CA GLN D 242 -37.85 -47.96 -35.85
C GLN D 242 -38.75 -49.12 -36.25
N LEU D 243 -38.64 -49.54 -37.51
CA LEU D 243 -39.44 -50.63 -38.05
C LEU D 243 -38.84 -51.97 -37.62
N ASP D 244 -39.65 -52.81 -37.00
CA ASP D 244 -39.21 -54.13 -36.58
C ASP D 244 -39.25 -55.07 -37.78
N ASN D 245 -39.01 -56.37 -37.53
CA ASN D 245 -38.95 -57.34 -38.61
C ASN D 245 -40.29 -57.47 -39.32
N ASP D 246 -41.38 -57.46 -38.57
CA ASP D 246 -42.72 -57.66 -39.14
C ASP D 246 -43.36 -56.37 -39.61
N GLY D 247 -42.67 -55.23 -39.53
CA GLY D 247 -43.19 -53.99 -40.04
C GLY D 247 -43.81 -53.06 -39.03
N ASN D 248 -43.83 -53.43 -37.76
CA ASN D 248 -44.38 -52.56 -36.72
C ASN D 248 -43.45 -51.39 -36.47
N LYS D 249 -44.03 -50.28 -36.03
CA LYS D 249 -43.26 -49.12 -35.60
C LYS D 249 -43.14 -49.16 -34.09
N VAL D 250 -41.90 -49.23 -33.60
CA VAL D 250 -41.62 -49.43 -32.19
C VAL D 250 -40.85 -48.22 -31.68
N ASN D 251 -41.35 -47.62 -30.60
CA ASN D 251 -40.75 -46.40 -30.08
C ASN D 251 -39.32 -46.66 -29.61
N VAL D 252 -38.48 -45.65 -29.76
CA VAL D 252 -37.06 -45.74 -29.46
C VAL D 252 -36.72 -44.74 -28.35
N ASP D 253 -36.00 -45.20 -27.34
CA ASP D 253 -35.58 -44.34 -26.24
C ASP D 253 -34.39 -43.49 -26.69
N ASN D 254 -34.58 -42.17 -26.72
CA ASN D 254 -33.55 -41.25 -27.18
C ASN D 254 -32.32 -41.23 -26.28
N ARG D 255 -32.41 -41.78 -25.07
CA ARG D 255 -31.31 -41.66 -24.12
C ARG D 255 -30.10 -42.47 -24.57
N PHE D 256 -30.27 -43.78 -24.76
CA PHE D 256 -29.13 -44.68 -24.86
C PHE D 256 -28.70 -44.93 -26.30
N ALA D 257 -27.48 -45.46 -26.43
CA ALA D 257 -26.95 -45.91 -27.70
C ALA D 257 -25.97 -47.06 -27.44
N THR D 258 -25.96 -48.03 -28.33
CA THR D 258 -25.09 -49.20 -28.20
C THR D 258 -23.90 -49.07 -29.14
N VAL D 259 -22.70 -49.11 -28.58
CA VAL D 259 -21.47 -48.84 -29.30
C VAL D 259 -20.65 -50.11 -29.39
N THR D 260 -20.15 -50.41 -30.58
CA THR D 260 -19.28 -51.56 -30.77
C THR D 260 -17.84 -51.17 -30.49
N LEU D 261 -17.19 -51.95 -29.63
CA LEU D 261 -15.83 -51.67 -29.20
C LEU D 261 -14.98 -52.91 -29.45
N SER D 262 -13.66 -52.71 -29.42
CA SER D 262 -12.74 -53.83 -29.60
C SER D 262 -12.89 -54.85 -28.48
N ALA D 263 -13.01 -54.37 -27.24
CA ALA D 263 -13.23 -55.24 -26.10
C ALA D 263 -13.92 -54.43 -25.02
N THR D 264 -14.60 -55.12 -24.12
CA THR D 264 -15.29 -54.46 -23.02
C THR D 264 -14.80 -55.00 -21.69
N THR D 265 -13.60 -55.54 -21.65
CA THR D 265 -13.03 -56.05 -20.41
C THR D 265 -12.72 -54.89 -19.47
N GLY D 266 -13.01 -55.09 -18.19
CA GLY D 266 -12.80 -54.05 -17.21
C GLY D 266 -13.88 -53.00 -17.15
N MET D 267 -14.91 -53.10 -17.99
CA MET D 267 -15.99 -52.13 -18.02
C MET D 267 -17.15 -52.62 -17.17
N LYS D 268 -17.81 -51.69 -16.50
CA LYS D 268 -18.96 -51.99 -15.66
C LYS D 268 -19.96 -50.86 -15.80
N ARG D 269 -21.20 -51.14 -15.42
CA ARG D 269 -22.22 -50.10 -15.40
C ARG D 269 -21.79 -48.96 -14.48
N GLY D 270 -22.00 -47.74 -14.95
CA GLY D 270 -21.60 -46.57 -14.21
C GLY D 270 -20.22 -46.07 -14.53
N ASP D 271 -19.48 -46.76 -15.38
CA ASP D 271 -18.19 -46.25 -15.83
C ASP D 271 -18.40 -45.01 -16.70
N LYS D 272 -17.52 -44.04 -16.53
CA LYS D 272 -17.54 -42.82 -17.31
C LYS D 272 -16.41 -42.87 -18.33
N ILE D 273 -16.75 -42.64 -19.60
CA ILE D 273 -15.79 -42.74 -20.68
C ILE D 273 -15.82 -41.47 -21.51
N SER D 274 -14.90 -41.40 -22.46
CA SER D 274 -14.86 -40.33 -23.45
C SER D 274 -14.17 -40.89 -24.68
N PHE D 275 -14.44 -40.28 -25.81
CA PHE D 275 -13.87 -40.71 -27.08
C PHE D 275 -12.88 -39.69 -27.58
N ALA D 276 -11.79 -40.17 -28.18
CA ALA D 276 -10.71 -39.29 -28.59
C ALA D 276 -11.16 -38.41 -29.75
N GLY D 277 -11.38 -37.13 -29.46
CA GLY D 277 -11.68 -36.14 -30.47
C GLY D 277 -13.10 -35.64 -30.46
N VAL D 278 -14.04 -36.39 -29.89
CA VAL D 278 -15.43 -35.94 -29.87
C VAL D 278 -15.58 -34.83 -28.84
N LYS D 279 -16.41 -33.86 -29.15
CA LYS D 279 -16.64 -32.72 -28.28
C LYS D 279 -18.13 -32.48 -28.13
N PHE D 280 -18.50 -31.85 -27.02
CA PHE D 280 -19.90 -31.47 -26.87
C PHE D 280 -20.28 -30.41 -27.91
N LEU D 281 -21.54 -30.03 -27.88
CA LEU D 281 -22.06 -28.90 -28.63
C LEU D 281 -22.93 -28.07 -27.69
N GLY D 282 -23.09 -26.80 -28.03
CA GLY D 282 -24.20 -26.04 -27.50
C GLY D 282 -25.47 -26.62 -28.06
N GLN D 283 -26.38 -27.04 -27.19
CA GLN D 283 -27.50 -27.84 -27.67
C GLN D 283 -28.44 -27.08 -28.59
N MET D 284 -28.47 -25.75 -28.52
CA MET D 284 -29.36 -25.00 -29.39
C MET D 284 -28.67 -24.54 -30.66
N ALA D 285 -27.53 -23.87 -30.55
CA ALA D 285 -26.84 -23.31 -31.70
C ALA D 285 -25.86 -24.27 -32.34
N LYS D 286 -25.61 -25.42 -31.72
CA LYS D 286 -24.64 -26.40 -32.23
C LYS D 286 -23.25 -25.80 -32.34
N ASN D 287 -22.91 -24.87 -31.46
CA ASN D 287 -21.57 -24.32 -31.42
C ASN D 287 -20.65 -25.30 -30.71
N VAL D 288 -19.47 -25.52 -31.26
CA VAL D 288 -18.59 -26.54 -30.73
C VAL D 288 -17.96 -26.06 -29.42
N LEU D 289 -18.01 -26.93 -28.42
CA LEU D 289 -17.39 -26.66 -27.13
C LEU D 289 -15.99 -27.23 -27.08
N ALA D 290 -15.17 -26.65 -26.19
CA ALA D 290 -13.80 -27.10 -25.97
C ALA D 290 -13.70 -28.24 -24.99
N GLN D 291 -14.82 -28.69 -24.42
CA GLN D 291 -14.84 -29.81 -23.50
C GLN D 291 -15.13 -31.09 -24.26
N ASP D 292 -14.37 -32.14 -23.95
CA ASP D 292 -14.65 -33.45 -24.53
C ASP D 292 -16.00 -33.96 -24.06
N ALA D 293 -16.77 -34.53 -24.98
CA ALA D 293 -18.04 -35.13 -24.63
C ALA D 293 -17.82 -36.33 -23.73
N THR D 294 -18.57 -36.40 -22.64
CA THR D 294 -18.46 -37.48 -21.67
C THR D 294 -19.70 -38.35 -21.72
N PHE D 295 -19.51 -39.65 -21.55
CA PHE D 295 -20.60 -40.62 -21.58
C PHE D 295 -20.49 -41.56 -20.39
N SER D 296 -21.62 -42.09 -19.98
CA SER D 296 -21.69 -43.04 -18.89
C SER D 296 -22.13 -44.39 -19.43
N VAL D 297 -21.46 -45.44 -18.97
CA VAL D 297 -21.74 -46.80 -19.44
C VAL D 297 -23.01 -47.28 -18.77
N VAL D 298 -24.10 -47.41 -19.54
CA VAL D 298 -25.35 -47.90 -18.99
C VAL D 298 -25.22 -49.38 -18.64
N ARG D 299 -24.70 -50.18 -19.56
CA ARG D 299 -24.58 -51.61 -19.33
C ARG D 299 -23.68 -52.22 -20.39
N VAL D 300 -23.01 -53.30 -20.02
CA VAL D 300 -22.19 -54.08 -20.93
C VAL D 300 -23.04 -55.24 -21.42
N VAL D 301 -23.19 -55.36 -22.74
CA VAL D 301 -24.11 -56.37 -23.27
C VAL D 301 -23.35 -57.59 -23.75
N ASP D 302 -22.14 -57.41 -24.26
CA ASP D 302 -21.33 -58.48 -24.82
C ASP D 302 -19.88 -58.20 -24.48
N GLY D 303 -18.99 -58.99 -25.08
CA GLY D 303 -17.58 -58.67 -24.97
C GLY D 303 -17.12 -57.58 -25.90
N THR D 304 -18.02 -57.04 -26.71
CA THR D 304 -17.69 -56.01 -27.68
C THR D 304 -18.59 -54.79 -27.62
N HIS D 305 -19.85 -54.93 -27.24
CA HIS D 305 -20.81 -53.84 -27.29
C HIS D 305 -21.08 -53.28 -25.91
N VAL D 306 -21.21 -51.95 -25.84
CA VAL D 306 -21.53 -51.23 -24.62
C VAL D 306 -22.68 -50.28 -24.94
N GLU D 307 -23.50 -50.00 -23.93
CA GLU D 307 -24.60 -49.06 -24.03
C GLU D 307 -24.27 -47.84 -23.18
N ILE D 308 -24.29 -46.66 -23.80
CA ILE D 308 -23.85 -45.43 -23.14
C ILE D 308 -25.01 -44.44 -23.09
N THR D 309 -25.17 -43.77 -21.95
CA THR D 309 -26.43 -43.09 -21.64
C THR D 309 -26.69 -41.80 -22.42
N PRO D 310 -25.68 -41.08 -22.95
CA PRO D 310 -26.01 -40.07 -23.97
C PRO D 310 -25.84 -40.65 -25.37
N LYS D 311 -26.86 -40.56 -26.21
CA LYS D 311 -26.71 -41.04 -27.58
C LYS D 311 -25.95 -40.01 -28.40
N PRO D 312 -24.80 -40.35 -28.97
CA PRO D 312 -23.98 -39.34 -29.66
C PRO D 312 -24.48 -39.09 -31.07
N VAL D 313 -25.10 -37.94 -31.28
CA VAL D 313 -25.52 -37.51 -32.60
C VAL D 313 -24.51 -36.47 -33.06
N ALA D 314 -23.91 -36.70 -34.22
CA ALA D 314 -22.81 -35.89 -34.70
C ALA D 314 -23.31 -34.81 -35.65
N LEU D 315 -22.80 -33.60 -35.47
CA LEU D 315 -23.01 -32.56 -36.45
C LEU D 315 -22.28 -32.85 -37.75
N ASP D 316 -21.19 -33.62 -37.67
CA ASP D 316 -20.32 -33.83 -38.81
C ASP D 316 -20.91 -34.78 -39.84
N ASP D 317 -21.51 -35.89 -39.42
CA ASP D 317 -21.84 -36.95 -40.36
C ASP D 317 -22.96 -36.54 -41.30
N VAL D 318 -22.89 -37.05 -42.53
CA VAL D 318 -23.81 -36.67 -43.58
C VAL D 318 -24.96 -37.64 -43.73
N SER D 319 -24.96 -38.74 -42.98
CA SER D 319 -26.06 -39.68 -43.03
C SER D 319 -27.34 -39.13 -42.43
N LEU D 320 -27.27 -37.99 -41.76
CA LEU D 320 -28.42 -37.41 -41.10
C LEU D 320 -29.21 -36.51 -42.04
N SER D 321 -30.53 -36.54 -41.88
CA SER D 321 -31.39 -35.55 -42.49
C SER D 321 -31.28 -34.25 -41.70
N PRO D 322 -31.71 -33.12 -42.27
CA PRO D 322 -31.63 -31.86 -41.51
C PRO D 322 -32.35 -31.90 -40.18
N GLU D 323 -33.53 -32.52 -40.11
CA GLU D 323 -34.25 -32.55 -38.83
C GLU D 323 -33.52 -33.43 -37.83
N GLN D 324 -32.90 -34.51 -38.31
CA GLN D 324 -32.07 -35.33 -37.44
C GLN D 324 -30.84 -34.58 -36.98
N ARG D 325 -30.20 -33.85 -37.90
CA ARG D 325 -29.04 -33.04 -37.54
C ARG D 325 -29.40 -31.93 -36.57
N ALA D 326 -30.68 -31.55 -36.51
CA ALA D 326 -31.08 -30.55 -35.52
C ALA D 326 -30.94 -31.04 -34.10
N TYR D 327 -30.82 -32.35 -33.90
CA TYR D 327 -30.68 -32.94 -32.57
C TYR D 327 -29.24 -33.31 -32.24
N ALA D 328 -28.27 -32.78 -32.99
CA ALA D 328 -26.88 -33.13 -32.76
C ALA D 328 -26.40 -32.60 -31.41
N ASN D 329 -25.60 -33.43 -30.73
CA ASN D 329 -25.01 -33.02 -29.46
C ASN D 329 -23.50 -33.18 -29.44
N VAL D 330 -22.92 -33.75 -30.48
CA VAL D 330 -21.49 -34.01 -30.55
C VAL D 330 -20.99 -33.48 -31.88
N ASN D 331 -19.72 -33.06 -31.91
CA ASN D 331 -19.19 -32.43 -33.11
C ASN D 331 -18.89 -33.43 -34.22
N THR D 332 -18.57 -34.68 -33.88
CA THR D 332 -18.16 -35.62 -34.91
C THR D 332 -18.51 -37.04 -34.48
N SER D 333 -18.55 -37.93 -35.46
CA SER D 333 -18.93 -39.32 -35.23
C SER D 333 -17.74 -40.14 -34.76
N LEU D 334 -18.00 -41.41 -34.46
CA LEU D 334 -16.96 -42.31 -33.98
C LEU D 334 -16.23 -42.93 -35.16
N ALA D 335 -14.91 -42.76 -35.20
CA ALA D 335 -14.11 -43.22 -36.31
C ALA D 335 -13.93 -44.74 -36.21
N ASP D 336 -13.05 -45.28 -37.06
CA ASP D 336 -12.89 -46.73 -37.10
C ASP D 336 -12.07 -47.23 -35.93
N ALA D 337 -11.06 -46.48 -35.49
CA ALA D 337 -10.16 -46.93 -34.43
C ALA D 337 -9.97 -45.84 -33.37
N MET D 338 -11.02 -45.10 -33.08
CA MET D 338 -10.93 -44.02 -32.10
C MET D 338 -10.75 -44.58 -30.70
N ALA D 339 -9.80 -44.02 -29.97
CA ALA D 339 -9.50 -44.47 -28.63
C ALA D 339 -10.60 -44.03 -27.66
N VAL D 340 -10.90 -44.90 -26.69
CA VAL D 340 -11.90 -44.62 -25.68
C VAL D 340 -11.18 -44.31 -24.38
N ASN D 341 -11.41 -43.12 -23.85
CA ASN D 341 -10.74 -42.64 -22.65
C ASN D 341 -11.56 -43.00 -21.43
N ILE D 342 -10.96 -43.70 -20.48
CA ILE D 342 -11.62 -44.04 -19.23
C ILE D 342 -11.42 -42.88 -18.26
N LEU D 343 -12.53 -42.34 -17.75
CA LEU D 343 -12.47 -41.12 -16.96
C LEU D 343 -12.34 -41.39 -15.47
N ASN D 344 -12.80 -42.54 -14.98
CA ASN D 344 -12.62 -42.90 -13.58
C ASN D 344 -11.45 -43.86 -13.49
N VAL D 345 -10.25 -43.28 -13.32
CA VAL D 345 -9.03 -44.06 -13.28
C VAL D 345 -8.57 -44.37 -11.87
N LYS D 346 -9.28 -43.89 -10.85
CA LYS D 346 -8.94 -44.18 -9.47
C LYS D 346 -10.23 -44.28 -8.67
N ASP D 347 -10.24 -45.15 -7.67
CA ASP D 347 -11.40 -45.26 -6.80
C ASP D 347 -11.62 -43.95 -6.08
N ALA D 348 -12.87 -43.50 -6.02
CA ALA D 348 -13.18 -42.26 -5.36
C ALA D 348 -14.63 -42.28 -4.92
N ARG D 349 -14.89 -41.73 -3.74
CA ARG D 349 -16.27 -41.48 -3.37
C ARG D 349 -16.79 -40.32 -4.20
N THR D 350 -17.95 -40.52 -4.81
CA THR D 350 -18.44 -39.57 -5.79
C THR D 350 -19.17 -38.41 -5.12
N ASN D 351 -19.20 -37.29 -5.82
CA ASN D 351 -20.15 -36.22 -5.57
C ASN D 351 -21.10 -36.18 -6.75
N VAL D 352 -22.38 -35.94 -6.46
CA VAL D 352 -23.42 -36.01 -7.47
C VAL D 352 -24.11 -34.65 -7.55
N PHE D 353 -24.47 -34.25 -8.77
CA PHE D 353 -25.27 -33.07 -8.98
C PHE D 353 -26.26 -33.34 -10.11
N TRP D 354 -27.35 -32.59 -10.12
CA TRP D 354 -28.28 -32.64 -11.23
C TRP D 354 -29.07 -31.35 -11.28
N ALA D 355 -29.97 -31.28 -12.25
CA ALA D 355 -31.11 -30.38 -12.22
C ALA D 355 -32.28 -31.12 -11.61
N ASP D 356 -33.02 -30.44 -10.73
CA ASP D 356 -33.88 -31.10 -9.76
C ASP D 356 -35.00 -31.93 -10.37
N ASP D 357 -35.19 -31.84 -11.69
CA ASP D 357 -36.21 -32.61 -12.37
C ASP D 357 -35.64 -33.75 -13.20
N ALA D 358 -34.35 -34.07 -13.06
CA ALA D 358 -33.75 -35.08 -13.91
C ALA D 358 -33.98 -36.50 -13.42
N ILE D 359 -34.40 -36.68 -12.17
CA ILE D 359 -34.60 -37.99 -11.58
C ILE D 359 -35.97 -38.03 -10.92
N ARG D 360 -36.69 -39.12 -11.14
CA ARG D 360 -38.00 -39.32 -10.55
C ARG D 360 -38.06 -40.71 -9.95
N ILE D 361 -39.07 -40.93 -9.12
CA ILE D 361 -39.37 -42.24 -8.56
C ILE D 361 -40.77 -42.61 -9.01
N VAL D 362 -40.88 -43.66 -9.79
CA VAL D 362 -42.17 -44.14 -10.25
C VAL D 362 -42.60 -45.30 -9.36
N SER D 363 -43.82 -45.23 -8.85
CA SER D 363 -44.33 -46.20 -7.90
C SER D 363 -45.56 -46.90 -8.45
N GLN D 364 -45.70 -48.18 -8.13
CA GLN D 364 -46.86 -48.95 -8.52
C GLN D 364 -47.43 -49.65 -7.29
N PRO D 365 -48.75 -49.72 -7.18
CA PRO D 365 -49.35 -50.44 -6.06
C PRO D 365 -49.40 -51.94 -6.32
N ILE D 366 -49.22 -52.70 -5.24
CA ILE D 366 -49.28 -54.15 -5.29
C ILE D 366 -50.69 -54.57 -4.88
N PRO D 367 -51.51 -55.07 -5.81
CA PRO D 367 -52.92 -55.35 -5.50
C PRO D 367 -53.10 -56.67 -4.75
N ALA D 368 -52.61 -56.68 -3.51
CA ALA D 368 -52.71 -57.86 -2.67
C ALA D 368 -54.01 -57.93 -1.89
N ASN D 369 -54.84 -56.90 -1.96
CA ASN D 369 -56.14 -56.91 -1.32
C ASN D 369 -57.23 -57.46 -2.24
N HIS D 370 -56.87 -57.91 -3.44
CA HIS D 370 -57.83 -58.54 -4.32
C HIS D 370 -58.37 -59.82 -3.70
N GLU D 371 -59.55 -60.23 -4.16
CA GLU D 371 -60.19 -61.42 -3.61
C GLU D 371 -59.40 -62.69 -3.93
N LEU D 372 -58.45 -62.62 -4.86
CA LEU D 372 -57.66 -63.79 -5.20
C LEU D 372 -56.78 -64.24 -4.03
N PHE D 373 -56.28 -63.29 -3.25
CA PHE D 373 -55.39 -63.60 -2.12
C PHE D 373 -56.20 -63.63 -0.83
N ALA D 374 -56.97 -64.69 -0.67
CA ALA D 374 -57.89 -64.80 0.45
C ALA D 374 -57.18 -65.17 1.74
N GLY D 375 -56.14 -66.01 1.66
CA GLY D 375 -55.51 -66.51 2.87
C GLY D 375 -54.84 -65.44 3.70
N MET D 376 -54.10 -64.54 3.06
CA MET D 376 -53.28 -63.58 3.77
C MET D 376 -54.08 -62.33 4.13
N LYS D 377 -53.65 -61.67 5.20
CA LYS D 377 -54.28 -60.46 5.68
C LYS D 377 -53.41 -59.28 5.28
N THR D 378 -53.91 -58.45 4.38
CA THR D 378 -53.12 -57.38 3.78
C THR D 378 -53.74 -56.03 4.08
N THR D 379 -52.91 -55.08 4.51
CA THR D 379 -53.30 -53.68 4.63
C THR D 379 -52.21 -52.81 4.02
N SER D 380 -52.46 -51.50 4.03
CA SER D 380 -51.48 -50.55 3.53
C SER D 380 -50.37 -50.35 4.55
N PHE D 381 -49.17 -50.06 4.04
CA PHE D 381 -48.02 -49.73 4.86
C PHE D 381 -47.38 -48.49 4.29
N SER D 382 -47.00 -47.55 5.16
CA SER D 382 -46.52 -46.26 4.74
C SER D 382 -45.05 -46.08 5.11
N ILE D 383 -44.30 -45.43 4.24
CA ILE D 383 -42.93 -45.03 4.52
C ILE D 383 -42.89 -43.51 4.52
N PRO D 384 -43.23 -42.86 5.63
CA PRO D 384 -43.41 -41.40 5.60
C PRO D 384 -42.15 -40.62 5.28
N ASP D 385 -40.97 -41.18 5.53
CA ASP D 385 -39.74 -40.44 5.27
C ASP D 385 -39.60 -40.08 3.79
N VAL D 386 -39.86 -41.04 2.92
CA VAL D 386 -39.75 -40.82 1.48
C VAL D 386 -41.08 -40.45 0.84
N GLY D 387 -42.19 -40.91 1.39
CA GLY D 387 -43.48 -40.68 0.76
C GLY D 387 -43.91 -41.77 -0.17
N LEU D 388 -43.40 -42.99 0.04
CA LEU D 388 -43.77 -44.15 -0.75
C LEU D 388 -44.71 -45.03 0.08
N ASN D 389 -45.62 -45.71 -0.61
CA ASN D 389 -46.61 -46.57 0.04
C ASN D 389 -46.39 -48.01 -0.41
N GLY D 390 -46.31 -48.90 0.58
CA GLY D 390 -46.22 -50.32 0.29
C GLY D 390 -47.38 -51.06 0.90
N ILE D 391 -47.27 -52.38 1.02
CA ILE D 391 -48.31 -53.18 1.63
C ILE D 391 -47.73 -53.93 2.81
N PHE D 392 -48.59 -54.25 3.76
CA PHE D 392 -48.26 -55.04 4.94
C PHE D 392 -49.08 -56.32 4.85
N ALA D 393 -48.42 -57.46 4.82
CA ALA D 393 -49.10 -58.74 4.69
C ALA D 393 -48.71 -59.67 5.83
N THR D 394 -49.68 -60.49 6.25
CA THR D 394 -49.44 -61.54 7.24
C THR D 394 -50.16 -62.80 6.81
N GLN D 395 -49.62 -63.94 7.23
CA GLN D 395 -50.23 -65.24 6.94
C GLN D 395 -49.66 -66.28 7.88
N GLY D 396 -50.53 -67.10 8.44
CA GLY D 396 -50.09 -68.14 9.35
C GLY D 396 -50.06 -69.51 8.74
N ASP D 397 -49.32 -70.44 9.35
CA ASP D 397 -49.24 -71.83 8.91
C ASP D 397 -49.56 -72.72 10.09
N ILE D 398 -50.57 -73.57 9.92
CA ILE D 398 -51.05 -74.39 11.04
C ILE D 398 -50.01 -75.43 11.45
N SER D 399 -49.26 -75.98 10.49
CA SER D 399 -48.38 -77.10 10.80
C SER D 399 -47.27 -76.69 11.77
N THR D 400 -46.57 -75.60 11.47
CA THR D 400 -45.54 -75.11 12.37
C THR D 400 -46.07 -74.15 13.41
N LEU D 401 -47.35 -73.77 13.31
CA LEU D 401 -47.98 -72.82 14.24
C LEU D 401 -47.18 -71.52 14.28
N SER D 402 -46.70 -71.10 13.13
CA SER D 402 -45.91 -69.89 12.98
C SER D 402 -46.48 -69.06 11.84
N GLY D 403 -46.18 -67.76 11.86
CA GLY D 403 -46.71 -66.84 10.89
C GLY D 403 -45.62 -66.10 10.16
N LEU D 404 -45.96 -65.60 8.98
CA LEU D 404 -45.06 -64.80 8.17
C LEU D 404 -45.58 -63.37 8.09
N CYS D 405 -44.66 -62.41 8.06
CA CYS D 405 -45.01 -61.02 7.85
C CYS D 405 -44.16 -60.47 6.73
N ARG D 406 -44.82 -59.87 5.73
CA ARG D 406 -44.13 -59.33 4.57
C ARG D 406 -44.54 -57.88 4.37
N ILE D 407 -43.55 -57.00 4.29
CA ILE D 407 -43.76 -55.60 3.94
C ILE D 407 -43.15 -55.41 2.57
N ALA D 408 -44.00 -55.17 1.57
CA ALA D 408 -43.57 -55.11 0.19
C ALA D 408 -43.74 -53.70 -0.34
N LEU D 409 -42.74 -53.20 -1.06
CA LEU D 409 -42.73 -51.85 -1.59
C LEU D 409 -42.21 -51.91 -3.01
N TRP D 410 -43.01 -51.41 -3.96
CA TRP D 410 -42.70 -51.51 -5.38
C TRP D 410 -42.51 -50.11 -5.96
N TYR D 411 -41.34 -49.86 -6.52
CA TYR D 411 -41.03 -48.56 -7.10
C TYR D 411 -39.86 -48.75 -8.06
N GLY D 412 -39.60 -47.71 -8.84
CA GLY D 412 -38.45 -47.70 -9.72
C GLY D 412 -37.89 -46.30 -9.91
N VAL D 413 -36.61 -46.13 -9.65
CA VAL D 413 -35.95 -44.83 -9.80
C VAL D 413 -35.58 -44.66 -11.26
N ASN D 414 -35.96 -43.53 -11.84
CA ASN D 414 -35.76 -43.27 -13.25
C ASN D 414 -34.97 -41.98 -13.45
N ALA D 415 -34.03 -42.02 -14.38
CA ALA D 415 -33.27 -40.85 -14.80
C ALA D 415 -33.74 -40.49 -16.21
N THR D 416 -34.69 -39.58 -16.28
CA THR D 416 -35.24 -39.17 -17.57
C THR D 416 -34.31 -38.21 -18.31
N ARG D 417 -33.40 -37.54 -17.60
CA ARG D 417 -32.40 -36.67 -18.21
C ARG D 417 -31.03 -37.02 -17.66
N PRO D 418 -30.45 -38.12 -18.13
CA PRO D 418 -29.08 -38.44 -17.68
C PRO D 418 -28.07 -37.39 -18.04
N GLU D 419 -28.30 -36.65 -19.13
CA GLU D 419 -27.38 -35.61 -19.55
C GLU D 419 -27.44 -34.40 -18.63
N ALA D 420 -28.42 -34.33 -17.75
CA ALA D 420 -28.49 -33.28 -16.75
C ALA D 420 -27.97 -33.74 -15.39
N ILE D 421 -27.70 -35.02 -15.22
CA ILE D 421 -27.11 -35.56 -14.01
C ILE D 421 -25.62 -35.72 -14.24
N GLY D 422 -24.83 -35.29 -13.27
CA GLY D 422 -23.39 -35.38 -13.39
C GLY D 422 -22.77 -35.94 -12.12
N VAL D 423 -21.50 -36.30 -12.23
CA VAL D 423 -20.76 -36.88 -11.13
C VAL D 423 -19.43 -36.17 -11.00
N GLY D 424 -19.03 -35.90 -9.77
CA GLY D 424 -17.75 -35.25 -9.53
C GLY D 424 -16.71 -36.19 -8.98
N LEU D 425 -15.57 -36.27 -9.67
CA LEU D 425 -14.52 -37.22 -9.32
C LEU D 425 -13.25 -36.48 -8.97
N PRO D 426 -12.92 -36.34 -7.69
CA PRO D 426 -11.62 -35.78 -7.31
C PRO D 426 -10.55 -36.85 -7.22
N GLY D 427 -9.31 -36.38 -7.23
CA GLY D 427 -8.18 -37.29 -7.06
C GLY D 427 -8.05 -38.32 -8.16
N GLN D 428 -8.29 -37.93 -9.40
CA GLN D 428 -8.29 -38.88 -10.51
C GLN D 428 -6.91 -38.91 -11.17
N THR D 429 -5.98 -39.57 -10.49
CA THR D 429 -4.65 -39.84 -11.02
C THR D 429 -4.41 -41.33 -10.95
N ALA D 430 -3.97 -41.91 -12.06
CA ALA D 430 -3.78 -43.35 -12.14
C ALA D 430 -2.61 -43.79 -11.28
N ALA E 2 -47.66 -66.47 -17.48
CA ALA E 2 -49.05 -66.22 -17.11
C ALA E 2 -49.47 -64.82 -17.52
N LEU E 3 -50.76 -64.68 -17.87
CA LEU E 3 -51.34 -63.41 -18.29
C LEU E 3 -50.61 -62.85 -19.52
N ASN E 4 -50.79 -63.56 -20.63
CA ASN E 4 -50.40 -63.08 -21.94
C ASN E 4 -51.62 -62.43 -22.56
N GLU E 5 -51.69 -61.10 -22.49
CA GLU E 5 -52.82 -60.34 -23.01
C GLU E 5 -52.32 -59.28 -23.98
N GLY E 6 -53.25 -58.59 -24.61
CA GLY E 6 -52.87 -57.58 -25.58
C GLY E 6 -52.20 -56.39 -24.91
N GLN E 7 -51.21 -55.85 -25.60
CA GLN E 7 -50.39 -54.77 -25.06
C GLN E 7 -50.83 -53.43 -25.62
N ILE E 8 -50.51 -52.37 -24.89
CA ILE E 8 -50.71 -51.01 -25.35
C ILE E 8 -49.42 -50.24 -25.13
N VAL E 9 -49.29 -49.13 -25.83
CA VAL E 9 -48.16 -48.20 -25.66
C VAL E 9 -48.74 -46.86 -25.28
N THR E 10 -48.27 -46.31 -24.16
CA THR E 10 -48.75 -45.04 -23.66
C THR E 10 -47.74 -43.95 -23.95
N LEU E 11 -48.21 -42.87 -24.55
CA LEU E 11 -47.37 -41.71 -24.86
C LEU E 11 -48.08 -40.49 -24.30
N ALA E 12 -47.47 -39.85 -23.32
CA ALA E 12 -48.03 -38.64 -22.71
C ALA E 12 -47.55 -37.44 -23.51
N VAL E 13 -48.30 -37.10 -24.56
CA VAL E 13 -47.84 -36.08 -25.50
C VAL E 13 -47.72 -34.71 -24.87
N ASP E 14 -48.49 -34.41 -23.83
CA ASP E 14 -48.48 -33.09 -23.24
C ASP E 14 -47.42 -32.91 -22.15
N GLU E 15 -46.70 -33.97 -21.78
CA GLU E 15 -45.68 -33.83 -20.76
C GLU E 15 -44.51 -33.00 -21.26
N ILE E 16 -43.83 -33.48 -22.30
CA ILE E 16 -42.72 -32.78 -22.94
C ILE E 16 -41.59 -32.53 -21.96
N ILE E 17 -40.55 -33.37 -22.03
CA ILE E 17 -39.36 -33.18 -21.22
C ILE E 17 -38.59 -31.98 -21.77
N GLU E 18 -38.45 -30.94 -20.97
CA GLU E 18 -37.77 -29.74 -21.40
C GLU E 18 -36.27 -29.89 -21.18
N THR E 19 -35.50 -29.66 -22.23
CA THR E 19 -34.08 -29.98 -22.22
C THR E 19 -33.17 -28.78 -22.45
N ILE E 20 -33.63 -27.76 -23.16
CA ILE E 20 -32.76 -26.68 -23.62
C ILE E 20 -33.18 -25.37 -22.98
N SER E 21 -32.21 -24.62 -22.47
CA SER E 21 -32.38 -23.24 -22.08
C SER E 21 -31.22 -22.44 -22.62
N ALA E 22 -31.49 -21.58 -23.60
CA ALA E 22 -30.45 -20.86 -24.33
C ALA E 22 -30.66 -19.36 -24.20
N ILE E 23 -29.56 -18.63 -24.02
CA ILE E 23 -29.61 -17.18 -23.93
C ILE E 23 -28.88 -16.57 -25.12
N THR E 24 -29.22 -15.33 -25.45
CA THR E 24 -28.69 -14.63 -26.61
C THR E 24 -28.30 -13.21 -26.20
N PRO E 25 -27.22 -13.04 -25.45
CA PRO E 25 -26.86 -11.70 -24.97
C PRO E 25 -26.34 -10.77 -26.05
N MET E 26 -25.48 -11.28 -26.93
CA MET E 26 -24.90 -10.42 -27.96
C MET E 26 -25.95 -9.90 -28.93
N ALA E 27 -26.80 -10.80 -29.44
CA ALA E 27 -27.80 -10.36 -30.41
C ALA E 27 -28.77 -9.35 -29.81
N GLN E 28 -28.96 -9.38 -28.50
CA GLN E 28 -29.72 -8.32 -27.85
C GLN E 28 -28.91 -7.03 -27.77
N LYS E 29 -27.61 -7.13 -27.50
CA LYS E 29 -26.81 -5.93 -27.36
C LYS E 29 -26.50 -5.27 -28.71
N ALA E 30 -26.43 -6.05 -29.79
CA ALA E 30 -26.19 -5.47 -31.09
C ALA E 30 -27.38 -4.63 -31.54
N LYS E 31 -27.08 -3.49 -32.14
CA LYS E 31 -28.12 -2.59 -32.62
C LYS E 31 -28.76 -3.14 -33.89
N LYS E 32 -30.01 -2.74 -34.12
CA LYS E 32 -30.78 -3.18 -35.28
C LYS E 32 -31.12 -1.98 -36.15
N TYR E 33 -31.02 -2.15 -37.46
CA TYR E 33 -31.29 -1.08 -38.39
C TYR E 33 -32.10 -1.60 -39.56
N THR E 34 -33.12 -0.83 -39.95
CA THR E 34 -33.97 -1.16 -41.10
C THR E 34 -33.94 0.01 -42.05
N PRO E 35 -32.99 0.03 -42.99
CA PRO E 35 -32.94 1.10 -43.98
C PRO E 35 -34.14 1.05 -44.91
N PRO E 36 -34.44 2.15 -45.60
CA PRO E 36 -35.61 2.15 -46.49
C PRO E 36 -35.55 1.03 -47.51
N ALA E 37 -36.66 0.32 -47.66
CA ALA E 37 -36.68 -0.87 -48.50
C ALA E 37 -36.68 -0.51 -49.97
N ALA E 38 -37.42 0.53 -50.36
CA ALA E 38 -37.48 0.90 -51.77
C ALA E 38 -36.10 1.30 -52.29
N SER E 39 -35.38 2.12 -51.53
CA SER E 39 -34.03 2.49 -51.94
C SER E 39 -33.09 1.30 -51.87
N MET E 40 -33.25 0.46 -50.86
CA MET E 40 -32.46 -0.75 -50.74
C MET E 40 -32.57 -1.61 -51.99
N GLN E 41 -33.77 -1.72 -52.55
CA GLN E 41 -33.95 -2.51 -53.76
C GLN E 41 -33.20 -1.90 -54.94
N ARG E 42 -33.24 -0.58 -55.07
CA ARG E 42 -32.57 0.08 -56.19
C ARG E 42 -31.06 -0.10 -56.10
N SER E 43 -30.48 0.08 -54.92
CA SER E 43 -29.11 -0.34 -54.71
C SER E 43 -29.06 -1.86 -54.61
N SER E 44 -27.87 -2.40 -54.44
CA SER E 44 -27.78 -3.85 -54.28
C SER E 44 -27.81 -4.21 -52.79
N ASN E 45 -28.81 -3.72 -52.08
CA ASN E 45 -28.95 -3.93 -50.64
C ASN E 45 -27.71 -3.46 -49.90
N THR E 46 -27.28 -2.24 -50.21
CA THR E 46 -26.06 -1.68 -49.66
C THR E 46 -26.29 -0.24 -49.26
N ILE E 47 -25.71 0.16 -48.13
CA ILE E 47 -25.68 1.56 -47.72
C ILE E 47 -24.23 1.90 -47.43
N TRP E 48 -23.80 3.07 -47.87
CA TRP E 48 -22.46 3.56 -47.61
C TRP E 48 -22.51 4.61 -46.52
N MET E 49 -21.58 4.55 -45.58
CA MET E 49 -21.61 5.48 -44.48
C MET E 49 -20.27 6.16 -44.34
N PRO E 50 -20.26 7.46 -44.04
CA PRO E 50 -18.99 8.16 -43.86
C PRO E 50 -18.25 7.70 -42.62
N VAL E 51 -16.95 7.89 -42.64
CA VAL E 51 -16.09 7.62 -41.49
C VAL E 51 -15.52 8.95 -41.01
N GLU E 52 -15.30 9.05 -39.71
CA GLU E 52 -14.78 10.27 -39.10
C GLU E 52 -13.49 10.69 -39.77
N GLN E 53 -13.34 11.98 -40.04
CA GLN E 53 -12.16 12.45 -40.74
C GLN E 53 -10.97 12.55 -39.81
N GLU E 54 -9.79 12.59 -40.43
CA GLU E 54 -8.55 12.83 -39.72
C GLU E 54 -7.75 13.80 -40.58
N SER E 55 -7.26 14.87 -39.96
CA SER E 55 -6.60 15.90 -40.74
C SER E 55 -5.11 15.91 -40.49
N PRO E 56 -4.32 16.28 -41.50
CA PRO E 56 -2.87 16.40 -41.30
C PRO E 56 -2.50 17.80 -40.81
N THR E 57 -1.21 17.95 -40.47
CA THR E 57 -0.68 19.24 -40.05
C THR E 57 0.70 19.46 -40.65
N GLN E 58 0.96 20.68 -41.09
CA GLN E 58 2.31 21.11 -41.39
C GLN E 58 2.87 21.91 -40.22
N GLU E 59 4.12 22.34 -40.39
CA GLU E 59 4.82 23.14 -39.40
C GLU E 59 5.36 24.39 -40.07
N GLY E 60 5.51 25.45 -39.29
CA GLY E 60 6.23 26.62 -39.74
C GLY E 60 5.43 27.53 -40.65
N TRP E 61 6.13 28.56 -41.12
CA TRP E 61 5.56 29.53 -42.05
C TRP E 61 5.84 29.06 -43.47
N ASP E 62 5.33 29.80 -44.45
CA ASP E 62 5.64 29.57 -45.86
C ASP E 62 5.24 28.16 -46.30
N LEU E 63 3.93 27.95 -46.34
CA LEU E 63 3.34 26.69 -46.79
C LEU E 63 3.01 26.70 -48.27
N THR E 64 3.64 27.54 -49.07
CA THR E 64 3.28 27.64 -50.48
C THR E 64 3.51 26.32 -51.18
N ASP E 65 2.53 25.90 -51.97
CA ASP E 65 2.54 24.63 -52.70
C ASP E 65 2.49 23.43 -51.77
N LYS E 66 1.99 23.62 -50.55
CA LYS E 66 1.90 22.55 -49.58
C LYS E 66 0.49 22.36 -49.05
N ALA E 67 -0.50 23.00 -49.66
CA ALA E 67 -1.89 22.77 -49.28
C ALA E 67 -2.28 21.34 -49.62
N THR E 68 -3.12 20.75 -48.77
CA THR E 68 -3.60 19.41 -48.98
C THR E 68 -4.99 19.44 -49.61
N GLY E 69 -5.55 18.25 -49.80
CA GLY E 69 -6.92 18.09 -50.21
C GLY E 69 -7.75 17.49 -49.08
N LEU E 70 -9.00 17.20 -49.41
CA LEU E 70 -9.94 16.63 -48.46
C LEU E 70 -10.19 15.16 -48.82
N LEU E 71 -10.08 14.29 -47.83
CA LEU E 71 -10.28 12.86 -48.01
C LEU E 71 -11.31 12.38 -47.01
N GLU E 72 -12.39 11.79 -47.52
CA GLU E 72 -13.49 11.29 -46.71
C GLU E 72 -13.64 9.80 -46.98
N LEU E 73 -13.29 8.98 -46.00
CA LEU E 73 -13.40 7.54 -46.17
C LEU E 73 -14.81 7.08 -45.82
N ASN E 74 -15.15 5.88 -46.29
CA ASN E 74 -16.52 5.41 -46.12
C ASN E 74 -16.55 3.89 -46.06
N VAL E 75 -17.63 3.38 -45.47
CA VAL E 75 -17.80 1.95 -45.18
C VAL E 75 -19.20 1.54 -45.65
N ALA E 76 -19.29 0.35 -46.21
CA ALA E 76 -20.55 -0.17 -46.72
C ALA E 76 -21.09 -1.26 -45.80
N VAL E 77 -22.41 -1.24 -45.58
CA VAL E 77 -23.11 -2.31 -44.89
C VAL E 77 -24.08 -2.96 -45.87
N ASN E 78 -24.02 -4.26 -45.97
CA ASN E 78 -24.79 -5.03 -46.92
C ASN E 78 -25.68 -6.03 -46.17
N MET E 79 -26.26 -6.95 -46.93
CA MET E 79 -27.22 -7.88 -46.38
C MET E 79 -26.91 -9.29 -46.86
N GLY E 80 -27.33 -10.27 -46.08
CA GLY E 80 -27.08 -11.66 -46.36
C GLY E 80 -28.22 -12.32 -47.11
N GLU E 81 -28.26 -13.64 -47.01
CA GLU E 81 -29.35 -14.42 -47.57
C GLU E 81 -30.43 -14.64 -46.52
N PRO E 82 -31.69 -14.69 -46.93
CA PRO E 82 -32.76 -14.95 -45.97
C PRO E 82 -32.60 -16.32 -45.30
N ASP E 83 -32.91 -16.37 -44.02
CA ASP E 83 -32.84 -17.59 -43.24
C ASP E 83 -34.25 -18.15 -43.09
N ASN E 84 -34.43 -19.42 -43.44
CA ASN E 84 -35.74 -20.03 -43.53
C ASN E 84 -35.83 -21.25 -42.64
N ASP E 85 -37.06 -21.53 -42.19
CA ASP E 85 -37.44 -22.86 -41.75
C ASP E 85 -38.55 -23.34 -42.68
N PHE E 86 -38.37 -24.50 -43.27
CA PHE E 86 -39.19 -24.93 -44.40
C PHE E 86 -39.44 -26.42 -44.32
N PHE E 87 -40.70 -26.81 -44.18
CA PHE E 87 -41.07 -28.21 -44.09
C PHE E 87 -42.39 -28.42 -44.81
N GLN E 88 -42.74 -29.69 -45.02
CA GLN E 88 -43.99 -30.02 -45.71
C GLN E 88 -44.61 -31.25 -45.07
N LEU E 89 -45.95 -31.31 -45.14
CA LEU E 89 -46.72 -32.36 -44.50
C LEU E 89 -47.88 -32.76 -45.40
N ARG E 90 -48.15 -34.06 -45.45
CA ARG E 90 -49.31 -34.53 -46.17
C ARG E 90 -50.56 -34.39 -45.31
N ALA E 91 -51.72 -34.42 -45.95
CA ALA E 91 -52.96 -34.11 -45.24
C ALA E 91 -53.25 -35.12 -44.15
N ASP E 92 -52.79 -36.36 -44.32
CA ASP E 92 -53.02 -37.37 -43.30
C ASP E 92 -52.20 -37.12 -42.05
N ASP E 93 -51.18 -36.27 -42.12
CA ASP E 93 -50.34 -35.97 -40.98
C ASP E 93 -50.88 -34.82 -40.14
N LEU E 94 -52.00 -34.22 -40.54
CA LEU E 94 -52.56 -33.07 -39.83
C LEU E 94 -53.73 -33.44 -38.93
N ARG E 95 -54.02 -34.74 -38.79
CA ARG E 95 -55.05 -35.16 -37.85
C ARG E 95 -54.64 -34.85 -36.42
N ASP E 96 -53.36 -35.03 -36.11
CA ASP E 96 -52.77 -34.60 -34.84
C ASP E 96 -51.81 -33.46 -35.16
N GLU E 97 -52.13 -32.26 -34.70
CA GLU E 97 -51.40 -31.06 -35.06
C GLU E 97 -50.36 -30.65 -34.02
N THR E 98 -50.15 -31.47 -32.99
CA THR E 98 -49.21 -31.07 -31.94
C THR E 98 -47.80 -30.94 -32.49
N ALA E 99 -47.38 -31.87 -33.36
CA ALA E 99 -46.05 -31.79 -33.94
C ALA E 99 -45.90 -30.52 -34.77
N TYR E 100 -46.95 -30.13 -35.48
CA TYR E 100 -46.93 -28.93 -36.31
C TYR E 100 -46.68 -27.68 -35.47
N ARG E 101 -47.48 -27.50 -34.40
CA ARG E 101 -47.31 -26.34 -33.54
C ARG E 101 -45.95 -26.34 -32.87
N ARG E 102 -45.52 -27.50 -32.37
CA ARG E 102 -44.23 -27.58 -31.70
C ARG E 102 -43.09 -27.26 -32.66
N ARG E 103 -43.21 -27.69 -33.91
CA ARG E 103 -42.20 -27.37 -34.91
C ARG E 103 -42.17 -25.87 -35.20
N ILE E 104 -43.33 -25.23 -35.23
CA ILE E 104 -43.34 -23.78 -35.43
C ILE E 104 -42.61 -23.06 -34.30
N GLN E 105 -42.88 -23.46 -33.05
CA GLN E 105 -42.21 -22.82 -31.93
C GLN E 105 -40.71 -23.09 -31.93
N SER E 106 -40.32 -24.33 -32.25
CA SER E 106 -38.91 -24.65 -32.37
C SER E 106 -38.26 -23.82 -33.46
N ALA E 107 -38.99 -23.56 -34.55
CA ALA E 107 -38.47 -22.73 -35.62
C ALA E 107 -38.16 -21.34 -35.12
N ALA E 108 -39.08 -20.76 -34.35
CA ALA E 108 -38.84 -19.43 -33.80
C ALA E 108 -37.58 -19.42 -32.93
N ARG E 109 -37.46 -20.39 -32.03
CA ARG E 109 -36.29 -20.44 -31.16
C ARG E 109 -35.00 -20.60 -31.95
N LYS E 110 -35.00 -21.50 -32.93
CA LYS E 110 -33.79 -21.76 -33.71
C LYS E 110 -33.39 -20.54 -34.52
N LEU E 111 -34.35 -19.84 -35.10
CA LEU E 111 -34.01 -18.66 -35.88
C LEU E 111 -33.38 -17.59 -34.99
N ALA E 112 -33.95 -17.37 -33.81
CA ALA E 112 -33.37 -16.40 -32.89
C ALA E 112 -31.93 -16.77 -32.53
N ASN E 113 -31.71 -18.04 -32.19
CA ASN E 113 -30.37 -18.42 -31.77
C ASN E 113 -29.39 -18.44 -32.93
N ASN E 114 -29.88 -18.64 -34.15
CA ASN E 114 -29.02 -18.48 -35.32
C ASN E 114 -28.58 -17.04 -35.49
N VAL E 115 -29.47 -16.08 -35.24
CA VAL E 115 -29.07 -14.68 -35.27
C VAL E 115 -27.96 -14.42 -34.25
N GLU E 116 -28.16 -14.92 -33.03
CA GLU E 116 -27.14 -14.72 -32.00
C GLU E 116 -25.81 -15.35 -32.39
N LEU E 117 -25.85 -16.56 -32.95
CA LEU E 117 -24.64 -17.24 -33.38
C LEU E 117 -23.92 -16.48 -34.48
N LYS E 118 -24.67 -15.94 -35.44
CA LYS E 118 -24.07 -15.15 -36.49
C LYS E 118 -23.39 -13.91 -35.93
N VAL E 119 -24.03 -13.24 -34.98
CA VAL E 119 -23.41 -12.07 -34.36
C VAL E 119 -22.09 -12.46 -33.71
N ALA E 120 -22.10 -13.54 -32.93
CA ALA E 120 -20.89 -13.97 -32.25
C ALA E 120 -19.79 -14.34 -33.23
N ASN E 121 -20.13 -15.07 -34.28
CA ASN E 121 -19.12 -15.50 -35.24
C ASN E 121 -18.55 -14.32 -36.02
N MET E 122 -19.40 -13.38 -36.43
CA MET E 122 -18.89 -12.20 -37.10
C MET E 122 -17.96 -11.40 -36.19
N ALA E 123 -18.34 -11.25 -34.92
CA ALA E 123 -17.48 -10.51 -34.00
C ALA E 123 -16.12 -11.19 -33.83
N ALA E 124 -16.13 -12.51 -33.66
CA ALA E 124 -14.87 -13.21 -33.42
C ALA E 124 -14.00 -13.23 -34.67
N GLU E 125 -14.61 -13.37 -35.84
CA GLU E 125 -13.83 -13.44 -37.08
C GLU E 125 -13.28 -12.08 -37.48
N MET E 126 -14.05 -11.01 -37.32
CA MET E 126 -13.67 -9.71 -37.81
C MET E 126 -12.93 -8.86 -36.79
N GLY E 127 -12.82 -9.33 -35.56
CA GLY E 127 -12.17 -8.55 -34.51
C GLY E 127 -10.67 -8.43 -34.67
N SER E 128 -10.20 -7.22 -34.97
CA SER E 128 -8.77 -7.00 -35.21
C SER E 128 -7.95 -6.98 -33.92
N LEU E 129 -8.49 -6.40 -32.85
CA LEU E 129 -7.75 -6.26 -31.61
C LEU E 129 -7.54 -7.62 -30.99
N VAL E 130 -6.30 -8.09 -30.95
CA VAL E 130 -6.01 -9.41 -30.42
C VAL E 130 -5.23 -9.24 -29.13
N ILE E 131 -5.84 -9.68 -28.04
CA ILE E 131 -5.17 -9.80 -26.76
C ILE E 131 -4.86 -11.28 -26.57
N THR E 132 -3.59 -11.60 -26.40
CA THR E 132 -3.18 -12.98 -26.21
C THR E 132 -2.48 -13.09 -24.87
N SER E 133 -2.41 -14.33 -24.36
CA SER E 133 -1.70 -14.59 -23.13
C SER E 133 -1.12 -15.98 -23.30
N PRO E 134 0.16 -16.20 -23.00
CA PRO E 134 0.77 -17.51 -23.22
C PRO E 134 0.27 -18.59 -22.28
N ASP E 135 -0.62 -18.27 -21.35
CA ASP E 135 -1.03 -19.22 -20.33
C ASP E 135 -2.50 -18.99 -19.98
N ALA E 136 -3.08 -19.97 -19.30
CA ALA E 136 -4.51 -19.94 -19.05
C ALA E 136 -4.86 -18.97 -17.93
N ILE E 137 -6.12 -18.53 -17.94
CA ILE E 137 -6.67 -17.73 -16.86
C ILE E 137 -6.71 -18.58 -15.60
N GLY E 138 -6.32 -17.99 -14.47
CA GLY E 138 -6.25 -18.69 -13.21
C GLY E 138 -4.85 -19.11 -12.81
N THR E 139 -3.86 -18.98 -13.69
CA THR E 139 -2.50 -19.31 -13.34
C THR E 139 -1.91 -18.34 -12.32
N ASN E 140 -2.53 -17.20 -12.10
CA ASN E 140 -1.95 -16.16 -11.27
C ASN E 140 -3.07 -15.33 -10.66
N THR E 141 -2.71 -14.53 -9.65
CA THR E 141 -3.68 -13.98 -8.72
C THR E 141 -4.61 -12.95 -9.36
N ALA E 142 -4.23 -12.33 -10.47
CA ALA E 142 -5.11 -11.35 -11.08
C ALA E 142 -5.06 -11.43 -12.59
N ASP E 143 -4.81 -12.63 -13.12
CA ASP E 143 -4.63 -12.76 -14.56
C ASP E 143 -5.93 -12.55 -15.33
N ALA E 144 -7.09 -12.78 -14.72
CA ALA E 144 -8.34 -12.43 -15.39
C ALA E 144 -8.53 -10.93 -15.43
N TRP E 145 -8.30 -10.27 -14.31
CA TRP E 145 -8.29 -8.81 -14.31
C TRP E 145 -7.20 -8.29 -15.21
N ASN E 146 -6.03 -8.93 -15.22
CA ASN E 146 -4.97 -8.53 -16.14
C ASN E 146 -5.43 -8.64 -17.58
N PHE E 147 -6.18 -9.67 -17.90
CA PHE E 147 -6.53 -9.94 -19.29
C PHE E 147 -7.57 -8.92 -19.78
N VAL E 148 -8.58 -8.67 -18.95
CA VAL E 148 -9.56 -7.62 -19.27
C VAL E 148 -8.92 -6.25 -19.28
N ALA E 149 -7.95 -6.00 -18.40
CA ALA E 149 -7.27 -4.71 -18.37
C ALA E 149 -6.35 -4.54 -19.57
N ASP E 150 -5.79 -5.64 -20.09
CA ASP E 150 -5.06 -5.59 -21.35
C ASP E 150 -5.99 -5.15 -22.46
N ALA E 151 -7.18 -5.73 -22.52
CA ALA E 151 -8.15 -5.31 -23.53
C ALA E 151 -8.47 -3.83 -23.41
N GLU E 152 -8.76 -3.39 -22.18
CA GLU E 152 -9.10 -1.98 -21.97
C GLU E 152 -7.94 -1.07 -22.32
N GLU E 153 -6.72 -1.46 -21.98
CA GLU E 153 -5.55 -0.64 -22.24
C GLU E 153 -5.27 -0.52 -23.74
N ILE E 154 -5.43 -1.60 -24.50
CA ILE E 154 -5.23 -1.48 -25.94
C ILE E 154 -6.34 -0.63 -26.55
N MET E 155 -7.57 -0.74 -26.04
CA MET E 155 -8.63 0.10 -26.56
C MET E 155 -8.34 1.58 -26.28
N PHE E 156 -7.79 1.87 -25.10
CA PHE E 156 -7.51 3.25 -24.72
C PHE E 156 -6.32 3.81 -25.49
N SER E 157 -5.23 3.05 -25.58
CA SER E 157 -4.02 3.55 -26.22
C SER E 157 -4.24 3.81 -27.69
N ARG E 158 -5.01 2.94 -28.35
CA ARG E 158 -5.35 3.14 -29.75
C ARG E 158 -6.18 4.38 -29.98
N GLU E 159 -6.73 4.98 -28.92
CA GLU E 159 -7.63 6.13 -29.00
C GLU E 159 -8.90 5.78 -29.76
N LEU E 160 -9.38 4.56 -29.57
CA LEU E 160 -10.65 4.18 -30.14
C LEU E 160 -11.79 4.84 -29.39
N ASN E 161 -12.87 5.11 -30.12
CA ASN E 161 -14.06 5.72 -29.55
C ASN E 161 -14.82 4.68 -28.74
N ARG E 162 -15.15 5.01 -27.49
CA ARG E 162 -15.88 4.11 -26.62
C ARG E 162 -17.05 4.83 -25.96
N ASP E 163 -17.57 5.88 -26.60
CA ASP E 163 -18.59 6.70 -25.95
C ASP E 163 -19.91 5.97 -25.80
N MET E 164 -20.26 5.10 -26.73
CA MET E 164 -21.50 4.35 -26.59
C MET E 164 -21.41 3.24 -25.58
N GLY E 165 -20.22 2.94 -25.06
CA GLY E 165 -20.04 1.90 -24.07
C GLY E 165 -19.17 0.77 -24.60
N THR E 166 -18.66 -0.01 -23.65
CA THR E 166 -17.79 -1.13 -23.93
C THR E 166 -18.32 -2.38 -23.26
N SER E 167 -18.25 -3.50 -23.99
CA SER E 167 -18.75 -4.77 -23.47
C SER E 167 -17.68 -5.83 -23.65
N TYR E 168 -17.48 -6.65 -22.64
CA TYR E 168 -16.52 -7.74 -22.67
C TYR E 168 -17.27 -9.04 -22.47
N PHE E 169 -17.09 -9.99 -23.38
CA PHE E 169 -17.80 -11.25 -23.35
C PHE E 169 -16.82 -12.38 -23.06
N PHE E 170 -16.98 -13.01 -21.90
CA PHE E 170 -16.23 -14.21 -21.56
C PHE E 170 -16.96 -15.44 -22.10
N ASN E 171 -16.19 -16.47 -22.42
CA ASN E 171 -16.81 -17.77 -22.56
C ASN E 171 -17.00 -18.35 -21.16
N PRO E 172 -17.89 -19.34 -21.01
CA PRO E 172 -18.13 -19.87 -19.67
C PRO E 172 -16.90 -20.38 -18.95
N GLN E 173 -15.94 -20.96 -19.68
CA GLN E 173 -14.73 -21.49 -19.04
C GLN E 173 -13.89 -20.36 -18.44
N ASP E 174 -13.62 -19.32 -19.23
CA ASP E 174 -12.82 -18.22 -18.73
C ASP E 174 -13.57 -17.44 -17.66
N TYR E 175 -14.89 -17.34 -17.76
CA TYR E 175 -15.67 -16.73 -16.71
C TYR E 175 -15.53 -17.51 -15.41
N LYS E 176 -15.57 -18.85 -15.49
CA LYS E 176 -15.38 -19.66 -14.31
C LYS E 176 -13.98 -19.50 -13.74
N LYS E 177 -12.98 -19.35 -14.61
CA LYS E 177 -11.63 -19.16 -14.12
C LYS E 177 -11.45 -17.79 -13.45
N ALA E 178 -12.13 -16.76 -13.94
CA ALA E 178 -12.13 -15.49 -13.25
C ALA E 178 -12.80 -15.60 -11.88
N GLY E 179 -13.92 -16.33 -11.81
CA GLY E 179 -14.54 -16.57 -10.53
C GLY E 179 -13.62 -17.33 -9.58
N TYR E 180 -12.87 -18.28 -10.12
CA TYR E 180 -11.89 -19.02 -9.32
C TYR E 180 -10.83 -18.09 -8.79
N ASP E 181 -10.34 -17.18 -9.62
CA ASP E 181 -9.39 -16.17 -9.16
C ASP E 181 -9.95 -15.37 -8.01
N LEU E 182 -11.22 -15.00 -8.10
CA LEU E 182 -11.82 -14.21 -7.03
C LEU E 182 -11.97 -15.00 -5.75
N THR E 183 -12.37 -16.27 -5.83
CA THR E 183 -12.60 -17.04 -4.62
C THR E 183 -11.32 -17.62 -4.03
N LYS E 184 -10.20 -17.56 -4.73
CA LYS E 184 -8.94 -17.98 -4.12
C LYS E 184 -8.41 -16.96 -3.14
N ARG E 185 -9.01 -15.78 -3.09
CA ARG E 185 -8.68 -14.77 -2.11
C ARG E 185 -9.50 -15.01 -0.85
N ASP E 186 -9.45 -14.06 0.08
CA ASP E 186 -10.22 -14.19 1.32
C ASP E 186 -11.68 -13.85 1.07
N ILE E 187 -12.58 -14.75 1.49
CA ILE E 187 -14.01 -14.60 1.22
C ILE E 187 -14.59 -13.36 1.89
N PHE E 188 -13.82 -12.68 2.72
CA PHE E 188 -14.23 -11.36 3.18
C PHE E 188 -14.42 -10.44 1.98
N GLY E 189 -15.52 -9.70 1.98
CA GLY E 189 -15.74 -8.73 0.93
C GLY E 189 -16.91 -9.04 0.03
N ARG E 190 -17.55 -7.99 -0.48
CA ARG E 190 -18.72 -8.16 -1.33
C ARG E 190 -18.35 -8.89 -2.63
N ILE E 191 -17.20 -8.56 -3.21
CA ILE E 191 -16.83 -9.16 -4.49
C ILE E 191 -16.51 -10.64 -4.35
N PRO E 192 -15.60 -11.08 -3.48
CA PRO E 192 -15.39 -12.53 -3.33
C PRO E 192 -16.62 -13.26 -2.82
N GLU E 193 -17.44 -12.64 -1.98
CA GLU E 193 -18.64 -13.30 -1.51
C GLU E 193 -19.63 -13.54 -2.65
N GLU E 194 -19.77 -12.59 -3.57
CA GLU E 194 -20.64 -12.83 -4.72
C GLU E 194 -20.01 -13.82 -5.69
N ALA E 195 -18.69 -13.81 -5.82
CA ALA E 195 -18.04 -14.81 -6.67
C ALA E 195 -18.07 -16.19 -6.06
N TYR E 196 -18.32 -16.31 -4.76
CA TYR E 196 -18.41 -17.60 -4.11
C TYR E 196 -19.85 -18.11 -4.06
N ARG E 197 -20.75 -17.34 -3.46
CA ARG E 197 -22.14 -17.76 -3.34
C ARG E 197 -22.80 -17.88 -4.71
N ASP E 198 -22.50 -16.94 -5.59
CA ASP E 198 -22.86 -17.02 -7.00
C ASP E 198 -21.58 -17.27 -7.78
N GLY E 199 -21.72 -17.51 -9.07
CA GLY E 199 -20.52 -17.69 -9.83
C GLY E 199 -19.98 -16.42 -10.45
N THR E 200 -20.54 -15.28 -10.11
CA THR E 200 -20.38 -14.06 -10.89
C THR E 200 -19.18 -13.26 -10.42
N ILE E 201 -18.31 -12.91 -11.37
CA ILE E 201 -17.40 -11.79 -11.20
C ILE E 201 -18.28 -10.55 -11.31
N GLN E 202 -17.75 -9.38 -10.96
CA GLN E 202 -18.60 -8.21 -10.98
C GLN E 202 -19.00 -7.84 -12.40
N ARG E 203 -20.12 -7.14 -12.52
CA ARG E 203 -20.65 -6.80 -13.83
C ARG E 203 -19.81 -5.73 -14.53
N GLN E 204 -18.99 -4.99 -13.78
CA GLN E 204 -17.99 -4.09 -14.35
C GLN E 204 -16.61 -4.53 -13.87
N VAL E 205 -15.70 -4.78 -14.81
CA VAL E 205 -14.36 -5.23 -14.51
C VAL E 205 -13.37 -4.43 -15.34
N ALA E 206 -12.26 -4.04 -14.73
CA ALA E 206 -11.25 -3.16 -15.33
C ALA E 206 -11.99 -1.90 -15.75
N GLY E 207 -11.84 -1.42 -16.97
CA GLY E 207 -12.60 -0.24 -17.33
C GLY E 207 -13.81 -0.54 -18.19
N PHE E 208 -14.26 -1.79 -18.20
CA PHE E 208 -15.35 -2.19 -19.08
C PHE E 208 -16.70 -1.98 -18.43
N ASP E 209 -17.61 -1.37 -19.17
CA ASP E 209 -18.93 -1.05 -18.67
C ASP E 209 -19.88 -2.24 -18.64
N ASP E 210 -19.51 -3.34 -19.28
CA ASP E 210 -20.36 -4.52 -19.30
C ASP E 210 -19.48 -5.75 -19.48
N VAL E 211 -19.48 -6.63 -18.48
CA VAL E 211 -18.73 -7.88 -18.54
C VAL E 211 -19.73 -9.00 -18.37
N LEU E 212 -19.87 -9.82 -19.41
CA LEU E 212 -20.88 -10.87 -19.44
C LEU E 212 -20.20 -12.21 -19.69
N ARG E 213 -21.04 -13.24 -19.74
CA ARG E 213 -20.63 -14.59 -20.08
C ARG E 213 -21.45 -15.02 -21.30
N SER E 214 -20.76 -15.39 -22.37
CA SER E 214 -21.43 -15.74 -23.62
C SER E 214 -21.34 -17.24 -23.87
N PRO E 215 -22.45 -17.94 -24.01
CA PRO E 215 -22.37 -19.39 -24.27
C PRO E 215 -21.99 -19.73 -25.69
N LYS E 216 -22.19 -18.82 -26.63
CA LYS E 216 -22.03 -19.12 -28.05
C LYS E 216 -20.73 -18.62 -28.64
N LEU E 217 -19.80 -18.21 -27.81
CA LEU E 217 -18.52 -17.72 -28.32
C LEU E 217 -17.79 -18.85 -29.04
N PRO E 218 -17.38 -18.65 -30.27
CA PRO E 218 -16.81 -19.77 -31.04
C PRO E 218 -15.43 -20.16 -30.54
N VAL E 219 -15.02 -21.35 -30.94
CA VAL E 219 -13.67 -21.83 -30.72
C VAL E 219 -12.83 -21.43 -31.92
N LEU E 220 -11.70 -20.78 -31.66
CA LEU E 220 -10.75 -20.43 -32.70
C LEU E 220 -9.76 -21.57 -32.84
N THR E 221 -9.94 -22.39 -33.87
CA THR E 221 -9.01 -23.45 -34.19
C THR E 221 -7.64 -22.87 -34.51
N LYS E 222 -6.60 -23.58 -34.09
CA LYS E 222 -5.24 -23.12 -34.30
C LYS E 222 -4.90 -23.08 -35.78
N SER E 223 -4.14 -22.06 -36.18
CA SER E 223 -3.69 -21.96 -37.56
C SER E 223 -2.46 -22.84 -37.78
N THR E 224 -2.42 -23.48 -38.94
CA THR E 224 -1.31 -24.35 -39.30
C THR E 224 -0.29 -23.68 -40.21
N ALA E 225 -0.47 -22.40 -40.51
CA ALA E 225 0.46 -21.71 -41.40
C ALA E 225 1.80 -21.53 -40.71
N THR E 226 2.88 -21.80 -41.44
CA THR E 226 4.23 -21.66 -40.92
C THR E 226 5.09 -20.93 -41.95
N GLY E 227 5.97 -20.06 -41.46
CA GLY E 227 6.94 -19.44 -42.33
C GLY E 227 6.37 -18.50 -43.37
N ILE E 228 5.18 -17.97 -43.12
CA ILE E 228 4.55 -17.06 -44.07
C ILE E 228 5.28 -15.73 -44.06
N THR E 229 5.55 -15.21 -45.24
CA THR E 229 6.20 -13.91 -45.40
C THR E 229 5.42 -13.11 -46.43
N VAL E 230 5.61 -11.80 -46.40
CA VAL E 230 5.05 -10.95 -47.44
C VAL E 230 5.74 -11.27 -48.77
N SER E 231 5.11 -10.85 -49.87
CA SER E 231 5.70 -10.97 -51.19
C SER E 231 5.85 -9.56 -51.77
N GLY E 232 7.07 -9.02 -51.71
CA GLY E 232 7.31 -7.69 -52.20
C GLY E 232 6.75 -6.62 -51.30
N ALA E 233 7.28 -5.41 -51.39
CA ALA E 233 6.72 -4.31 -50.61
C ALA E 233 5.32 -3.99 -51.09
N GLN E 234 4.40 -3.88 -50.15
CA GLN E 234 3.01 -3.57 -50.47
C GLN E 234 2.57 -2.36 -49.65
N SER E 235 1.97 -1.41 -50.32
CA SER E 235 1.43 -0.21 -49.69
C SER E 235 -0.05 -0.12 -49.97
N PHE E 236 -0.80 0.36 -48.98
CA PHE E 236 -2.25 0.42 -49.07
C PHE E 236 -2.69 1.85 -48.82
N LYS E 237 -3.44 2.40 -49.76
CA LYS E 237 -3.79 3.80 -49.74
C LYS E 237 -5.24 3.98 -49.35
N PRO E 238 -5.53 4.89 -48.42
CA PRO E 238 -6.92 5.28 -48.15
C PRO E 238 -7.51 6.00 -49.36
N VAL E 239 -8.59 5.45 -49.90
CA VAL E 239 -9.28 6.06 -51.03
C VAL E 239 -10.77 6.09 -50.73
N ALA E 240 -11.42 7.21 -51.04
CA ALA E 240 -12.86 7.27 -50.96
C ALA E 240 -13.51 6.49 -52.10
N TRP E 241 -13.01 6.67 -53.31
CA TRP E 241 -13.53 5.98 -54.48
C TRP E 241 -12.37 5.70 -55.42
N GLN E 242 -12.66 4.94 -56.46
CA GLN E 242 -11.67 4.64 -57.48
C GLN E 242 -12.37 4.47 -58.82
N LEU E 243 -11.59 4.53 -59.89
CA LEU E 243 -12.14 4.43 -61.23
C LEU E 243 -12.08 3.00 -61.72
N ASP E 244 -13.22 2.49 -62.17
CA ASP E 244 -13.31 1.25 -62.90
C ASP E 244 -13.18 1.54 -64.39
N ASN E 245 -13.52 0.56 -65.21
CA ASN E 245 -13.71 0.86 -66.62
C ASN E 245 -14.91 1.79 -66.79
N ASP E 246 -14.95 2.46 -67.94
CA ASP E 246 -15.96 3.48 -68.26
C ASP E 246 -15.79 4.73 -67.40
N GLY E 247 -14.74 4.80 -66.60
CA GLY E 247 -14.44 6.01 -65.84
C GLY E 247 -15.50 6.42 -64.83
N ASN E 248 -16.19 5.44 -64.24
CA ASN E 248 -17.16 5.71 -63.20
C ASN E 248 -16.45 5.72 -61.84
N LYS E 249 -16.88 6.59 -60.96
CA LYS E 249 -16.35 6.61 -59.61
C LYS E 249 -17.10 5.58 -58.77
N VAL E 250 -16.37 4.63 -58.21
CA VAL E 250 -16.94 3.53 -57.45
C VAL E 250 -16.42 3.63 -56.03
N ASN E 251 -17.32 3.58 -55.07
CA ASN E 251 -16.93 3.73 -53.67
C ASN E 251 -16.02 2.59 -53.25
N VAL E 252 -15.18 2.85 -52.25
CA VAL E 252 -14.23 1.88 -51.74
C VAL E 252 -14.48 1.71 -50.25
N ASP E 253 -14.58 0.47 -49.82
CA ASP E 253 -14.68 0.16 -48.40
C ASP E 253 -13.33 0.36 -47.73
N ASN E 254 -13.31 1.19 -46.69
CA ASN E 254 -12.05 1.52 -46.03
C ASN E 254 -11.52 0.39 -45.18
N ARG E 255 -12.35 -0.59 -44.82
CA ARG E 255 -11.95 -1.58 -43.83
C ARG E 255 -10.85 -2.49 -44.36
N PHE E 256 -11.12 -3.21 -45.44
CA PHE E 256 -10.29 -4.35 -45.80
C PHE E 256 -9.08 -3.94 -46.63
N ALA E 257 -8.12 -4.86 -46.69
CA ALA E 257 -6.93 -4.74 -47.52
C ALA E 257 -6.50 -6.12 -47.97
N THR E 258 -6.06 -6.22 -49.21
CA THR E 258 -5.59 -7.48 -49.77
C THR E 258 -4.07 -7.50 -49.74
N VAL E 259 -3.51 -8.59 -49.23
CA VAL E 259 -2.08 -8.74 -49.03
C VAL E 259 -1.60 -9.94 -49.83
N THR E 260 -0.54 -9.75 -50.60
CA THR E 260 0.13 -10.86 -51.27
C THR E 260 1.14 -11.46 -50.30
N LEU E 261 1.04 -12.77 -50.08
CA LEU E 261 1.91 -13.47 -49.16
C LEU E 261 2.66 -14.56 -49.90
N SER E 262 3.71 -15.08 -49.26
CA SER E 262 4.45 -16.19 -49.85
C SER E 262 3.57 -17.42 -50.00
N ALA E 263 2.73 -17.69 -49.00
CA ALA E 263 1.75 -18.76 -49.09
C ALA E 263 0.59 -18.44 -48.16
N THR E 264 -0.55 -19.04 -48.46
CA THR E 264 -1.75 -18.93 -47.65
C THR E 264 -2.32 -20.32 -47.38
N THR E 265 -1.46 -21.24 -46.95
CA THR E 265 -1.86 -22.64 -46.90
C THR E 265 -2.80 -22.91 -45.74
N GLY E 266 -2.36 -22.67 -44.51
CA GLY E 266 -3.15 -23.01 -43.36
C GLY E 266 -4.02 -21.88 -42.85
N MET E 267 -4.23 -20.86 -43.67
CA MET E 267 -4.96 -19.68 -43.25
C MET E 267 -6.45 -19.86 -43.50
N LYS E 268 -7.26 -19.20 -42.68
CA LYS E 268 -8.69 -19.30 -42.77
C LYS E 268 -9.31 -17.99 -42.27
N ARG E 269 -10.60 -17.83 -42.51
CA ARG E 269 -11.31 -16.69 -41.97
C ARG E 269 -11.28 -16.71 -40.45
N GLY E 270 -10.98 -15.57 -39.86
CA GLY E 270 -10.89 -15.47 -38.42
C GLY E 270 -9.51 -15.67 -37.84
N ASP E 271 -8.53 -16.08 -38.66
CA ASP E 271 -7.17 -16.17 -38.16
C ASP E 271 -6.63 -14.81 -37.79
N LYS E 272 -5.96 -14.74 -36.64
CA LYS E 272 -5.38 -13.51 -36.15
C LYS E 272 -3.89 -13.53 -36.45
N ILE E 273 -3.40 -12.49 -37.12
CA ILE E 273 -2.03 -12.41 -37.57
C ILE E 273 -1.47 -11.05 -37.21
N SER E 274 -0.15 -10.96 -37.25
CA SER E 274 0.55 -9.69 -37.14
C SER E 274 1.78 -9.78 -38.03
N PHE E 275 2.44 -8.65 -38.20
CA PHE E 275 3.60 -8.55 -39.07
C PHE E 275 4.81 -8.14 -38.25
N ALA E 276 5.99 -8.58 -38.67
CA ALA E 276 7.20 -8.40 -37.89
C ALA E 276 7.65 -6.95 -37.98
N GLY E 277 7.65 -6.26 -36.84
CA GLY E 277 8.09 -4.88 -36.77
C GLY E 277 7.01 -3.85 -36.97
N VAL E 278 5.79 -4.25 -37.26
CA VAL E 278 4.70 -3.32 -37.52
C VAL E 278 3.93 -3.10 -36.22
N LYS E 279 3.87 -1.86 -35.77
CA LYS E 279 3.30 -1.52 -34.47
C LYS E 279 2.09 -0.63 -34.66
N PHE E 280 1.24 -0.57 -33.64
CA PHE E 280 0.11 0.33 -33.70
C PHE E 280 0.53 1.78 -33.49
N LEU E 281 -0.40 2.67 -33.78
CA LEU E 281 -0.28 4.09 -33.52
C LEU E 281 -1.49 4.56 -32.74
N GLY E 282 -1.28 5.57 -31.91
CA GLY E 282 -2.40 6.33 -31.40
C GLY E 282 -3.11 6.92 -32.60
N GLN E 283 -4.42 6.70 -32.70
CA GLN E 283 -5.10 7.02 -33.95
C GLN E 283 -5.11 8.50 -34.27
N MET E 284 -4.90 9.38 -33.30
CA MET E 284 -4.77 10.81 -33.56
C MET E 284 -3.35 11.32 -33.35
N ALA E 285 -2.76 11.05 -32.20
CA ALA E 285 -1.40 11.52 -31.95
C ALA E 285 -0.37 10.84 -32.84
N LYS E 286 -0.70 9.69 -33.43
CA LYS E 286 0.19 8.97 -34.33
C LYS E 286 1.50 8.56 -33.64
N ASN E 287 1.43 8.32 -32.34
CA ASN E 287 2.59 7.88 -31.58
C ASN E 287 2.67 6.36 -31.60
N VAL E 288 3.88 5.84 -31.76
CA VAL E 288 4.06 4.41 -31.89
C VAL E 288 3.74 3.72 -30.58
N LEU E 289 2.97 2.65 -30.66
CA LEU E 289 2.57 1.87 -29.51
C LEU E 289 3.53 0.70 -29.29
N ALA E 290 3.46 0.10 -28.11
CA ALA E 290 4.27 -1.07 -27.82
C ALA E 290 3.69 -2.34 -28.40
N GLN E 291 2.41 -2.34 -28.74
CA GLN E 291 1.74 -3.53 -29.22
C GLN E 291 1.88 -3.65 -30.72
N ASP E 292 2.30 -4.81 -31.19
CA ASP E 292 2.32 -5.08 -32.62
C ASP E 292 0.93 -4.92 -33.19
N ALA E 293 0.84 -4.34 -34.38
CA ALA E 293 -0.45 -4.22 -35.03
C ALA E 293 -1.00 -5.61 -35.32
N THR E 294 -2.26 -5.81 -34.97
CA THR E 294 -2.92 -7.10 -35.15
C THR E 294 -4.01 -6.95 -36.19
N PHE E 295 -4.17 -7.98 -37.00
CA PHE E 295 -5.15 -8.00 -38.07
C PHE E 295 -5.83 -9.36 -38.04
N SER E 296 -7.08 -9.40 -38.48
CA SER E 296 -7.80 -10.65 -38.63
C SER E 296 -7.98 -10.95 -40.10
N VAL E 297 -7.91 -12.23 -40.45
CA VAL E 297 -8.09 -12.65 -41.83
C VAL E 297 -9.59 -12.68 -42.13
N VAL E 298 -10.01 -11.94 -43.14
CA VAL E 298 -11.41 -11.92 -43.55
C VAL E 298 -11.68 -13.01 -44.56
N ARG E 299 -10.75 -13.24 -45.48
CA ARG E 299 -11.01 -14.17 -46.58
C ARG E 299 -9.68 -14.57 -47.19
N VAL E 300 -9.49 -15.85 -47.42
CA VAL E 300 -8.35 -16.36 -48.18
C VAL E 300 -8.81 -16.50 -49.62
N VAL E 301 -8.37 -15.58 -50.48
CA VAL E 301 -8.92 -15.52 -51.83
C VAL E 301 -8.09 -16.32 -52.85
N ASP E 302 -6.86 -16.67 -52.53
CA ASP E 302 -6.00 -17.39 -53.47
C ASP E 302 -5.09 -18.29 -52.68
N GLY E 303 -4.08 -18.84 -53.36
CA GLY E 303 -2.97 -19.44 -52.66
C GLY E 303 -1.89 -18.46 -52.24
N THR E 304 -2.00 -17.22 -52.69
CA THR E 304 -1.03 -16.19 -52.32
C THR E 304 -1.64 -14.85 -51.99
N HIS E 305 -2.95 -14.76 -51.76
CA HIS E 305 -3.60 -13.50 -51.43
C HIS E 305 -4.57 -13.70 -50.28
N VAL E 306 -4.55 -12.76 -49.33
CA VAL E 306 -5.40 -12.79 -48.15
C VAL E 306 -5.94 -11.40 -47.92
N GLU E 307 -7.20 -11.32 -47.50
CA GLU E 307 -7.87 -10.06 -47.18
C GLU E 307 -7.97 -9.92 -45.67
N ILE E 308 -7.49 -8.79 -45.14
CA ILE E 308 -7.41 -8.56 -43.70
C ILE E 308 -8.20 -7.31 -43.35
N THR E 309 -8.91 -7.35 -42.22
CA THR E 309 -9.99 -6.39 -41.96
C THR E 309 -9.57 -4.98 -41.54
N PRO E 310 -8.41 -4.76 -40.90
CA PRO E 310 -7.94 -3.37 -40.81
C PRO E 310 -6.96 -3.07 -41.93
N LYS E 311 -7.23 -2.04 -42.71
CA LYS E 311 -6.32 -1.69 -43.79
C LYS E 311 -5.06 -1.06 -43.22
N PRO E 312 -3.89 -1.64 -43.45
CA PRO E 312 -2.66 -1.08 -42.88
C PRO E 312 -2.19 0.17 -43.61
N VAL E 313 -2.35 1.34 -43.00
CA VAL E 313 -1.82 2.58 -43.55
C VAL E 313 -0.59 2.95 -42.75
N ALA E 314 0.56 2.99 -43.43
CA ALA E 314 1.84 3.20 -42.77
C ALA E 314 2.17 4.67 -42.66
N LEU E 315 2.90 5.01 -41.60
CA LEU E 315 3.32 6.39 -41.41
C LEU E 315 4.49 6.76 -42.32
N ASP E 316 5.43 5.83 -42.50
CA ASP E 316 6.65 6.09 -43.25
C ASP E 316 6.47 5.91 -44.74
N ASP E 317 5.27 5.56 -45.20
CA ASP E 317 5.02 5.39 -46.62
C ASP E 317 5.16 6.74 -47.32
N VAL E 318 6.10 6.81 -48.27
CA VAL E 318 6.32 8.05 -49.01
C VAL E 318 5.38 8.20 -50.19
N SER E 319 4.60 7.18 -50.51
CA SER E 319 3.67 7.26 -51.63
C SER E 319 2.30 7.80 -51.24
N LEU E 320 2.12 8.19 -49.99
CA LEU E 320 0.85 8.71 -49.52
C LEU E 320 0.84 10.23 -49.55
N SER E 321 -0.33 10.79 -49.87
CA SER E 321 -0.54 12.21 -49.70
C SER E 321 -0.69 12.52 -48.22
N PRO E 322 -0.50 13.79 -47.83
CA PRO E 322 -0.68 14.13 -46.41
C PRO E 322 -2.03 13.76 -45.84
N GLU E 323 -3.11 13.96 -46.61
CA GLU E 323 -4.43 13.60 -46.12
C GLU E 323 -4.64 12.10 -46.13
N GLN E 324 -3.87 11.37 -46.94
CA GLN E 324 -3.88 9.91 -46.83
C GLN E 324 -3.10 9.46 -45.62
N ARG E 325 -1.94 10.07 -45.37
CA ARG E 325 -1.13 9.74 -44.22
C ARG E 325 -1.80 10.11 -42.91
N ALA E 326 -2.75 11.03 -42.95
CA ALA E 326 -3.49 11.37 -41.75
C ALA E 326 -4.30 10.20 -41.21
N TYR E 327 -4.53 9.16 -42.01
CA TYR E 327 -5.27 7.98 -41.59
C TYR E 327 -4.36 6.81 -41.23
N ALA E 328 -3.07 7.06 -41.06
CA ALA E 328 -2.14 5.99 -40.73
C ALA E 328 -2.50 5.35 -39.40
N ASN E 329 -2.31 4.03 -39.32
CA ASN E 329 -2.53 3.31 -38.09
C ASN E 329 -1.37 2.42 -37.70
N VAL E 330 -0.36 2.26 -38.56
CA VAL E 330 0.81 1.47 -38.25
C VAL E 330 2.05 2.29 -38.58
N ASN E 331 3.17 1.93 -37.95
CA ASN E 331 4.36 2.76 -38.05
C ASN E 331 5.05 2.59 -39.39
N THR E 332 5.09 1.37 -39.92
CA THR E 332 5.85 1.08 -41.12
C THR E 332 5.05 0.17 -42.03
N SER E 333 5.39 0.21 -43.32
CA SER E 333 4.69 -0.55 -44.33
C SER E 333 5.18 -1.99 -44.36
N LEU E 334 4.52 -2.80 -45.19
CA LEU E 334 4.85 -4.22 -45.27
C LEU E 334 6.02 -4.41 -46.23
N ALA E 335 7.14 -4.89 -45.71
CA ALA E 335 8.35 -5.07 -46.50
C ALA E 335 8.22 -6.34 -47.36
N ASP E 336 9.29 -6.64 -48.09
CA ASP E 336 9.26 -7.76 -49.01
C ASP E 336 9.24 -9.10 -48.27
N ALA E 337 10.30 -9.40 -47.53
CA ALA E 337 10.45 -10.71 -46.90
C ALA E 337 10.06 -10.69 -45.43
N MET E 338 9.23 -9.74 -45.03
CA MET E 338 8.88 -9.57 -43.63
C MET E 338 7.96 -10.70 -43.17
N ALA E 339 8.24 -11.24 -41.99
CA ALA E 339 7.57 -12.44 -41.52
C ALA E 339 6.16 -12.15 -41.04
N VAL E 340 5.30 -13.16 -41.17
CA VAL E 340 3.91 -13.09 -40.71
C VAL E 340 3.81 -13.89 -39.43
N ASN E 341 3.33 -13.25 -38.37
CA ASN E 341 3.16 -13.91 -37.09
C ASN E 341 1.77 -14.52 -36.98
N ILE E 342 1.72 -15.74 -36.47
CA ILE E 342 0.48 -16.48 -36.30
C ILE E 342 0.09 -16.39 -34.83
N LEU E 343 -1.02 -15.75 -34.53
CA LEU E 343 -1.37 -15.45 -33.15
C LEU E 343 -2.28 -16.48 -32.50
N ASN E 344 -3.07 -17.21 -33.28
CA ASN E 344 -3.85 -18.32 -32.74
C ASN E 344 -3.04 -19.60 -32.91
N VAL E 345 -2.07 -19.77 -32.00
CA VAL E 345 -1.16 -20.90 -32.07
C VAL E 345 -1.70 -22.15 -31.40
N LYS E 346 -2.67 -22.01 -30.50
CA LYS E 346 -3.30 -23.16 -29.87
C LYS E 346 -4.82 -23.02 -30.00
N ASP E 347 -5.46 -24.14 -30.34
CA ASP E 347 -6.92 -24.21 -30.41
C ASP E 347 -7.51 -23.78 -29.08
N ALA E 348 -8.28 -22.70 -29.07
CA ALA E 348 -8.84 -22.19 -27.82
C ALA E 348 -10.18 -21.52 -28.11
N ARG E 349 -11.00 -21.46 -27.07
CA ARG E 349 -12.30 -20.81 -27.13
C ARG E 349 -12.14 -19.35 -26.76
N THR E 350 -12.84 -18.48 -27.49
CA THR E 350 -12.49 -17.07 -27.56
C THR E 350 -13.21 -16.23 -26.51
N ASN E 351 -12.62 -15.08 -26.22
CA ASN E 351 -13.26 -13.98 -25.51
C ASN E 351 -13.37 -12.80 -26.46
N VAL E 352 -14.53 -12.15 -26.46
CA VAL E 352 -14.80 -11.06 -27.39
C VAL E 352 -15.14 -9.80 -26.60
N PHE E 353 -14.54 -8.69 -26.99
CA PHE E 353 -14.84 -7.39 -26.45
C PHE E 353 -14.96 -6.39 -27.59
N TRP E 354 -15.92 -5.48 -27.48
CA TRP E 354 -16.07 -4.41 -28.44
C TRP E 354 -16.47 -3.11 -27.78
N ALA E 355 -16.40 -2.05 -28.58
CA ALA E 355 -17.21 -0.85 -28.38
C ALA E 355 -18.59 -1.13 -28.94
N ASP E 356 -19.62 -0.64 -28.26
CA ASP E 356 -20.97 -1.15 -28.44
C ASP E 356 -21.53 -0.92 -29.84
N ASP E 357 -21.06 0.09 -30.56
CA ASP E 357 -21.62 0.41 -31.88
C ASP E 357 -20.93 -0.33 -33.01
N ALA E 358 -19.99 -1.22 -32.71
CA ALA E 358 -19.15 -1.81 -33.75
C ALA E 358 -19.91 -2.80 -34.63
N ILE E 359 -20.82 -3.58 -34.06
CA ILE E 359 -21.61 -4.56 -34.79
C ILE E 359 -23.03 -4.05 -34.88
N ARG E 360 -23.64 -4.22 -36.05
CA ARG E 360 -25.05 -3.91 -36.21
C ARG E 360 -25.71 -5.00 -37.05
N ILE E 361 -27.00 -5.21 -36.81
CA ILE E 361 -27.82 -6.10 -37.60
C ILE E 361 -28.72 -5.26 -38.49
N VAL E 362 -28.60 -5.46 -39.79
CA VAL E 362 -29.44 -4.79 -40.77
C VAL E 362 -30.47 -5.79 -41.28
N SER E 363 -31.74 -5.41 -41.27
CA SER E 363 -32.81 -6.27 -41.69
C SER E 363 -33.64 -5.60 -42.77
N GLN E 364 -34.30 -6.42 -43.59
CA GLN E 364 -35.19 -5.97 -44.64
C GLN E 364 -36.47 -6.77 -44.60
N PRO E 365 -37.61 -6.12 -44.86
CA PRO E 365 -38.86 -6.87 -44.94
C PRO E 365 -38.91 -7.73 -46.19
N ILE E 366 -39.71 -8.79 -46.11
CA ILE E 366 -39.96 -9.65 -47.27
C ILE E 366 -41.42 -9.46 -47.68
N PRO E 367 -41.68 -8.69 -48.71
CA PRO E 367 -43.08 -8.39 -49.06
C PRO E 367 -43.82 -9.57 -49.66
N ALA E 368 -44.02 -10.62 -48.89
CA ALA E 368 -44.80 -11.75 -49.34
C ALA E 368 -46.29 -11.56 -49.14
N ASN E 369 -46.69 -10.50 -48.44
CA ASN E 369 -48.10 -10.17 -48.25
C ASN E 369 -48.64 -9.31 -49.37
N HIS E 370 -47.89 -9.16 -50.45
CA HIS E 370 -48.34 -8.44 -51.62
C HIS E 370 -49.46 -9.19 -52.32
N GLU E 371 -50.24 -8.46 -53.11
CA GLU E 371 -51.32 -9.10 -53.86
C GLU E 371 -50.79 -10.03 -54.95
N LEU E 372 -49.53 -9.89 -55.34
CA LEU E 372 -48.94 -10.77 -56.34
C LEU E 372 -48.73 -12.18 -55.82
N PHE E 373 -48.91 -12.41 -54.52
CA PHE E 373 -48.72 -13.72 -53.92
C PHE E 373 -50.05 -14.22 -53.38
N ALA E 374 -51.08 -14.15 -54.22
CA ALA E 374 -52.44 -14.41 -53.77
C ALA E 374 -52.62 -15.84 -53.28
N GLY E 375 -52.01 -16.81 -53.96
CA GLY E 375 -52.27 -18.19 -53.62
C GLY E 375 -51.84 -18.56 -52.21
N MET E 376 -50.64 -18.15 -51.84
CA MET E 376 -50.06 -18.53 -50.56
C MET E 376 -50.53 -17.60 -49.45
N LYS E 377 -50.73 -18.17 -48.26
CA LYS E 377 -51.25 -17.45 -47.11
C LYS E 377 -50.09 -17.06 -46.21
N THR E 378 -49.91 -15.76 -46.01
CA THR E 378 -48.77 -15.23 -45.27
C THR E 378 -49.24 -14.42 -44.08
N THR E 379 -48.45 -14.46 -43.01
CA THR E 379 -48.65 -13.61 -41.84
C THR E 379 -47.32 -13.08 -41.35
N SER E 380 -47.32 -12.42 -40.19
CA SER E 380 -46.10 -11.94 -39.58
C SER E 380 -45.62 -12.92 -38.53
N PHE E 381 -44.33 -13.18 -38.51
CA PHE E 381 -43.74 -14.11 -37.56
C PHE E 381 -42.76 -13.35 -36.67
N SER E 382 -42.99 -13.39 -35.37
CA SER E 382 -42.19 -12.64 -34.41
C SER E 382 -41.12 -13.54 -33.83
N ILE E 383 -39.86 -13.14 -34.02
CA ILE E 383 -38.72 -13.88 -33.49
C ILE E 383 -38.50 -13.41 -32.06
N PRO E 384 -38.51 -14.31 -31.07
CA PRO E 384 -38.73 -13.90 -29.68
C PRO E 384 -37.77 -12.88 -29.12
N ASP E 385 -36.48 -13.18 -29.09
CA ASP E 385 -35.58 -12.38 -28.26
C ASP E 385 -34.76 -11.35 -29.04
N VAL E 386 -34.36 -11.68 -30.27
CA VAL E 386 -33.39 -10.84 -30.98
C VAL E 386 -34.02 -9.61 -31.61
N GLY E 387 -35.31 -9.38 -31.42
CA GLY E 387 -35.96 -8.19 -31.93
C GLY E 387 -35.98 -8.11 -33.44
N LEU E 388 -36.32 -9.22 -34.09
CA LEU E 388 -36.41 -9.27 -35.54
C LEU E 388 -37.78 -9.83 -35.92
N ASN E 389 -38.29 -9.41 -37.07
CA ASN E 389 -39.60 -9.83 -37.54
C ASN E 389 -39.43 -10.58 -38.86
N GLY E 390 -40.14 -11.69 -38.99
CA GLY E 390 -40.14 -12.45 -40.22
C GLY E 390 -41.52 -12.67 -40.76
N ILE E 391 -41.64 -13.53 -41.77
CA ILE E 391 -42.92 -13.85 -42.38
C ILE E 391 -43.17 -15.33 -42.23
N PHE E 392 -44.44 -15.67 -42.05
CA PHE E 392 -44.89 -17.05 -41.95
C PHE E 392 -45.86 -17.30 -43.08
N ALA E 393 -45.50 -18.20 -43.99
CA ALA E 393 -46.31 -18.47 -45.17
C ALA E 393 -46.63 -19.95 -45.25
N THR E 394 -47.85 -20.25 -45.71
CA THR E 394 -48.29 -21.63 -45.92
C THR E 394 -48.98 -21.73 -47.26
N GLN E 395 -48.83 -22.89 -47.92
CA GLN E 395 -49.44 -23.10 -49.22
C GLN E 395 -49.60 -24.59 -49.45
N GLY E 396 -50.75 -24.99 -49.99
CA GLY E 396 -51.07 -26.39 -50.21
C GLY E 396 -51.21 -26.71 -51.67
N ASP E 397 -50.94 -27.96 -52.03
CA ASP E 397 -51.03 -28.45 -53.40
C ASP E 397 -52.13 -29.50 -53.49
N ILE E 398 -53.06 -29.29 -54.42
CA ILE E 398 -54.21 -30.17 -54.51
C ILE E 398 -53.81 -31.55 -55.02
N SER E 399 -52.80 -31.60 -55.90
CA SER E 399 -52.45 -32.87 -56.54
C SER E 399 -51.90 -33.87 -55.54
N THR E 400 -51.00 -33.44 -54.67
CA THR E 400 -50.39 -34.33 -53.70
C THR E 400 -51.03 -34.25 -52.33
N LEU E 401 -51.99 -33.35 -52.13
CA LEU E 401 -52.68 -33.17 -50.85
C LEU E 401 -51.69 -32.91 -49.72
N SER E 402 -50.66 -32.13 -50.04
CA SER E 402 -49.62 -31.78 -49.09
C SER E 402 -49.43 -30.28 -49.08
N GLY E 403 -49.02 -29.76 -47.94
CA GLY E 403 -48.82 -28.34 -47.77
C GLY E 403 -47.37 -28.02 -47.47
N LEU E 404 -47.01 -26.76 -47.68
CA LEU E 404 -45.68 -26.24 -47.41
C LEU E 404 -45.79 -25.19 -46.32
N CYS E 405 -44.79 -25.13 -45.45
CA CYS E 405 -44.71 -24.10 -44.43
C CYS E 405 -43.33 -23.49 -44.45
N ARG E 406 -43.25 -22.19 -44.71
CA ARG E 406 -41.99 -21.48 -44.78
C ARG E 406 -42.02 -20.30 -43.83
N ILE E 407 -41.05 -20.25 -42.93
CA ILE E 407 -40.80 -19.09 -42.07
C ILE E 407 -39.52 -18.45 -42.55
N ALA E 408 -39.63 -17.22 -43.06
CA ALA E 408 -38.51 -16.56 -43.70
C ALA E 408 -38.10 -15.33 -42.91
N LEU E 409 -36.80 -15.17 -42.74
CA LEU E 409 -36.21 -14.05 -42.03
C LEU E 409 -35.07 -13.52 -42.86
N TRP E 410 -34.99 -12.21 -43.01
CA TRP E 410 -33.98 -11.59 -43.86
C TRP E 410 -33.26 -10.52 -43.04
N TYR E 411 -31.95 -10.69 -42.88
CA TYR E 411 -31.15 -9.76 -42.10
C TYR E 411 -29.69 -9.93 -42.53
N GLY E 412 -28.83 -9.08 -41.97
CA GLY E 412 -27.42 -9.14 -42.26
C GLY E 412 -26.59 -8.51 -41.17
N VAL E 413 -25.60 -9.25 -40.68
CA VAL E 413 -24.74 -8.78 -39.60
C VAL E 413 -23.56 -8.04 -40.19
N ASN E 414 -23.26 -6.87 -39.67
CA ASN E 414 -22.25 -5.99 -40.22
C ASN E 414 -21.31 -5.53 -39.13
N ALA E 415 -20.01 -5.66 -39.36
CA ALA E 415 -18.99 -5.15 -38.46
C ALA E 415 -18.53 -3.80 -39.01
N THR E 416 -19.11 -2.72 -38.50
CA THR E 416 -18.79 -1.40 -39.02
C THR E 416 -17.40 -0.96 -38.60
N ARG E 417 -16.98 -1.28 -37.38
CA ARG E 417 -15.67 -0.91 -36.86
C ARG E 417 -14.96 -2.18 -36.40
N PRO E 418 -14.40 -2.95 -37.33
CA PRO E 418 -13.66 -4.15 -36.93
C PRO E 418 -12.43 -3.83 -36.12
N GLU E 419 -11.91 -2.61 -36.22
CA GLU E 419 -10.81 -2.18 -35.36
C GLU E 419 -11.25 -1.94 -33.94
N ALA E 420 -12.54 -1.72 -33.71
CA ALA E 420 -13.09 -1.57 -32.38
C ALA E 420 -13.62 -2.87 -31.82
N ILE E 421 -13.53 -3.97 -32.58
CA ILE E 421 -13.88 -5.29 -32.09
C ILE E 421 -12.59 -6.02 -31.77
N GLY E 422 -12.53 -6.65 -30.61
CA GLY E 422 -11.34 -7.36 -30.20
C GLY E 422 -11.66 -8.76 -29.74
N VAL E 423 -10.67 -9.63 -29.87
CA VAL E 423 -10.77 -11.01 -29.42
C VAL E 423 -9.62 -11.30 -28.47
N GLY E 424 -9.91 -12.04 -27.41
CA GLY E 424 -8.91 -12.38 -26.42
C GLY E 424 -8.65 -13.87 -26.36
N LEU E 425 -7.40 -14.27 -26.58
CA LEU E 425 -7.03 -15.68 -26.67
C LEU E 425 -6.09 -16.04 -25.52
N PRO E 426 -6.58 -16.63 -24.45
CA PRO E 426 -5.69 -17.07 -23.37
C PRO E 426 -5.08 -18.43 -23.66
N GLY E 427 -3.95 -18.68 -23.02
CA GLY E 427 -3.27 -19.96 -23.16
C GLY E 427 -2.72 -20.24 -24.53
N GLN E 428 -2.11 -19.24 -25.17
CA GLN E 428 -1.59 -19.37 -26.53
C GLN E 428 -0.10 -19.72 -26.42
N THR E 429 0.17 -21.01 -26.23
CA THR E 429 1.53 -21.51 -26.09
C THR E 429 1.83 -22.52 -27.18
N ALA E 430 3.01 -22.38 -27.79
CA ALA E 430 3.45 -23.23 -28.90
C ALA E 430 2.39 -23.38 -29.99
N ALA F 2 12.68 40.06 -45.51
CA ALA F 2 12.73 39.85 -44.06
C ALA F 2 12.85 41.17 -43.34
N LEU F 3 12.72 41.14 -42.01
CA LEU F 3 12.79 42.33 -41.17
C LEU F 3 14.02 42.23 -40.27
N ASN F 4 15.03 43.04 -40.55
CA ASN F 4 16.18 43.18 -39.68
C ASN F 4 16.04 44.49 -38.90
N GLU F 5 16.09 44.39 -37.58
CA GLU F 5 15.84 45.54 -36.73
C GLU F 5 16.64 45.36 -35.45
N GLY F 6 16.48 46.32 -34.54
CA GLY F 6 17.14 46.22 -33.25
C GLY F 6 16.55 45.10 -32.41
N GLN F 7 17.42 44.37 -31.73
CA GLN F 7 17.02 43.29 -30.85
C GLN F 7 17.01 43.80 -29.42
N ILE F 8 16.06 43.31 -28.64
CA ILE F 8 15.94 43.65 -27.23
C ILE F 8 16.01 42.38 -26.42
N VAL F 9 16.25 42.54 -25.12
CA VAL F 9 16.20 41.46 -24.16
C VAL F 9 15.17 41.84 -23.10
N THR F 10 14.09 41.07 -23.03
CA THR F 10 13.01 41.37 -22.12
C THR F 10 13.14 40.52 -20.87
N LEU F 11 12.78 41.11 -19.73
CA LEU F 11 12.76 40.40 -18.46
C LEU F 11 11.45 40.74 -17.78
N ALA F 12 10.76 39.71 -17.27
CA ALA F 12 9.42 39.87 -16.70
C ALA F 12 9.51 39.86 -15.18
N VAL F 13 9.76 41.04 -14.60
CA VAL F 13 9.95 41.13 -13.15
C VAL F 13 8.71 40.68 -12.39
N ASP F 14 7.53 40.88 -12.97
CA ASP F 14 6.29 40.49 -12.29
C ASP F 14 6.23 38.98 -12.06
N GLU F 15 6.62 38.20 -13.06
CA GLU F 15 6.58 36.75 -12.96
C GLU F 15 7.90 36.25 -12.39
N ILE F 16 7.85 35.73 -11.16
CA ILE F 16 9.02 35.18 -10.49
C ILE F 16 8.86 33.67 -10.44
N ILE F 17 9.93 32.95 -10.78
CA ILE F 17 9.92 31.49 -10.75
C ILE F 17 10.18 31.08 -9.31
N GLU F 18 9.11 30.81 -8.57
CA GLU F 18 9.23 30.35 -7.19
C GLU F 18 9.76 28.92 -7.20
N THR F 19 10.82 28.67 -6.43
CA THR F 19 11.54 27.41 -6.51
C THR F 19 11.60 26.64 -5.20
N ILE F 20 11.65 27.32 -4.06
CA ILE F 20 11.89 26.68 -2.78
C ILE F 20 10.73 26.98 -1.84
N SER F 21 10.35 26.00 -1.05
CA SER F 21 9.35 26.17 0.00
C SER F 21 9.76 25.32 1.18
N ALA F 22 10.23 25.96 2.24
CA ALA F 22 10.75 25.28 3.42
C ALA F 22 9.75 25.40 4.57
N ILE F 23 9.62 24.30 5.31
CA ILE F 23 8.76 24.24 6.48
C ILE F 23 9.65 24.24 7.73
N THR F 24 9.15 24.84 8.79
CA THR F 24 9.90 25.00 10.05
C THR F 24 9.04 24.56 11.23
N PRO F 25 8.82 23.25 11.39
CA PRO F 25 7.93 22.78 12.46
C PRO F 25 8.59 22.72 13.83
N MET F 26 9.87 22.36 13.88
CA MET F 26 10.55 22.21 15.17
C MET F 26 10.65 23.53 15.90
N ALA F 27 10.95 24.61 15.17
CA ALA F 27 11.03 25.92 15.81
C ALA F 27 9.65 26.44 16.20
N GLN F 28 8.60 25.93 15.57
CA GLN F 28 7.24 26.30 15.99
C GLN F 28 6.82 25.52 17.23
N LYS F 29 7.27 24.28 17.38
CA LYS F 29 6.90 23.51 18.56
C LYS F 29 7.65 23.98 19.79
N ALA F 30 8.95 24.26 19.65
CA ALA F 30 9.73 24.72 20.78
C ALA F 30 9.25 26.08 21.24
N LYS F 31 9.15 26.24 22.56
CA LYS F 31 8.60 27.45 23.14
C LYS F 31 9.60 28.60 23.10
N LYS F 32 9.08 29.82 23.14
CA LYS F 32 9.88 31.04 23.12
C LYS F 32 9.72 31.75 24.45
N TYR F 33 10.84 32.19 25.02
CA TYR F 33 10.82 32.96 26.26
C TYR F 33 11.71 34.16 26.12
N THR F 34 11.27 35.28 26.69
CA THR F 34 12.02 36.54 26.67
C THR F 34 12.10 37.06 28.10
N PRO F 35 13.17 36.72 28.82
CA PRO F 35 13.36 37.27 30.15
C PRO F 35 13.57 38.76 30.07
N PRO F 36 13.30 39.49 31.16
CA PRO F 36 13.44 40.96 31.12
C PRO F 36 14.83 41.38 30.71
N ALA F 37 14.89 42.26 29.71
CA ALA F 37 16.17 42.64 29.10
C ALA F 37 17.06 43.40 30.07
N ALA F 38 16.47 44.25 30.92
CA ALA F 38 17.28 45.07 31.82
C ALA F 38 18.04 44.20 32.81
N SER F 39 17.40 43.16 33.34
CA SER F 39 18.12 42.25 34.21
C SER F 39 19.08 41.37 33.43
N MET F 40 18.74 41.02 32.19
CA MET F 40 19.63 40.21 31.37
C MET F 40 20.95 40.91 31.10
N GLN F 41 20.91 42.22 30.91
CA GLN F 41 22.13 42.96 30.61
C GLN F 41 23.13 42.89 31.76
N ARG F 42 22.65 42.99 33.00
CA ARG F 42 23.54 42.97 34.15
C ARG F 42 24.05 41.57 34.45
N SER F 43 23.22 40.56 34.27
CA SER F 43 23.72 39.20 34.23
C SER F 43 24.42 38.96 32.90
N SER F 44 25.08 37.81 32.78
CA SER F 44 25.79 37.58 31.53
C SER F 44 24.85 36.95 30.51
N ASN F 45 23.69 37.57 30.31
CA ASN F 45 22.61 37.01 29.50
C ASN F 45 22.25 35.61 29.96
N THR F 46 22.11 35.43 31.27
CA THR F 46 21.90 34.11 31.85
C THR F 46 20.77 34.15 32.87
N ILE F 47 19.95 33.11 32.89
CA ILE F 47 18.98 32.89 33.95
C ILE F 47 19.27 31.51 34.52
N TRP F 48 19.06 31.36 35.82
CA TRP F 48 19.18 30.05 36.45
C TRP F 48 17.79 29.58 36.85
N MET F 49 17.48 28.33 36.51
CA MET F 49 16.23 27.78 36.95
C MET F 49 16.48 26.59 37.86
N PRO F 50 15.74 26.46 38.95
CA PRO F 50 15.87 25.27 39.80
C PRO F 50 15.32 24.02 39.13
N VAL F 51 15.91 22.89 39.49
CA VAL F 51 15.46 21.59 39.06
C VAL F 51 14.57 21.01 40.16
N GLU F 52 13.61 20.18 39.77
CA GLU F 52 12.75 19.52 40.75
C GLU F 52 13.58 18.75 41.77
N GLN F 53 13.22 18.91 43.04
CA GLN F 53 14.03 18.39 44.12
C GLN F 53 13.75 16.92 44.36
N GLU F 54 14.79 16.18 44.76
CA GLU F 54 14.71 14.75 45.00
C GLU F 54 15.20 14.46 46.41
N SER F 55 14.46 13.66 47.14
CA SER F 55 14.81 13.45 48.53
C SER F 55 15.38 12.07 48.76
N PRO F 56 16.32 11.93 49.68
CA PRO F 56 16.73 10.58 50.12
C PRO F 56 15.69 9.98 51.04
N THR F 57 15.76 8.66 51.16
CA THR F 57 14.92 7.91 52.08
C THR F 57 15.82 7.03 52.92
N GLN F 58 15.44 6.85 54.18
CA GLN F 58 16.28 6.20 55.15
C GLN F 58 15.46 5.21 55.95
N GLU F 59 16.12 4.17 56.46
CA GLU F 59 15.46 3.04 57.08
C GLU F 59 15.85 2.93 58.55
N GLY F 60 14.94 2.45 59.37
CA GLY F 60 15.22 2.13 60.75
C GLY F 60 14.47 3.03 61.70
N TRP F 61 14.78 2.86 62.99
CA TRP F 61 14.17 3.64 64.06
C TRP F 61 15.09 4.73 64.59
N ASP F 62 16.37 4.42 64.81
CA ASP F 62 17.28 5.33 65.50
C ASP F 62 17.47 6.64 64.76
N LEU F 63 18.11 6.59 63.59
CA LEU F 63 18.34 7.75 62.75
C LEU F 63 19.15 8.84 63.45
N THR F 64 19.75 8.53 64.59
CA THR F 64 20.50 9.52 65.35
C THR F 64 21.81 9.83 64.65
N ASP F 65 22.12 11.12 64.51
CA ASP F 65 23.31 11.62 63.83
C ASP F 65 23.31 11.30 62.34
N LYS F 66 22.14 11.06 61.75
CA LYS F 66 22.03 10.71 60.34
C LYS F 66 21.08 11.62 59.59
N ALA F 67 20.77 12.79 60.15
CA ALA F 67 19.96 13.75 59.43
C ALA F 67 20.74 14.27 58.23
N THR F 68 20.05 14.43 57.12
CA THR F 68 20.65 14.92 55.90
C THR F 68 20.43 16.42 55.78
N GLY F 69 20.85 16.97 54.64
CA GLY F 69 20.64 18.36 54.31
C GLY F 69 19.68 18.53 53.16
N LEU F 70 19.65 19.76 52.63
CA LEU F 70 18.81 20.08 51.50
C LEU F 70 19.70 20.41 50.31
N LEU F 71 19.27 20.00 49.12
CA LEU F 71 20.05 20.24 47.91
C LEU F 71 19.09 20.44 46.75
N GLU F 72 19.14 21.61 46.13
CA GLU F 72 18.36 21.92 44.95
C GLU F 72 19.31 22.35 43.83
N LEU F 73 19.20 21.69 42.68
CA LEU F 73 20.09 21.89 41.55
C LEU F 73 19.53 22.96 40.61
N ASN F 74 20.38 23.44 39.72
CA ASN F 74 20.04 24.55 38.84
C ASN F 74 20.49 24.27 37.41
N VAL F 75 19.81 24.92 36.47
CA VAL F 75 20.15 24.88 35.06
C VAL F 75 20.16 26.31 34.55
N ALA F 76 21.14 26.65 33.71
CA ALA F 76 21.32 28.00 33.22
C ALA F 76 20.95 28.08 31.75
N VAL F 77 20.14 29.07 31.39
CA VAL F 77 19.81 29.38 30.00
C VAL F 77 20.54 30.65 29.61
N ASN F 78 21.20 30.62 28.46
CA ASN F 78 21.94 31.78 27.99
C ASN F 78 21.52 32.11 26.56
N MET F 79 22.24 33.03 25.94
CA MET F 79 21.97 33.53 24.60
C MET F 79 23.09 33.13 23.66
N GLY F 80 22.87 33.40 22.38
CA GLY F 80 23.88 33.20 21.37
C GLY F 80 24.28 34.51 20.71
N GLU F 81 24.97 34.43 19.59
CA GLU F 81 25.32 35.63 18.85
C GLU F 81 24.16 36.06 17.95
N PRO F 82 24.05 37.35 17.66
CA PRO F 82 23.02 37.80 16.72
C PRO F 82 23.27 37.25 15.33
N ASP F 83 22.18 36.92 14.64
CA ASP F 83 22.23 36.41 13.27
C ASP F 83 21.77 37.51 12.33
N ASN F 84 22.48 37.70 11.24
CA ASN F 84 22.32 38.88 10.40
C ASN F 84 22.22 38.51 8.93
N ASP F 85 21.45 39.31 8.20
CA ASP F 85 21.63 39.47 6.76
C ASP F 85 22.09 40.90 6.54
N PHE F 86 23.25 41.05 5.91
CA PHE F 86 23.93 42.33 5.82
C PHE F 86 24.44 42.50 4.40
N PHE F 87 23.97 43.54 3.72
CA PHE F 87 24.38 43.75 2.34
C PHE F 87 24.56 45.24 2.08
N GLN F 88 25.29 45.54 1.00
CA GLN F 88 25.62 46.89 0.59
C GLN F 88 25.18 47.09 -0.86
N LEU F 89 24.67 48.28 -1.16
CA LEU F 89 24.27 48.62 -2.51
C LEU F 89 24.65 50.06 -2.79
N ARG F 90 25.23 50.30 -3.96
CA ARG F 90 25.46 51.67 -4.40
C ARG F 90 24.15 52.28 -4.86
N ALA F 91 24.11 53.61 -4.86
CA ALA F 91 22.87 54.31 -5.15
C ALA F 91 22.41 54.09 -6.59
N ASP F 92 23.33 53.73 -7.49
CA ASP F 92 22.92 53.43 -8.85
C ASP F 92 22.11 52.14 -8.92
N ASP F 93 22.30 51.25 -7.96
CA ASP F 93 21.57 49.98 -7.94
C ASP F 93 20.13 50.13 -7.48
N LEU F 94 19.74 51.30 -7.00
CA LEU F 94 18.39 51.50 -6.47
C LEU F 94 17.47 52.24 -7.43
N ARG F 95 17.87 52.43 -8.68
CA ARG F 95 16.93 52.91 -9.67
C ARG F 95 15.80 51.91 -9.89
N ASP F 96 16.14 50.63 -9.93
CA ASP F 96 15.17 49.53 -9.86
C ASP F 96 15.39 48.84 -8.52
N GLU F 97 14.40 48.91 -7.64
CA GLU F 97 14.56 48.38 -6.29
C GLU F 97 13.96 47.00 -6.11
N THR F 98 13.56 46.33 -7.20
CA THR F 98 12.90 45.04 -7.08
C THR F 98 13.82 43.99 -6.46
N ALA F 99 15.08 43.97 -6.90
CA ALA F 99 16.04 43.02 -6.33
C ALA F 99 16.26 43.28 -4.84
N TYR F 100 16.22 44.54 -4.43
CA TYR F 100 16.41 44.88 -3.03
C TYR F 100 15.27 44.32 -2.17
N ARG F 101 14.03 44.47 -2.62
CA ARG F 101 12.90 43.94 -1.87
C ARG F 101 12.92 42.41 -1.85
N ARG F 102 13.25 41.79 -2.98
CA ARG F 102 13.28 40.35 -2.99
C ARG F 102 14.41 39.81 -2.13
N ARG F 103 15.50 40.56 -2.00
CA ARG F 103 16.55 40.19 -1.07
C ARG F 103 16.06 40.29 0.38
N ILE F 104 15.27 41.32 0.68
CA ILE F 104 14.71 41.42 2.02
C ILE F 104 13.85 40.20 2.34
N GLN F 105 13.01 39.79 1.39
CA GLN F 105 12.17 38.62 1.61
C GLN F 105 13.00 37.36 1.80
N SER F 106 14.02 37.16 0.95
CA SER F 106 14.92 36.04 1.13
C SER F 106 15.57 36.05 2.50
N ALA F 107 15.93 37.24 2.99
CA ALA F 107 16.57 37.33 4.30
C ALA F 107 15.63 36.87 5.39
N ALA F 108 14.37 37.27 5.33
CA ALA F 108 13.40 36.79 6.31
C ALA F 108 13.31 35.27 6.27
N ARG F 109 13.20 34.70 5.07
CA ARG F 109 13.09 33.25 4.94
C ARG F 109 14.31 32.54 5.49
N LYS F 110 15.50 33.04 5.16
CA LYS F 110 16.73 32.39 5.59
C LYS F 110 16.94 32.51 7.10
N LEU F 111 16.52 33.63 7.69
CA LEU F 111 16.63 33.74 9.15
C LEU F 111 15.71 32.74 9.84
N ALA F 112 14.48 32.60 9.35
CA ALA F 112 13.61 31.56 9.92
C ALA F 112 14.22 30.18 9.76
N ASN F 113 14.76 29.89 8.59
CA ASN F 113 15.39 28.59 8.36
C ASN F 113 16.56 28.37 9.29
N ASN F 114 17.36 29.41 9.53
CA ASN F 114 18.50 29.29 10.43
C ASN F 114 18.05 28.98 11.85
N VAL F 115 16.99 29.63 12.32
CA VAL F 115 16.47 29.32 13.64
C VAL F 115 16.09 27.85 13.73
N GLU F 116 15.39 27.36 12.71
CA GLU F 116 14.98 25.96 12.70
C GLU F 116 16.17 25.02 12.68
N LEU F 117 17.18 25.33 11.88
CA LEU F 117 18.41 24.54 11.86
C LEU F 117 19.06 24.51 13.23
N LYS F 118 19.09 25.65 13.90
CA LYS F 118 19.70 25.71 15.22
C LYS F 118 18.98 24.83 16.22
N VAL F 119 17.64 24.86 16.21
CA VAL F 119 16.93 24.03 17.17
C VAL F 119 17.12 22.55 16.85
N ALA F 120 17.10 22.19 15.56
CA ALA F 120 17.27 20.79 15.20
C ALA F 120 18.64 20.27 15.57
N ASN F 121 19.68 21.07 15.30
CA ASN F 121 21.03 20.64 15.62
C ASN F 121 21.27 20.62 17.12
N MET F 122 20.67 21.56 17.85
CA MET F 122 20.77 21.54 19.31
C MET F 122 20.18 20.26 19.87
N ALA F 123 18.98 19.90 19.41
CA ALA F 123 18.34 18.69 19.89
C ALA F 123 19.14 17.46 19.53
N ALA F 124 19.66 17.40 18.30
CA ALA F 124 20.37 16.20 17.87
C ALA F 124 21.76 16.11 18.47
N GLU F 125 22.33 17.22 18.93
CA GLU F 125 23.66 17.17 19.50
C GLU F 125 23.66 17.03 21.02
N MET F 126 22.62 17.51 21.70
CA MET F 126 22.47 17.26 23.12
C MET F 126 21.28 16.35 23.41
N GLY F 127 21.07 15.33 22.59
CA GLY F 127 20.07 14.33 22.87
C GLY F 127 20.68 13.10 23.47
N SER F 128 20.39 12.83 24.73
CA SER F 128 21.05 11.74 25.44
C SER F 128 20.35 10.41 25.29
N LEU F 129 19.03 10.41 25.12
CA LEU F 129 18.29 9.18 24.86
C LEU F 129 18.64 8.73 23.45
N VAL F 130 19.34 7.61 23.32
CA VAL F 130 19.78 7.11 22.03
C VAL F 130 19.12 5.77 21.81
N ILE F 131 18.36 5.66 20.73
CA ILE F 131 17.83 4.39 20.25
C ILE F 131 18.47 4.10 18.91
N THR F 132 19.16 2.97 18.83
CA THR F 132 19.83 2.55 17.62
C THR F 132 19.20 1.26 17.11
N SER F 133 19.11 1.14 15.79
CA SER F 133 18.67 -0.09 15.17
C SER F 133 19.81 -0.66 14.35
N PRO F 134 20.10 -1.96 14.48
CA PRO F 134 21.17 -2.55 13.67
C PRO F 134 20.90 -2.50 12.19
N ASP F 135 19.64 -2.39 11.78
CA ASP F 135 19.26 -2.40 10.38
C ASP F 135 18.52 -1.12 10.03
N ALA F 136 18.37 -0.88 8.73
CA ALA F 136 17.63 0.28 8.26
C ALA F 136 16.14 0.09 8.55
N ILE F 137 15.41 1.21 8.56
CA ILE F 137 13.97 1.13 8.73
C ILE F 137 13.34 0.66 7.43
N GLY F 138 12.53 -0.40 7.53
CA GLY F 138 11.94 -1.03 6.36
C GLY F 138 12.41 -2.44 6.13
N THR F 139 13.50 -2.86 6.79
CA THR F 139 13.99 -4.22 6.63
C THR F 139 13.03 -5.25 7.20
N ASN F 140 12.15 -4.85 8.12
CA ASN F 140 11.24 -5.76 8.78
C ASN F 140 9.82 -5.21 8.69
N THR F 141 8.86 -6.00 9.17
CA THR F 141 7.47 -5.80 8.82
C THR F 141 6.79 -4.68 9.62
N ALA F 142 7.31 -4.29 10.79
CA ALA F 142 6.77 -3.12 11.47
C ALA F 142 7.86 -2.36 12.20
N ASP F 143 9.02 -2.23 11.58
CA ASP F 143 10.18 -1.75 12.33
C ASP F 143 10.17 -0.25 12.57
N ALA F 144 9.38 0.53 11.82
CA ALA F 144 9.25 1.95 12.13
C ALA F 144 8.44 2.16 13.42
N TRP F 145 7.33 1.43 13.55
CA TRP F 145 6.59 1.46 14.82
C TRP F 145 7.48 1.03 15.96
N ASN F 146 8.28 -0.02 15.76
CA ASN F 146 9.17 -0.48 16.81
C ASN F 146 10.20 0.59 17.16
N PHE F 147 10.69 1.30 16.15
CA PHE F 147 11.64 2.38 16.39
C PHE F 147 11.03 3.47 17.25
N VAL F 148 9.78 3.84 16.97
CA VAL F 148 9.11 4.87 17.77
C VAL F 148 8.81 4.36 19.16
N ALA F 149 8.37 3.11 19.27
CA ALA F 149 8.00 2.55 20.55
C ALA F 149 9.22 2.36 21.44
N ASP F 150 10.40 2.19 20.85
CA ASP F 150 11.62 2.17 21.65
C ASP F 150 11.83 3.50 22.37
N ALA F 151 11.63 4.60 21.65
CA ALA F 151 11.73 5.91 22.26
C ALA F 151 10.68 6.08 23.36
N GLU F 152 9.45 5.67 23.08
CA GLU F 152 8.39 5.80 24.07
C GLU F 152 8.69 4.98 25.32
N GLU F 153 9.19 3.75 25.12
CA GLU F 153 9.52 2.90 26.25
C GLU F 153 10.68 3.45 27.06
N ILE F 154 11.72 3.98 26.41
CA ILE F 154 12.83 4.50 27.20
C ILE F 154 12.40 5.74 27.96
N MET F 155 11.49 6.55 27.39
CA MET F 155 10.95 7.67 28.15
C MET F 155 10.13 7.18 29.34
N PHE F 156 9.33 6.13 29.15
CA PHE F 156 8.50 5.63 30.23
C PHE F 156 9.34 5.02 31.35
N SER F 157 10.33 4.21 30.99
CA SER F 157 11.16 3.55 31.99
C SER F 157 12.04 4.52 32.74
N ARG F 158 12.58 5.53 32.05
CA ARG F 158 13.39 6.54 32.71
C ARG F 158 12.56 7.42 33.61
N GLU F 159 11.24 7.31 33.55
CA GLU F 159 10.31 8.03 34.43
C GLU F 159 10.46 9.54 34.25
N LEU F 160 10.55 9.96 32.99
CA LEU F 160 10.67 11.37 32.69
C LEU F 160 9.31 12.03 32.66
N ASN F 161 9.29 13.29 33.05
CA ASN F 161 8.07 14.09 33.01
C ASN F 161 7.72 14.37 31.56
N ARG F 162 6.53 13.94 31.15
CA ARG F 162 6.06 14.08 29.78
C ARG F 162 4.69 14.72 29.74
N ASP F 163 4.33 15.45 30.79
CA ASP F 163 2.97 15.99 30.91
C ASP F 163 2.71 17.13 29.96
N MET F 164 3.68 17.52 29.16
CA MET F 164 3.58 18.67 28.26
C MET F 164 3.49 18.25 26.80
N GLY F 165 3.44 16.97 26.52
CA GLY F 165 3.42 16.49 25.17
C GLY F 165 4.79 15.98 24.73
N THR F 166 4.78 15.07 23.76
CA THR F 166 6.00 14.51 23.21
C THR F 166 5.91 14.52 21.69
N SER F 167 7.03 14.76 21.04
CA SER F 167 7.08 14.82 19.58
C SER F 167 8.14 13.85 19.08
N TYR F 168 7.85 13.19 17.97
CA TYR F 168 8.82 12.38 17.26
C TYR F 168 8.97 12.95 15.86
N PHE F 169 10.20 13.29 15.48
CA PHE F 169 10.47 13.86 14.17
C PHE F 169 11.20 12.84 13.33
N PHE F 170 10.57 12.43 12.24
CA PHE F 170 11.19 11.56 11.26
C PHE F 170 11.94 12.39 10.23
N ASN F 171 13.01 11.83 9.70
CA ASN F 171 13.55 12.41 8.48
C ASN F 171 12.72 11.91 7.31
N PRO F 172 12.74 12.61 6.18
CA PRO F 172 11.85 12.20 5.07
C PRO F 172 12.06 10.78 4.60
N GLN F 173 13.29 10.28 4.61
CA GLN F 173 13.57 8.92 4.16
C GLN F 173 12.88 7.90 5.07
N ASP F 174 13.05 8.03 6.37
CA ASP F 174 12.46 7.07 7.29
C ASP F 174 10.94 7.22 7.34
N TYR F 175 10.42 8.42 7.15
CA TYR F 175 8.98 8.58 7.01
C TYR F 175 8.47 7.83 5.79
N LYS F 176 9.19 7.92 4.68
CA LYS F 176 8.80 7.17 3.50
C LYS F 176 8.85 5.68 3.75
N LYS F 177 9.85 5.23 4.50
CA LYS F 177 9.93 3.80 4.81
C LYS F 177 8.78 3.35 5.70
N ALA F 178 8.38 4.18 6.66
CA ALA F 178 7.22 3.84 7.49
C ALA F 178 5.95 3.75 6.67
N GLY F 179 5.76 4.72 5.77
CA GLY F 179 4.61 4.64 4.88
C GLY F 179 4.64 3.41 4.01
N TYR F 180 5.82 3.06 3.51
CA TYR F 180 5.98 1.85 2.71
C TYR F 180 5.60 0.62 3.50
N ASP F 181 6.01 0.56 4.76
CA ASP F 181 5.63 -0.54 5.63
C ASP F 181 4.12 -0.63 5.74
N LEU F 182 3.45 0.51 5.91
CA LEU F 182 1.99 0.48 6.00
C LEU F 182 1.35 0.01 4.70
N THR F 183 1.84 0.47 3.55
CA THR F 183 1.22 0.14 2.27
C THR F 183 1.60 -1.22 1.75
N LYS F 184 2.64 -1.85 2.29
CA LYS F 184 2.99 -3.20 1.86
C LYS F 184 2.00 -4.23 2.34
N ARG F 185 1.09 -3.86 3.22
CA ARG F 185 0.03 -4.76 3.66
C ARG F 185 -1.23 -4.50 2.86
N ASP F 186 -2.29 -5.22 3.20
CA ASP F 186 -3.55 -5.07 2.47
C ASP F 186 -4.14 -3.70 2.73
N ILE F 187 -4.62 -3.07 1.65
CA ILE F 187 -5.08 -1.67 1.73
C ILE F 187 -6.50 -1.74 2.26
N PHE F 188 -6.61 -1.83 3.57
CA PHE F 188 -7.88 -1.96 4.25
C PHE F 188 -7.77 -1.21 5.56
N GLY F 189 -8.84 -0.55 5.96
CA GLY F 189 -8.82 0.21 7.19
C GLY F 189 -8.18 1.56 7.03
N ARG F 190 -8.44 2.42 8.00
CA ARG F 190 -8.08 3.84 7.87
C ARG F 190 -6.58 4.02 7.73
N ILE F 191 -5.78 3.31 8.52
CA ILE F 191 -4.34 3.55 8.58
C ILE F 191 -3.66 3.23 7.25
N PRO F 192 -3.74 2.01 6.71
CA PRO F 192 -3.13 1.77 5.40
C PRO F 192 -3.76 2.59 4.28
N GLU F 193 -5.06 2.84 4.36
CA GLU F 193 -5.72 3.61 3.31
C GLU F 193 -5.17 5.03 3.23
N GLU F 194 -4.94 5.66 4.38
CA GLU F 194 -4.35 6.99 4.36
C GLU F 194 -2.86 6.94 4.06
N ALA F 195 -2.18 5.85 4.41
CA ALA F 195 -0.79 5.72 3.99
C ALA F 195 -0.67 5.53 2.49
N TYR F 196 -1.72 5.04 1.83
CA TYR F 196 -1.71 4.89 0.38
C TYR F 196 -2.13 6.18 -0.32
N ARG F 197 -3.32 6.69 0.03
CA ARG F 197 -3.81 7.91 -0.61
C ARG F 197 -2.90 9.09 -0.32
N ASP F 198 -2.59 9.31 0.94
CA ASP F 198 -1.59 10.28 1.35
C ASP F 198 -0.30 9.55 1.66
N GLY F 199 0.73 10.29 1.99
CA GLY F 199 1.93 9.59 2.39
C GLY F 199 2.03 9.35 3.87
N THR F 200 0.96 9.59 4.62
CA THR F 200 1.05 9.79 6.05
C THR F 200 0.92 8.50 6.83
N ILE F 201 1.83 8.32 7.73
CA ILE F 201 1.59 7.50 8.91
C ILE F 201 0.85 8.40 9.88
N GLN F 202 0.09 7.83 10.80
CA GLN F 202 -0.79 8.66 11.59
C GLN F 202 0.00 9.64 12.47
N ARG F 203 -0.67 10.70 12.91
CA ARG F 203 -0.01 11.68 13.76
C ARG F 203 0.28 11.12 15.14
N GLN F 204 -0.37 10.04 15.53
CA GLN F 204 -0.08 9.34 16.76
C GLN F 204 0.34 7.91 16.40
N VAL F 205 1.61 7.59 16.60
CA VAL F 205 2.10 6.23 16.50
C VAL F 205 2.83 5.91 17.78
N ALA F 206 2.69 4.67 18.24
CA ALA F 206 3.16 4.23 19.58
C ALA F 206 2.49 5.16 20.59
N GLY F 207 3.15 5.54 21.67
CA GLY F 207 2.57 6.44 22.63
C GLY F 207 2.84 7.91 22.42
N PHE F 208 3.29 8.31 21.24
CA PHE F 208 3.70 9.68 21.02
C PHE F 208 2.50 10.55 20.63
N ASP F 209 2.45 11.75 21.20
CA ASP F 209 1.35 12.65 20.93
C ASP F 209 1.43 13.25 19.53
N ASP F 210 2.63 13.54 19.06
CA ASP F 210 2.82 14.12 17.73
C ASP F 210 3.94 13.39 17.03
N VAL F 211 3.69 12.95 15.81
CA VAL F 211 4.70 12.32 14.97
C VAL F 211 4.63 12.97 13.61
N LEU F 212 5.78 13.36 13.08
CA LEU F 212 5.83 14.15 11.87
C LEU F 212 7.22 14.05 11.28
N ARG F 213 7.37 14.55 10.06
CA ARG F 213 8.66 14.53 9.39
C ARG F 213 9.21 15.95 9.29
N SER F 214 10.53 16.06 9.39
CA SER F 214 11.21 17.34 9.29
C SER F 214 12.29 17.20 8.23
N PRO F 215 12.30 18.04 7.19
CA PRO F 215 13.38 18.00 6.22
C PRO F 215 14.67 18.62 6.74
N LYS F 216 14.69 19.11 7.98
CA LYS F 216 15.85 19.79 8.54
C LYS F 216 16.65 18.93 9.50
N LEU F 217 16.30 17.66 9.67
CA LEU F 217 17.00 16.84 10.64
C LEU F 217 18.42 16.56 10.16
N PRO F 218 19.43 16.79 11.01
CA PRO F 218 20.81 16.69 10.56
C PRO F 218 21.24 15.24 10.34
N VAL F 219 22.41 15.10 9.70
CA VAL F 219 23.04 13.81 9.52
C VAL F 219 24.14 13.68 10.55
N LEU F 220 24.00 12.71 11.46
CA LEU F 220 24.97 12.47 12.51
C LEU F 220 26.10 11.62 11.94
N THR F 221 27.22 12.26 11.65
CA THR F 221 28.35 11.58 11.05
C THR F 221 28.92 10.54 12.00
N LYS F 222 29.40 9.43 11.43
CA LYS F 222 29.94 8.34 12.24
C LYS F 222 31.12 8.83 13.06
N SER F 223 31.42 8.08 14.11
CA SER F 223 32.56 8.38 14.97
C SER F 223 33.73 7.48 14.62
N THR F 224 34.87 8.09 14.33
CA THR F 224 36.09 7.33 14.05
C THR F 224 36.80 6.89 15.32
N ALA F 225 36.33 7.31 16.48
CA ALA F 225 36.98 6.95 17.74
C ALA F 225 36.87 5.45 17.99
N THR F 226 37.95 4.88 18.51
CA THR F 226 37.93 3.46 18.84
C THR F 226 38.95 3.19 19.95
N GLY F 227 38.68 2.14 20.72
CA GLY F 227 39.56 1.76 21.81
C GLY F 227 39.67 2.77 22.91
N ILE F 228 38.62 3.53 23.17
CA ILE F 228 38.64 4.56 24.20
C ILE F 228 38.13 3.97 25.50
N THR F 229 38.86 4.25 26.59
CA THR F 229 38.47 3.82 27.92
C THR F 229 38.52 5.02 28.86
N VAL F 230 37.88 4.86 30.02
CA VAL F 230 37.95 5.88 31.04
C VAL F 230 39.37 5.91 31.60
N SER F 231 39.82 7.08 32.00
CA SER F 231 41.16 7.27 32.55
C SER F 231 41.03 7.66 34.00
N GLY F 232 41.11 6.67 34.89
CA GLY F 232 40.99 6.89 36.31
C GLY F 232 39.55 6.81 36.78
N ALA F 233 39.40 6.48 38.06
CA ALA F 233 38.08 6.38 38.67
C ALA F 233 37.55 7.79 38.88
N GLN F 234 36.33 8.03 38.40
CA GLN F 234 35.74 9.35 38.45
C GLN F 234 34.35 9.30 39.04
N SER F 235 34.08 10.22 39.96
CA SER F 235 32.76 10.41 40.54
C SER F 235 32.34 11.83 40.30
N PHE F 236 31.05 12.02 40.01
CA PHE F 236 30.50 13.33 39.73
C PHE F 236 29.45 13.64 40.78
N LYS F 237 29.51 14.85 41.31
CA LYS F 237 28.69 15.23 42.44
C LYS F 237 27.61 16.21 42.02
N PRO F 238 26.35 15.94 42.30
CA PRO F 238 25.31 16.96 42.11
C PRO F 238 25.46 18.10 43.11
N VAL F 239 25.82 19.28 42.63
CA VAL F 239 26.01 20.43 43.51
C VAL F 239 25.21 21.59 42.95
N ALA F 240 24.89 22.54 43.82
CA ALA F 240 24.20 23.75 43.39
C ALA F 240 25.17 24.88 43.10
N TRP F 241 26.26 24.96 43.85
CA TRP F 241 27.26 26.00 43.67
C TRP F 241 28.58 25.48 44.21
N GLN F 242 29.65 26.21 43.88
CA GLN F 242 30.97 25.91 44.40
C GLN F 242 31.72 27.21 44.56
N LEU F 243 32.79 27.17 45.35
CA LEU F 243 33.58 28.36 45.62
C LEU F 243 34.69 28.54 44.60
N ASP F 244 34.94 29.79 44.23
CA ASP F 244 36.09 30.14 43.40
C ASP F 244 37.27 30.49 44.29
N ASN F 245 38.31 31.09 43.70
CA ASN F 245 39.51 31.43 44.46
C ASN F 245 39.19 32.32 45.65
N ASP F 246 38.35 33.32 45.44
CA ASP F 246 37.83 34.13 46.53
C ASP F 246 36.51 33.55 47.00
N GLY F 247 35.94 34.15 48.05
CA GLY F 247 34.91 33.48 48.82
C GLY F 247 33.54 33.38 48.18
N ASN F 248 33.39 33.91 46.97
CA ASN F 248 32.10 33.91 46.30
C ASN F 248 31.65 32.49 45.97
N LYS F 249 30.33 32.31 45.94
CA LYS F 249 29.73 31.05 45.54
C LYS F 249 29.20 31.23 44.13
N VAL F 250 29.59 30.31 43.24
CA VAL F 250 29.25 30.38 41.83
C VAL F 250 28.33 29.22 41.51
N ASN F 251 27.18 29.51 40.91
CA ASN F 251 26.22 28.47 40.57
C ASN F 251 26.83 27.49 39.58
N VAL F 252 26.45 26.23 39.72
CA VAL F 252 26.91 25.16 38.84
C VAL F 252 25.73 24.63 38.05
N ASP F 253 25.88 24.54 36.74
CA ASP F 253 24.90 23.91 35.89
C ASP F 253 24.86 22.41 36.18
N ASN F 254 23.64 21.87 36.26
CA ASN F 254 23.49 20.45 36.57
C ASN F 254 23.61 19.55 35.36
N ARG F 255 23.64 20.10 34.15
CA ARG F 255 23.56 19.26 32.97
C ARG F 255 24.89 18.55 32.69
N PHE F 256 25.98 19.29 32.67
CA PHE F 256 27.20 18.78 32.05
C PHE F 256 28.19 18.23 33.06
N ALA F 257 28.94 17.22 32.62
CA ALA F 257 30.02 16.63 33.39
C ALA F 257 31.23 16.43 32.49
N THR F 258 32.41 16.75 33.01
CA THR F 258 33.66 16.59 32.28
C THR F 258 34.29 15.25 32.68
N VAL F 259 34.57 14.42 31.68
CA VAL F 259 35.08 13.08 31.88
C VAL F 259 36.50 13.01 31.33
N THR F 260 37.40 12.41 32.10
CA THR F 260 38.77 12.19 31.67
C THR F 260 38.84 10.82 31.00
N LEU F 261 39.14 10.81 29.70
CA LEU F 261 39.25 9.57 28.94
C LEU F 261 40.70 9.28 28.63
N SER F 262 40.94 8.11 28.03
CA SER F 262 42.28 7.80 27.55
C SER F 262 42.67 8.72 26.39
N ALA F 263 41.75 8.95 25.47
CA ALA F 263 41.97 9.88 24.38
C ALA F 263 40.63 10.28 23.80
N THR F 264 40.60 11.47 23.20
CA THR F 264 39.41 12.00 22.54
C THR F 264 39.67 12.26 21.06
N THR F 265 40.51 11.42 20.44
CA THR F 265 40.99 11.73 19.10
C THR F 265 39.87 11.69 18.07
N GLY F 266 38.96 10.72 18.19
CA GLY F 266 37.91 10.55 17.20
C GLY F 266 36.55 11.06 17.59
N MET F 267 36.45 11.83 18.67
CA MET F 267 35.17 12.27 19.18
C MET F 267 34.86 13.70 18.74
N LYS F 268 33.58 14.00 18.60
CA LYS F 268 33.11 15.33 18.22
C LYS F 268 31.80 15.60 18.94
N ARG F 269 31.46 16.88 19.05
CA ARG F 269 30.22 17.26 19.69
C ARG F 269 29.04 16.62 18.97
N GLY F 270 28.15 16.02 19.75
CA GLY F 270 27.05 15.28 19.18
C GLY F 270 27.26 13.79 19.10
N ASP F 271 28.45 13.30 19.45
CA ASP F 271 28.67 11.86 19.50
C ASP F 271 27.87 11.25 20.63
N LYS F 272 27.40 10.03 20.40
CA LYS F 272 26.65 9.29 21.41
C LYS F 272 27.54 8.17 21.94
N ILE F 273 27.64 8.08 23.26
CA ILE F 273 28.49 7.09 23.90
C ILE F 273 27.78 6.46 25.08
N SER F 274 28.22 5.27 25.45
CA SER F 274 27.79 4.62 26.68
C SER F 274 29.00 3.92 27.26
N PHE F 275 29.03 3.79 28.58
CA PHE F 275 30.18 3.25 29.29
C PHE F 275 29.89 1.80 29.64
N ALA F 276 30.85 0.93 29.38
CA ALA F 276 30.64 -0.51 29.47
C ALA F 276 30.43 -0.91 30.92
N GLY F 277 29.18 -1.09 31.30
CA GLY F 277 28.86 -1.51 32.64
C GLY F 277 27.82 -0.65 33.33
N VAL F 278 27.80 0.63 32.99
CA VAL F 278 26.87 1.56 33.63
C VAL F 278 25.52 1.44 32.96
N LYS F 279 24.45 1.54 33.75
CA LYS F 279 23.12 1.31 33.23
C LYS F 279 22.17 2.38 33.77
N PHE F 280 21.09 2.58 33.03
CA PHE F 280 20.09 3.57 33.42
C PHE F 280 19.38 3.14 34.70
N LEU F 281 18.80 4.12 35.36
CA LEU F 281 17.98 3.91 36.53
C LEU F 281 16.58 4.44 36.26
N GLY F 282 15.60 3.87 36.95
CA GLY F 282 14.33 4.55 37.10
C GLY F 282 14.54 5.79 37.94
N GLN F 283 14.23 6.96 37.40
CA GLN F 283 14.70 8.19 38.02
C GLN F 283 14.08 8.47 39.38
N MET F 284 12.93 7.87 39.68
CA MET F 284 12.33 8.09 41.00
C MET F 284 12.74 7.03 42.00
N ALA F 285 12.47 5.77 41.69
CA ALA F 285 12.76 4.69 42.62
C ALA F 285 14.19 4.20 42.56
N LYS F 286 14.98 4.68 41.60
CA LYS F 286 16.38 4.28 41.44
C LYS F 286 16.51 2.79 41.22
N ASN F 287 15.58 2.20 40.48
CA ASN F 287 15.65 0.81 40.11
C ASN F 287 16.41 0.64 38.80
N VAL F 288 17.23 -0.40 38.74
CA VAL F 288 18.13 -0.59 37.61
C VAL F 288 17.33 -1.01 36.38
N LEU F 289 17.62 -0.36 35.26
CA LEU F 289 17.05 -0.72 33.98
C LEU F 289 17.96 -1.73 33.28
N ALA F 290 17.41 -2.36 32.24
CA ALA F 290 18.18 -3.35 31.51
C ALA F 290 19.04 -2.75 30.41
N GLN F 291 18.81 -1.49 30.05
CA GLN F 291 19.53 -0.85 28.96
C GLN F 291 20.54 0.15 29.50
N ASP F 292 21.68 0.21 28.82
CA ASP F 292 22.81 1.02 29.29
C ASP F 292 22.48 2.49 29.27
N ALA F 293 23.11 3.22 30.16
CA ALA F 293 22.98 4.67 30.18
C ALA F 293 23.68 5.25 28.96
N THR F 294 22.97 6.06 28.20
CA THR F 294 23.49 6.67 27.00
C THR F 294 23.72 8.15 27.22
N PHE F 295 24.90 8.63 26.82
CA PHE F 295 25.30 10.01 27.00
C PHE F 295 25.63 10.58 25.63
N SER F 296 25.75 11.91 25.57
CA SER F 296 26.16 12.56 24.35
C SER F 296 27.19 13.63 24.67
N VAL F 297 27.99 13.97 23.66
CA VAL F 297 29.14 14.85 23.82
C VAL F 297 28.73 16.27 23.49
N VAL F 298 28.97 17.20 24.41
CA VAL F 298 28.70 18.60 24.14
C VAL F 298 29.92 19.25 23.53
N ARG F 299 31.10 18.88 24.01
CA ARG F 299 32.32 19.43 23.45
C ARG F 299 33.50 18.58 23.87
N VAL F 300 34.49 18.50 22.99
CA VAL F 300 35.77 17.89 23.30
C VAL F 300 36.62 18.99 23.92
N VAL F 301 36.77 18.96 25.24
CA VAL F 301 37.42 20.04 25.97
C VAL F 301 38.91 20.08 25.66
N ASP F 302 39.51 18.92 25.42
CA ASP F 302 40.96 18.77 25.36
C ASP F 302 41.24 17.42 24.72
N GLY F 303 42.52 17.06 24.64
CA GLY F 303 42.88 15.77 24.08
C GLY F 303 42.62 14.61 25.00
N THR F 304 42.26 14.86 26.26
CA THR F 304 41.94 13.81 27.21
C THR F 304 40.69 14.07 28.02
N HIS F 305 40.05 15.21 27.85
CA HIS F 305 38.84 15.57 28.60
C HIS F 305 37.71 15.90 27.64
N VAL F 306 36.54 15.33 27.92
CA VAL F 306 35.35 15.56 27.13
C VAL F 306 34.19 15.79 28.09
N GLU F 307 33.23 16.60 27.65
CA GLU F 307 32.08 16.95 28.48
C GLU F 307 30.84 16.28 27.92
N ILE F 308 30.04 15.67 28.81
CA ILE F 308 28.91 14.85 28.41
C ILE F 308 27.63 15.35 29.06
N THR F 309 26.49 15.02 28.44
CA THR F 309 25.22 15.70 28.67
C THR F 309 24.43 15.30 29.92
N PRO F 310 24.33 14.02 30.31
CA PRO F 310 23.47 13.70 31.44
C PRO F 310 24.15 13.71 32.80
N LYS F 311 25.47 13.89 32.87
CA LYS F 311 26.16 13.99 34.15
C LYS F 311 25.95 12.75 35.01
N PRO F 312 26.65 11.66 34.73
CA PRO F 312 26.39 10.39 35.43
C PRO F 312 26.60 10.50 36.93
N VAL F 313 25.53 10.24 37.68
CA VAL F 313 25.56 10.18 39.13
C VAL F 313 25.32 8.73 39.53
N ALA F 314 26.31 8.12 40.17
CA ALA F 314 26.23 6.71 40.47
C ALA F 314 25.36 6.44 41.69
N LEU F 315 24.56 5.39 41.61
CA LEU F 315 23.76 4.97 42.75
C LEU F 315 24.59 4.28 43.82
N ASP F 316 25.70 3.65 43.44
CA ASP F 316 26.45 2.80 44.35
C ASP F 316 27.57 3.52 45.08
N ASP F 317 28.16 4.56 44.49
CA ASP F 317 29.38 5.13 45.05
C ASP F 317 29.12 5.76 46.41
N VAL F 318 30.14 5.70 47.27
CA VAL F 318 29.99 6.15 48.65
C VAL F 318 30.47 7.56 48.87
N SER F 319 31.12 8.17 47.87
CA SER F 319 31.60 9.53 48.00
C SER F 319 30.46 10.54 48.15
N LEU F 320 29.26 10.18 47.75
CA LEU F 320 28.13 11.10 47.75
C LEU F 320 27.48 11.16 49.13
N SER F 321 26.97 12.33 49.47
CA SER F 321 26.07 12.44 50.58
C SER F 321 24.69 11.94 50.16
N PRO F 322 23.86 11.52 51.11
CA PRO F 322 22.54 10.95 50.73
C PRO F 322 21.69 11.88 49.88
N GLU F 323 21.71 13.19 50.16
CA GLU F 323 20.96 14.12 49.34
C GLU F 323 21.52 14.21 47.93
N GLN F 324 22.82 13.95 47.77
CA GLN F 324 23.39 13.87 46.43
C GLN F 324 23.00 12.58 45.76
N ARG F 325 23.05 11.47 46.49
CA ARG F 325 22.66 10.18 45.95
C ARG F 325 21.19 10.12 45.61
N ALA F 326 20.40 11.07 46.10
CA ALA F 326 18.99 11.15 45.70
C ALA F 326 18.81 11.44 44.22
N TYR F 327 19.84 11.97 43.56
CA TYR F 327 19.75 12.37 42.16
C TYR F 327 20.42 11.37 41.23
N ALA F 328 20.76 10.19 41.74
CA ALA F 328 21.46 9.19 40.94
C ALA F 328 20.65 8.81 39.72
N ASN F 329 21.31 8.68 38.58
CA ASN F 329 20.66 8.23 37.36
C ASN F 329 21.33 7.01 36.76
N VAL F 330 22.38 6.50 37.39
CA VAL F 330 23.16 5.38 36.88
C VAL F 330 23.42 4.43 38.04
N ASN F 331 23.52 3.14 37.73
CA ASN F 331 23.71 2.14 38.78
C ASN F 331 25.10 2.14 39.36
N THR F 332 26.12 2.49 38.57
CA THR F 332 27.49 2.41 39.02
C THR F 332 28.30 3.55 38.41
N SER F 333 29.44 3.83 39.02
CA SER F 333 30.30 4.94 38.65
C SER F 333 31.27 4.56 37.55
N LEU F 334 31.88 5.57 36.96
CA LEU F 334 32.89 5.36 35.92
C LEU F 334 34.12 4.74 36.54
N ALA F 335 34.33 3.45 36.28
CA ALA F 335 35.43 2.72 36.89
C ALA F 335 36.74 3.15 36.23
N ASP F 336 37.83 2.47 36.58
CA ASP F 336 39.15 2.94 36.17
C ASP F 336 39.29 2.89 34.66
N ALA F 337 38.99 1.77 34.04
CA ALA F 337 39.26 1.58 32.61
C ALA F 337 38.11 0.85 31.92
N MET F 338 36.87 1.25 32.19
CA MET F 338 35.78 0.69 31.42
C MET F 338 35.83 1.20 29.99
N ALA F 339 35.33 0.38 29.07
CA ALA F 339 35.29 0.77 27.67
C ALA F 339 34.28 1.89 27.46
N VAL F 340 34.59 2.78 26.53
CA VAL F 340 33.66 3.82 26.11
C VAL F 340 33.03 3.38 24.81
N ASN F 341 31.87 2.75 24.89
CA ASN F 341 31.16 2.31 23.70
C ASN F 341 30.72 3.50 22.88
N ILE F 342 30.90 3.42 21.57
CA ILE F 342 30.47 4.46 20.65
C ILE F 342 29.20 3.95 19.96
N LEU F 343 28.14 4.75 20.03
CA LEU F 343 26.88 4.29 19.47
C LEU F 343 26.77 4.60 17.98
N ASN F 344 27.15 5.80 17.55
CA ASN F 344 27.03 6.19 16.15
C ASN F 344 28.23 5.65 15.37
N VAL F 345 28.17 4.35 15.08
CA VAL F 345 29.27 3.70 14.38
C VAL F 345 29.12 3.83 12.88
N LYS F 346 27.94 4.20 12.39
CA LYS F 346 27.73 4.44 10.98
C LYS F 346 27.00 5.76 10.79
N ASP F 347 27.28 6.42 9.67
CA ASP F 347 26.57 7.63 9.32
C ASP F 347 25.09 7.34 9.21
N ALA F 348 24.27 8.20 9.81
CA ALA F 348 22.83 8.00 9.79
C ALA F 348 22.15 9.34 9.92
N ARG F 349 21.18 9.60 9.05
CA ARG F 349 20.32 10.76 9.24
C ARG F 349 19.47 10.53 10.47
N THR F 350 19.35 11.55 11.31
CA THR F 350 18.78 11.37 12.62
C THR F 350 17.27 11.51 12.61
N ASN F 351 16.62 10.75 13.48
CA ASN F 351 15.25 11.01 13.89
C ASN F 351 15.33 11.53 15.32
N VAL F 352 14.86 12.75 15.53
CA VAL F 352 14.95 13.43 16.81
C VAL F 352 13.60 13.33 17.48
N PHE F 353 13.60 13.01 18.77
CA PHE F 353 12.39 13.04 19.56
C PHE F 353 12.70 13.70 20.89
N TRP F 354 11.71 14.39 21.45
CA TRP F 354 11.84 14.97 22.77
C TRP F 354 10.49 15.03 23.46
N ALA F 355 10.56 15.35 24.76
CA ALA F 355 9.42 15.89 25.48
C ALA F 355 9.33 17.38 25.22
N ASP F 356 8.09 17.86 25.02
CA ASP F 356 7.89 19.14 24.36
C ASP F 356 8.53 20.33 25.06
N ASP F 357 8.76 20.24 26.37
CA ASP F 357 9.34 21.38 27.08
C ASP F 357 10.85 21.28 27.27
N ALA F 358 11.50 20.25 26.72
CA ALA F 358 12.92 20.06 26.95
C ALA F 358 13.78 21.04 26.17
N ILE F 359 13.24 21.70 25.17
CA ILE F 359 13.99 22.60 24.31
C ILE F 359 13.25 23.93 24.25
N ARG F 360 14.00 25.02 24.28
CA ARG F 360 13.35 26.33 24.25
C ARG F 360 14.26 27.33 23.56
N ILE F 361 13.63 28.37 23.01
CA ILE F 361 14.33 29.49 22.40
C ILE F 361 14.20 30.68 23.33
N VAL F 362 15.33 31.35 23.59
CA VAL F 362 15.38 32.54 24.43
C VAL F 362 15.76 33.70 23.54
N SER F 363 14.94 34.75 23.54
CA SER F 363 15.18 35.90 22.68
C SER F 363 15.46 37.15 23.52
N GLN F 364 16.25 38.04 22.97
CA GLN F 364 16.53 39.33 23.58
C GLN F 364 16.28 40.43 22.56
N PRO F 365 15.73 41.56 23.00
CA PRO F 365 15.55 42.69 22.07
C PRO F 365 16.88 43.38 21.79
N ILE F 366 17.05 43.79 20.55
CA ILE F 366 18.19 44.62 20.19
C ILE F 366 17.68 46.05 20.11
N PRO F 367 18.03 46.91 21.05
CA PRO F 367 17.51 48.28 21.03
C PRO F 367 18.24 49.17 20.05
N ALA F 368 18.11 48.91 18.75
CA ALA F 368 18.65 49.81 17.74
C ALA F 368 17.72 50.97 17.45
N ASN F 369 16.51 50.97 18.01
CA ASN F 369 15.59 52.08 17.85
C ASN F 369 15.83 53.18 18.88
N HIS F 370 16.81 53.01 19.74
CA HIS F 370 17.10 54.01 20.76
C HIS F 370 17.55 55.32 20.12
N GLU F 371 17.35 56.41 20.86
CA GLU F 371 17.79 57.72 20.40
C GLU F 371 19.29 57.79 20.21
N LEU F 372 20.06 56.89 20.83
CA LEU F 372 21.49 56.86 20.64
C LEU F 372 21.88 56.53 19.20
N PHE F 373 21.04 55.78 18.48
CA PHE F 373 21.32 55.41 17.10
C PHE F 373 20.49 56.28 16.16
N ALA F 374 20.81 57.56 16.17
CA ALA F 374 19.96 58.54 15.49
C ALA F 374 20.12 58.48 13.98
N GLY F 375 21.33 58.20 13.49
CA GLY F 375 21.58 58.33 12.07
C GLY F 375 20.78 57.36 11.22
N MET F 376 20.74 56.10 11.61
CA MET F 376 20.15 55.05 10.80
C MET F 376 18.67 54.88 11.10
N LYS F 377 17.95 54.28 10.16
CA LYS F 377 16.52 54.06 10.29
C LYS F 377 16.26 52.61 10.66
N THR F 378 15.59 52.40 11.78
CA THR F 378 15.38 51.08 12.36
C THR F 378 13.90 50.77 12.45
N THR F 379 13.51 49.61 11.92
CA THR F 379 12.15 49.12 12.03
C THR F 379 12.17 47.71 12.61
N SER F 380 11.08 47.34 13.27
CA SER F 380 10.95 45.99 13.79
C SER F 380 10.73 45.01 12.64
N PHE F 381 11.38 43.85 12.73
CA PHE F 381 11.32 42.85 11.67
C PHE F 381 10.69 41.57 12.22
N SER F 382 9.71 41.05 11.50
CA SER F 382 9.00 39.84 11.89
C SER F 382 9.54 38.66 11.11
N ILE F 383 9.95 37.61 11.82
CA ILE F 383 10.36 36.35 11.21
C ILE F 383 9.11 35.49 11.04
N PRO F 384 8.83 34.98 9.84
CA PRO F 384 7.44 34.57 9.52
C PRO F 384 6.86 33.52 10.45
N ASP F 385 7.50 32.37 10.59
CA ASP F 385 6.86 31.22 11.22
C ASP F 385 7.36 30.92 12.61
N VAL F 386 8.62 31.25 12.93
CA VAL F 386 9.19 30.82 14.20
C VAL F 386 8.68 31.68 15.35
N GLY F 387 8.13 32.85 15.05
CA GLY F 387 7.58 33.68 16.11
C GLY F 387 8.63 34.47 16.86
N LEU F 388 9.65 34.92 16.14
CA LEU F 388 10.70 35.75 16.69
C LEU F 388 10.67 37.11 16.02
N ASN F 389 11.24 38.11 16.70
CA ASN F 389 11.27 39.47 16.20
C ASN F 389 12.69 39.98 16.15
N GLY F 390 13.04 40.64 15.06
CA GLY F 390 14.34 41.27 14.91
C GLY F 390 14.23 42.73 14.55
N ILE F 391 15.31 43.28 14.00
CA ILE F 391 15.36 44.68 13.61
C ILE F 391 15.79 44.78 12.15
N PHE F 392 15.27 45.79 11.48
CA PHE F 392 15.63 46.11 10.10
C PHE F 392 16.25 47.50 10.10
N ALA F 393 17.55 47.58 9.84
CA ALA F 393 18.26 48.85 9.88
C ALA F 393 18.85 49.16 8.51
N THR F 394 18.83 50.45 8.15
CA THR F 394 19.48 50.93 6.93
C THR F 394 20.25 52.20 7.26
N GLN F 395 21.44 52.33 6.68
CA GLN F 395 22.23 53.54 6.86
C GLN F 395 22.93 53.88 5.55
N GLY F 396 23.03 55.17 5.27
CA GLY F 396 23.65 55.65 4.05
C GLY F 396 25.02 56.27 4.30
N ASP F 397 25.92 56.04 3.35
CA ASP F 397 27.23 56.69 3.35
C ASP F 397 27.30 57.69 2.20
N ILE F 398 27.83 58.86 2.48
CA ILE F 398 27.88 59.91 1.47
C ILE F 398 29.16 59.88 0.66
N SER F 399 30.26 59.38 1.24
CA SER F 399 31.53 59.35 0.53
C SER F 399 31.50 58.32 -0.60
N THR F 400 30.78 57.23 -0.41
CA THR F 400 30.69 56.19 -1.43
C THR F 400 29.36 56.17 -2.15
N LEU F 401 28.36 56.90 -1.65
CA LEU F 401 27.00 56.87 -2.19
C LEU F 401 26.48 55.44 -2.21
N SER F 402 26.80 54.69 -1.17
CA SER F 402 26.35 53.32 -0.99
C SER F 402 25.68 53.21 0.37
N GLY F 403 24.68 52.32 0.44
CA GLY F 403 23.90 52.16 1.64
C GLY F 403 23.99 50.74 2.17
N LEU F 404 23.78 50.60 3.47
CA LEU F 404 23.86 49.32 4.15
C LEU F 404 22.49 48.95 4.68
N CYS F 405 22.15 47.67 4.57
CA CYS F 405 20.90 47.16 5.12
C CYS F 405 21.21 45.94 5.98
N ARG F 406 20.79 45.99 7.24
CA ARG F 406 21.05 44.95 8.21
C ARG F 406 19.74 44.45 8.81
N ILE F 407 19.52 43.14 8.74
CA ILE F 407 18.46 42.49 9.48
C ILE F 407 19.12 41.65 10.56
N ALA F 408 18.87 41.98 11.81
CA ALA F 408 19.48 41.31 12.93
C ALA F 408 18.41 40.63 13.77
N LEU F 409 18.73 39.44 14.26
CA LEU F 409 17.82 38.65 15.10
C LEU F 409 18.67 38.08 16.22
N TRP F 410 18.24 38.28 17.46
CA TRP F 410 19.00 37.82 18.61
C TRP F 410 18.19 36.78 19.37
N TYR F 411 18.74 35.57 19.47
CA TYR F 411 18.07 34.49 20.18
C TYR F 411 19.12 33.48 20.61
N GLY F 412 18.71 32.59 21.50
CA GLY F 412 19.55 31.49 21.93
C GLY F 412 18.73 30.24 22.17
N VAL F 413 19.11 29.13 21.54
CA VAL F 413 18.40 27.87 21.69
C VAL F 413 19.02 27.12 22.85
N ASN F 414 18.20 26.77 23.84
CA ASN F 414 18.65 26.15 25.07
C ASN F 414 17.97 24.81 25.25
N ALA F 415 18.73 23.80 25.66
CA ALA F 415 18.20 22.49 25.98
C ALA F 415 18.21 22.33 27.51
N THR F 416 17.10 22.70 28.14
CA THR F 416 17.03 22.62 29.60
C THR F 416 17.03 21.17 30.09
N ARG F 417 16.43 20.26 29.35
CA ARG F 417 16.33 18.85 29.74
C ARG F 417 16.93 17.98 28.65
N PRO F 418 18.25 17.92 28.55
CA PRO F 418 18.86 17.02 27.57
C PRO F 418 18.51 15.56 27.79
N GLU F 419 18.23 15.17 29.02
CA GLU F 419 17.81 13.80 29.29
C GLU F 419 16.43 13.49 28.73
N ALA F 420 15.61 14.50 28.43
CA ALA F 420 14.31 14.30 27.83
C ALA F 420 14.35 14.39 26.31
N ILE F 421 15.48 14.71 25.72
CA ILE F 421 15.63 14.73 24.27
C ILE F 421 16.30 13.44 23.84
N GLY F 422 15.85 12.88 22.73
CA GLY F 422 16.43 11.66 22.23
C GLY F 422 16.68 11.74 20.73
N VAL F 423 17.52 10.83 20.26
CA VAL F 423 17.86 10.73 18.86
C VAL F 423 17.70 9.28 18.41
N GLY F 424 17.12 9.09 17.23
CA GLY F 424 16.92 7.75 16.70
C GLY F 424 17.85 7.45 15.55
N LEU F 425 18.74 6.47 15.73
CA LEU F 425 19.80 6.17 14.76
C LEU F 425 19.60 4.79 14.16
N PRO F 426 18.99 4.68 12.98
CA PRO F 426 18.80 3.38 12.37
C PRO F 426 19.98 3.00 11.47
N GLY F 427 20.04 1.71 11.17
CA GLY F 427 21.14 1.20 10.37
C GLY F 427 22.49 1.36 11.03
N GLN F 428 22.58 1.01 12.32
CA GLN F 428 23.79 1.20 13.09
C GLN F 428 24.61 -0.08 13.11
N THR F 429 25.22 -0.36 11.97
CA THR F 429 26.06 -1.53 11.81
C THR F 429 27.43 -1.13 11.29
N ALA F 430 28.44 -1.87 11.72
CA ALA F 430 29.84 -1.63 11.32
C ALA F 430 30.28 -0.21 11.63
N ALA G 2 14.14 -1.40 76.27
CA ALA G 2 12.93 -1.96 75.67
C ALA G 2 11.91 -2.30 76.75
N LEU G 3 10.77 -2.84 76.32
CA LEU G 3 9.76 -3.26 77.28
C LEU G 3 10.13 -4.59 77.94
N ASN G 4 10.23 -5.65 77.14
CA ASN G 4 10.32 -7.01 77.65
C ASN G 4 9.10 -7.34 78.52
N GLU G 5 7.97 -7.45 77.84
CA GLU G 5 6.71 -7.85 78.42
C GLU G 5 6.32 -9.23 77.89
N GLY G 6 5.14 -9.71 78.27
CA GLY G 6 4.68 -11.00 77.81
C GLY G 6 4.31 -10.99 76.33
N GLN G 7 4.35 -12.17 75.72
CA GLN G 7 4.14 -12.32 74.29
C GLN G 7 2.92 -13.19 74.02
N ILE G 8 2.24 -12.90 72.92
CA ILE G 8 1.08 -13.67 72.49
C ILE G 8 1.27 -14.09 71.03
N VAL G 9 0.56 -15.13 70.64
CA VAL G 9 0.52 -15.62 69.27
C VAL G 9 -0.91 -15.54 68.79
N THR G 10 -1.12 -14.86 67.67
CA THR G 10 -2.46 -14.63 67.14
C THR G 10 -2.69 -15.49 65.91
N LEU G 11 -3.81 -16.20 65.90
CA LEU G 11 -4.28 -16.92 64.72
C LEU G 11 -5.67 -16.41 64.38
N ALA G 12 -5.80 -15.78 63.22
CA ALA G 12 -7.09 -15.27 62.76
C ALA G 12 -7.86 -16.41 62.13
N VAL G 13 -8.57 -17.16 62.97
CA VAL G 13 -9.14 -18.45 62.58
C VAL G 13 -10.16 -18.31 61.46
N ASP G 14 -10.88 -17.20 61.40
CA ASP G 14 -11.93 -17.03 60.42
C ASP G 14 -11.46 -16.32 59.15
N GLU G 15 -10.18 -16.01 59.05
CA GLU G 15 -9.60 -15.46 57.82
C GLU G 15 -8.88 -16.58 57.11
N ILE G 16 -9.65 -17.38 56.37
CA ILE G 16 -9.13 -18.56 55.69
C ILE G 16 -8.61 -18.15 54.33
N ILE G 17 -7.39 -18.56 54.00
CA ILE G 17 -6.80 -18.26 52.70
C ILE G 17 -7.25 -19.37 51.74
N GLU G 18 -8.22 -19.07 50.90
CA GLU G 18 -8.69 -20.06 49.93
C GLU G 18 -7.65 -20.24 48.83
N THR G 19 -7.35 -21.49 48.51
CA THR G 19 -6.29 -21.80 47.58
C THR G 19 -6.70 -22.63 46.38
N ILE G 20 -7.82 -23.35 46.45
CA ILE G 20 -8.24 -24.26 45.40
C ILE G 20 -9.58 -23.82 44.85
N SER G 21 -9.71 -23.85 43.52
CA SER G 21 -11.00 -23.64 42.87
C SER G 21 -11.04 -24.58 41.67
N ALA G 22 -11.67 -25.74 41.86
CA ALA G 22 -11.73 -26.77 40.83
C ALA G 22 -13.16 -26.94 40.35
N ILE G 23 -13.30 -27.36 39.09
CA ILE G 23 -14.58 -27.43 38.40
C ILE G 23 -14.79 -28.84 37.88
N THR G 24 -16.06 -29.20 37.70
CA THR G 24 -16.46 -30.55 37.25
C THR G 24 -17.48 -30.42 36.12
N PRO G 25 -17.03 -30.20 34.89
CA PRO G 25 -17.97 -30.12 33.77
C PRO G 25 -18.58 -31.47 33.41
N MET G 26 -17.73 -32.49 33.33
CA MET G 26 -18.17 -33.80 32.87
C MET G 26 -19.22 -34.39 33.80
N ALA G 27 -18.98 -34.33 35.11
CA ALA G 27 -19.93 -34.91 36.04
C ALA G 27 -21.24 -34.12 36.08
N GLN G 28 -21.21 -32.87 35.62
CA GLN G 28 -22.47 -32.14 35.44
C GLN G 28 -23.21 -32.62 34.21
N LYS G 29 -22.48 -32.88 33.12
CA LYS G 29 -23.14 -33.29 31.88
C LYS G 29 -23.70 -34.70 31.98
N ALA G 30 -23.00 -35.59 32.66
CA ALA G 30 -23.46 -36.97 32.78
C ALA G 30 -24.75 -37.05 33.56
N LYS G 31 -25.68 -37.88 33.08
CA LYS G 31 -26.96 -38.07 33.74
C LYS G 31 -26.81 -38.95 34.97
N LYS G 32 -27.79 -38.84 35.87
CA LYS G 32 -27.80 -39.61 37.11
C LYS G 32 -29.04 -40.50 37.14
N TYR G 33 -28.85 -41.74 37.54
CA TYR G 33 -29.95 -42.71 37.60
C TYR G 33 -29.89 -43.44 38.93
N THR G 34 -31.06 -43.62 39.54
CA THR G 34 -31.21 -44.32 40.80
C THR G 34 -32.28 -45.39 40.64
N PRO G 35 -31.90 -46.57 40.13
CA PRO G 35 -32.87 -47.66 40.00
C PRO G 35 -33.30 -48.18 41.36
N PRO G 36 -34.41 -48.91 41.42
CA PRO G 36 -34.92 -49.36 42.71
C PRO G 36 -33.90 -50.17 43.49
N ALA G 37 -33.80 -49.88 44.79
CA ALA G 37 -32.75 -50.48 45.61
C ALA G 37 -32.97 -51.97 45.80
N ALA G 38 -34.23 -52.40 45.98
CA ALA G 38 -34.49 -53.80 46.28
C ALA G 38 -34.17 -54.69 45.09
N SER G 39 -34.61 -54.30 43.90
CA SER G 39 -34.32 -55.09 42.71
C SER G 39 -32.82 -55.09 42.42
N MET G 40 -32.16 -53.95 42.60
CA MET G 40 -30.71 -53.91 42.41
C MET G 40 -29.99 -54.81 43.38
N GLN G 41 -30.48 -54.88 44.62
CA GLN G 41 -29.89 -55.79 45.59
C GLN G 41 -30.11 -57.25 45.18
N ARG G 42 -31.30 -57.57 44.66
CA ARG G 42 -31.56 -58.95 44.26
C ARG G 42 -30.69 -59.38 43.10
N SER G 43 -30.48 -58.50 42.12
CA SER G 43 -29.50 -58.75 41.08
C SER G 43 -28.12 -58.37 41.59
N SER G 44 -27.11 -58.51 40.75
CA SER G 44 -25.77 -58.09 41.15
C SER G 44 -25.55 -56.62 40.85
N ASN G 45 -26.51 -55.80 41.29
CA ASN G 45 -26.53 -54.37 41.02
C ASN G 45 -26.41 -54.08 39.51
N THR G 46 -27.10 -54.88 38.71
CA THR G 46 -26.99 -54.82 37.26
C THR G 46 -28.37 -54.63 36.64
N ILE G 47 -28.43 -53.77 35.62
CA ILE G 47 -29.65 -53.53 34.86
C ILE G 47 -29.32 -53.72 33.38
N TRP G 48 -30.16 -54.45 32.67
CA TRP G 48 -30.00 -54.63 31.22
C TRP G 48 -30.98 -53.74 30.47
N MET G 49 -30.49 -53.10 29.41
CA MET G 49 -31.37 -52.30 28.57
C MET G 49 -31.34 -52.79 27.13
N PRO G 50 -32.47 -52.75 26.43
CA PRO G 50 -32.47 -53.11 25.01
C PRO G 50 -31.80 -52.04 24.17
N VAL G 51 -31.34 -52.45 23.01
CA VAL G 51 -30.71 -51.55 22.05
C VAL G 51 -31.64 -51.40 20.85
N GLU G 52 -31.54 -50.27 20.17
CA GLU G 52 -32.37 -50.00 19.01
C GLU G 52 -32.21 -51.09 17.96
N GLN G 53 -33.33 -51.55 17.41
CA GLN G 53 -33.32 -52.71 16.54
C GLN G 53 -32.93 -52.33 15.12
N GLU G 54 -32.36 -53.30 14.41
CA GLU G 54 -31.92 -53.14 13.03
C GLU G 54 -32.49 -54.28 12.20
N SER G 55 -32.92 -53.97 10.98
CA SER G 55 -33.66 -54.95 10.22
C SER G 55 -33.05 -55.18 8.84
N PRO G 56 -33.05 -56.40 8.35
CA PRO G 56 -32.62 -56.66 6.98
C PRO G 56 -33.77 -56.62 5.99
N THR G 57 -33.44 -56.25 4.76
CA THR G 57 -34.42 -56.20 3.68
C THR G 57 -33.91 -56.98 2.48
N GLN G 58 -34.84 -57.52 1.71
CA GLN G 58 -34.51 -58.27 0.49
C GLN G 58 -35.40 -57.80 -0.64
N GLU G 59 -34.94 -58.04 -1.87
CA GLU G 59 -35.62 -57.61 -3.06
C GLU G 59 -36.15 -58.81 -3.84
N GLY G 60 -37.23 -58.59 -4.58
CA GLY G 60 -37.77 -59.63 -5.43
C GLY G 60 -39.20 -60.02 -5.11
N TRP G 61 -39.92 -60.55 -6.10
CA TRP G 61 -41.29 -60.98 -5.87
C TRP G 61 -41.33 -62.25 -5.04
N ASP G 62 -40.52 -63.24 -5.40
CA ASP G 62 -40.57 -64.56 -4.79
C ASP G 62 -39.61 -64.62 -3.61
N LEU G 63 -40.16 -64.85 -2.42
CA LEU G 63 -39.39 -64.89 -1.19
C LEU G 63 -39.60 -66.19 -0.43
N THR G 64 -39.86 -67.28 -1.15
CA THR G 64 -40.07 -68.55 -0.49
C THR G 64 -38.80 -68.99 0.22
N ASP G 65 -38.95 -69.43 1.48
CA ASP G 65 -37.84 -69.94 2.29
C ASP G 65 -36.75 -68.89 2.49
N LYS G 66 -37.15 -67.63 2.71
CA LYS G 66 -36.19 -66.57 2.96
C LYS G 66 -36.62 -65.64 4.08
N ALA G 67 -37.58 -66.03 4.91
CA ALA G 67 -38.01 -65.18 6.01
C ALA G 67 -36.98 -65.21 7.14
N THR G 68 -36.61 -64.04 7.64
CA THR G 68 -35.62 -63.94 8.69
C THR G 68 -36.29 -64.08 10.06
N GLY G 69 -35.48 -63.90 11.12
CA GLY G 69 -35.96 -63.87 12.47
C GLY G 69 -35.90 -62.50 13.08
N LEU G 70 -35.94 -62.46 14.41
CA LEU G 70 -35.90 -61.21 15.16
C LEU G 70 -34.69 -61.22 16.09
N LEU G 71 -34.10 -60.04 16.30
CA LEU G 71 -32.90 -59.93 17.11
C LEU G 71 -32.92 -58.61 17.88
N GLU G 72 -32.81 -58.70 19.20
CA GLU G 72 -32.73 -57.56 20.10
C GLU G 72 -31.46 -57.66 20.92
N LEU G 73 -30.62 -56.64 20.86
CA LEU G 73 -29.38 -56.65 21.61
C LEU G 73 -29.56 -55.98 22.96
N ASN G 74 -28.59 -56.20 23.85
CA ASN G 74 -28.68 -55.72 25.22
C ASN G 74 -27.37 -55.09 25.66
N VAL G 75 -27.48 -54.16 26.59
CA VAL G 75 -26.35 -53.52 27.24
C VAL G 75 -26.64 -53.43 28.73
N ALA G 76 -25.65 -53.71 29.55
CA ALA G 76 -25.82 -53.76 31.00
C ALA G 76 -25.01 -52.66 31.67
N VAL G 77 -25.65 -51.97 32.62
CA VAL G 77 -24.97 -51.03 33.52
C VAL G 77 -24.81 -51.70 34.86
N ASN G 78 -23.68 -51.43 35.52
CA ASN G 78 -23.42 -52.04 36.81
C ASN G 78 -23.11 -51.00 37.87
N MET G 79 -22.62 -51.42 39.01
CA MET G 79 -22.41 -50.56 40.15
C MET G 79 -20.95 -50.64 40.60
N GLY G 80 -20.46 -49.54 41.17
CA GLY G 80 -19.09 -49.46 41.64
C GLY G 80 -18.97 -49.67 43.13
N GLU G 81 -17.79 -49.33 43.65
CA GLU G 81 -17.55 -49.37 45.09
C GLU G 81 -17.90 -48.03 45.73
N PRO G 82 -18.28 -48.03 47.00
CA PRO G 82 -18.55 -46.76 47.67
C PRO G 82 -17.28 -45.97 47.90
N ASP G 83 -17.41 -44.66 47.80
CA ASP G 83 -16.32 -43.73 48.06
C ASP G 83 -16.56 -43.11 49.43
N ASN G 84 -15.53 -43.08 50.26
CA ASN G 84 -15.69 -42.78 51.67
C ASN G 84 -14.80 -41.62 52.08
N ASP G 85 -15.18 -41.02 53.21
CA ASP G 85 -14.33 -40.09 53.95
C ASP G 85 -14.43 -40.47 55.42
N PHE G 86 -13.33 -40.94 56.00
CA PHE G 86 -13.33 -41.54 57.32
C PHE G 86 -12.24 -40.90 58.16
N PHE G 87 -12.61 -40.40 59.34
CA PHE G 87 -11.66 -39.84 60.27
C PHE G 87 -12.23 -39.93 61.68
N GLN G 88 -11.35 -39.77 62.67
CA GLN G 88 -11.76 -39.82 64.06
C GLN G 88 -11.15 -38.67 64.84
N LEU G 89 -11.73 -38.39 65.99
CA LEU G 89 -11.27 -37.33 66.86
C LEU G 89 -11.51 -37.72 68.30
N ARG G 90 -10.70 -37.19 69.20
CA ARG G 90 -10.89 -37.37 70.63
C ARG G 90 -11.71 -36.22 71.20
N ALA G 91 -12.33 -36.47 72.35
CA ALA G 91 -13.26 -35.50 72.92
C ALA G 91 -12.57 -34.17 73.21
N ASP G 92 -11.29 -34.20 73.58
CA ASP G 92 -10.58 -32.96 73.87
C ASP G 92 -10.33 -32.14 72.61
N ASP G 93 -10.48 -32.74 71.43
CA ASP G 93 -10.29 -32.02 70.17
C ASP G 93 -11.58 -31.40 69.65
N LEU G 94 -12.70 -31.61 70.33
CA LEU G 94 -13.98 -31.07 69.90
C LEU G 94 -14.35 -29.80 70.65
N ARG G 95 -13.43 -29.25 71.44
CA ARG G 95 -13.71 -28.02 72.15
C ARG G 95 -13.77 -26.83 71.21
N ASP G 96 -13.03 -26.87 70.11
CA ASP G 96 -13.05 -25.78 69.13
C ASP G 96 -14.04 -26.06 68.01
N GLU G 97 -14.02 -27.29 67.47
CA GLU G 97 -15.05 -27.80 66.56
C GLU G 97 -14.96 -27.17 65.17
N THR G 98 -14.09 -26.17 64.98
CA THR G 98 -13.97 -25.52 63.69
C THR G 98 -13.34 -26.44 62.64
N ALA G 99 -12.24 -27.08 62.99
CA ALA G 99 -11.56 -27.97 62.06
C ALA G 99 -12.47 -29.10 61.63
N TYR G 100 -13.35 -29.55 62.51
CA TYR G 100 -14.31 -30.60 62.19
C TYR G 100 -15.23 -30.18 61.06
N ARG G 101 -15.83 -28.99 61.17
CA ARG G 101 -16.71 -28.51 60.11
C ARG G 101 -15.96 -28.29 58.81
N ARG G 102 -14.74 -27.73 58.91
CA ARG G 102 -13.98 -27.49 57.69
C ARG G 102 -13.60 -28.80 57.02
N ARG G 103 -13.32 -29.83 57.81
CA ARG G 103 -13.04 -31.15 57.25
C ARG G 103 -14.27 -31.71 56.55
N ILE G 104 -15.47 -31.47 57.11
CA ILE G 104 -16.68 -31.93 56.42
C ILE G 104 -16.81 -31.24 55.06
N GLN G 105 -16.57 -29.94 55.01
CA GLN G 105 -16.66 -29.22 53.74
C GLN G 105 -15.64 -29.77 52.74
N SER G 106 -14.39 -29.94 53.19
CA SER G 106 -13.36 -30.49 52.30
C SER G 106 -13.72 -31.88 51.83
N ALA G 107 -14.38 -32.67 52.68
CA ALA G 107 -14.79 -34.00 52.29
C ALA G 107 -15.80 -33.94 51.16
N ALA G 108 -16.77 -33.03 51.25
CA ALA G 108 -17.74 -32.89 50.17
C ALA G 108 -17.05 -32.51 48.87
N ARG G 109 -16.12 -31.55 48.93
CA ARG G 109 -15.40 -31.13 47.74
C ARG G 109 -14.60 -32.29 47.14
N LYS G 110 -13.91 -33.05 47.98
CA LYS G 110 -13.07 -34.14 47.48
C LYS G 110 -13.92 -35.24 46.86
N LEU G 111 -15.09 -35.52 47.44
CA LEU G 111 -15.97 -36.52 46.86
C LEU G 111 -16.48 -36.09 45.49
N ALA G 112 -16.85 -34.82 45.34
CA ALA G 112 -17.26 -34.33 44.03
C ALA G 112 -16.12 -34.44 43.02
N ASN G 113 -14.90 -34.10 43.45
CA ASN G 113 -13.74 -34.23 42.57
C ASN G 113 -13.54 -35.67 42.13
N ASN G 114 -13.72 -36.62 43.07
CA ASN G 114 -13.58 -38.03 42.72
C ASN G 114 -14.61 -38.45 41.68
N VAL G 115 -15.84 -37.98 41.82
CA VAL G 115 -16.87 -38.34 40.83
C VAL G 115 -16.47 -37.85 39.45
N GLU G 116 -16.05 -36.59 39.37
CA GLU G 116 -15.67 -36.04 38.07
C GLU G 116 -14.48 -36.77 37.46
N LEU G 117 -13.48 -37.11 38.28
CA LEU G 117 -12.35 -37.88 37.77
C LEU G 117 -12.79 -39.23 37.24
N LYS G 118 -13.70 -39.90 37.96
CA LYS G 118 -14.13 -41.22 37.52
C LYS G 118 -14.86 -41.15 36.18
N VAL G 119 -15.73 -40.15 36.00
CA VAL G 119 -16.44 -40.08 34.73
C VAL G 119 -15.48 -39.74 33.60
N ALA G 120 -14.50 -38.86 33.86
CA ALA G 120 -13.54 -38.53 32.81
C ALA G 120 -12.70 -39.74 32.43
N ASN G 121 -12.24 -40.50 33.42
CA ASN G 121 -11.42 -41.68 33.14
C ASN G 121 -12.21 -42.72 32.37
N MET G 122 -13.47 -42.95 32.76
CA MET G 122 -14.29 -43.91 32.04
C MET G 122 -14.48 -43.49 30.59
N ALA G 123 -14.77 -42.21 30.37
CA ALA G 123 -14.99 -41.75 29.00
C ALA G 123 -13.72 -41.88 28.17
N ALA G 124 -12.57 -41.56 28.74
CA ALA G 124 -11.34 -41.65 27.97
C ALA G 124 -10.93 -43.09 27.71
N GLU G 125 -11.20 -43.99 28.65
CA GLU G 125 -10.75 -45.36 28.50
C GLU G 125 -11.70 -46.23 27.71
N MET G 126 -12.97 -45.83 27.58
CA MET G 126 -13.88 -46.62 26.75
C MET G 126 -14.35 -45.83 25.53
N GLY G 127 -13.49 -44.97 25.00
CA GLY G 127 -13.83 -44.20 23.83
C GLY G 127 -13.40 -44.88 22.56
N SER G 128 -14.35 -45.38 21.79
CA SER G 128 -14.04 -46.17 20.61
C SER G 128 -13.60 -45.30 19.44
N LEU G 129 -14.17 -44.11 19.29
CA LEU G 129 -13.93 -43.28 18.11
C LEU G 129 -12.61 -42.55 18.29
N VAL G 130 -11.53 -43.10 17.76
CA VAL G 130 -10.20 -42.58 18.01
C VAL G 130 -9.79 -41.69 16.84
N ILE G 131 -9.67 -40.40 17.11
CA ILE G 131 -9.17 -39.42 16.15
C ILE G 131 -7.74 -39.08 16.55
N THR G 132 -6.80 -39.27 15.63
CA THR G 132 -5.41 -39.03 15.92
C THR G 132 -4.85 -38.02 14.93
N SER G 133 -3.79 -37.34 15.35
CA SER G 133 -3.09 -36.40 14.49
C SER G 133 -1.60 -36.74 14.51
N PRO G 134 -0.91 -36.54 13.40
CA PRO G 134 0.54 -36.79 13.38
C PRO G 134 1.37 -35.73 14.08
N ASP G 135 0.74 -34.66 14.58
CA ASP G 135 1.49 -33.55 15.15
C ASP G 135 0.60 -32.77 16.09
N ALA G 136 1.23 -31.91 16.89
CA ALA G 136 0.52 -31.12 17.87
C ALA G 136 -0.38 -30.09 17.21
N ILE G 137 -1.46 -29.73 17.92
CA ILE G 137 -2.35 -28.71 17.43
C ILE G 137 -1.60 -27.38 17.34
N GLY G 138 -1.93 -26.58 16.33
CA GLY G 138 -1.22 -25.35 16.10
C GLY G 138 -0.02 -25.48 15.18
N THR G 139 0.33 -26.69 14.77
CA THR G 139 1.42 -26.88 13.83
C THR G 139 1.09 -26.28 12.47
N ASN G 140 -0.11 -26.54 11.97
CA ASN G 140 -0.61 -25.94 10.74
C ASN G 140 -1.79 -25.06 11.07
N THR G 141 -2.24 -24.30 10.08
CA THR G 141 -3.41 -23.46 10.27
C THR G 141 -4.66 -24.31 10.39
N ALA G 142 -5.54 -23.92 11.32
CA ALA G 142 -6.82 -24.58 11.53
C ALA G 142 -6.66 -26.05 11.88
N ASP G 143 -5.60 -26.37 12.62
CA ASP G 143 -5.41 -27.75 13.08
C ASP G 143 -6.52 -28.17 14.04
N ALA G 144 -6.88 -27.28 14.97
CA ALA G 144 -7.88 -27.61 15.98
C ALA G 144 -9.26 -27.76 15.36
N TRP G 145 -9.61 -26.87 14.43
CA TRP G 145 -10.87 -27.04 13.72
C TRP G 145 -10.88 -28.33 12.94
N ASN G 146 -9.76 -28.66 12.29
CA ASN G 146 -9.67 -29.90 11.56
C ASN G 146 -9.88 -31.09 12.49
N PHE G 147 -9.38 -31.00 13.72
CA PHE G 147 -9.49 -32.09 14.67
C PHE G 147 -10.94 -32.28 15.12
N VAL G 148 -11.59 -31.18 15.52
CA VAL G 148 -12.99 -31.25 15.95
C VAL G 148 -13.89 -31.65 14.79
N ALA G 149 -13.57 -31.19 13.58
CA ALA G 149 -14.36 -31.56 12.41
C ALA G 149 -14.16 -33.01 12.03
N ASP G 150 -12.97 -33.56 12.28
CA ASP G 150 -12.79 -34.99 12.10
C ASP G 150 -13.70 -35.77 13.03
N ALA G 151 -13.80 -35.33 14.29
CA ALA G 151 -14.72 -35.98 15.21
C ALA G 151 -16.16 -35.88 14.73
N GLU G 152 -16.57 -34.68 14.29
CA GLU G 152 -17.94 -34.49 13.84
C GLU G 152 -18.24 -35.35 12.61
N GLU G 153 -17.29 -35.43 11.69
CA GLU G 153 -17.49 -36.22 10.49
C GLU G 153 -17.55 -37.70 10.79
N ILE G 154 -16.70 -38.19 11.70
CA ILE G 154 -16.75 -39.60 12.02
C ILE G 154 -18.06 -39.94 12.70
N MET G 155 -18.66 -39.01 13.45
CA MET G 155 -19.97 -39.31 13.98
C MET G 155 -21.06 -39.21 12.93
N PHE G 156 -20.92 -38.30 11.97
CA PHE G 156 -21.97 -38.16 10.95
C PHE G 156 -21.99 -39.35 10.01
N SER G 157 -20.81 -39.76 9.52
CA SER G 157 -20.74 -40.86 8.57
C SER G 157 -21.16 -42.17 9.20
N ARG G 158 -20.77 -42.40 10.46
CA ARG G 158 -21.21 -43.58 11.17
C ARG G 158 -22.71 -43.59 11.39
N GLU G 159 -23.38 -42.45 11.19
CA GLU G 159 -24.82 -42.31 11.36
C GLU G 159 -25.22 -42.58 12.82
N LEU G 160 -24.36 -42.15 13.73
CA LEU G 160 -24.65 -42.22 15.15
C LEU G 160 -25.78 -41.28 15.50
N ASN G 161 -26.43 -41.56 16.63
CA ASN G 161 -27.48 -40.70 17.16
C ASN G 161 -26.86 -39.62 18.03
N ARG G 162 -27.13 -38.36 17.70
CA ARG G 162 -26.67 -37.22 18.49
C ARG G 162 -27.83 -36.32 18.87
N ASP G 163 -28.98 -36.92 19.18
CA ASP G 163 -30.17 -36.14 19.49
C ASP G 163 -29.99 -35.33 20.77
N MET G 164 -29.38 -35.91 21.79
CA MET G 164 -29.21 -35.24 23.07
C MET G 164 -28.08 -34.21 23.07
N GLY G 165 -27.40 -34.01 21.95
CA GLY G 165 -26.34 -33.04 21.85
C GLY G 165 -24.96 -33.66 21.93
N THR G 166 -23.98 -32.91 21.46
CA THR G 166 -22.60 -33.37 21.38
C THR G 166 -21.70 -32.45 22.17
N SER G 167 -20.67 -33.02 22.79
CA SER G 167 -19.80 -32.27 23.68
C SER G 167 -18.35 -32.64 23.38
N TYR G 168 -17.50 -31.62 23.33
CA TYR G 168 -16.08 -31.78 23.08
C TYR G 168 -15.29 -31.18 24.24
N PHE G 169 -14.34 -31.93 24.77
CA PHE G 169 -13.56 -31.51 25.92
C PHE G 169 -12.10 -31.46 25.54
N PHE G 170 -11.54 -30.25 25.49
CA PHE G 170 -10.11 -30.07 25.34
C PHE G 170 -9.45 -30.13 26.70
N ASN G 171 -8.24 -30.67 26.74
CA ASN G 171 -7.41 -30.43 27.90
C ASN G 171 -6.85 -29.01 27.81
N PRO G 172 -6.42 -28.43 28.93
CA PRO G 172 -6.00 -27.02 28.90
C PRO G 172 -4.88 -26.73 27.91
N GLN G 173 -3.91 -27.62 27.75
CA GLN G 173 -2.85 -27.40 26.79
C GLN G 173 -3.39 -27.32 25.37
N ASP G 174 -4.28 -28.25 25.02
CA ASP G 174 -4.81 -28.28 23.67
C ASP G 174 -5.78 -27.13 23.43
N TYR G 175 -6.53 -26.74 24.45
CA TYR G 175 -7.38 -25.56 24.34
C TYR G 175 -6.54 -24.31 24.10
N LYS G 176 -5.43 -24.19 24.81
CA LYS G 176 -4.54 -23.06 24.59
C LYS G 176 -3.94 -23.08 23.20
N LYS G 177 -3.62 -24.28 22.68
CA LYS G 177 -3.08 -24.35 21.34
C LYS G 177 -4.12 -24.03 20.27
N ALA G 178 -5.38 -24.40 20.51
CA ALA G 178 -6.46 -23.98 19.63
C ALA G 178 -6.62 -22.46 19.64
N GLY G 179 -6.55 -21.87 20.83
CA GLY G 179 -6.61 -20.42 20.92
C GLY G 179 -5.46 -19.76 20.20
N TYR G 180 -4.26 -20.34 20.30
CA TYR G 180 -3.13 -19.78 19.59
C TYR G 180 -3.32 -19.88 18.08
N ASP G 181 -3.85 -21.01 17.61
CA ASP G 181 -4.20 -21.14 16.20
C ASP G 181 -5.13 -20.02 15.77
N LEU G 182 -6.10 -19.68 16.61
CA LEU G 182 -6.99 -18.57 16.29
C LEU G 182 -6.25 -17.23 16.28
N THR G 183 -5.40 -16.99 17.28
CA THR G 183 -4.79 -15.70 17.52
C THR G 183 -3.62 -15.39 16.57
N LYS G 184 -2.96 -16.41 16.03
CA LYS G 184 -1.84 -16.14 15.13
C LYS G 184 -2.27 -15.47 13.83
N ARG G 185 -3.55 -15.46 13.51
CA ARG G 185 -4.04 -14.81 12.31
C ARG G 185 -4.22 -13.32 12.54
N ASP G 186 -4.82 -12.64 11.58
CA ASP G 186 -5.12 -11.23 11.72
C ASP G 186 -6.29 -11.06 12.68
N ILE G 187 -6.10 -10.26 13.72
CA ILE G 187 -7.08 -10.15 14.79
C ILE G 187 -8.09 -9.10 14.33
N PHE G 188 -9.00 -9.54 13.47
CA PHE G 188 -10.00 -8.66 12.87
C PHE G 188 -11.41 -9.05 13.25
N GLY G 189 -11.79 -10.30 13.04
CA GLY G 189 -13.14 -10.72 13.35
C GLY G 189 -13.36 -10.82 14.84
N ARG G 190 -14.59 -11.17 15.20
CA ARG G 190 -14.89 -11.34 16.62
C ARG G 190 -14.33 -12.64 17.18
N ILE G 191 -14.05 -13.62 16.33
CA ILE G 191 -13.52 -14.89 16.81
C ILE G 191 -12.05 -14.74 17.20
N PRO G 192 -11.17 -14.22 16.33
CA PRO G 192 -9.80 -13.94 16.80
C PRO G 192 -9.75 -12.92 17.92
N GLU G 193 -10.64 -11.92 17.92
CA GLU G 193 -10.64 -10.94 18.99
C GLU G 193 -11.03 -11.55 20.33
N GLU G 194 -12.00 -12.47 20.32
CA GLU G 194 -12.36 -13.14 21.56
C GLU G 194 -11.29 -14.14 21.98
N ALA G 195 -10.58 -14.72 21.03
CA ALA G 195 -9.46 -15.60 21.36
C ALA G 195 -8.27 -14.81 21.88
N TYR G 196 -8.17 -13.53 21.55
CA TYR G 196 -7.10 -12.69 22.09
C TYR G 196 -7.46 -12.14 23.45
N ARG G 197 -8.57 -11.42 23.55
CA ARG G 197 -8.93 -10.78 24.81
C ARG G 197 -9.23 -11.80 25.88
N ASP G 198 -9.97 -12.84 25.54
CA ASP G 198 -10.15 -13.99 26.41
C ASP G 198 -9.30 -15.13 25.88
N GLY G 199 -9.25 -16.21 26.63
CA GLY G 199 -8.57 -17.33 26.02
C GLY G 199 -9.48 -18.24 25.23
N THR G 200 -10.68 -17.79 24.91
CA THR G 200 -11.74 -18.71 24.52
C THR G 200 -11.84 -18.83 23.01
N ILE G 201 -11.91 -20.06 22.56
CA ILE G 201 -12.49 -20.38 21.27
C ILE G 201 -14.00 -20.35 21.47
N GLN G 202 -14.75 -20.31 20.38
CA GLN G 202 -16.19 -20.29 20.51
C GLN G 202 -16.69 -21.55 21.21
N ARG G 203 -17.87 -21.44 21.82
CA ARG G 203 -18.48 -22.61 22.42
C ARG G 203 -18.83 -23.66 21.38
N GLN G 204 -19.31 -23.23 20.22
CA GLN G 204 -19.62 -24.12 19.11
C GLN G 204 -18.46 -24.06 18.12
N VAL G 205 -17.85 -25.21 17.84
CA VAL G 205 -16.78 -25.31 16.86
C VAL G 205 -17.10 -26.51 15.97
N ALA G 206 -17.05 -26.29 14.65
CA ALA G 206 -17.48 -27.30 13.67
C ALA G 206 -18.91 -27.67 14.04
N GLY G 207 -19.26 -28.94 14.13
CA GLY G 207 -20.65 -29.28 14.40
C GLY G 207 -20.95 -29.65 15.84
N PHE G 208 -20.10 -29.28 16.78
CA PHE G 208 -20.32 -29.64 18.17
C PHE G 208 -21.10 -28.56 18.89
N ASP G 209 -22.05 -29.00 19.72
CA ASP G 209 -22.93 -28.06 20.40
C ASP G 209 -22.19 -27.23 21.44
N ASP G 210 -21.19 -27.81 22.10
CA ASP G 210 -20.36 -27.02 23.00
C ASP G 210 -18.99 -27.63 23.14
N VAL G 211 -17.97 -26.78 23.13
CA VAL G 211 -16.57 -27.17 23.29
C VAL G 211 -16.07 -26.57 24.58
N LEU G 212 -15.54 -27.42 25.46
CA LEU G 212 -15.16 -26.99 26.80
C LEU G 212 -13.68 -27.29 27.01
N ARG G 213 -13.12 -26.60 27.99
CA ARG G 213 -11.81 -26.91 28.53
C ARG G 213 -12.00 -27.61 29.87
N SER G 214 -11.45 -28.81 30.00
CA SER G 214 -11.62 -29.61 31.19
C SER G 214 -10.26 -29.92 31.80
N PRO G 215 -9.99 -29.54 33.04
CA PRO G 215 -8.67 -29.81 33.61
C PRO G 215 -8.44 -31.25 34.00
N LYS G 216 -9.49 -32.06 34.09
CA LYS G 216 -9.39 -33.41 34.64
C LYS G 216 -9.42 -34.49 33.56
N LEU G 217 -8.87 -34.20 32.40
CA LEU G 217 -8.77 -35.20 31.35
C LEU G 217 -7.49 -36.01 31.54
N PRO G 218 -7.56 -37.33 31.55
CA PRO G 218 -6.38 -38.15 31.84
C PRO G 218 -5.39 -38.14 30.68
N VAL G 219 -4.19 -38.59 30.99
CA VAL G 219 -3.11 -38.75 30.01
C VAL G 219 -3.01 -40.21 29.62
N LEU G 220 -2.95 -40.46 28.31
CA LEU G 220 -2.91 -41.80 27.75
C LEU G 220 -1.47 -42.15 27.44
N THR G 221 -0.90 -43.06 28.22
CA THR G 221 0.47 -43.50 27.98
C THR G 221 0.53 -44.38 26.73
N LYS G 222 1.63 -44.29 25.99
CA LYS G 222 1.79 -45.08 24.78
C LYS G 222 1.90 -46.56 25.11
N SER G 223 1.44 -47.39 24.17
CA SER G 223 1.19 -48.79 24.48
C SER G 223 2.48 -49.60 24.59
N THR G 224 3.46 -49.32 23.74
CA THR G 224 4.67 -50.15 23.62
C THR G 224 4.31 -51.59 23.30
N ALA G 225 3.30 -51.79 22.46
CA ALA G 225 2.82 -53.12 22.13
C ALA G 225 3.55 -53.75 20.95
N THR G 226 4.36 -52.98 20.22
CA THR G 226 5.19 -53.51 19.14
C THR G 226 4.39 -54.26 18.09
N GLY G 227 5.07 -55.11 17.32
CA GLY G 227 4.37 -55.95 16.36
C GLY G 227 3.44 -56.92 17.05
N ILE G 228 2.28 -57.14 16.44
CA ILE G 228 1.21 -57.92 17.06
C ILE G 228 0.19 -58.22 15.98
N THR G 229 -0.38 -59.42 16.04
CA THR G 229 -1.32 -59.86 15.02
C THR G 229 -2.45 -60.64 15.66
N VAL G 230 -3.56 -60.73 14.93
CA VAL G 230 -4.67 -61.57 15.35
C VAL G 230 -4.23 -63.04 15.34
N SER G 231 -4.86 -63.84 16.18
CA SER G 231 -4.54 -65.26 16.30
C SER G 231 -5.75 -66.06 15.83
N GLY G 232 -5.76 -66.40 14.54
CA GLY G 232 -6.85 -67.13 13.95
C GLY G 232 -7.96 -66.23 13.45
N ALA G 233 -8.75 -66.78 12.52
CA ALA G 233 -9.89 -66.06 11.97
C ALA G 233 -11.03 -66.11 12.98
N GLN G 234 -11.51 -64.93 13.38
CA GLN G 234 -12.48 -64.84 14.46
C GLN G 234 -13.72 -64.08 13.99
N SER G 235 -14.88 -64.66 14.27
CA SER G 235 -16.16 -64.08 13.89
C SER G 235 -16.97 -63.79 15.14
N PHE G 236 -17.60 -62.61 15.16
CA PHE G 236 -18.36 -62.16 16.32
C PHE G 236 -19.83 -62.04 15.92
N LYS G 237 -20.69 -62.70 16.67
CA LYS G 237 -22.11 -62.75 16.37
C LYS G 237 -22.89 -61.83 17.30
N PRO G 238 -23.74 -60.96 16.76
CA PRO G 238 -24.67 -60.21 17.63
C PRO G 238 -25.68 -61.15 18.25
N VAL G 239 -25.63 -61.29 19.57
CA VAL G 239 -26.49 -62.21 20.29
C VAL G 239 -27.13 -61.48 21.46
N ALA G 240 -28.41 -61.75 21.69
CA ALA G 240 -29.06 -61.25 22.89
C ALA G 240 -28.58 -62.02 24.11
N TRP G 241 -28.46 -63.33 23.98
CA TRP G 241 -28.06 -64.19 25.09
C TRP G 241 -27.26 -65.35 24.52
N GLN G 242 -26.87 -66.26 25.40
CA GLN G 242 -26.15 -67.45 24.98
C GLN G 242 -26.33 -68.53 26.04
N LEU G 243 -26.01 -69.75 25.67
CA LEU G 243 -26.14 -70.87 26.59
C LEU G 243 -24.85 -71.04 27.39
N ASP G 244 -25.00 -71.31 28.68
CA ASP G 244 -23.85 -71.53 29.55
C ASP G 244 -23.48 -73.01 29.55
N ASN G 245 -22.57 -73.39 30.46
CA ASN G 245 -22.18 -74.79 30.59
C ASN G 245 -23.35 -75.65 31.05
N ASP G 246 -24.32 -75.05 31.74
CA ASP G 246 -25.44 -75.79 32.32
C ASP G 246 -26.74 -75.57 31.54
N GLY G 247 -26.65 -75.05 30.31
CA GLY G 247 -27.81 -74.92 29.46
C GLY G 247 -28.69 -73.71 29.71
N ASN G 248 -28.33 -72.85 30.66
CA ASN G 248 -29.11 -71.65 30.91
C ASN G 248 -28.78 -70.57 29.90
N LYS G 249 -29.76 -69.69 29.65
CA LYS G 249 -29.59 -68.58 28.73
C LYS G 249 -29.23 -67.34 29.54
N VAL G 250 -28.06 -66.78 29.28
CA VAL G 250 -27.54 -65.63 30.00
C VAL G 250 -27.39 -64.48 29.01
N ASN G 251 -27.84 -63.29 29.40
CA ASN G 251 -27.76 -62.14 28.53
C ASN G 251 -26.32 -61.82 28.18
N VAL G 252 -26.11 -61.36 26.95
CA VAL G 252 -24.79 -61.03 26.44
C VAL G 252 -24.72 -59.53 26.23
N ASP G 253 -23.69 -58.89 26.77
CA ASP G 253 -23.52 -57.45 26.59
C ASP G 253 -23.00 -57.18 25.20
N ASN G 254 -23.76 -56.40 24.43
CA ASN G 254 -23.45 -56.16 23.03
C ASN G 254 -22.16 -55.36 22.84
N ARG G 255 -21.75 -54.59 23.83
CA ARG G 255 -20.58 -53.73 23.69
C ARG G 255 -19.30 -54.52 23.45
N PHE G 256 -18.89 -55.31 24.42
CA PHE G 256 -17.54 -55.85 24.40
C PHE G 256 -17.44 -57.10 23.54
N ALA G 257 -16.20 -57.46 23.21
CA ALA G 257 -15.91 -58.67 22.45
C ALA G 257 -14.48 -59.09 22.75
N THR G 258 -14.26 -60.39 22.93
CA THR G 258 -12.95 -60.92 23.29
C THR G 258 -12.24 -61.42 22.04
N VAL G 259 -10.99 -61.00 21.87
CA VAL G 259 -10.21 -61.33 20.68
C VAL G 259 -8.95 -62.06 21.11
N THR G 260 -8.70 -63.21 20.48
CA THR G 260 -7.43 -63.90 20.66
C THR G 260 -6.37 -63.27 19.75
N LEU G 261 -5.21 -62.96 20.32
CA LEU G 261 -4.14 -62.30 19.59
C LEU G 261 -2.85 -63.08 19.79
N SER G 262 -1.85 -62.74 18.99
CA SER G 262 -0.56 -63.42 19.06
C SER G 262 0.09 -63.22 20.42
N ALA G 263 0.04 -62.00 20.92
CA ALA G 263 0.59 -61.66 22.23
C ALA G 263 -0.23 -60.52 22.79
N THR G 264 0.07 -60.15 24.04
CA THR G 264 -0.66 -59.06 24.67
C THR G 264 0.26 -58.13 25.44
N THR G 265 1.56 -58.40 25.50
CA THR G 265 2.46 -57.57 26.28
C THR G 265 2.42 -56.12 25.80
N GLY G 266 2.32 -55.21 26.76
CA GLY G 266 2.25 -53.79 26.49
C GLY G 266 0.85 -53.23 26.36
N MET G 267 -0.15 -54.06 26.12
CA MET G 267 -1.53 -53.58 26.02
C MET G 267 -2.16 -53.43 27.39
N LYS G 268 -2.91 -52.36 27.55
CA LYS G 268 -3.53 -52.01 28.82
C LYS G 268 -4.95 -51.52 28.56
N ARG G 269 -5.70 -51.35 29.64
CA ARG G 269 -7.04 -50.80 29.55
C ARG G 269 -6.98 -49.39 28.95
N GLY G 270 -7.86 -49.12 28.00
CA GLY G 270 -7.91 -47.82 27.38
C GLY G 270 -7.00 -47.64 26.20
N ASP G 271 -6.22 -48.64 25.83
CA ASP G 271 -5.42 -48.55 24.61
C ASP G 271 -6.32 -48.52 23.38
N LYS G 272 -5.91 -47.75 22.38
CA LYS G 272 -6.66 -47.61 21.15
C LYS G 272 -5.96 -48.40 20.06
N ILE G 273 -6.70 -49.31 19.41
CA ILE G 273 -6.15 -50.22 18.42
C ILE G 273 -7.01 -50.18 17.17
N SER G 274 -6.44 -50.67 16.08
CA SER G 274 -7.18 -50.86 14.84
C SER G 274 -6.57 -52.04 14.10
N PHE G 275 -7.34 -52.58 13.17
CA PHE G 275 -6.95 -53.78 12.43
C PHE G 275 -6.73 -53.41 10.97
N ALA G 276 -5.65 -53.94 10.40
CA ALA G 276 -5.23 -53.57 9.05
C ALA G 276 -6.26 -54.08 8.06
N GLY G 277 -6.99 -53.15 7.43
CA GLY G 277 -7.97 -53.50 6.42
C GLY G 277 -9.41 -53.45 6.90
N VAL G 278 -9.66 -53.36 8.19
CA VAL G 278 -11.01 -53.31 8.70
C VAL G 278 -11.48 -51.86 8.74
N LYS G 279 -12.60 -51.58 8.09
CA LYS G 279 -13.14 -50.24 7.96
C LYS G 279 -14.47 -50.14 8.70
N PHE G 280 -14.89 -48.91 9.00
CA PHE G 280 -16.24 -48.73 9.49
C PHE G 280 -17.27 -48.87 8.37
N LEU G 281 -18.52 -48.99 8.79
CA LEU G 281 -19.68 -48.92 7.92
C LEU G 281 -20.60 -47.83 8.45
N GLY G 282 -21.35 -47.21 7.54
CA GLY G 282 -22.53 -46.49 7.97
C GLY G 282 -23.50 -47.43 8.63
N GLN G 283 -24.19 -46.96 9.67
CA GLN G 283 -24.97 -47.90 10.44
C GLN G 283 -26.31 -48.23 9.80
N MET G 284 -27.10 -47.23 9.40
CA MET G 284 -28.37 -47.52 8.77
C MET G 284 -28.17 -48.14 7.39
N ALA G 285 -27.33 -47.52 6.56
CA ALA G 285 -26.89 -48.15 5.34
C ALA G 285 -25.79 -49.14 5.72
N LYS G 286 -25.04 -49.63 4.74
CA LYS G 286 -23.89 -50.46 5.06
C LYS G 286 -22.69 -50.06 4.23
N ASN G 287 -22.70 -48.83 3.73
CA ASN G 287 -21.61 -48.35 2.89
C ASN G 287 -20.31 -48.35 3.67
N VAL G 288 -19.24 -48.84 3.04
CA VAL G 288 -17.94 -48.86 3.68
C VAL G 288 -17.41 -47.45 3.79
N LEU G 289 -17.01 -47.06 4.99
CA LEU G 289 -16.44 -45.75 5.21
C LEU G 289 -14.96 -45.76 4.87
N ALA G 290 -14.40 -44.56 4.72
CA ALA G 290 -12.98 -44.45 4.43
C ALA G 290 -12.11 -44.57 5.68
N GLN G 291 -12.70 -44.47 6.86
CA GLN G 291 -11.96 -44.53 8.11
C GLN G 291 -11.88 -45.96 8.61
N ASP G 292 -10.70 -46.33 9.12
CA ASP G 292 -10.53 -47.62 9.76
C ASP G 292 -11.39 -47.69 11.02
N ALA G 293 -11.92 -48.87 11.30
CA ALA G 293 -12.66 -49.07 12.53
C ALA G 293 -11.71 -48.99 13.72
N THR G 294 -12.00 -48.09 14.63
CA THR G 294 -11.14 -47.88 15.80
C THR G 294 -11.78 -48.52 17.02
N PHE G 295 -10.98 -49.28 17.76
CA PHE G 295 -11.44 -50.00 18.92
C PHE G 295 -10.72 -49.48 20.15
N SER G 296 -11.30 -49.78 21.31
CA SER G 296 -10.68 -49.47 22.58
C SER G 296 -10.53 -50.74 23.38
N VAL G 297 -9.38 -50.90 24.02
CA VAL G 297 -9.12 -52.05 24.87
C VAL G 297 -9.69 -51.75 26.25
N VAL G 298 -10.63 -52.58 26.70
CA VAL G 298 -11.21 -52.39 28.01
C VAL G 298 -10.61 -53.33 29.05
N ARG G 299 -10.02 -54.44 28.63
CA ARG G 299 -9.48 -55.39 29.59
C ARG G 299 -8.54 -56.34 28.87
N VAL G 300 -7.43 -56.66 29.52
CA VAL G 300 -6.53 -57.72 29.10
C VAL G 300 -6.83 -58.92 29.99
N VAL G 301 -7.45 -59.96 29.42
CA VAL G 301 -7.91 -61.03 30.28
C VAL G 301 -6.79 -62.03 30.55
N ASP G 302 -5.86 -62.17 29.62
CA ASP G 302 -4.71 -63.05 29.78
C ASP G 302 -3.68 -62.65 28.73
N GLY G 303 -2.69 -63.51 28.52
CA GLY G 303 -1.62 -63.19 27.61
C GLY G 303 -1.96 -63.25 26.14
N THR G 304 -3.16 -63.71 25.78
CA THR G 304 -3.55 -63.78 24.37
C THR G 304 -4.93 -63.25 24.05
N HIS G 305 -5.82 -63.07 25.03
CA HIS G 305 -7.16 -62.58 24.75
C HIS G 305 -7.35 -61.19 25.34
N VAL G 306 -8.06 -60.34 24.61
CA VAL G 306 -8.31 -58.95 24.97
C VAL G 306 -9.77 -58.65 24.67
N GLU G 307 -10.39 -57.81 25.51
CA GLU G 307 -11.75 -57.36 25.30
C GLU G 307 -11.75 -55.96 24.70
N ILE G 308 -12.48 -55.76 23.62
CA ILE G 308 -12.53 -54.48 22.91
C ILE G 308 -13.98 -54.01 22.88
N THR G 309 -14.19 -52.73 23.19
CA THR G 309 -15.53 -52.25 23.55
C THR G 309 -16.52 -52.09 22.40
N PRO G 310 -16.12 -51.89 21.13
CA PRO G 310 -17.09 -52.14 20.06
C PRO G 310 -16.94 -53.55 19.52
N LYS G 311 -18.01 -54.34 19.54
CA LYS G 311 -17.94 -55.69 19.03
C LYS G 311 -17.91 -55.64 17.50
N PRO G 312 -16.85 -56.13 16.85
CA PRO G 312 -16.75 -56.00 15.40
C PRO G 312 -17.61 -57.03 14.69
N VAL G 313 -18.73 -56.59 14.14
CA VAL G 313 -19.63 -57.43 13.38
C VAL G 313 -19.39 -57.15 11.90
N ALA G 314 -18.97 -58.18 11.17
CA ALA G 314 -18.53 -58.03 9.79
C ALA G 314 -19.72 -58.14 8.84
N LEU G 315 -19.68 -57.32 7.79
CA LEU G 315 -20.71 -57.37 6.77
C LEU G 315 -20.55 -58.57 5.84
N ASP G 316 -19.31 -58.93 5.52
CA ASP G 316 -19.07 -59.87 4.43
C ASP G 316 -18.96 -61.32 4.88
N ASP G 317 -18.79 -61.58 6.17
CA ASP G 317 -18.66 -62.97 6.61
C ASP G 317 -19.96 -63.72 6.40
N VAL G 318 -19.84 -65.00 6.05
CA VAL G 318 -21.01 -65.78 5.64
C VAL G 318 -21.69 -66.49 6.80
N SER G 319 -21.05 -66.56 7.97
CA SER G 319 -21.63 -67.27 9.10
C SER G 319 -22.77 -66.51 9.75
N LEU G 320 -23.00 -65.25 9.38
CA LEU G 320 -24.06 -64.46 9.98
C LEU G 320 -25.37 -64.66 9.25
N SER G 321 -26.44 -64.82 10.00
CA SER G 321 -27.78 -64.79 9.43
C SER G 321 -28.16 -63.35 9.12
N PRO G 322 -29.15 -63.12 8.26
CA PRO G 322 -29.49 -61.74 7.88
C PRO G 322 -29.84 -60.85 9.06
N GLU G 323 -30.50 -61.40 10.08
CA GLU G 323 -30.80 -60.61 11.26
C GLU G 323 -29.52 -60.09 11.89
N GLN G 324 -28.51 -60.96 12.02
CA GLN G 324 -27.24 -60.55 12.59
C GLN G 324 -26.49 -59.62 11.64
N ARG G 325 -26.49 -59.92 10.35
CA ARG G 325 -25.84 -59.04 9.38
C ARG G 325 -26.44 -57.64 9.38
N ALA G 326 -27.68 -57.50 9.83
CA ALA G 326 -28.25 -56.16 9.95
C ALA G 326 -27.52 -55.30 10.98
N TYR G 327 -26.75 -55.92 11.86
CA TYR G 327 -26.00 -55.20 12.88
C TYR G 327 -24.52 -55.05 12.53
N ALA G 328 -24.13 -55.41 11.32
CA ALA G 328 -22.73 -55.32 10.92
C ALA G 328 -22.26 -53.87 10.98
N ASN G 329 -21.06 -53.68 11.52
CA ASN G 329 -20.49 -52.35 11.65
C ASN G 329 -19.10 -52.23 11.04
N VAL G 330 -18.47 -53.33 10.63
CA VAL G 330 -17.17 -53.30 9.99
C VAL G 330 -17.25 -54.10 8.71
N ASN G 331 -16.36 -53.78 7.76
CA ASN G 331 -16.49 -54.31 6.41
C ASN G 331 -16.04 -55.76 6.33
N THR G 332 -14.96 -56.13 7.03
CA THR G 332 -14.41 -57.47 6.90
C THR G 332 -14.12 -58.03 8.29
N SER G 333 -14.11 -59.36 8.37
CA SER G 333 -13.82 -60.06 9.61
C SER G 333 -12.35 -59.94 9.97
N LEU G 334 -11.99 -60.48 11.13
CA LEU G 334 -10.62 -60.50 11.59
C LEU G 334 -9.90 -61.69 10.98
N ALA G 335 -9.04 -61.44 10.01
CA ALA G 335 -8.31 -62.51 9.34
C ALA G 335 -7.33 -63.16 10.31
N ASP G 336 -6.74 -64.27 9.85
CA ASP G 336 -5.88 -65.05 10.74
C ASP G 336 -4.64 -64.27 11.16
N ALA G 337 -3.90 -63.71 10.20
CA ALA G 337 -2.67 -63.00 10.50
C ALA G 337 -2.85 -61.49 10.47
N MET G 338 -4.08 -61.02 10.68
CA MET G 338 -4.38 -59.60 10.58
C MET G 338 -3.53 -58.80 11.55
N ALA G 339 -2.89 -57.74 11.05
CA ALA G 339 -2.04 -56.90 11.87
C ALA G 339 -2.89 -56.03 12.78
N VAL G 340 -2.42 -55.84 14.01
CA VAL G 340 -3.08 -54.97 14.98
C VAL G 340 -2.28 -53.68 15.07
N ASN G 341 -2.87 -52.59 14.63
CA ASN G 341 -2.23 -51.29 14.68
C ASN G 341 -2.54 -50.62 16.00
N ILE G 342 -1.53 -50.01 16.61
CA ILE G 342 -1.70 -49.26 17.84
C ILE G 342 -1.75 -47.78 17.51
N LEU G 343 -2.81 -47.12 17.94
CA LEU G 343 -2.99 -45.72 17.59
C LEU G 343 -2.35 -44.77 18.58
N ASN G 344 -2.25 -45.16 19.86
CA ASN G 344 -1.61 -44.32 20.86
C ASN G 344 -0.13 -44.68 20.91
N VAL G 345 0.62 -44.17 19.93
CA VAL G 345 2.04 -44.48 19.81
C VAL G 345 2.91 -43.52 20.62
N LYS G 346 2.37 -42.40 21.07
CA LYS G 346 3.09 -41.44 21.89
C LYS G 346 2.19 -41.03 23.04
N ASP G 347 2.81 -40.72 24.18
CA ASP G 347 2.07 -40.22 25.31
C ASP G 347 1.38 -38.92 24.94
N ALA G 348 0.16 -38.74 25.41
CA ALA G 348 -0.57 -37.52 25.14
C ALA G 348 -1.68 -37.37 26.16
N ARG G 349 -1.93 -36.15 26.60
CA ARG G 349 -3.16 -35.87 27.32
C ARG G 349 -4.31 -35.89 26.32
N THR G 350 -5.41 -36.51 26.73
CA THR G 350 -6.50 -36.81 25.81
C THR G 350 -7.47 -35.64 25.68
N ASN G 351 -8.08 -35.54 24.51
CA ASN G 351 -9.32 -34.79 24.32
C ASN G 351 -10.44 -35.80 24.16
N VAL G 352 -11.54 -35.57 24.85
CA VAL G 352 -12.66 -36.51 24.88
C VAL G 352 -13.89 -35.82 24.32
N PHE G 353 -14.58 -36.49 23.41
CA PHE G 353 -15.84 -36.02 22.87
C PHE G 353 -16.84 -37.16 22.91
N TRP G 354 -18.12 -36.80 23.00
CA TRP G 354 -19.17 -37.80 22.99
C TRP G 354 -20.49 -37.19 22.53
N ALA G 355 -21.47 -38.07 22.35
CA ALA G 355 -22.87 -37.69 22.36
C ALA G 355 -23.35 -37.72 23.79
N ASP G 356 -24.14 -36.72 24.17
CA ASP G 356 -24.38 -36.43 25.58
C ASP G 356 -24.98 -37.60 26.35
N ASP G 357 -25.74 -38.45 25.70
CA ASP G 357 -26.42 -39.54 26.39
C ASP G 357 -25.59 -40.80 26.49
N ALA G 358 -24.33 -40.77 26.08
CA ALA G 358 -23.52 -41.97 25.99
C ALA G 358 -22.94 -42.41 27.32
N ILE G 359 -22.97 -41.57 28.34
CA ILE G 359 -22.39 -41.91 29.64
C ILE G 359 -23.36 -41.48 30.73
N ARG G 360 -23.35 -42.19 31.85
CA ARG G 360 -24.31 -41.95 32.90
C ARG G 360 -23.71 -42.37 34.24
N ILE G 361 -24.33 -41.90 35.31
CA ILE G 361 -23.95 -42.25 36.67
C ILE G 361 -25.13 -42.91 37.36
N VAL G 362 -24.87 -44.06 37.96
CA VAL G 362 -25.89 -44.83 38.67
C VAL G 362 -25.57 -44.80 40.15
N SER G 363 -26.55 -44.40 40.95
CA SER G 363 -26.38 -44.25 42.39
C SER G 363 -27.28 -45.23 43.13
N GLN G 364 -26.86 -45.57 44.34
CA GLN G 364 -27.62 -46.46 45.20
C GLN G 364 -27.68 -45.88 46.60
N PRO G 365 -28.76 -46.16 47.33
CA PRO G 365 -28.80 -45.78 48.75
C PRO G 365 -28.00 -46.75 49.60
N ILE G 366 -27.36 -46.19 50.63
CA ILE G 366 -26.73 -47.02 51.64
C ILE G 366 -27.62 -46.95 52.87
N PRO G 367 -28.54 -47.89 53.03
CA PRO G 367 -29.56 -47.74 54.08
C PRO G 367 -28.99 -47.90 55.48
N ALA G 368 -28.14 -46.97 55.90
CA ALA G 368 -27.57 -47.01 57.24
C ALA G 368 -28.56 -46.54 58.31
N ASN G 369 -29.70 -45.97 57.91
CA ASN G 369 -30.74 -45.55 58.83
C ASN G 369 -31.65 -46.69 59.26
N HIS G 370 -31.38 -47.91 58.80
CA HIS G 370 -32.16 -49.06 59.22
C HIS G 370 -32.05 -49.27 60.72
N GLU G 371 -33.02 -50.00 61.28
CA GLU G 371 -32.99 -50.25 62.72
C GLU G 371 -31.85 -51.16 63.13
N LEU G 372 -31.17 -51.80 62.17
CA LEU G 372 -30.02 -52.64 62.45
C LEU G 372 -28.78 -51.86 62.81
N PHE G 373 -28.82 -50.53 62.71
CA PHE G 373 -27.65 -49.71 63.01
C PHE G 373 -27.99 -48.70 64.08
N ALA G 374 -28.60 -49.19 65.17
CA ALA G 374 -29.16 -48.31 66.19
C ALA G 374 -28.08 -47.46 66.85
N GLY G 375 -26.92 -48.05 67.14
CA GLY G 375 -25.93 -47.36 67.95
C GLY G 375 -25.42 -46.08 67.32
N MET G 376 -25.18 -46.10 66.01
CA MET G 376 -24.60 -44.96 65.32
C MET G 376 -25.67 -44.04 64.78
N LYS G 377 -25.34 -42.75 64.73
CA LYS G 377 -26.26 -41.72 64.26
C LYS G 377 -25.96 -41.43 62.80
N THR G 378 -26.97 -41.56 61.95
CA THR G 378 -26.83 -41.39 60.52
C THR G 378 -27.73 -40.25 60.05
N THR G 379 -27.18 -39.41 59.18
CA THR G 379 -27.99 -38.39 58.51
C THR G 379 -27.64 -38.40 57.03
N SER G 380 -28.43 -37.72 56.21
CA SER G 380 -28.24 -37.70 54.77
C SER G 380 -27.24 -36.62 54.41
N PHE G 381 -26.23 -36.98 53.63
CA PHE G 381 -25.18 -36.08 53.19
C PHE G 381 -25.33 -35.84 51.70
N SER G 382 -25.32 -34.57 51.29
CA SER G 382 -25.53 -34.20 49.91
C SER G 382 -24.28 -33.56 49.35
N ILE G 383 -23.87 -34.02 48.16
CA ILE G 383 -22.83 -33.35 47.38
C ILE G 383 -23.54 -32.39 46.44
N PRO G 384 -23.34 -31.09 46.55
CA PRO G 384 -24.21 -30.14 45.85
C PRO G 384 -23.92 -30.05 44.36
N ASP G 385 -22.64 -30.14 44.01
CA ASP G 385 -22.25 -29.95 42.61
C ASP G 385 -22.88 -31.01 41.72
N VAL G 386 -22.50 -32.26 41.92
CA VAL G 386 -23.09 -33.36 41.19
C VAL G 386 -24.43 -33.72 41.84
N GLY G 387 -25.23 -34.51 41.14
CA GLY G 387 -26.54 -34.84 41.67
C GLY G 387 -26.54 -36.06 42.56
N LEU G 388 -25.45 -36.26 43.30
CA LEU G 388 -25.25 -37.47 44.07
C LEU G 388 -25.52 -37.21 45.55
N ASN G 389 -26.06 -38.22 46.22
CA ASN G 389 -26.39 -38.14 47.63
C ASN G 389 -25.77 -39.30 48.37
N GLY G 390 -25.20 -39.02 49.53
CA GLY G 390 -24.59 -40.05 50.35
C GLY G 390 -25.12 -40.02 51.76
N ILE G 391 -24.42 -40.66 52.68
CA ILE G 391 -24.79 -40.65 54.08
C ILE G 391 -23.68 -39.98 54.88
N PHE G 392 -24.04 -39.51 56.06
CA PHE G 392 -23.11 -38.98 57.05
C PHE G 392 -23.34 -39.78 58.33
N ALA G 393 -22.30 -40.38 58.86
CA ALA G 393 -22.42 -41.24 60.03
C ALA G 393 -21.39 -40.86 61.08
N THR G 394 -21.79 -40.95 62.35
CA THR G 394 -20.88 -40.77 63.47
C THR G 394 -21.13 -41.87 64.49
N GLN G 395 -20.08 -42.22 65.22
CA GLN G 395 -20.20 -43.19 66.31
C GLN G 395 -19.10 -42.93 67.32
N GLY G 396 -19.48 -42.92 68.59
CA GLY G 396 -18.55 -42.59 69.64
C GLY G 396 -18.19 -43.81 70.47
N ASP G 397 -16.93 -43.83 70.90
CA ASP G 397 -16.38 -44.91 71.71
C ASP G 397 -16.17 -44.41 73.13
N ILE G 398 -16.61 -45.21 74.10
CA ILE G 398 -16.47 -44.81 75.49
C ILE G 398 -15.10 -45.15 76.06
N SER G 399 -14.49 -46.26 75.63
CA SER G 399 -13.24 -46.71 76.23
C SER G 399 -12.11 -45.76 75.93
N THR G 400 -12.00 -45.29 74.69
CA THR G 400 -11.04 -44.27 74.33
C THR G 400 -11.61 -42.86 74.41
N LEU G 401 -12.92 -42.74 74.63
CA LEU G 401 -13.61 -41.45 74.71
C LEU G 401 -13.34 -40.63 73.45
N SER G 402 -13.40 -41.30 72.30
CA SER G 402 -13.26 -40.69 70.99
C SER G 402 -14.44 -41.10 70.11
N GLY G 403 -14.46 -40.57 68.89
CA GLY G 403 -15.55 -40.86 67.98
C GLY G 403 -15.08 -40.88 66.55
N LEU G 404 -15.85 -41.57 65.71
CA LEU G 404 -15.55 -41.72 64.30
C LEU G 404 -16.57 -40.95 63.48
N CYS G 405 -16.14 -40.45 62.32
CA CYS G 405 -17.02 -39.77 61.39
C CYS G 405 -16.81 -40.35 59.99
N ARG G 406 -17.88 -40.81 59.36
CA ARG G 406 -17.78 -41.46 58.06
C ARG G 406 -18.78 -40.83 57.10
N ILE G 407 -18.30 -40.48 55.91
CA ILE G 407 -19.15 -40.04 54.81
C ILE G 407 -19.04 -41.07 53.71
N ALA G 408 -20.16 -41.68 53.34
CA ALA G 408 -20.20 -42.76 52.38
C ALA G 408 -21.09 -42.37 51.21
N LEU G 409 -20.61 -42.64 49.99
CA LEU G 409 -21.32 -42.27 48.77
C LEU G 409 -21.12 -43.40 47.77
N TRP G 410 -22.23 -43.93 47.24
CA TRP G 410 -22.21 -45.12 46.40
C TRP G 410 -22.69 -44.77 45.00
N TYR G 411 -21.82 -44.96 44.01
CA TYR G 411 -22.18 -44.67 42.63
C TYR G 411 -21.37 -45.56 41.71
N GLY G 412 -21.68 -45.47 40.43
CA GLY G 412 -20.97 -46.20 39.40
C GLY G 412 -21.12 -45.56 38.04
N VAL G 413 -20.01 -45.32 37.36
CA VAL G 413 -20.00 -44.63 36.08
C VAL G 413 -20.08 -45.67 34.98
N ASN G 414 -21.00 -45.46 34.04
CA ASN G 414 -21.26 -46.43 32.98
C ASN G 414 -21.31 -45.73 31.63
N ALA G 415 -20.61 -46.30 30.66
CA ALA G 415 -20.66 -45.84 29.28
C ALA G 415 -21.60 -46.78 28.53
N THR G 416 -22.83 -46.34 28.33
CA THR G 416 -23.83 -47.18 27.67
C THR G 416 -23.62 -47.26 26.17
N ARG G 417 -23.04 -46.22 25.57
CA ARG G 417 -22.73 -46.19 24.14
C ARG G 417 -21.28 -45.81 23.96
N PRO G 418 -20.36 -46.76 24.18
CA PRO G 418 -18.94 -46.46 23.96
C PRO G 418 -18.64 -46.07 22.52
N GLU G 419 -19.44 -46.55 21.57
CA GLU G 419 -19.25 -46.17 20.18
C GLU G 419 -19.57 -44.70 19.93
N ALA G 420 -20.36 -44.07 20.80
CA ALA G 420 -20.65 -42.65 20.66
C ALA G 420 -19.68 -41.78 21.43
N ILE G 421 -18.71 -42.38 22.13
CA ILE G 421 -17.67 -41.64 22.82
C ILE G 421 -16.38 -41.84 22.05
N GLY G 422 -15.63 -40.76 21.88
CA GLY G 422 -14.36 -40.84 21.18
C GLY G 422 -13.29 -40.03 21.90
N VAL G 423 -12.05 -40.33 21.55
CA VAL G 423 -10.91 -39.67 22.15
C VAL G 423 -10.12 -38.98 21.06
N GLY G 424 -9.53 -37.84 21.39
CA GLY G 424 -8.66 -37.13 20.49
C GLY G 424 -7.21 -37.20 20.94
N LEU G 425 -6.33 -37.64 20.05
CA LEU G 425 -4.93 -37.92 20.39
C LEU G 425 -4.03 -37.16 19.43
N PRO G 426 -3.77 -35.88 19.70
CA PRO G 426 -2.88 -35.11 18.83
C PRO G 426 -1.43 -35.54 19.00
N GLY G 427 -0.66 -35.30 17.96
CA GLY G 427 0.78 -35.56 18.01
C GLY G 427 1.15 -37.01 18.16
N GLN G 428 0.42 -37.90 17.51
CA GLN G 428 0.69 -39.33 17.60
C GLN G 428 1.72 -39.70 16.54
N THR G 429 2.97 -39.36 16.83
CA THR G 429 4.09 -39.69 15.96
C THR G 429 5.15 -40.39 16.80
N ALA G 430 5.41 -41.65 16.48
CA ALA G 430 6.35 -42.47 17.24
C ALA G 430 7.79 -42.08 16.94
#